data_7DJT
#
_entry.id   7DJT
#
_cell.length_a   1.00
_cell.length_b   1.00
_cell.length_c   1.00
_cell.angle_alpha   90.00
_cell.angle_beta   90.00
_cell.angle_gamma   90.00
#
_symmetry.space_group_name_H-M   'P 1'
#
loop_
_entity.id
_entity.type
_entity.pdbx_description
1 polymer 'NAD(+) hydrolase SARM1'
2 non-polymer 'O3-methyl O5-(2-methylpropyl) 2,6-dimethyl-4-[2-(oxidanylamino)phenyl]pyridine-3,5-dicarboxylate'
#
_entity_poly.entity_id   1
_entity_poly.type   'polypeptide(L)'
_entity_poly.pdbx_seq_one_letter_code
;RLAVPGPDGGGGTGPWWAAGGRGPREVSPGAGTEVQDALERALPELQQALSALKQAGGARAVGAGLAEVFQLVEEAWLLP
AVGREVAQGLCDAIRLDGGLDLLLRLLQAPELETRVQAARLLEQILVAENRDRVARIGLGVILNLAKEREPVELARSVAG
ILEHMFKHSEETCQRLVAAGGLDAVLYWCRRTDPALLRHCALALGNCALHGGQAVQRRMVEKRAAEWLFPLAFSKEDELL
RLHACLAVAVLATNKEVEREVERSGTLALVEPLVASLDPGRFAR(VI3)LVDASDTSQGRGPDDLQRLVPLLDSNRLEAQ
CIGAFYLCAEAAIKSLQGKTKVFSDIGAIQSLKRLVSYSTNGTKSALAKRALRLLGEEVPRPILPSVPSWKEAEVQTWLQ
QIGFSKYCESFREQQVDGDLLLRLTEEELQTDLGMKSGITRKRFFRELTELKTFANYSTCDRSNLADWLGSLDPRFRQYT
YGLVSCGLDRSLLHRVSEQQLLEDCGIHLGVHRARILTAAREMLHSPLPCTGGKPSGDTPDVFISYRRNSGSQLASLLKV
HLQLHGFSVFIDVEKLEAGKFEDKLIQSVMGARNFVLVLSPGALDKCMQDHDCKDWVHKEIVTALSCGKNIVPIIDGFEW
PEPQVLPEDMQAVLTFNGIKWSHEYQEATIEKIIRFLQGRSSRDSSAGSDTSLEGAAPMGPT
;
_entity_poly.pdbx_strand_id   A,B,C,D,E,F,G,H
#
# COMPACT_ATOMS: atom_id res chain seq x y z
N GLY A 30 78.37 8.28 -25.38
CA GLY A 30 78.44 9.40 -26.30
C GLY A 30 77.20 9.54 -27.15
N ALA A 31 76.20 8.72 -26.84
CA ALA A 31 74.94 8.76 -27.58
C ALA A 31 74.21 10.09 -27.38
N GLY A 32 74.21 10.60 -26.15
CA GLY A 32 73.66 11.92 -25.89
C GLY A 32 74.47 13.06 -26.45
N THR A 33 75.66 12.79 -26.95
CA THR A 33 76.48 13.77 -27.65
C THR A 33 76.38 13.64 -29.16
N GLU A 34 76.27 12.41 -29.68
CA GLU A 34 76.40 12.16 -31.11
C GLU A 34 75.11 12.48 -31.87
N VAL A 35 74.06 12.91 -31.18
CA VAL A 35 72.80 13.27 -31.84
C VAL A 35 72.98 14.42 -32.82
N GLN A 36 74.03 15.22 -32.66
CA GLN A 36 74.45 16.15 -33.68
C GLN A 36 75.57 15.59 -34.55
N ASP A 37 76.38 14.69 -34.00
CA ASP A 37 77.63 14.29 -34.65
C ASP A 37 77.41 13.21 -35.71
N ALA A 38 76.53 12.25 -35.43
CA ALA A 38 76.26 11.20 -36.41
C ALA A 38 75.52 11.75 -37.62
N LEU A 39 74.61 12.70 -37.40
CA LEU A 39 73.90 13.32 -38.51
C LEU A 39 74.75 14.33 -39.25
N GLU A 40 75.84 14.81 -38.65
CA GLU A 40 76.76 15.70 -39.35
C GLU A 40 77.85 14.96 -40.11
N ARG A 41 77.72 13.65 -40.28
CA ARG A 41 78.66 12.89 -41.10
C ARG A 41 77.97 11.95 -42.07
N ALA A 42 76.64 11.87 -42.06
CA ALA A 42 75.89 11.01 -42.97
C ALA A 42 75.14 11.79 -44.04
N LEU A 43 74.30 12.74 -43.61
CA LEU A 43 73.74 13.73 -44.53
C LEU A 43 74.75 14.43 -45.44
N PRO A 44 76.01 14.81 -44.99
CA PRO A 44 77.00 15.37 -45.92
C PRO A 44 77.16 14.73 -47.30
N GLU A 45 77.05 13.41 -47.42
CA GLU A 45 77.33 12.75 -48.70
C GLU A 45 76.06 12.33 -49.43
N LEU A 46 75.15 11.67 -48.72
CA LEU A 46 73.88 11.29 -49.32
C LEU A 46 73.06 12.50 -49.74
N GLN A 47 73.14 13.61 -48.99
CA GLN A 47 72.42 14.84 -49.31
C GLN A 47 72.60 15.29 -50.76
N GLN A 48 73.75 14.97 -51.36
CA GLN A 48 73.92 15.17 -52.80
C GLN A 48 73.69 13.89 -53.59
N ALA A 49 74.10 12.72 -53.06
CA ALA A 49 74.05 11.51 -53.87
C ALA A 49 72.64 11.03 -54.18
N LEU A 50 71.68 11.24 -53.27
CA LEU A 50 70.28 10.91 -53.49
C LEU A 50 69.68 11.55 -54.75
N SER A 51 70.14 12.73 -55.14
CA SER A 51 69.71 13.34 -56.40
C SER A 51 70.81 13.45 -57.43
N ALA A 52 72.03 13.02 -57.10
CA ALA A 52 73.13 13.03 -58.06
C ALA A 52 72.76 12.33 -59.36
N LEU A 53 72.02 11.24 -59.26
CA LEU A 53 71.51 10.50 -60.42
C LEU A 53 70.00 10.36 -60.19
N LYS A 54 69.27 11.40 -60.58
CA LYS A 54 67.83 11.53 -60.33
C LYS A 54 67.04 11.69 -61.61
N GLN A 55 67.60 12.41 -62.59
CA GLN A 55 67.00 12.60 -63.89
C GLN A 55 67.53 11.63 -64.93
N ALA A 56 68.62 10.92 -64.64
CA ALA A 56 69.24 10.04 -65.61
C ALA A 56 68.35 8.83 -65.88
N GLY A 57 68.00 8.62 -67.14
CA GLY A 57 67.20 7.49 -67.53
C GLY A 57 68.03 6.28 -67.92
N GLY A 58 69.29 6.25 -67.46
CA GLY A 58 70.15 5.12 -67.74
C GLY A 58 69.63 3.85 -67.08
N ALA A 59 69.71 2.75 -67.82
CA ALA A 59 69.30 1.44 -67.29
C ALA A 59 70.20 1.02 -66.15
N ARG A 60 71.52 1.05 -66.39
CA ARG A 60 72.50 0.62 -65.40
C ARG A 60 72.96 1.76 -64.51
N ALA A 61 72.48 2.98 -64.75
CA ALA A 61 72.93 4.13 -63.98
C ALA A 61 72.19 4.25 -62.65
N VAL A 62 70.91 3.88 -62.64
CA VAL A 62 70.09 4.01 -61.43
C VAL A 62 70.61 3.08 -60.33
N GLY A 63 71.04 1.88 -60.72
CA GLY A 63 71.44 0.85 -59.78
C GLY A 63 72.57 1.27 -58.86
N ALA A 64 73.48 2.10 -59.34
CA ALA A 64 74.65 2.47 -58.56
C ALA A 64 74.25 3.36 -57.38
N GLY A 65 73.51 4.43 -57.67
CA GLY A 65 72.97 5.26 -56.59
C GLY A 65 72.07 4.50 -55.66
N LEU A 66 71.24 3.59 -56.19
CA LEU A 66 70.41 2.73 -55.35
C LEU A 66 71.24 1.93 -54.36
N ALA A 67 72.25 1.23 -54.86
CA ALA A 67 73.14 0.44 -54.01
C ALA A 67 73.85 1.33 -52.98
N GLU A 68 74.27 2.52 -53.39
CA GLU A 68 74.91 3.48 -52.48
C GLU A 68 74.00 3.80 -51.30
N VAL A 69 72.76 4.21 -51.58
CA VAL A 69 71.83 4.57 -50.51
C VAL A 69 71.50 3.36 -49.63
N PHE A 70 71.31 2.20 -50.27
CA PHE A 70 71.06 0.95 -49.54
C PHE A 70 72.21 0.63 -48.59
N GLN A 71 73.45 0.86 -49.03
CA GLN A 71 74.60 0.67 -48.16
C GLN A 71 74.52 1.61 -46.96
N LEU A 72 74.20 2.89 -47.20
CA LEU A 72 74.11 3.84 -46.08
C LEU A 72 73.04 3.45 -45.06
N VAL A 73 71.84 3.09 -45.54
CA VAL A 73 70.82 2.67 -44.58
C VAL A 73 71.16 1.35 -43.93
N GLU A 74 72.00 0.52 -44.54
CA GLU A 74 72.51 -0.65 -43.83
C GLU A 74 73.69 -0.32 -42.94
N GLU A 75 74.19 0.90 -43.01
CA GLU A 75 75.26 1.37 -42.13
C GLU A 75 74.69 1.98 -40.87
N ALA A 76 73.63 2.78 -41.02
CA ALA A 76 72.97 3.41 -39.88
C ALA A 76 72.52 2.39 -38.86
N TRP A 77 71.84 1.33 -39.31
CA TRP A 77 71.37 0.29 -38.40
C TRP A 77 72.49 -0.56 -37.83
N LEU A 78 73.66 -0.56 -38.48
CA LEU A 78 74.67 -1.57 -38.18
C LEU A 78 75.33 -1.34 -36.82
N LEU A 79 75.87 -0.15 -36.60
CA LEU A 79 76.67 0.10 -35.40
C LEU A 79 75.74 0.14 -34.19
N PRO A 80 75.95 -0.69 -33.18
CA PRO A 80 75.00 -0.78 -32.07
C PRO A 80 75.07 0.42 -31.15
N ALA A 81 73.98 0.61 -30.40
CA ALA A 81 73.76 1.66 -29.40
C ALA A 81 73.73 3.07 -29.99
N VAL A 82 73.81 3.20 -31.32
CA VAL A 82 73.74 4.51 -31.96
C VAL A 82 72.72 4.47 -33.07
N GLY A 83 72.24 3.28 -33.44
CA GLY A 83 71.52 3.17 -34.69
C GLY A 83 70.09 3.65 -34.69
N ARG A 84 69.49 3.87 -33.51
CA ARG A 84 68.08 4.25 -33.45
C ARG A 84 67.87 5.67 -33.94
N GLU A 85 68.60 6.63 -33.36
CA GLU A 85 68.35 8.01 -33.74
C GLU A 85 68.97 8.32 -35.10
N VAL A 86 70.18 7.79 -35.37
CA VAL A 86 70.80 7.99 -36.68
C VAL A 86 69.96 7.35 -37.78
N ALA A 87 69.18 6.31 -37.47
CA ALA A 87 68.28 5.77 -38.47
C ALA A 87 67.03 6.62 -38.63
N GLN A 88 66.42 7.03 -37.51
CA GLN A 88 65.12 7.68 -37.59
C GLN A 88 65.23 9.09 -38.17
N GLY A 89 66.22 9.85 -37.74
CA GLY A 89 66.41 11.19 -38.29
C GLY A 89 66.82 11.16 -39.74
N LEU A 90 67.65 10.19 -40.12
CA LEU A 90 68.01 10.02 -41.53
C LEU A 90 66.80 9.71 -42.38
N CYS A 91 65.94 8.80 -41.91
CA CYS A 91 64.73 8.47 -42.67
C CYS A 91 63.82 9.68 -42.79
N ASP A 92 63.68 10.45 -41.71
CA ASP A 92 62.90 11.68 -41.77
C ASP A 92 63.48 12.67 -42.77
N ALA A 93 64.81 12.75 -42.88
CA ALA A 93 65.41 13.64 -43.85
C ALA A 93 65.18 13.16 -45.28
N ILE A 94 65.21 11.84 -45.50
CA ILE A 94 64.88 11.29 -46.81
C ILE A 94 63.42 11.57 -47.13
N ARG A 95 62.56 11.63 -46.11
CA ARG A 95 61.17 12.00 -46.37
C ARG A 95 61.08 13.48 -46.76
N LEU A 96 61.77 14.34 -46.01
CA LEU A 96 61.64 15.78 -46.20
C LEU A 96 62.33 16.29 -47.46
N ASP A 97 63.15 15.45 -48.10
CA ASP A 97 63.99 15.89 -49.26
C ASP A 97 63.24 15.72 -50.58
N GLY A 98 62.07 15.07 -50.55
CA GLY A 98 61.27 14.89 -51.74
C GLY A 98 61.75 13.72 -52.58
N GLY A 99 62.05 12.60 -51.93
CA GLY A 99 62.57 11.42 -52.63
C GLY A 99 61.63 10.24 -52.66
N LEU A 100 60.54 10.30 -51.89
CA LEU A 100 59.55 9.23 -51.92
C LEU A 100 58.88 9.14 -53.28
N ASP A 101 58.60 10.29 -53.90
CA ASP A 101 58.00 10.28 -55.22
C ASP A 101 58.94 9.67 -56.24
N LEU A 102 60.25 9.81 -56.05
CA LEU A 102 61.21 9.16 -56.95
C LEU A 102 61.10 7.65 -56.87
N LEU A 103 60.99 7.12 -55.65
CA LEU A 103 60.78 5.69 -55.47
C LEU A 103 59.47 5.24 -56.07
N LEU A 104 58.41 6.01 -55.85
CA LEU A 104 57.10 5.64 -56.39
C LEU A 104 57.08 5.69 -57.91
N ARG A 105 57.90 6.55 -58.52
CA ARG A 105 58.07 6.49 -59.97
C ARG A 105 58.82 5.22 -60.37
N LEU A 106 60.01 5.01 -59.81
CA LEU A 106 60.84 3.87 -60.19
C LEU A 106 60.20 2.52 -59.88
N LEU A 107 59.15 2.47 -59.07
CA LEU A 107 58.44 1.22 -58.90
C LEU A 107 57.61 0.85 -60.12
N GLN A 108 57.33 1.80 -61.02
CA GLN A 108 56.56 1.52 -62.22
C GLN A 108 57.41 1.44 -63.47
N ALA A 109 58.74 1.41 -63.33
CA ALA A 109 59.63 1.38 -64.47
C ALA A 109 59.48 0.06 -65.24
N PRO A 110 59.72 0.07 -66.55
CA PRO A 110 59.55 -1.16 -67.32
C PRO A 110 60.62 -2.20 -67.07
N GLU A 111 61.83 -1.79 -66.71
CA GLU A 111 62.89 -2.76 -66.42
C GLU A 111 62.64 -3.42 -65.07
N LEU A 112 63.15 -4.64 -64.93
CA LEU A 112 62.81 -5.43 -63.75
C LEU A 112 63.85 -5.32 -62.63
N GLU A 113 65.14 -5.18 -62.97
CA GLU A 113 66.15 -5.15 -61.92
C GLU A 113 66.16 -3.81 -61.20
N THR A 114 65.77 -2.74 -61.89
CA THR A 114 65.59 -1.48 -61.18
C THR A 114 64.39 -1.56 -60.26
N ARG A 115 63.35 -2.31 -60.64
CA ARG A 115 62.20 -2.49 -59.76
C ARG A 115 62.59 -3.24 -58.50
N VAL A 116 63.37 -4.32 -58.65
CA VAL A 116 63.69 -5.10 -57.45
C VAL A 116 64.65 -4.33 -56.55
N GLN A 117 65.56 -3.54 -57.12
CA GLN A 117 66.45 -2.76 -56.26
C GLN A 117 65.69 -1.63 -55.57
N ALA A 118 64.73 -1.02 -56.26
CA ALA A 118 63.93 0.03 -55.64
C ALA A 118 63.06 -0.52 -54.53
N ALA A 119 62.53 -1.74 -54.70
CA ALA A 119 61.73 -2.35 -53.67
C ALA A 119 62.57 -2.70 -52.45
N ARG A 120 63.77 -3.26 -52.67
CA ARG A 120 64.60 -3.64 -51.54
C ARG A 120 65.10 -2.38 -50.81
N LEU A 121 65.23 -1.26 -51.51
CA LEU A 121 65.53 -0.02 -50.80
C LEU A 121 64.32 0.52 -50.05
N LEU A 122 63.12 0.37 -50.62
CA LEU A 122 61.92 0.89 -49.96
C LEU A 122 61.58 0.11 -48.70
N GLU A 123 62.04 -1.15 -48.60
CA GLU A 123 61.79 -1.95 -47.41
C GLU A 123 62.40 -1.32 -46.16
N GLN A 124 63.55 -0.67 -46.29
CA GLN A 124 64.34 -0.25 -45.14
C GLN A 124 64.03 1.15 -44.66
N ILE A 125 62.99 1.80 -45.18
CA ILE A 125 62.72 3.19 -44.84
C ILE A 125 61.44 3.39 -44.04
N LEU A 126 60.52 2.43 -44.07
CA LEU A 126 59.20 2.62 -43.48
C LEU A 126 59.31 2.59 -41.96
N VAL A 127 59.37 3.77 -41.35
CA VAL A 127 59.33 3.91 -39.89
C VAL A 127 58.01 4.63 -39.63
N ALA A 128 57.69 4.89 -38.36
CA ALA A 128 56.35 5.31 -37.96
C ALA A 128 55.89 6.63 -38.58
N GLU A 129 56.79 7.43 -39.13
CA GLU A 129 56.40 8.71 -39.72
C GLU A 129 56.32 8.66 -41.24
N ASN A 130 57.26 7.98 -41.89
CA ASN A 130 57.26 7.85 -43.35
C ASN A 130 56.08 7.01 -43.82
N ARG A 131 55.63 6.09 -42.96
CA ARG A 131 54.56 5.17 -43.32
C ARG A 131 53.25 5.91 -43.55
N ASP A 132 53.04 7.04 -42.87
CA ASP A 132 51.86 7.85 -43.10
C ASP A 132 51.84 8.42 -44.50
N ARG A 133 52.99 8.92 -44.97
CA ARG A 133 53.04 9.48 -46.31
C ARG A 133 52.88 8.40 -47.37
N VAL A 134 53.45 7.22 -47.11
CA VAL A 134 53.30 6.13 -48.09
C VAL A 134 51.84 5.68 -48.14
N ALA A 135 51.18 5.63 -46.99
CA ALA A 135 49.76 5.28 -46.98
C ALA A 135 48.91 6.37 -47.59
N ARG A 136 49.38 7.62 -47.58
CA ARG A 136 48.65 8.69 -48.24
C ARG A 136 48.68 8.53 -49.75
N ILE A 137 49.86 8.41 -50.33
CA ILE A 137 50.02 8.54 -51.78
C ILE A 137 50.25 7.20 -52.47
N GLY A 138 51.16 6.37 -51.97
CA GLY A 138 51.72 5.29 -52.76
C GLY A 138 50.84 4.08 -52.96
N LEU A 139 49.81 3.91 -52.13
CA LEU A 139 49.19 2.62 -51.84
C LEU A 139 48.78 1.81 -53.08
N GLY A 140 48.55 2.47 -54.22
CA GLY A 140 48.11 1.72 -55.39
C GLY A 140 49.22 1.00 -56.13
N VAL A 141 50.43 1.56 -56.16
CA VAL A 141 51.50 0.92 -56.91
C VAL A 141 51.94 -0.39 -56.25
N ILE A 142 51.90 -0.45 -54.91
CA ILE A 142 52.23 -1.68 -54.21
C ILE A 142 51.26 -2.80 -54.57
N LEU A 143 49.97 -2.46 -54.66
CA LEU A 143 48.98 -3.43 -55.10
C LEU A 143 49.19 -3.82 -56.55
N ASN A 144 49.63 -2.88 -57.38
CA ASN A 144 50.01 -3.22 -58.75
C ASN A 144 51.20 -4.17 -58.80
N LEU A 145 52.12 -4.04 -57.85
CA LEU A 145 53.25 -4.97 -57.77
C LEU A 145 52.86 -6.32 -57.21
N ALA A 146 51.75 -6.39 -56.48
CA ALA A 146 51.32 -7.65 -55.89
C ALA A 146 50.88 -8.68 -56.93
N LYS A 147 50.68 -8.28 -58.18
CA LYS A 147 50.35 -9.25 -59.21
C LYS A 147 51.59 -9.99 -59.72
N GLU A 148 52.75 -9.36 -59.69
CA GLU A 148 53.99 -9.99 -60.14
C GLU A 148 54.47 -10.95 -59.06
N ARG A 149 54.38 -12.26 -59.33
CA ARG A 149 54.71 -13.26 -58.33
C ARG A 149 56.03 -13.97 -58.58
N GLU A 150 56.54 -13.96 -59.81
CA GLU A 150 57.63 -14.87 -60.16
C GLU A 150 59.02 -14.48 -59.63
N PRO A 151 59.54 -13.25 -59.82
CA PRO A 151 60.91 -12.99 -59.35
C PRO A 151 60.98 -12.93 -57.84
N VAL A 152 61.93 -13.69 -57.29
CA VAL A 152 61.93 -13.96 -55.85
C VAL A 152 62.40 -12.75 -55.07
N GLU A 153 63.45 -12.07 -55.54
CA GLU A 153 63.89 -10.82 -54.91
C GLU A 153 62.81 -9.74 -54.92
N LEU A 154 61.88 -9.78 -55.87
CA LEU A 154 60.72 -8.90 -55.77
C LEU A 154 59.82 -9.28 -54.61
N ALA A 155 59.48 -10.56 -54.51
CA ALA A 155 58.51 -10.99 -53.51
C ALA A 155 59.06 -10.86 -52.10
N ARG A 156 60.36 -11.09 -51.95
CA ARG A 156 61.00 -11.01 -50.65
C ARG A 156 60.94 -9.60 -50.08
N SER A 157 60.97 -8.59 -50.94
CA SER A 157 60.88 -7.24 -50.41
C SER A 157 59.46 -6.73 -50.33
N VAL A 158 58.60 -7.09 -51.28
CA VAL A 158 57.24 -6.58 -51.23
C VAL A 158 56.45 -7.24 -50.10
N ALA A 159 56.84 -8.46 -49.70
CA ALA A 159 56.24 -9.06 -48.52
C ALA A 159 56.57 -8.26 -47.27
N GLY A 160 57.81 -7.76 -47.16
CA GLY A 160 58.15 -6.91 -46.03
C GLY A 160 57.47 -5.57 -46.11
N ILE A 161 57.24 -5.07 -47.33
CA ILE A 161 56.50 -3.83 -47.50
C ILE A 161 55.08 -3.97 -46.98
N LEU A 162 54.41 -5.07 -47.33
CA LEU A 162 53.05 -5.31 -46.84
C LEU A 162 53.05 -5.56 -45.34
N GLU A 163 54.08 -6.24 -44.83
CA GLU A 163 54.24 -6.42 -43.39
C GLU A 163 54.27 -5.08 -42.66
N HIS A 164 55.08 -4.14 -43.15
CA HIS A 164 55.14 -2.85 -42.47
C HIS A 164 53.89 -2.01 -42.71
N MET A 165 53.21 -2.22 -43.84
CA MET A 165 52.04 -1.40 -44.13
C MET A 165 50.75 -1.90 -43.48
N PHE A 166 50.73 -3.13 -42.99
CA PHE A 166 49.55 -3.57 -42.24
C PHE A 166 49.44 -2.94 -40.86
N LYS A 167 50.47 -2.28 -40.36
CA LYS A 167 50.45 -1.76 -39.00
C LYS A 167 49.89 -0.35 -38.90
N HIS A 168 49.42 0.24 -39.99
CA HIS A 168 49.15 1.67 -39.95
C HIS A 168 47.78 1.97 -39.34
N SER A 169 46.72 1.52 -39.98
CA SER A 169 45.38 1.91 -39.58
C SER A 169 44.41 0.80 -39.94
N GLU A 170 43.15 0.98 -39.53
CA GLU A 170 42.13 0.00 -39.84
C GLU A 170 41.62 0.16 -41.27
N GLU A 171 41.58 1.39 -41.77
CA GLU A 171 41.14 1.60 -43.14
C GLU A 171 42.16 1.03 -44.12
N THR A 172 43.44 1.16 -43.79
CA THR A 172 44.49 0.61 -44.64
C THR A 172 44.40 -0.91 -44.70
N CYS A 173 44.09 -1.54 -43.57
CA CYS A 173 43.89 -2.99 -43.56
C CYS A 173 42.65 -3.36 -44.36
N GLN A 174 41.60 -2.55 -44.27
CA GLN A 174 40.38 -2.81 -45.02
C GLN A 174 40.64 -2.76 -46.51
N ARG A 175 41.41 -1.77 -46.95
CA ARG A 175 41.77 -1.68 -48.37
C ARG A 175 42.62 -2.85 -48.81
N LEU A 176 43.65 -3.20 -48.02
CA LEU A 176 44.54 -4.27 -48.43
C LEU A 176 43.88 -5.64 -48.38
N VAL A 177 42.79 -5.79 -47.64
CA VAL A 177 42.03 -7.03 -47.73
C VAL A 177 40.97 -6.96 -48.83
N ALA A 178 40.57 -5.77 -49.24
CA ALA A 178 39.48 -5.64 -50.19
C ALA A 178 39.96 -5.38 -51.61
N ALA A 179 41.26 -5.15 -51.81
CA ALA A 179 41.81 -4.97 -53.13
C ALA A 179 42.69 -6.13 -53.57
N GLY A 180 42.62 -7.26 -52.87
CA GLY A 180 43.39 -8.43 -53.27
C GLY A 180 44.80 -8.47 -52.75
N GLY A 181 45.16 -7.65 -51.76
CA GLY A 181 46.49 -7.67 -51.20
C GLY A 181 46.75 -8.77 -50.21
N LEU A 182 45.71 -9.50 -49.80
CA LEU A 182 45.87 -10.64 -48.90
C LEU A 182 46.13 -11.93 -49.67
N ASP A 183 45.53 -12.05 -50.85
CA ASP A 183 45.75 -13.21 -51.71
C ASP A 183 47.22 -13.40 -52.03
N ALA A 184 47.94 -12.30 -52.25
CA ALA A 184 49.39 -12.36 -52.46
C ALA A 184 50.09 -13.06 -51.30
N VAL A 185 49.80 -12.65 -50.08
CA VAL A 185 50.38 -13.25 -48.88
C VAL A 185 50.04 -14.74 -48.81
N LEU A 186 48.77 -15.07 -49.04
CA LEU A 186 48.37 -16.47 -48.91
C LEU A 186 48.89 -17.33 -50.06
N TYR A 187 49.26 -16.74 -51.18
CA TYR A 187 49.92 -17.52 -52.22
C TYR A 187 51.40 -17.67 -51.94
N TRP A 188 52.02 -16.64 -51.36
CA TRP A 188 53.44 -16.72 -51.05
C TRP A 188 53.72 -17.60 -49.84
N CYS A 189 52.69 -17.99 -49.12
CA CYS A 189 52.88 -18.96 -48.05
C CYS A 189 53.31 -20.34 -48.57
N ARG A 190 53.17 -20.61 -49.87
CA ARG A 190 53.53 -21.93 -50.40
C ARG A 190 55.05 -22.11 -50.49
N ARG A 191 55.78 -21.06 -50.84
CA ARG A 191 57.17 -21.21 -51.21
C ARG A 191 58.04 -21.55 -50.00
N THR A 192 59.31 -21.85 -50.26
CA THR A 192 60.20 -22.42 -49.26
C THR A 192 61.39 -21.51 -48.95
N ASP A 193 61.22 -20.21 -49.11
CA ASP A 193 62.32 -19.31 -48.76
C ASP A 193 62.36 -19.10 -47.24
N PRO A 194 63.55 -19.16 -46.64
CA PRO A 194 63.64 -19.01 -45.18
C PRO A 194 63.59 -17.58 -44.69
N ALA A 195 63.50 -16.59 -45.59
CA ALA A 195 63.31 -15.21 -45.17
C ALA A 195 62.00 -14.62 -45.66
N LEU A 196 61.38 -15.19 -46.70
CA LEU A 196 60.07 -14.74 -47.13
C LEU A 196 58.99 -15.13 -46.13
N LEU A 197 59.12 -16.32 -45.54
CA LEU A 197 58.08 -16.82 -44.67
C LEU A 197 58.01 -16.07 -43.36
N ARG A 198 59.13 -15.52 -42.88
CA ARG A 198 59.08 -14.70 -41.68
C ARG A 198 58.26 -13.45 -41.90
N HIS A 199 58.47 -12.79 -43.05
CA HIS A 199 57.68 -11.62 -43.39
C HIS A 199 56.22 -11.99 -43.60
N CYS A 200 55.96 -13.17 -44.15
CA CYS A 200 54.59 -13.61 -44.38
C CYS A 200 53.86 -13.86 -43.06
N ALA A 201 54.55 -14.49 -42.11
CA ALA A 201 53.96 -14.75 -40.80
C ALA A 201 53.71 -13.47 -40.04
N LEU A 202 54.68 -12.55 -40.04
CA LEU A 202 54.46 -11.29 -39.35
C LEU A 202 53.37 -10.46 -40.02
N ALA A 203 53.20 -10.61 -41.33
CA ALA A 203 52.12 -9.92 -42.02
C ALA A 203 50.76 -10.40 -41.53
N LEU A 204 50.59 -11.73 -41.48
CA LEU A 204 49.30 -12.26 -41.02
C LEU A 204 49.05 -11.94 -39.56
N GLY A 205 50.12 -11.95 -38.74
CA GLY A 205 49.97 -11.63 -37.34
C GLY A 205 49.57 -10.19 -37.10
N ASN A 206 50.25 -9.25 -37.76
CA ASN A 206 49.92 -7.84 -37.59
C ASN A 206 48.54 -7.52 -38.15
N CYS A 207 48.16 -8.16 -39.26
CA CYS A 207 46.83 -7.93 -39.83
C CYS A 207 45.74 -8.39 -38.87
N ALA A 208 45.88 -9.58 -38.30
CA ALA A 208 44.89 -10.02 -37.33
C ALA A 208 44.96 -9.21 -36.04
N LEU A 209 46.11 -8.62 -35.72
CA LEU A 209 46.25 -7.91 -34.45
C LEU A 209 45.63 -6.52 -34.49
N HIS A 210 46.02 -5.68 -35.45
CA HIS A 210 45.51 -4.31 -35.53
C HIS A 210 44.39 -4.17 -36.53
N GLY A 211 43.78 -5.26 -36.97
CA GLY A 211 42.79 -5.16 -38.02
C GLY A 211 41.44 -4.67 -37.58
N GLY A 212 40.75 -5.44 -36.74
CA GLY A 212 39.38 -5.17 -36.38
C GLY A 212 38.54 -6.41 -36.52
N GLN A 213 37.24 -6.22 -36.68
CA GLN A 213 36.30 -7.34 -36.70
C GLN A 213 36.05 -7.87 -38.11
N ALA A 214 35.73 -6.97 -39.04
CA ALA A 214 35.38 -7.36 -40.40
C ALA A 214 36.52 -8.10 -41.09
N VAL A 215 37.71 -7.52 -41.03
CA VAL A 215 38.91 -8.12 -41.61
C VAL A 215 39.18 -9.50 -41.03
N GLN A 216 38.90 -9.72 -39.74
CA GLN A 216 39.07 -11.07 -39.17
C GLN A 216 38.10 -12.05 -39.80
N ARG A 217 36.82 -11.69 -39.90
CA ARG A 217 35.83 -12.57 -40.51
C ARG A 217 36.19 -12.89 -41.95
N ARG A 218 36.63 -11.88 -42.71
CA ARG A 218 37.01 -12.12 -44.10
C ARG A 218 38.34 -12.84 -44.21
N MET A 219 39.15 -12.83 -43.16
CA MET A 219 40.38 -13.60 -43.14
C MET A 219 40.09 -15.08 -42.92
N VAL A 220 39.22 -15.39 -41.95
CA VAL A 220 38.91 -16.78 -41.66
C VAL A 220 37.99 -17.36 -42.74
N GLU A 221 37.28 -16.51 -43.48
CA GLU A 221 36.49 -17.02 -44.59
C GLU A 221 37.39 -17.45 -45.74
N LYS A 222 38.55 -16.82 -45.89
CA LYS A 222 39.48 -17.16 -46.97
C LYS A 222 40.43 -18.29 -46.59
N ARG A 223 40.08 -19.08 -45.57
CA ARG A 223 40.85 -20.26 -45.15
C ARG A 223 42.27 -19.91 -44.74
N ALA A 224 42.44 -18.76 -44.08
CA ALA A 224 43.76 -18.38 -43.62
C ALA A 224 44.21 -19.23 -42.45
N ALA A 225 43.28 -19.79 -41.68
CA ALA A 225 43.65 -20.66 -40.58
C ALA A 225 44.27 -21.95 -41.09
N GLU A 226 43.85 -22.41 -42.26
CA GLU A 226 44.41 -23.64 -42.82
C GLU A 226 45.82 -23.41 -43.36
N TRP A 227 46.07 -22.25 -43.96
CA TRP A 227 47.35 -22.00 -44.57
C TRP A 227 48.45 -21.72 -43.55
N LEU A 228 48.08 -21.43 -42.30
CA LEU A 228 49.08 -21.23 -41.27
C LEU A 228 49.71 -22.53 -40.81
N PHE A 229 49.09 -23.67 -41.13
CA PHE A 229 49.60 -24.95 -40.62
C PHE A 229 50.93 -25.35 -41.24
N PRO A 230 51.16 -25.28 -42.57
CA PRO A 230 52.51 -25.57 -43.07
C PRO A 230 53.55 -24.58 -42.62
N LEU A 231 53.14 -23.42 -42.13
CA LEU A 231 54.08 -22.43 -41.64
C LEU A 231 54.48 -22.69 -40.20
N ALA A 232 53.66 -23.40 -39.43
CA ALA A 232 53.95 -23.68 -38.03
C ALA A 232 54.55 -25.06 -37.82
N PHE A 233 54.49 -25.94 -38.82
CA PHE A 233 54.96 -27.31 -38.69
C PHE A 233 56.38 -27.50 -39.20
N SER A 234 56.97 -26.47 -39.81
CA SER A 234 58.32 -26.58 -40.32
C SER A 234 59.30 -26.64 -39.14
N LYS A 235 60.07 -27.72 -39.08
CA LYS A 235 61.00 -27.95 -37.98
C LYS A 235 62.40 -27.45 -38.29
N GLU A 236 62.51 -26.37 -39.05
CA GLU A 236 63.80 -25.80 -39.43
C GLU A 236 64.20 -24.63 -38.53
N ASP A 237 63.26 -23.77 -38.16
CA ASP A 237 63.54 -22.62 -37.32
C ASP A 237 62.38 -22.40 -36.36
N GLU A 238 62.68 -21.76 -35.24
CA GLU A 238 61.68 -21.55 -34.21
C GLU A 238 61.02 -20.18 -34.25
N LEU A 239 61.64 -19.19 -34.90
CA LEU A 239 60.98 -17.89 -35.01
C LEU A 239 59.75 -17.98 -35.91
N LEU A 240 59.83 -18.80 -36.96
CA LEU A 240 58.67 -19.01 -37.81
C LEU A 240 57.52 -19.65 -37.05
N ARG A 241 57.85 -20.63 -36.21
CA ARG A 241 56.82 -21.29 -35.42
C ARG A 241 56.23 -20.34 -34.38
N LEU A 242 57.05 -19.48 -33.81
CA LEU A 242 56.54 -18.52 -32.82
C LEU A 242 55.61 -17.52 -33.47
N HIS A 243 55.97 -16.99 -34.65
CA HIS A 243 55.09 -16.00 -35.24
C HIS A 243 53.81 -16.64 -35.78
N ALA A 244 53.89 -17.87 -36.27
CA ALA A 244 52.67 -18.55 -36.73
C ALA A 244 51.73 -18.85 -35.57
N CYS A 245 52.27 -19.35 -34.45
CA CYS A 245 51.42 -19.61 -33.29
C CYS A 245 50.81 -18.33 -32.74
N LEU A 246 51.59 -17.23 -32.73
CA LEU A 246 51.02 -15.97 -32.28
C LEU A 246 49.86 -15.54 -33.16
N ALA A 247 50.00 -15.67 -34.47
CA ALA A 247 48.93 -15.26 -35.37
C ALA A 247 47.68 -16.12 -35.17
N VAL A 248 47.84 -17.43 -35.05
CA VAL A 248 46.67 -18.27 -34.88
C VAL A 248 46.02 -18.04 -33.51
N ALA A 249 46.81 -17.70 -32.48
CA ALA A 249 46.21 -17.42 -31.18
C ALA A 249 45.40 -16.14 -31.18
N VAL A 250 45.91 -15.10 -31.85
CA VAL A 250 45.16 -13.86 -31.92
C VAL A 250 43.89 -14.06 -32.74
N LEU A 251 43.94 -14.90 -33.76
CA LEU A 251 42.73 -15.22 -34.50
C LEU A 251 41.76 -16.05 -33.70
N ALA A 252 42.26 -16.90 -32.80
CA ALA A 252 41.39 -17.78 -32.02
C ALA A 252 40.89 -17.13 -30.74
N THR A 253 41.33 -15.92 -30.42
CA THR A 253 40.80 -15.25 -29.24
C THR A 253 39.38 -14.77 -29.50
N ASN A 254 39.09 -14.33 -30.72
CA ASN A 254 37.75 -13.91 -31.13
C ASN A 254 36.76 -15.06 -30.97
N LYS A 255 35.57 -14.74 -30.47
CA LYS A 255 34.59 -15.78 -30.16
C LYS A 255 33.76 -16.21 -31.36
N GLU A 256 33.68 -15.38 -32.39
CA GLU A 256 32.74 -15.67 -33.47
C GLU A 256 33.23 -16.80 -34.36
N VAL A 257 34.54 -16.86 -34.61
CA VAL A 257 35.05 -17.81 -35.58
C VAL A 257 36.02 -18.79 -34.95
N GLU A 258 35.88 -19.03 -33.65
CA GLU A 258 36.74 -20.03 -33.02
C GLU A 258 36.39 -21.45 -33.44
N ARG A 259 35.15 -21.67 -33.89
CA ARG A 259 34.74 -23.00 -34.33
C ARG A 259 35.48 -23.39 -35.61
N GLU A 260 35.55 -22.48 -36.57
CA GLU A 260 36.32 -22.69 -37.79
C GLU A 260 37.78 -22.99 -37.47
N VAL A 261 38.38 -22.19 -36.58
CA VAL A 261 39.79 -22.34 -36.26
C VAL A 261 40.05 -23.69 -35.58
N GLU A 262 39.17 -24.10 -34.66
CA GLU A 262 39.35 -25.41 -34.05
C GLU A 262 39.10 -26.54 -35.04
N ARG A 263 38.21 -26.33 -36.02
CA ARG A 263 38.01 -27.33 -37.06
C ARG A 263 39.20 -27.43 -37.98
N SER A 264 39.99 -26.36 -38.08
CA SER A 264 41.19 -26.39 -38.91
C SER A 264 42.26 -27.30 -38.33
N GLY A 265 42.31 -27.43 -37.00
CA GLY A 265 43.19 -28.38 -36.36
C GLY A 265 44.61 -27.92 -36.15
N THR A 266 44.89 -26.62 -36.30
CA THR A 266 46.24 -26.13 -36.08
C THR A 266 46.47 -25.58 -34.69
N LEU A 267 45.44 -25.58 -33.83
CA LEU A 267 45.65 -25.14 -32.46
C LEU A 267 46.33 -26.20 -31.60
N ALA A 268 46.30 -27.46 -32.02
CA ALA A 268 46.90 -28.53 -31.25
C ALA A 268 48.43 -28.46 -31.23
N LEU A 269 49.05 -27.61 -32.04
CA LEU A 269 50.49 -27.54 -32.14
C LEU A 269 51.07 -26.36 -31.38
N VAL A 270 50.35 -25.85 -30.40
CA VAL A 270 50.87 -24.72 -29.61
C VAL A 270 51.57 -25.21 -28.36
N GLU A 271 50.92 -26.09 -27.60
CA GLU A 271 51.45 -26.65 -26.35
C GLU A 271 52.84 -27.28 -26.49
N PRO A 272 53.07 -28.30 -27.36
CA PRO A 272 54.43 -28.88 -27.45
C PRO A 272 55.52 -27.85 -27.67
N LEU A 273 55.28 -26.91 -28.59
CA LEU A 273 56.27 -25.90 -28.94
C LEU A 273 56.66 -25.05 -27.74
N VAL A 274 55.66 -24.44 -27.09
CA VAL A 274 55.92 -23.62 -25.90
C VAL A 274 56.57 -24.47 -24.81
N ALA A 275 56.16 -25.71 -24.67
CA ALA A 275 56.72 -26.59 -23.65
C ALA A 275 58.18 -26.94 -23.93
N SER A 276 58.61 -26.88 -25.19
CA SER A 276 59.95 -27.30 -25.58
C SER A 276 60.85 -26.13 -25.95
N LEU A 277 60.76 -25.02 -25.23
CA LEU A 277 61.59 -23.86 -25.50
C LEU A 277 62.08 -23.27 -24.19
N ASP A 278 62.78 -22.14 -24.30
CA ASP A 278 63.29 -21.41 -23.15
C ASP A 278 63.14 -19.92 -23.42
N PRO A 279 62.43 -19.18 -22.57
CA PRO A 279 62.39 -17.72 -22.75
C PRO A 279 63.73 -17.05 -22.56
N GLY A 280 64.64 -17.68 -21.80
CA GLY A 280 65.91 -17.06 -21.50
C GLY A 280 66.83 -16.96 -22.71
N ARG A 281 66.71 -17.92 -23.63
CA ARG A 281 67.50 -17.90 -24.86
C ARG A 281 66.88 -17.05 -25.96
N PHE A 282 65.56 -16.92 -25.99
CA PHE A 282 64.95 -15.94 -26.89
C PHE A 282 64.99 -14.53 -26.33
N ALA A 283 65.19 -14.39 -25.02
CA ALA A 283 65.84 -13.21 -24.51
C ALA A 283 67.29 -13.24 -24.96
N ARG A 284 67.84 -12.08 -25.32
CA ARG A 284 69.07 -11.80 -26.07
C ARG A 284 68.85 -12.10 -27.57
N LEU A 286 65.59 -11.20 -30.40
CA LEU A 286 64.64 -10.09 -30.60
C LEU A 286 65.21 -8.74 -30.14
N VAL A 287 66.53 -8.67 -29.94
CA VAL A 287 67.22 -7.43 -29.62
C VAL A 287 68.14 -6.99 -30.75
N ASP A 288 68.32 -7.83 -31.77
CA ASP A 288 69.17 -7.52 -32.91
C ASP A 288 68.47 -7.63 -34.26
N ALA A 289 67.30 -8.29 -34.33
CA ALA A 289 66.75 -8.70 -35.62
C ALA A 289 66.06 -7.55 -36.32
N SER A 290 65.02 -6.98 -35.71
CA SER A 290 64.18 -6.01 -36.38
C SER A 290 64.88 -4.67 -36.55
N ASP A 291 65.17 -4.00 -35.43
CA ASP A 291 65.74 -2.67 -35.50
C ASP A 291 66.76 -2.39 -34.40
N THR A 292 67.15 -3.39 -33.61
CA THR A 292 68.03 -3.26 -32.45
C THR A 292 67.45 -2.24 -31.46
N SER A 293 66.27 -2.56 -30.96
CA SER A 293 65.53 -1.69 -30.06
C SER A 293 65.32 -2.38 -28.71
N GLN A 294 64.89 -1.60 -27.73
CA GLN A 294 64.63 -2.12 -26.39
C GLN A 294 63.18 -2.61 -26.27
N GLY A 295 62.81 -3.52 -27.16
CA GLY A 295 61.53 -4.18 -27.08
C GLY A 295 60.43 -3.44 -27.80
N ARG A 296 59.21 -3.92 -27.57
CA ARG A 296 58.02 -3.37 -28.19
C ARG A 296 57.42 -2.28 -27.32
N GLY A 297 56.66 -1.39 -27.96
CA GLY A 297 56.15 -0.21 -27.30
C GLY A 297 54.99 -0.52 -26.37
N PRO A 298 54.59 0.50 -25.60
CA PRO A 298 53.41 0.34 -24.73
C PRO A 298 52.14 0.00 -25.49
N ASP A 299 51.88 0.71 -26.58
CA ASP A 299 50.66 0.47 -27.35
C ASP A 299 50.76 -0.86 -28.11
N ASP A 300 51.97 -1.37 -28.32
CA ASP A 300 52.12 -2.73 -28.81
C ASP A 300 51.95 -3.72 -27.66
N LEU A 301 52.33 -3.33 -26.45
CA LEU A 301 52.22 -4.24 -25.32
C LEU A 301 50.80 -4.42 -24.84
N GLN A 302 49.91 -3.45 -25.10
CA GLN A 302 48.52 -3.65 -24.72
C GLN A 302 47.76 -4.53 -25.69
N ARG A 303 48.43 -5.09 -26.69
CA ARG A 303 47.81 -6.01 -27.62
C ARG A 303 47.89 -7.45 -27.15
N LEU A 304 48.69 -7.71 -26.12
CA LEU A 304 48.88 -9.05 -25.56
C LEU A 304 48.02 -9.30 -24.33
N VAL A 305 47.77 -8.26 -23.54
CA VAL A 305 47.02 -8.45 -22.29
C VAL A 305 45.58 -8.90 -22.52
N PRO A 306 44.82 -8.41 -23.52
CA PRO A 306 43.49 -8.99 -23.75
C PRO A 306 43.49 -10.44 -24.19
N LEU A 307 44.57 -10.98 -24.73
CA LEU A 307 44.59 -12.41 -24.97
C LEU A 307 45.15 -13.19 -23.80
N LEU A 308 45.59 -12.50 -22.75
CA LEU A 308 46.03 -13.19 -21.53
C LEU A 308 44.86 -13.55 -20.64
N ASP A 309 43.71 -12.89 -20.80
CA ASP A 309 42.51 -13.16 -20.02
C ASP A 309 41.45 -13.69 -20.99
N SER A 310 41.43 -15.00 -21.18
CA SER A 310 40.46 -15.61 -22.07
C SER A 310 40.33 -17.07 -21.69
N ASN A 311 39.19 -17.66 -22.05
CA ASN A 311 38.94 -19.06 -21.71
C ASN A 311 39.47 -20.00 -22.77
N ARG A 312 40.74 -19.81 -23.14
CA ARG A 312 41.46 -20.71 -24.02
C ARG A 312 42.83 -20.95 -23.42
N LEU A 313 43.40 -22.10 -23.73
CA LEU A 313 44.65 -22.46 -23.06
C LEU A 313 45.87 -22.06 -23.88
N GLU A 314 45.86 -22.38 -25.18
CA GLU A 314 46.93 -22.00 -26.10
C GLU A 314 47.21 -20.51 -26.08
N ALA A 315 46.15 -19.69 -26.19
CA ALA A 315 46.28 -18.25 -26.14
C ALA A 315 47.00 -17.79 -24.88
N GLN A 316 46.55 -18.28 -23.73
CA GLN A 316 47.18 -17.91 -22.46
C GLN A 316 48.65 -18.30 -22.43
N CYS A 317 48.98 -19.50 -22.94
CA CYS A 317 50.38 -19.95 -22.94
C CYS A 317 51.26 -19.03 -23.79
N ILE A 318 50.83 -18.74 -25.02
CA ILE A 318 51.58 -17.86 -25.90
C ILE A 318 51.74 -16.46 -25.29
N GLY A 319 50.66 -15.93 -24.73
CA GLY A 319 50.73 -14.63 -24.07
C GLY A 319 51.73 -14.60 -22.94
N ALA A 320 51.66 -15.60 -22.06
CA ALA A 320 52.65 -15.77 -21.00
C ALA A 320 54.07 -15.78 -21.53
N PHE A 321 54.31 -16.55 -22.60
CA PHE A 321 55.64 -16.60 -23.22
C PHE A 321 56.13 -15.23 -23.64
N TYR A 322 55.32 -14.51 -24.42
CA TYR A 322 55.74 -13.21 -24.92
C TYR A 322 55.97 -12.22 -23.78
N LEU A 323 55.08 -12.20 -22.79
CA LEU A 323 55.26 -11.30 -21.65
C LEU A 323 56.51 -11.63 -20.87
N CYS A 324 56.79 -12.91 -20.64
CA CYS A 324 58.03 -13.32 -19.97
C CYS A 324 59.25 -12.79 -20.71
N ALA A 325 59.30 -12.99 -22.04
CA ALA A 325 60.41 -12.51 -22.83
C ALA A 325 60.57 -11.00 -22.75
N GLU A 326 59.48 -10.27 -22.97
CA GLU A 326 59.52 -8.81 -22.87
C GLU A 326 59.92 -8.32 -21.49
N ALA A 327 59.42 -8.96 -20.44
CA ALA A 327 59.81 -8.63 -19.07
C ALA A 327 61.31 -8.81 -18.89
N ALA A 328 61.86 -9.90 -19.41
CA ALA A 328 63.30 -10.12 -19.39
C ALA A 328 64.05 -8.98 -20.04
N ILE A 329 63.62 -8.58 -21.24
CA ILE A 329 64.32 -7.53 -21.97
C ILE A 329 64.18 -6.17 -21.28
N LYS A 330 63.04 -5.90 -20.66
CA LYS A 330 62.78 -4.58 -20.08
C LYS A 330 63.07 -4.49 -18.59
N SER A 331 63.53 -5.56 -17.95
CA SER A 331 63.90 -5.47 -16.56
C SER A 331 65.38 -5.18 -16.36
N LEU A 332 66.19 -5.32 -17.41
CA LEU A 332 67.57 -4.86 -17.32
C LEU A 332 67.64 -3.35 -17.23
N GLN A 333 66.68 -2.65 -17.82
CA GLN A 333 66.63 -1.20 -17.78
C GLN A 333 65.89 -0.76 -16.52
N GLY A 334 65.56 0.53 -16.44
CA GLY A 334 64.81 1.03 -15.31
C GLY A 334 63.31 0.98 -15.45
N LYS A 335 62.82 0.70 -16.66
CA LYS A 335 61.38 0.70 -16.91
C LYS A 335 60.78 -0.57 -16.33
N THR A 336 60.35 -0.47 -15.07
CA THR A 336 59.59 -1.53 -14.41
C THR A 336 58.21 -1.05 -14.01
N LYS A 337 57.73 0.03 -14.62
CA LYS A 337 56.43 0.59 -14.30
C LYS A 337 55.40 0.40 -15.39
N VAL A 338 55.82 0.08 -16.61
CA VAL A 338 54.87 -0.09 -17.70
C VAL A 338 54.02 -1.35 -17.48
N PHE A 339 54.59 -2.41 -16.90
CA PHE A 339 53.81 -3.60 -16.60
C PHE A 339 52.84 -3.39 -15.44
N SER A 340 52.98 -2.31 -14.68
CA SER A 340 51.95 -1.95 -13.73
C SER A 340 50.95 -0.98 -14.32
N ASP A 341 51.39 -0.13 -15.25
CA ASP A 341 50.46 0.78 -15.92
C ASP A 341 49.48 0.04 -16.81
N ILE A 342 49.96 -1.00 -17.51
CA ILE A 342 49.07 -1.76 -18.39
C ILE A 342 48.13 -2.63 -17.57
N GLY A 343 48.63 -3.26 -16.54
CA GLY A 343 47.80 -4.14 -15.73
C GLY A 343 48.07 -5.59 -16.01
N ALA A 344 49.34 -5.93 -16.18
CA ALA A 344 49.72 -7.32 -16.37
C ALA A 344 50.01 -8.02 -15.05
N ILE A 345 50.24 -7.27 -13.98
CA ILE A 345 50.59 -7.90 -12.70
C ILE A 345 49.37 -8.60 -12.12
N GLN A 346 48.22 -7.94 -12.14
CA GLN A 346 47.02 -8.54 -11.58
C GLN A 346 46.57 -9.73 -12.41
N SER A 347 46.74 -9.64 -13.73
CA SER A 347 46.34 -10.75 -14.59
C SER A 347 47.27 -11.93 -14.42
N LEU A 348 48.57 -11.69 -14.26
CA LEU A 348 49.49 -12.81 -14.05
C LEU A 348 49.26 -13.48 -12.70
N LYS A 349 48.97 -12.68 -11.66
CA LYS A 349 48.72 -13.29 -10.35
C LYS A 349 47.43 -14.10 -10.37
N ARG A 350 46.41 -13.60 -11.06
CA ARG A 350 45.19 -14.37 -11.23
C ARG A 350 45.42 -15.61 -12.08
N LEU A 351 46.36 -15.55 -13.02
CA LEU A 351 46.69 -16.73 -13.80
C LEU A 351 47.38 -17.79 -12.95
N VAL A 352 48.24 -17.36 -12.02
CA VAL A 352 48.93 -18.32 -11.15
C VAL A 352 47.94 -18.97 -10.20
N SER A 353 47.00 -18.18 -9.66
CA SER A 353 46.17 -18.67 -8.56
C SER A 353 45.23 -19.79 -8.97
N TYR A 354 44.72 -19.77 -10.20
CA TYR A 354 43.78 -20.79 -10.67
C TYR A 354 44.44 -21.71 -11.69
N SER A 355 45.72 -22.03 -11.48
CA SER A 355 46.49 -22.74 -12.49
C SER A 355 46.06 -24.20 -12.57
N THR A 356 45.54 -24.59 -13.73
CA THR A 356 45.19 -25.97 -14.00
C THR A 356 46.11 -26.58 -15.05
N ASN A 357 47.33 -26.09 -15.14
CA ASN A 357 48.27 -26.55 -16.15
C ASN A 357 49.68 -26.28 -15.64
N GLY A 358 50.64 -27.04 -16.17
CA GLY A 358 52.00 -26.93 -15.72
C GLY A 358 52.82 -25.91 -16.47
N THR A 359 52.49 -25.71 -17.74
CA THR A 359 53.33 -24.85 -18.58
C THR A 359 53.08 -23.37 -18.29
N LYS A 360 51.82 -22.94 -18.35
CA LYS A 360 51.54 -21.53 -18.14
C LYS A 360 51.77 -21.12 -16.70
N SER A 361 51.61 -22.05 -15.74
CA SER A 361 51.95 -21.74 -14.35
C SER A 361 53.44 -21.49 -14.19
N ALA A 362 54.26 -22.34 -14.82
CA ALA A 362 55.70 -22.17 -14.76
C ALA A 362 56.12 -20.84 -15.37
N LEU A 363 55.65 -20.55 -16.59
CA LEU A 363 56.00 -19.31 -17.26
C LEU A 363 55.54 -18.10 -16.47
N ALA A 364 54.32 -18.14 -15.92
CA ALA A 364 53.81 -17.05 -15.11
C ALA A 364 54.66 -16.80 -13.88
N LYS A 365 54.98 -17.87 -13.13
CA LYS A 365 55.81 -17.71 -11.94
C LYS A 365 57.19 -17.16 -12.30
N ARG A 366 57.74 -17.60 -13.43
CA ARG A 366 59.06 -17.12 -13.83
C ARG A 366 59.00 -15.65 -14.20
N ALA A 367 57.93 -15.23 -14.88
CA ALA A 367 57.80 -13.82 -15.26
C ALA A 367 57.53 -12.93 -14.06
N LEU A 368 56.81 -13.43 -13.05
CA LEU A 368 56.65 -12.65 -11.82
C LEU A 368 57.94 -12.61 -11.00
N ARG A 369 58.77 -13.65 -11.10
CA ARG A 369 60.01 -13.66 -10.35
C ARG A 369 61.01 -12.66 -10.93
N LEU A 370 60.92 -12.39 -12.23
CA LEU A 370 61.77 -11.39 -12.86
C LEU A 370 61.45 -9.98 -12.42
N LEU A 371 60.27 -9.75 -11.86
CA LEU A 371 59.91 -8.48 -11.27
C LEU A 371 59.92 -8.59 -9.76
N GLY A 372 59.78 -7.45 -9.09
CA GLY A 372 59.82 -7.42 -7.65
C GLY A 372 58.57 -7.93 -6.97
N GLU A 373 57.50 -8.18 -7.73
CA GLU A 373 56.27 -8.68 -7.17
C GLU A 373 56.46 -10.10 -6.65
N GLU A 374 55.91 -10.38 -5.47
CA GLU A 374 56.06 -11.70 -4.86
C GLU A 374 55.14 -12.71 -5.52
N VAL A 375 55.54 -13.97 -5.46
CA VAL A 375 54.82 -15.03 -6.14
C VAL A 375 53.68 -15.51 -5.25
N PRO A 376 52.46 -15.62 -5.77
CA PRO A 376 51.37 -16.17 -4.97
C PRO A 376 51.41 -17.69 -4.95
N ARG A 377 50.68 -18.26 -4.00
CA ARG A 377 50.61 -19.71 -3.92
C ARG A 377 49.28 -20.19 -4.47
N PRO A 378 49.25 -21.33 -5.14
CA PRO A 378 47.97 -21.88 -5.62
C PRO A 378 47.11 -22.31 -4.45
N ILE A 379 45.80 -22.27 -4.67
CA ILE A 379 44.81 -22.46 -3.63
C ILE A 379 44.06 -23.77 -3.86
N LEU A 380 43.64 -24.39 -2.77
CA LEU A 380 43.00 -25.69 -2.86
C LEU A 380 41.62 -25.57 -3.47
N PRO A 381 41.24 -26.46 -4.40
CA PRO A 381 39.98 -26.32 -5.11
C PRO A 381 38.77 -26.79 -4.34
N SER A 382 38.93 -27.28 -3.11
CA SER A 382 37.80 -27.71 -2.32
C SER A 382 37.36 -26.55 -1.46
N VAL A 383 36.51 -25.70 -2.01
CA VAL A 383 36.15 -24.43 -1.38
C VAL A 383 35.31 -24.63 -0.12
N PRO A 384 34.30 -25.50 -0.06
CA PRO A 384 33.72 -25.83 1.24
C PRO A 384 34.76 -26.54 2.09
N SER A 385 34.53 -26.50 3.40
CA SER A 385 35.52 -26.92 4.41
C SER A 385 36.81 -26.14 4.26
N TRP A 386 36.68 -24.83 4.14
CA TRP A 386 37.78 -23.90 4.32
C TRP A 386 37.76 -23.38 5.75
N LYS A 387 38.87 -22.80 6.17
CA LYS A 387 38.93 -22.15 7.46
C LYS A 387 39.31 -20.68 7.25
N GLU A 388 39.56 -19.98 8.35
CA GLU A 388 39.75 -18.54 8.29
C GLU A 388 41.07 -18.19 7.60
N ALA A 389 42.11 -18.99 7.83
CA ALA A 389 43.41 -18.73 7.24
C ALA A 389 43.35 -18.74 5.72
N GLU A 390 42.74 -19.77 5.15
CA GLU A 390 42.68 -19.90 3.70
C GLU A 390 41.87 -18.77 3.08
N VAL A 391 40.76 -18.39 3.70
CA VAL A 391 40.00 -17.23 3.26
C VAL A 391 40.86 -15.98 3.24
N GLN A 392 41.64 -15.77 4.31
CA GLN A 392 42.55 -14.63 4.36
C GLN A 392 43.54 -14.64 3.20
N THR A 393 44.20 -15.78 2.95
CA THR A 393 45.14 -15.83 1.82
C THR A 393 44.43 -15.55 0.49
N TRP A 394 43.19 -16.04 0.32
CA TRP A 394 42.43 -15.73 -0.88
C TRP A 394 42.23 -14.22 -1.04
N LEU A 395 41.70 -13.56 -0.01
CA LEU A 395 41.59 -12.11 -0.01
C LEU A 395 42.93 -11.40 -0.11
N GLN A 396 44.04 -12.08 0.15
CA GLN A 396 45.34 -11.46 -0.07
C GLN A 396 45.77 -11.58 -1.51
N GLN A 397 45.27 -12.57 -2.23
CA GLN A 397 45.70 -12.73 -3.61
C GLN A 397 44.81 -12.03 -4.60
N ILE A 398 43.51 -11.84 -4.29
CA ILE A 398 42.67 -11.23 -5.31
C ILE A 398 42.77 -9.72 -5.33
N GLY A 399 43.20 -9.10 -4.24
CA GLY A 399 43.33 -7.66 -4.17
C GLY A 399 42.47 -7.00 -3.11
N PHE A 400 41.57 -7.70 -2.44
CA PHE A 400 40.74 -7.11 -1.40
C PHE A 400 41.44 -7.22 -0.05
N SER A 401 42.64 -6.64 0.01
CA SER A 401 43.50 -6.90 1.16
C SER A 401 43.18 -6.01 2.34
N LYS A 402 42.41 -4.95 2.15
CA LYS A 402 42.09 -4.07 3.26
C LYS A 402 40.85 -4.51 4.02
N TYR A 403 40.10 -5.47 3.51
CA TYR A 403 38.93 -5.98 4.19
C TYR A 403 39.21 -7.26 4.95
N CYS A 404 40.45 -7.73 4.97
CA CYS A 404 40.81 -8.96 5.68
C CYS A 404 40.48 -8.87 7.16
N GLU A 405 40.59 -7.67 7.73
CA GLU A 405 40.32 -7.47 9.15
C GLU A 405 38.88 -7.84 9.49
N SER A 406 37.92 -7.30 8.73
CA SER A 406 36.50 -7.59 8.97
C SER A 406 36.18 -9.07 8.85
N PHE A 407 36.77 -9.76 7.86
CA PHE A 407 36.56 -11.19 7.75
C PHE A 407 37.15 -11.95 8.93
N ARG A 408 38.37 -11.61 9.35
CA ARG A 408 38.93 -12.29 10.52
C ARG A 408 38.14 -11.97 11.79
N GLU A 409 37.47 -10.83 11.81
CA GLU A 409 36.64 -10.49 12.95
C GLU A 409 35.37 -11.31 12.99
N GLN A 410 34.63 -11.36 11.88
CA GLN A 410 33.38 -12.08 11.87
C GLN A 410 33.54 -13.59 11.73
N GLN A 411 34.77 -14.07 11.56
CA GLN A 411 35.08 -15.50 11.43
C GLN A 411 34.32 -16.14 10.28
N VAL A 412 34.54 -15.61 9.09
CA VAL A 412 33.95 -16.18 7.89
C VAL A 412 34.76 -17.39 7.47
N ASP A 413 34.08 -18.43 7.01
CA ASP A 413 34.70 -19.64 6.51
C ASP A 413 34.24 -19.88 5.08
N GLY A 414 34.56 -21.07 4.56
CA GLY A 414 34.17 -21.40 3.19
C GLY A 414 32.67 -21.45 3.01
N ASP A 415 31.98 -22.15 3.91
CA ASP A 415 30.53 -22.27 3.82
C ASP A 415 29.86 -20.91 3.90
N LEU A 416 30.20 -20.12 4.91
CA LEU A 416 29.64 -18.78 5.05
C LEU A 416 30.07 -17.85 3.93
N LEU A 417 31.15 -18.14 3.23
CA LEU A 417 31.52 -17.34 2.07
C LEU A 417 30.65 -17.67 0.87
N LEU A 418 30.44 -18.95 0.61
CA LEU A 418 29.66 -19.35 -0.55
C LEU A 418 28.21 -18.92 -0.49
N ARG A 419 27.71 -18.49 0.66
CA ARG A 419 26.32 -18.09 0.81
C ARG A 419 26.17 -16.64 1.24
N LEU A 420 27.13 -15.79 0.88
CA LEU A 420 27.02 -14.39 1.22
C LEU A 420 26.00 -13.70 0.32
N THR A 421 25.35 -12.69 0.87
CA THR A 421 24.42 -11.84 0.12
C THR A 421 24.89 -10.40 0.22
N GLU A 422 24.14 -9.51 -0.43
CA GLU A 422 24.54 -8.11 -0.48
C GLU A 422 24.34 -7.41 0.85
N GLU A 423 23.37 -7.87 1.65
CA GLU A 423 23.05 -7.20 2.91
C GLU A 423 24.21 -7.28 3.88
N GLU A 424 24.80 -8.46 4.03
CA GLU A 424 25.93 -8.63 4.93
C GLU A 424 27.16 -7.86 4.45
N LEU A 425 27.30 -7.68 3.15
CA LEU A 425 28.37 -6.81 2.67
C LEU A 425 28.12 -5.36 3.06
N GLN A 426 26.88 -4.89 2.86
CA GLN A 426 26.57 -3.50 3.14
C GLN A 426 26.62 -3.17 4.62
N THR A 427 26.23 -4.10 5.49
CA THR A 427 25.91 -3.69 6.86
C THR A 427 27.09 -3.85 7.81
N ASP A 428 27.59 -5.07 7.98
CA ASP A 428 28.62 -5.32 8.98
C ASP A 428 29.99 -5.65 8.42
N LEU A 429 30.09 -6.13 7.19
CA LEU A 429 31.41 -6.31 6.63
C LEU A 429 32.04 -5.01 6.18
N GLY A 430 31.23 -4.01 5.85
CA GLY A 430 31.76 -2.68 5.62
C GLY A 430 32.09 -2.32 4.19
N MET A 431 31.36 -2.87 3.22
CA MET A 431 31.53 -2.49 1.82
C MET A 431 30.37 -1.56 1.47
N LYS A 432 30.60 -0.26 1.60
CA LYS A 432 29.51 0.69 1.41
C LYS A 432 29.22 0.92 -0.07
N SER A 433 30.25 1.15 -0.86
CA SER A 433 30.07 1.52 -2.25
C SER A 433 29.58 0.35 -3.07
N GLY A 434 28.68 0.61 -4.02
CA GLY A 434 28.16 -0.44 -4.86
C GLY A 434 29.17 -0.99 -5.83
N ILE A 435 30.21 -0.23 -6.15
CA ILE A 435 31.17 -0.67 -7.15
C ILE A 435 32.14 -1.67 -6.54
N THR A 436 32.48 -1.51 -5.26
CA THR A 436 33.28 -2.52 -4.58
C THR A 436 32.51 -3.82 -4.43
N ARG A 437 31.24 -3.74 -4.02
CA ARG A 437 30.41 -4.94 -3.94
C ARG A 437 30.31 -5.64 -5.29
N LYS A 438 30.21 -4.87 -6.38
CA LYS A 438 30.12 -5.52 -7.69
C LYS A 438 31.44 -6.15 -8.10
N ARG A 439 32.57 -5.54 -7.72
CA ARG A 439 33.86 -6.19 -7.95
C ARG A 439 33.98 -7.48 -7.16
N PHE A 440 33.53 -7.45 -5.91
CA PHE A 440 33.64 -8.62 -5.04
C PHE A 440 32.81 -9.77 -5.58
N PHE A 441 31.57 -9.50 -5.98
CA PHE A 441 30.75 -10.55 -6.55
C PHE A 441 31.34 -11.07 -7.85
N ARG A 442 31.95 -10.20 -8.67
CA ARG A 442 32.56 -10.66 -9.90
C ARG A 442 33.70 -11.64 -9.62
N GLU A 443 34.59 -11.28 -8.68
CA GLU A 443 35.65 -12.21 -8.29
C GLU A 443 35.11 -13.50 -7.70
N LEU A 444 34.07 -13.39 -6.87
CA LEU A 444 33.51 -14.57 -6.22
C LEU A 444 32.92 -15.54 -7.23
N THR A 445 32.06 -15.05 -8.12
CA THR A 445 31.52 -15.91 -9.18
C THR A 445 32.60 -16.46 -10.08
N GLU A 446 33.70 -15.73 -10.28
CA GLU A 446 34.85 -16.33 -10.96
C GLU A 446 35.39 -17.52 -10.17
N LEU A 447 35.40 -17.41 -8.84
CA LEU A 447 35.93 -18.52 -8.03
C LEU A 447 34.99 -19.70 -7.94
N LYS A 448 33.69 -19.47 -7.97
CA LYS A 448 32.76 -20.56 -7.72
C LYS A 448 32.56 -21.48 -8.91
N THR A 449 33.02 -21.09 -10.10
CA THR A 449 33.01 -22.03 -11.21
C THR A 449 34.23 -22.94 -11.21
N PHE A 450 35.14 -22.74 -10.26
CA PHE A 450 36.39 -23.47 -10.19
C PHE A 450 36.39 -24.51 -9.08
N ALA A 451 35.51 -24.38 -8.09
CA ALA A 451 35.55 -25.17 -6.88
C ALA A 451 35.23 -26.64 -7.14
N ASN A 452 35.44 -27.45 -6.10
CA ASN A 452 35.22 -28.89 -6.15
C ASN A 452 34.13 -29.24 -5.14
N TYR A 453 32.98 -29.68 -5.65
CA TYR A 453 31.82 -29.98 -4.81
C TYR A 453 31.66 -31.47 -4.58
N SER A 454 32.77 -32.18 -4.42
CA SER A 454 32.72 -33.63 -4.29
C SER A 454 32.13 -34.07 -2.96
N THR A 455 32.12 -33.21 -1.96
CA THR A 455 31.67 -33.59 -0.63
C THR A 455 30.29 -33.08 -0.29
N CYS A 456 29.66 -32.31 -1.19
CA CYS A 456 28.30 -31.83 -0.98
C CYS A 456 27.33 -32.41 -2.00
N ASP A 457 27.71 -32.42 -3.27
CA ASP A 457 26.87 -32.93 -4.32
C ASP A 457 26.70 -34.43 -4.18
N ARG A 458 25.55 -34.93 -4.64
CA ARG A 458 25.28 -36.35 -4.60
C ARG A 458 25.08 -36.93 -5.98
N SER A 459 24.25 -36.31 -6.81
CA SER A 459 23.89 -36.84 -8.10
C SER A 459 24.65 -36.15 -9.24
N ASN A 460 25.79 -35.54 -8.93
CA ASN A 460 26.64 -34.85 -9.89
C ASN A 460 25.86 -33.75 -10.61
N LEU A 461 25.27 -32.86 -9.81
CA LEU A 461 24.43 -31.81 -10.36
C LEU A 461 25.25 -30.75 -11.06
N ALA A 462 26.50 -30.56 -10.62
CA ALA A 462 27.43 -29.65 -11.29
C ALA A 462 27.54 -29.90 -12.78
N ASP A 463 27.78 -31.16 -13.16
CA ASP A 463 27.91 -31.52 -14.56
C ASP A 463 26.64 -31.21 -15.35
N TRP A 464 25.49 -31.62 -14.83
CA TRP A 464 24.22 -31.34 -15.51
C TRP A 464 23.97 -29.84 -15.63
N LEU A 465 24.51 -29.03 -14.73
CA LEU A 465 24.36 -27.59 -14.92
C LEU A 465 25.33 -27.08 -15.98
N GLY A 466 26.61 -27.40 -15.82
CA GLY A 466 27.64 -27.01 -16.79
C GLY A 466 27.40 -27.47 -18.20
N SER A 467 26.54 -28.47 -18.40
CA SER A 467 26.19 -28.87 -19.76
C SER A 467 25.38 -27.81 -20.47
N LEU A 468 24.53 -27.09 -19.73
CA LEU A 468 23.73 -26.03 -20.35
C LEU A 468 24.60 -24.86 -20.75
N ASP A 469 25.47 -24.41 -19.87
CA ASP A 469 26.22 -23.19 -20.06
C ASP A 469 27.37 -23.25 -19.07
N PRO A 470 28.60 -22.95 -19.48
CA PRO A 470 29.71 -22.87 -18.53
C PRO A 470 29.47 -21.89 -17.39
N ARG A 471 28.70 -20.84 -17.60
CA ARG A 471 28.43 -19.88 -16.53
C ARG A 471 27.41 -20.38 -15.52
N PHE A 472 26.77 -21.51 -15.78
CA PHE A 472 25.73 -22.01 -14.91
C PHE A 472 26.22 -22.89 -13.77
N ARG A 473 27.54 -23.06 -13.61
CA ARG A 473 27.97 -23.89 -12.52
C ARG A 473 28.01 -23.14 -11.21
N GLN A 474 28.05 -21.82 -11.27
CA GLN A 474 28.18 -20.98 -10.10
C GLN A 474 27.02 -21.11 -9.14
N TYR A 475 25.89 -21.68 -9.54
CA TYR A 475 24.76 -21.79 -8.63
C TYR A 475 24.63 -23.16 -8.01
N THR A 476 25.57 -24.08 -8.28
CA THR A 476 25.31 -25.47 -7.89
C THR A 476 25.25 -25.63 -6.38
N TYR A 477 26.09 -24.92 -5.63
CA TYR A 477 26.04 -25.06 -4.18
C TYR A 477 24.74 -24.49 -3.65
N GLY A 478 24.25 -23.42 -4.29
CA GLY A 478 22.95 -22.87 -3.94
C GLY A 478 21.84 -23.88 -4.07
N LEU A 479 21.98 -24.81 -5.01
CA LEU A 479 20.96 -25.83 -5.13
C LEU A 479 21.19 -26.94 -4.13
N VAL A 480 22.46 -27.33 -3.93
CA VAL A 480 22.75 -28.52 -3.13
C VAL A 480 22.44 -28.27 -1.65
N SER A 481 22.87 -27.13 -1.13
CA SER A 481 22.60 -26.79 0.27
C SER A 481 21.12 -26.65 0.56
N CYS A 482 20.29 -26.42 -0.44
CA CYS A 482 18.86 -26.42 -0.22
C CYS A 482 18.29 -27.83 -0.24
N GLY A 483 18.93 -28.75 -0.95
CA GLY A 483 18.55 -30.15 -0.91
C GLY A 483 18.10 -30.74 -2.23
N LEU A 484 18.10 -30.01 -3.34
CA LEU A 484 17.66 -30.56 -4.60
C LEU A 484 18.71 -31.49 -5.20
N ASP A 485 18.27 -32.29 -6.16
CA ASP A 485 19.15 -33.17 -6.94
C ASP A 485 18.45 -33.52 -8.24
N ARG A 486 19.09 -34.39 -9.01
CA ARG A 486 18.60 -34.69 -10.35
C ARG A 486 17.30 -35.49 -10.37
N SER A 487 16.82 -35.95 -9.22
CA SER A 487 15.52 -36.60 -9.15
C SER A 487 14.42 -35.66 -8.69
N LEU A 488 14.76 -34.53 -8.11
CA LEU A 488 13.79 -33.66 -7.46
C LEU A 488 13.65 -32.31 -8.14
N LEU A 489 14.19 -32.15 -9.34
CA LEU A 489 14.11 -30.86 -10.00
C LEU A 489 12.90 -30.71 -10.88
N HIS A 490 12.22 -31.80 -11.20
CA HIS A 490 11.13 -31.73 -12.17
C HIS A 490 9.86 -31.12 -11.60
N ARG A 491 9.85 -30.72 -10.33
CA ARG A 491 8.64 -30.15 -9.74
C ARG A 491 8.99 -28.97 -8.85
N VAL A 492 9.86 -28.09 -9.33
CA VAL A 492 10.21 -26.88 -8.60
C VAL A 492 9.63 -25.69 -9.36
N SER A 493 9.39 -24.59 -8.65
CA SER A 493 8.76 -23.42 -9.23
C SER A 493 9.79 -22.34 -9.52
N GLU A 494 9.32 -21.22 -10.05
CA GLU A 494 10.20 -20.10 -10.33
C GLU A 494 10.41 -19.25 -9.09
N GLN A 495 9.36 -19.08 -8.28
CA GLN A 495 9.50 -18.36 -7.02
C GLN A 495 10.40 -19.12 -6.05
N GLN A 496 10.29 -20.44 -6.03
CA GLN A 496 11.12 -21.29 -5.18
C GLN A 496 12.60 -21.23 -5.51
N LEU A 497 12.99 -20.59 -6.60
CA LEU A 497 14.38 -20.36 -6.94
C LEU A 497 14.81 -18.94 -6.68
N LEU A 498 13.89 -18.07 -6.28
CA LEU A 498 14.21 -16.65 -6.16
C LEU A 498 14.87 -16.35 -4.83
N GLU A 499 14.46 -17.02 -3.76
CA GLU A 499 15.04 -16.77 -2.45
C GLU A 499 15.64 -17.99 -1.78
N ASP A 500 15.23 -19.20 -2.17
CA ASP A 500 15.81 -20.38 -1.54
C ASP A 500 17.19 -20.69 -2.11
N CYS A 501 17.30 -20.71 -3.43
CA CYS A 501 18.53 -21.09 -4.10
C CYS A 501 19.38 -19.90 -4.52
N GLY A 502 18.82 -18.72 -4.64
CA GLY A 502 19.61 -17.53 -4.86
C GLY A 502 20.00 -17.24 -6.30
N ILE A 503 19.12 -17.53 -7.23
CA ILE A 503 19.35 -17.26 -8.65
C ILE A 503 18.57 -16.01 -9.01
N HIS A 504 19.27 -14.92 -9.33
CA HIS A 504 18.61 -13.63 -9.46
C HIS A 504 18.16 -13.32 -10.88
N LEU A 505 19.00 -13.61 -11.88
CA LEU A 505 18.66 -13.27 -13.26
C LEU A 505 17.51 -14.11 -13.75
N GLY A 506 16.46 -13.44 -14.23
CA GLY A 506 15.25 -14.15 -14.62
C GLY A 506 15.45 -15.08 -15.80
N VAL A 507 16.31 -14.67 -16.73
CA VAL A 507 16.63 -15.52 -17.88
C VAL A 507 17.23 -16.85 -17.42
N HIS A 508 18.12 -16.80 -16.43
CA HIS A 508 18.76 -18.02 -15.94
C HIS A 508 17.74 -18.94 -15.27
N ARG A 509 16.87 -18.38 -14.43
CA ARG A 509 15.79 -19.17 -13.84
C ARG A 509 14.91 -19.80 -14.93
N ALA A 510 14.58 -19.01 -15.95
CA ALA A 510 13.71 -19.52 -17.01
C ALA A 510 14.36 -20.67 -17.75
N ARG A 511 15.65 -20.56 -18.05
CA ARG A 511 16.32 -21.65 -18.76
C ARG A 511 16.47 -22.88 -17.89
N ILE A 512 16.77 -22.70 -16.60
CA ILE A 512 16.89 -23.84 -15.71
C ILE A 512 15.55 -24.57 -15.61
N LEU A 513 14.46 -23.83 -15.47
CA LEU A 513 13.15 -24.45 -15.38
C LEU A 513 12.77 -25.16 -16.68
N THR A 514 12.99 -24.51 -17.82
CA THR A 514 12.58 -25.14 -19.07
C THR A 514 13.46 -26.32 -19.44
N ALA A 515 14.71 -26.36 -18.96
CA ALA A 515 15.55 -27.50 -19.25
C ALA A 515 15.37 -28.63 -18.26
N ALA A 516 14.89 -28.34 -17.05
CA ALA A 516 14.66 -29.39 -16.07
C ALA A 516 13.29 -30.02 -16.23
N ARG A 517 12.27 -29.20 -16.48
CA ARG A 517 10.91 -29.68 -16.62
C ARG A 517 10.76 -30.65 -17.80
N GLU A 518 11.59 -30.49 -18.83
CA GLU A 518 11.64 -31.49 -19.88
C GLU A 518 12.17 -32.81 -19.34
N MET A 519 13.29 -32.76 -18.63
CA MET A 519 13.94 -33.96 -18.12
C MET A 519 13.16 -34.56 -16.96
N LEU A 520 12.28 -35.49 -17.26
CA LEU A 520 11.75 -36.39 -16.23
C LEU A 520 12.59 -37.67 -16.23
N HIS A 521 12.60 -38.38 -17.34
CA HIS A 521 13.59 -39.43 -17.59
C HIS A 521 14.00 -39.44 -19.05
N SER A 522 13.84 -38.32 -19.77
CA SER A 522 14.06 -38.33 -21.22
C SER A 522 15.54 -38.44 -21.59
N PRO A 523 16.47 -37.68 -20.99
CA PRO A 523 17.86 -38.02 -21.37
C PRO A 523 18.44 -39.12 -20.49
N THR A 535 20.96 -63.10 2.34
CA THR A 535 21.62 -64.40 2.34
C THR A 535 22.65 -64.48 1.22
N PRO A 536 23.89 -64.87 1.57
CA PRO A 536 24.93 -65.01 0.56
C PRO A 536 24.68 -66.19 -0.35
N ASP A 537 25.49 -66.27 -1.40
CA ASP A 537 25.39 -67.34 -2.38
C ASP A 537 26.35 -68.49 -2.11
N VAL A 538 27.63 -68.19 -1.92
CA VAL A 538 28.63 -69.19 -1.63
C VAL A 538 29.32 -68.83 -0.32
N PHE A 539 30.04 -69.79 0.23
CA PHE A 539 30.75 -69.62 1.50
C PHE A 539 32.18 -70.10 1.33
N ILE A 540 33.07 -69.57 2.17
CA ILE A 540 34.49 -69.87 2.08
C ILE A 540 35.05 -70.14 3.47
N SER A 541 35.46 -71.37 3.72
CA SER A 541 36.05 -71.75 4.99
C SER A 541 37.57 -71.83 4.85
N TYR A 542 38.26 -71.43 5.91
CA TYR A 542 39.71 -71.29 5.83
C TYR A 542 40.29 -71.28 7.24
N ARG A 543 41.55 -71.71 7.35
CA ARG A 543 42.23 -71.70 8.63
C ARG A 543 42.55 -70.27 9.05
N ARG A 544 42.35 -69.97 10.32
CA ARG A 544 42.58 -68.61 10.81
C ARG A 544 44.06 -68.28 10.86
N ASN A 545 44.92 -69.27 11.08
CA ASN A 545 46.34 -68.99 11.22
C ASN A 545 46.98 -68.70 9.86
N SER A 546 46.98 -69.70 8.98
CA SER A 546 47.56 -69.57 7.65
C SER A 546 46.46 -69.65 6.60
N GLY A 547 46.79 -69.18 5.40
CA GLY A 547 45.81 -69.16 4.34
C GLY A 547 44.86 -67.99 4.37
N SER A 548 45.20 -66.93 5.11
CA SER A 548 44.39 -65.71 5.07
C SER A 548 44.44 -65.05 3.71
N GLN A 549 45.64 -65.01 3.12
CA GLN A 549 45.86 -64.25 1.89
C GLN A 549 45.07 -64.85 0.73
N LEU A 550 45.21 -66.16 0.51
CA LEU A 550 44.50 -66.77 -0.61
C LEU A 550 43.01 -66.83 -0.36
N ALA A 551 42.57 -66.68 0.89
CA ALA A 551 41.14 -66.61 1.15
C ALA A 551 40.59 -65.26 0.74
N SER A 552 41.24 -64.19 1.18
CA SER A 552 40.87 -62.85 0.73
C SER A 552 40.91 -62.73 -0.78
N LEU A 553 41.96 -63.27 -1.40
CA LEU A 553 42.15 -63.10 -2.83
C LEU A 553 41.13 -63.92 -3.62
N LEU A 554 40.77 -65.10 -3.12
CA LEU A 554 39.70 -65.85 -3.77
C LEU A 554 38.36 -65.14 -3.61
N LYS A 555 38.14 -64.48 -2.46
CA LYS A 555 36.93 -63.70 -2.28
C LYS A 555 36.80 -62.61 -3.32
N VAL A 556 37.87 -61.82 -3.52
CA VAL A 556 37.74 -60.73 -4.47
C VAL A 556 37.68 -61.25 -5.90
N HIS A 557 38.35 -62.37 -6.19
CA HIS A 557 38.31 -62.92 -7.54
C HIS A 557 36.95 -63.51 -7.88
N LEU A 558 36.24 -64.03 -6.87
CA LEU A 558 34.88 -64.49 -7.12
C LEU A 558 33.91 -63.33 -7.20
N GLN A 559 34.08 -62.33 -6.33
CA GLN A 559 33.13 -61.22 -6.28
C GLN A 559 33.20 -60.36 -7.53
N LEU A 560 34.37 -60.30 -8.18
CA LEU A 560 34.46 -59.49 -9.39
C LEU A 560 33.76 -60.11 -10.59
N HIS A 561 33.32 -61.37 -10.51
CA HIS A 561 32.63 -62.01 -11.62
C HIS A 561 31.12 -62.09 -11.42
N GLY A 562 30.61 -61.55 -10.32
CA GLY A 562 29.17 -61.47 -10.12
C GLY A 562 28.58 -62.45 -9.14
N PHE A 563 29.39 -63.09 -8.31
CA PHE A 563 28.91 -64.03 -7.30
C PHE A 563 29.10 -63.41 -5.92
N SER A 564 28.04 -63.42 -5.11
CA SER A 564 28.16 -62.94 -3.75
C SER A 564 28.82 -64.00 -2.89
N VAL A 565 29.50 -63.54 -1.83
CA VAL A 565 30.32 -64.43 -1.01
C VAL A 565 30.52 -63.81 0.37
N PHE A 566 30.36 -64.63 1.41
CA PHE A 566 30.48 -64.17 2.79
C PHE A 566 31.65 -64.92 3.41
N ILE A 567 32.57 -64.18 4.02
CA ILE A 567 33.75 -64.77 4.63
C ILE A 567 33.74 -64.45 6.12
N ASP A 568 34.36 -65.31 6.92
CA ASP A 568 34.49 -65.09 8.35
C ASP A 568 35.35 -63.86 8.60
N VAL A 569 34.85 -62.94 9.43
CA VAL A 569 35.54 -61.69 9.73
C VAL A 569 35.61 -61.58 11.26
N GLU A 570 36.72 -62.06 11.84
CA GLU A 570 37.14 -61.94 13.25
C GLU A 570 36.02 -62.16 14.28
N LYS A 571 35.49 -63.38 14.35
CA LYS A 571 34.45 -63.73 15.33
C LYS A 571 35.04 -64.24 16.65
N LEU A 572 36.25 -64.78 16.65
CA LEU A 572 36.81 -65.47 17.80
C LEU A 572 37.03 -64.53 18.98
N GLU A 573 37.33 -65.14 20.15
CA GLU A 573 37.49 -64.46 21.44
C GLU A 573 36.24 -63.69 21.85
N ALA A 574 35.07 -64.18 21.44
CA ALA A 574 33.79 -63.57 21.76
C ALA A 574 32.81 -64.71 22.01
N GLY A 575 31.52 -64.42 21.94
CA GLY A 575 30.53 -65.48 21.81
C GLY A 575 30.77 -66.26 20.53
N LYS A 576 31.06 -67.56 20.64
CA LYS A 576 31.52 -68.34 19.51
C LYS A 576 30.56 -69.42 19.05
N PHE A 577 29.63 -69.83 19.89
CA PHE A 577 28.79 -70.98 19.63
C PHE A 577 27.36 -70.50 19.36
N GLU A 578 26.80 -70.95 18.23
CA GLU A 578 25.47 -70.54 17.75
C GLU A 578 25.37 -69.02 17.55
N ASP A 579 26.50 -68.38 17.24
CA ASP A 579 26.55 -66.92 17.16
C ASP A 579 26.39 -66.47 15.70
N LYS A 580 25.21 -66.77 15.16
CA LYS A 580 24.73 -66.31 13.86
C LYS A 580 25.64 -66.71 12.70
N LEU A 581 26.42 -67.78 12.87
CA LEU A 581 27.28 -68.27 11.80
C LEU A 581 26.89 -69.64 11.29
N ILE A 582 25.90 -70.29 11.91
CA ILE A 582 25.56 -71.65 11.54
C ILE A 582 24.45 -71.69 10.50
N GLN A 583 23.61 -70.66 10.43
CA GLN A 583 22.64 -70.59 9.34
C GLN A 583 23.32 -70.19 8.03
N SER A 584 24.31 -69.29 8.11
CA SER A 584 25.12 -68.89 6.96
C SER A 584 25.67 -70.08 6.18
N VAL A 585 26.12 -71.13 6.89
CA VAL A 585 26.87 -72.20 6.24
C VAL A 585 25.92 -73.22 5.65
N MET A 586 24.65 -73.18 6.04
CA MET A 586 23.63 -74.05 5.48
C MET A 586 22.77 -73.36 4.44
N GLY A 587 22.72 -72.03 4.47
CA GLY A 587 22.02 -71.22 3.51
C GLY A 587 22.88 -70.76 2.35
N ALA A 588 24.12 -71.20 2.27
CA ALA A 588 25.01 -70.88 1.16
C ALA A 588 25.02 -72.06 0.18
N ARG A 589 24.93 -71.75 -1.11
CA ARG A 589 24.74 -72.79 -2.11
C ARG A 589 25.97 -73.66 -2.28
N ASN A 590 27.16 -73.05 -2.33
CA ASN A 590 28.39 -73.78 -2.61
C ASN A 590 29.42 -73.52 -1.52
N PHE A 591 30.22 -74.54 -1.24
CA PHE A 591 31.18 -74.52 -0.15
C PHE A 591 32.59 -74.67 -0.68
N VAL A 592 33.53 -73.94 -0.07
CA VAL A 592 34.93 -73.87 -0.51
C VAL A 592 35.83 -74.12 0.68
N LEU A 593 37.00 -74.73 0.44
CA LEU A 593 37.91 -75.18 1.50
C LEU A 593 39.33 -74.82 1.12
N VAL A 594 40.07 -74.25 2.07
CA VAL A 594 41.40 -73.72 1.81
C VAL A 594 42.42 -74.64 2.49
N LEU A 595 43.24 -75.30 1.68
CA LEU A 595 44.21 -76.27 2.19
C LEU A 595 45.58 -75.62 2.20
N SER A 596 45.86 -74.90 3.28
CA SER A 596 47.17 -74.31 3.48
C SER A 596 48.17 -75.40 3.89
N PRO A 597 49.46 -75.16 3.69
CA PRO A 597 50.48 -76.06 4.25
C PRO A 597 50.39 -76.10 5.77
N GLY A 598 50.10 -77.28 6.31
CA GLY A 598 49.95 -77.46 7.74
C GLY A 598 48.69 -76.84 8.29
N ALA A 599 47.57 -77.04 7.61
CA ALA A 599 46.30 -76.47 8.02
C ALA A 599 45.33 -77.49 8.60
N LEU A 600 45.60 -78.79 8.45
CA LEU A 600 44.73 -79.84 8.96
C LEU A 600 45.34 -80.58 10.14
N ASP A 601 46.37 -80.03 10.76
CA ASP A 601 47.02 -80.72 11.88
C ASP A 601 46.25 -80.59 13.18
N LYS A 602 45.56 -79.46 13.38
CA LYS A 602 44.90 -79.21 14.66
C LYS A 602 43.64 -80.04 14.84
N CYS A 603 42.98 -80.43 13.75
CA CYS A 603 41.79 -81.27 13.84
C CYS A 603 42.12 -82.75 13.82
N MET A 604 43.39 -83.13 13.89
CA MET A 604 43.80 -84.53 13.88
C MET A 604 43.43 -85.16 15.21
N GLN A 605 42.31 -85.88 15.23
CA GLN A 605 41.82 -86.66 16.38
C GLN A 605 41.57 -85.76 17.59
N ASP A 606 40.69 -84.79 17.40
CA ASP A 606 40.16 -84.06 18.55
C ASP A 606 38.63 -84.03 18.56
N HIS A 607 38.00 -83.91 17.37
CA HIS A 607 36.55 -83.98 17.15
C HIS A 607 35.75 -83.13 18.15
N ASP A 608 36.25 -81.95 18.45
CA ASP A 608 35.62 -81.01 19.37
C ASP A 608 35.34 -79.70 18.63
N CYS A 609 34.83 -78.72 19.37
CA CYS A 609 34.54 -77.42 18.80
C CYS A 609 35.76 -76.49 18.81
N LYS A 610 36.87 -76.89 19.45
CA LYS A 610 38.08 -76.08 19.43
C LYS A 610 38.71 -76.05 18.04
N ASP A 611 38.55 -77.13 17.28
CA ASP A 611 38.88 -77.11 15.86
C ASP A 611 37.84 -76.29 15.14
N TRP A 612 38.18 -75.04 14.83
CA TRP A 612 37.23 -74.09 14.28
C TRP A 612 36.84 -74.40 12.84
N VAL A 613 37.57 -75.30 12.17
CA VAL A 613 37.29 -75.65 10.78
C VAL A 613 36.43 -76.89 10.65
N HIS A 614 36.04 -77.52 11.76
CA HIS A 614 35.40 -78.83 11.73
C HIS A 614 33.90 -78.72 11.51
N LYS A 615 33.25 -77.84 12.27
CA LYS A 615 31.79 -77.68 12.28
C LYS A 615 31.22 -77.43 10.88
N GLU A 616 31.81 -76.46 10.17
CA GLU A 616 31.40 -76.16 8.79
C GLU A 616 31.42 -77.41 7.91
N ILE A 617 32.46 -78.22 8.00
CA ILE A 617 32.49 -79.49 7.28
C ILE A 617 31.30 -80.35 7.66
N VAL A 618 31.11 -80.60 8.95
CA VAL A 618 30.04 -81.49 9.42
C VAL A 618 28.64 -80.98 9.06
N THR A 619 28.51 -79.70 8.75
CA THR A 619 27.19 -79.18 8.39
C THR A 619 26.98 -79.05 6.88
N ALA A 620 27.94 -78.47 6.15
CA ALA A 620 27.93 -78.51 4.70
C ALA A 620 27.83 -79.91 4.12
N LEU A 621 28.41 -80.92 4.80
CA LEU A 621 28.29 -82.28 4.31
C LEU A 621 26.93 -82.88 4.63
N SER A 622 26.33 -82.46 5.74
CA SER A 622 24.97 -82.89 6.07
C SER A 622 23.98 -82.36 5.05
N CYS A 623 24.11 -81.07 4.69
CA CYS A 623 23.24 -80.50 3.65
C CYS A 623 23.48 -81.19 2.30
N GLY A 624 24.74 -81.43 1.95
CA GLY A 624 25.05 -82.15 0.72
C GLY A 624 25.29 -81.26 -0.48
N LYS A 625 26.08 -80.22 -0.31
CA LYS A 625 26.36 -79.26 -1.36
C LYS A 625 27.76 -79.48 -1.92
N ASN A 626 28.12 -78.67 -2.91
CA ASN A 626 29.40 -78.83 -3.60
C ASN A 626 30.52 -78.28 -2.75
N ILE A 627 31.46 -79.14 -2.39
CA ILE A 627 32.63 -78.75 -1.59
C ILE A 627 33.87 -78.88 -2.48
N VAL A 628 34.36 -77.74 -2.96
CA VAL A 628 35.56 -77.69 -3.80
C VAL A 628 36.77 -77.44 -2.91
N PRO A 629 37.70 -78.39 -2.81
CA PRO A 629 38.97 -78.11 -2.13
C PRO A 629 39.95 -77.41 -3.04
N ILE A 630 40.78 -76.55 -2.44
CA ILE A 630 41.83 -75.84 -3.14
C ILE A 630 43.15 -76.45 -2.75
N ILE A 631 43.84 -77.04 -3.71
CA ILE A 631 45.10 -77.73 -3.44
C ILE A 631 46.24 -76.74 -3.65
N ASP A 632 46.98 -76.46 -2.59
CA ASP A 632 48.12 -75.54 -2.68
C ASP A 632 49.13 -75.90 -1.60
N GLY A 633 50.34 -76.27 -2.04
CA GLY A 633 51.44 -76.53 -1.14
C GLY A 633 51.27 -77.72 -0.21
N PHE A 634 50.26 -78.55 -0.41
CA PHE A 634 50.02 -79.67 0.49
C PHE A 634 49.15 -80.70 -0.20
N GLU A 635 49.44 -81.98 0.08
CA GLU A 635 48.67 -83.10 -0.42
C GLU A 635 48.07 -83.88 0.76
N TRP A 636 47.20 -84.82 0.44
CA TRP A 636 46.37 -85.46 1.44
C TRP A 636 47.16 -86.43 2.30
N PRO A 637 46.78 -86.60 3.58
CA PRO A 637 47.46 -87.56 4.46
C PRO A 637 46.86 -88.96 4.42
N GLU A 638 47.37 -89.84 5.27
CA GLU A 638 46.77 -91.15 5.45
C GLU A 638 45.40 -91.02 6.11
N PRO A 639 44.47 -91.97 5.86
CA PRO A 639 43.08 -91.78 6.31
C PRO A 639 42.83 -92.15 7.77
N GLN A 640 43.89 -92.31 8.56
CA GLN A 640 43.76 -92.62 9.97
C GLN A 640 43.90 -91.39 10.87
N VAL A 641 44.22 -90.23 10.30
CA VAL A 641 44.47 -89.04 11.08
C VAL A 641 43.20 -88.21 11.19
N LEU A 642 42.06 -88.78 10.82
CA LEU A 642 40.81 -88.06 10.85
C LEU A 642 39.69 -89.01 11.26
N PRO A 643 38.65 -88.51 11.96
CA PRO A 643 37.62 -89.40 12.50
C PRO A 643 36.69 -89.98 11.44
N GLU A 644 35.69 -90.74 11.89
CA GLU A 644 34.81 -91.47 10.99
C GLU A 644 33.93 -90.54 10.16
N ASP A 645 33.59 -89.37 10.69
CA ASP A 645 32.85 -88.40 9.92
C ASP A 645 33.73 -87.62 8.95
N MET A 646 35.06 -87.77 9.06
CA MET A 646 36.00 -87.00 8.24
C MET A 646 36.78 -87.88 7.28
N GLN A 647 36.27 -89.07 6.97
CA GLN A 647 36.89 -89.91 5.96
C GLN A 647 36.53 -89.48 4.54
N ALA A 648 35.47 -88.69 4.36
CA ALA A 648 35.03 -88.31 3.03
C ALA A 648 35.91 -87.22 2.43
N VAL A 649 36.35 -86.27 3.25
CA VAL A 649 37.11 -85.11 2.75
C VAL A 649 38.48 -85.54 2.26
N LEU A 650 39.06 -86.58 2.86
CA LEU A 650 40.34 -87.12 2.41
C LEU A 650 40.28 -87.66 0.99
N THR A 651 39.10 -88.02 0.49
CA THR A 651 38.95 -88.64 -0.80
C THR A 651 38.63 -87.66 -1.92
N PHE A 652 38.18 -86.44 -1.59
CA PHE A 652 37.81 -85.48 -2.61
C PHE A 652 39.04 -84.93 -3.32
N ASN A 653 38.80 -84.40 -4.51
CA ASN A 653 39.83 -83.78 -5.33
C ASN A 653 39.37 -82.40 -5.74
N GLY A 654 40.32 -81.49 -5.95
CA GLY A 654 39.98 -80.13 -6.31
C GLY A 654 40.97 -79.45 -7.22
N ILE A 655 40.92 -78.13 -7.24
CA ILE A 655 41.76 -77.35 -8.15
C ILE A 655 43.13 -77.15 -7.52
N LYS A 656 44.16 -77.15 -8.36
CA LYS A 656 45.54 -76.90 -7.94
C LYS A 656 45.87 -75.44 -8.23
N TRP A 657 46.00 -74.64 -7.18
CA TRP A 657 46.22 -73.21 -7.34
C TRP A 657 47.66 -72.93 -7.75
N SER A 658 47.83 -71.90 -8.58
CA SER A 658 49.14 -71.46 -9.02
C SER A 658 49.20 -69.94 -8.97
N HIS A 659 50.39 -69.43 -8.67
CA HIS A 659 50.61 -67.99 -8.53
C HIS A 659 51.12 -67.35 -9.82
N GLU A 660 50.89 -67.99 -10.96
CA GLU A 660 51.33 -67.46 -12.25
C GLU A 660 50.19 -67.22 -13.22
N TYR A 661 49.23 -68.13 -13.29
CA TYR A 661 48.11 -68.03 -14.21
C TYR A 661 46.80 -67.99 -13.42
N GLN A 662 46.76 -67.09 -12.41
CA GLN A 662 45.62 -66.99 -11.50
C GLN A 662 44.30 -66.81 -12.24
N GLU A 663 44.32 -66.06 -13.35
CA GLU A 663 43.10 -65.82 -14.10
C GLU A 663 42.55 -67.10 -14.71
N ALA A 664 43.43 -67.95 -15.23
CA ALA A 664 43.00 -69.26 -15.74
C ALA A 664 42.43 -70.13 -14.63
N THR A 665 43.06 -70.09 -13.45
CA THR A 665 42.58 -70.87 -12.31
C THR A 665 41.18 -70.43 -11.90
N ILE A 666 40.91 -69.13 -11.97
CA ILE A 666 39.57 -68.64 -11.65
C ILE A 666 38.57 -69.05 -12.75
N GLU A 667 38.98 -68.92 -14.01
CA GLU A 667 38.16 -69.36 -15.14
C GLU A 667 37.81 -70.85 -15.05
N LYS A 668 38.64 -71.63 -14.36
CA LYS A 668 38.37 -73.04 -14.20
C LYS A 668 37.58 -73.34 -12.93
N ILE A 669 37.81 -72.57 -11.87
CA ILE A 669 37.09 -72.80 -10.62
C ILE A 669 35.64 -72.33 -10.70
N ILE A 670 35.31 -71.46 -11.65
CA ILE A 670 33.91 -71.07 -11.84
C ILE A 670 33.05 -72.29 -12.18
N ARG A 671 33.52 -73.11 -13.11
CA ARG A 671 32.75 -74.28 -13.56
C ARG A 671 32.58 -75.33 -12.47
N PHE A 672 33.57 -75.46 -11.57
CA PHE A 672 33.52 -76.50 -10.53
C PHE A 672 32.48 -76.23 -9.46
N LEU A 673 31.92 -75.03 -9.41
CA LEU A 673 30.82 -74.74 -8.50
C LEU A 673 29.53 -75.27 -9.12
N GLN A 674 28.39 -74.86 -8.56
CA GLN A 674 27.10 -75.06 -9.19
C GLN A 674 26.77 -73.95 -10.18
N GLY A 675 27.79 -73.27 -10.73
CA GLY A 675 27.60 -72.13 -11.61
C GLY A 675 26.70 -72.41 -12.80
N ARG A 676 26.72 -73.64 -13.29
CA ARG A 676 25.78 -74.06 -14.33
C ARG A 676 24.33 -73.89 -13.88
N SER A 677 24.02 -74.20 -12.62
CA SER A 677 22.66 -74.08 -12.10
C SER A 677 22.61 -73.28 -10.79
N SER A 678 23.37 -72.20 -10.69
CA SER A 678 23.32 -71.41 -9.47
C SER A 678 22.10 -70.49 -9.44
N ARG A 679 21.88 -69.90 -8.26
CA ARG A 679 20.92 -68.82 -8.03
C ARG A 679 19.49 -69.18 -8.42
N GLY B 30 75.38 -29.85 16.79
CA GLY B 30 76.29 -29.44 15.74
C GLY B 30 75.62 -29.39 14.38
N ALA B 31 74.29 -29.59 14.38
CA ALA B 31 73.53 -29.55 13.14
C ALA B 31 73.54 -28.17 12.52
N GLY B 32 73.41 -27.13 13.34
CA GLY B 32 73.54 -25.76 12.85
C GLY B 32 74.95 -25.38 12.44
N THR B 33 75.93 -26.21 12.74
CA THR B 33 77.31 -26.02 12.27
C THR B 33 77.63 -26.87 11.05
N GLU B 34 77.09 -28.08 10.97
CA GLU B 34 77.51 -29.06 9.98
C GLU B 34 76.87 -28.80 8.61
N VAL B 35 76.02 -27.79 8.49
CA VAL B 35 75.39 -27.45 7.21
C VAL B 35 76.41 -27.07 6.14
N GLN B 36 77.61 -26.67 6.56
CA GLN B 36 78.74 -26.57 5.66
C GLN B 36 79.64 -27.80 5.71
N ASP B 37 79.67 -28.49 6.84
CA ASP B 37 80.68 -29.52 7.08
C ASP B 37 80.29 -30.87 6.48
N ALA B 38 79.02 -31.23 6.55
CA ALA B 38 78.58 -32.49 5.96
C ALA B 38 78.63 -32.44 4.44
N LEU B 39 78.30 -31.29 3.86
CA LEU B 39 78.39 -31.15 2.41
C LEU B 39 79.82 -30.96 1.93
N GLU B 40 80.75 -30.61 2.81
CA GLU B 40 82.15 -30.51 2.43
C GLU B 40 82.90 -31.83 2.62
N ARG B 41 82.19 -32.94 2.82
CA ARG B 41 82.83 -34.24 2.88
C ARG B 41 82.10 -35.29 2.06
N ALA B 42 81.00 -34.96 1.41
CA ALA B 42 80.24 -35.89 0.58
C ALA B 42 80.35 -35.57 -0.90
N LEU B 43 80.02 -34.34 -1.29
CA LEU B 43 80.35 -33.85 -2.62
C LEU B 43 81.81 -34.04 -3.07
N PRO B 44 82.87 -33.88 -2.19
CA PRO B 44 84.25 -34.21 -2.61
C PRO B 44 84.48 -35.48 -3.43
N GLU B 45 83.77 -36.58 -3.16
CA GLU B 45 84.07 -37.84 -3.83
C GLU B 45 83.07 -38.16 -4.93
N LEU B 46 81.78 -38.08 -4.61
CA LEU B 46 80.74 -38.29 -5.61
C LEU B 46 80.81 -37.29 -6.75
N GLN B 47 81.21 -36.04 -6.46
CA GLN B 47 81.34 -34.99 -7.48
C GLN B 47 82.17 -35.43 -8.68
N GLN B 48 83.12 -36.33 -8.49
CA GLN B 48 83.80 -36.96 -9.62
C GLN B 48 83.22 -38.33 -9.95
N ALA B 49 82.81 -39.12 -8.95
CA ALA B 49 82.42 -40.49 -9.24
C ALA B 49 81.13 -40.61 -10.05
N LEU B 50 80.18 -39.69 -9.87
CA LEU B 50 78.95 -39.65 -10.66
C LEU B 50 79.19 -39.59 -12.18
N SER B 51 80.27 -38.98 -12.63
CA SER B 51 80.61 -39.00 -14.05
C SER B 51 81.88 -39.77 -14.36
N ALA B 52 82.55 -40.31 -13.34
CA ALA B 52 83.75 -41.13 -13.55
C ALA B 52 83.50 -42.24 -14.56
N LEU B 53 82.32 -42.85 -14.50
CA LEU B 53 81.91 -43.88 -15.46
C LEU B 53 80.55 -43.42 -15.99
N LYS B 54 80.59 -42.56 -17.00
CA LYS B 54 79.43 -41.91 -17.58
C LYS B 54 79.28 -42.19 -19.06
N GLN B 55 80.38 -42.27 -19.78
CA GLN B 55 80.40 -42.60 -21.19
C GLN B 55 80.68 -44.08 -21.45
N ALA B 56 81.11 -44.83 -20.44
CA ALA B 56 81.47 -46.22 -20.62
C ALA B 56 80.23 -47.06 -20.90
N GLY B 57 80.24 -47.77 -22.02
CA GLY B 57 79.16 -48.65 -22.38
C GLY B 57 79.34 -50.07 -21.88
N GLY B 58 80.20 -50.23 -20.87
CA GLY B 58 80.41 -51.54 -20.30
C GLY B 58 79.16 -52.08 -19.63
N ALA B 59 78.90 -53.37 -19.83
CA ALA B 59 77.75 -54.02 -19.21
C ALA B 59 77.91 -54.06 -17.69
N ARG B 60 79.06 -54.55 -17.22
CA ARG B 60 79.33 -54.68 -15.80
C ARG B 60 80.00 -53.45 -15.22
N ALA B 61 80.30 -52.45 -16.04
CA ALA B 61 80.99 -51.26 -15.56
C ALA B 61 80.04 -50.27 -14.90
N VAL B 62 78.81 -50.17 -15.43
CA VAL B 62 77.83 -49.20 -14.92
C VAL B 62 77.45 -49.55 -13.48
N GLY B 63 77.32 -50.85 -13.19
CA GLY B 63 76.83 -51.31 -11.91
C GLY B 63 77.66 -50.84 -10.73
N ALA B 64 78.98 -50.70 -10.92
CA ALA B 64 79.85 -50.34 -9.81
C ALA B 64 79.60 -48.91 -9.36
N GLY B 65 79.63 -47.97 -10.30
CA GLY B 65 79.28 -46.59 -9.99
C GLY B 65 77.86 -46.46 -9.44
N LEU B 66 76.93 -47.22 -10.01
CA LEU B 66 75.56 -47.22 -9.49
C LEU B 66 75.51 -47.61 -8.01
N ALA B 67 76.13 -48.74 -7.67
CA ALA B 67 76.20 -49.20 -6.30
C ALA B 67 76.88 -48.18 -5.39
N GLU B 68 77.96 -47.56 -5.89
CA GLU B 68 78.66 -46.52 -5.14
C GLU B 68 77.72 -45.37 -4.75
N VAL B 69 77.01 -44.82 -5.73
CA VAL B 69 76.10 -43.70 -5.47
C VAL B 69 74.96 -44.13 -4.55
N PHE B 70 74.43 -45.34 -4.79
CA PHE B 70 73.38 -45.89 -3.94
C PHE B 70 73.84 -46.01 -2.49
N GLN B 71 75.09 -46.43 -2.28
CA GLN B 71 75.66 -46.47 -0.94
C GLN B 71 75.69 -45.08 -0.32
N LEU B 72 76.15 -44.08 -1.07
CA LEU B 72 76.20 -42.72 -0.53
C LEU B 72 74.82 -42.19 -0.14
N VAL B 73 73.82 -42.36 -1.02
CA VAL B 73 72.48 -41.90 -0.64
C VAL B 73 71.89 -42.74 0.49
N GLU B 74 72.36 -43.97 0.69
CA GLU B 74 71.95 -44.70 1.88
C GLU B 74 72.79 -44.33 3.09
N GLU B 75 73.84 -43.54 2.89
CA GLU B 75 74.65 -43.04 4.00
C GLU B 75 74.11 -41.73 4.53
N ALA B 76 73.70 -40.84 3.61
CA ALA B 76 73.12 -39.56 3.99
C ALA B 76 71.92 -39.72 4.91
N TRP B 77 70.98 -40.60 4.53
CA TRP B 77 69.80 -40.83 5.36
C TRP B 77 70.11 -41.56 6.65
N LEU B 78 71.26 -42.25 6.73
CA LEU B 78 71.46 -43.20 7.80
C LEU B 78 71.69 -42.53 9.15
N LEU B 79 72.65 -41.61 9.22
CA LEU B 79 73.05 -41.05 10.51
C LEU B 79 71.94 -40.11 11.00
N PRO B 80 71.38 -40.34 12.18
CA PRO B 80 70.22 -39.55 12.61
C PRO B 80 70.59 -38.13 12.99
N ALA B 81 69.56 -37.27 12.98
CA ALA B 81 69.60 -35.85 13.34
C ALA B 81 70.47 -35.01 12.41
N VAL B 82 71.01 -35.60 11.34
CA VAL B 82 71.81 -34.86 10.38
C VAL B 82 71.31 -35.14 8.98
N GLY B 83 70.44 -36.15 8.82
CA GLY B 83 70.20 -36.66 7.49
C GLY B 83 69.28 -35.85 6.61
N ARG B 84 68.55 -34.88 7.18
CA ARG B 84 67.57 -34.13 6.39
C ARG B 84 68.27 -33.16 5.44
N GLU B 85 69.15 -32.31 5.98
CA GLU B 85 69.77 -31.32 5.10
C GLU B 85 70.85 -31.96 4.23
N VAL B 86 71.64 -32.88 4.79
CA VAL B 86 72.65 -33.58 4.00
C VAL B 86 71.99 -34.39 2.89
N ALA B 87 70.75 -34.84 3.08
CA ALA B 87 70.07 -35.52 1.99
C ALA B 87 69.53 -34.54 0.96
N GLN B 88 68.90 -33.46 1.42
CA GLN B 88 68.19 -32.58 0.48
C GLN B 88 69.17 -31.77 -0.37
N GLY B 89 70.22 -31.24 0.24
CA GLY B 89 71.20 -30.50 -0.53
C GLY B 89 71.98 -31.39 -1.49
N LEU B 90 72.28 -32.61 -1.05
CA LEU B 90 72.93 -33.58 -1.94
C LEU B 90 72.06 -33.90 -3.15
N CYS B 91 70.77 -34.13 -2.92
CA CYS B 91 69.87 -34.43 -4.03
C CYS B 91 69.77 -33.23 -4.97
N ASP B 92 69.70 -32.02 -4.42
CA ASP B 92 69.71 -30.82 -5.26
C ASP B 92 70.99 -30.72 -6.08
N ALA B 93 72.13 -31.11 -5.51
CA ALA B 93 73.37 -31.06 -6.28
C ALA B 93 73.40 -32.11 -7.39
N ILE B 94 72.83 -33.29 -7.12
CA ILE B 94 72.69 -34.30 -8.17
C ILE B 94 71.75 -33.80 -9.26
N ARG B 95 70.76 -32.98 -8.89
CA ARG B 95 69.92 -32.39 -9.93
C ARG B 95 70.70 -31.38 -10.75
N LEU B 96 71.45 -30.50 -10.08
CA LEU B 96 72.13 -29.41 -10.76
C LEU B 96 73.34 -29.84 -11.57
N ASP B 97 73.78 -31.09 -11.40
CA ASP B 97 75.03 -31.58 -12.05
C ASP B 97 74.75 -32.16 -13.44
N GLY B 98 73.48 -32.32 -13.79
CA GLY B 98 73.11 -32.84 -15.09
C GLY B 98 73.18 -34.35 -15.14
N GLY B 99 72.66 -35.01 -14.12
CA GLY B 99 72.71 -36.47 -14.05
C GLY B 99 71.37 -37.16 -14.16
N LEU B 100 70.28 -36.39 -14.12
CA LEU B 100 68.96 -36.98 -14.31
C LEU B 100 68.80 -37.53 -15.71
N ASP B 101 69.34 -36.84 -16.72
CA ASP B 101 69.27 -37.34 -18.07
C ASP B 101 70.03 -38.64 -18.22
N LEU B 102 71.11 -38.83 -17.45
CA LEU B 102 71.84 -40.09 -17.47
C LEU B 102 70.97 -41.23 -16.99
N LEU B 103 70.24 -41.01 -15.90
CA LEU B 103 69.30 -42.01 -15.40
C LEU B 103 68.20 -42.28 -16.41
N LEU B 104 67.65 -41.23 -17.01
CA LEU B 104 66.59 -41.41 -17.99
C LEU B 104 67.07 -42.13 -19.24
N ARG B 105 68.35 -42.01 -19.58
CA ARG B 105 68.91 -42.84 -20.64
C ARG B 105 69.01 -44.29 -20.18
N LEU B 106 69.69 -44.53 -19.05
CA LEU B 106 69.91 -45.89 -18.58
C LEU B 106 68.62 -46.63 -18.23
N LEU B 107 67.49 -45.94 -18.09
CA LEU B 107 66.24 -46.65 -17.92
C LEU B 107 65.77 -47.32 -19.20
N GLN B 108 66.30 -46.93 -20.36
CA GLN B 108 65.91 -47.53 -21.62
C GLN B 108 66.96 -48.50 -22.17
N ALA B 109 67.96 -48.85 -21.37
CA ALA B 109 69.03 -49.73 -21.82
C ALA B 109 68.48 -51.13 -22.10
N PRO B 110 69.10 -51.87 -23.04
CA PRO B 110 68.59 -53.21 -23.34
C PRO B 110 68.86 -54.24 -22.27
N GLU B 111 69.92 -54.09 -21.49
CA GLU B 111 70.20 -55.03 -20.43
C GLU B 111 69.25 -54.80 -19.26
N LEU B 112 69.00 -55.86 -18.49
CA LEU B 112 67.97 -55.80 -17.47
C LEU B 112 68.51 -55.45 -16.09
N GLU B 113 69.72 -55.90 -15.75
CA GLU B 113 70.22 -55.64 -14.40
C GLU B 113 70.68 -54.20 -14.24
N THR B 114 71.12 -53.57 -15.33
CA THR B 114 71.38 -52.15 -15.26
C THR B 114 70.08 -51.37 -15.10
N ARG B 115 68.99 -51.86 -15.69
CA ARG B 115 67.70 -51.21 -15.52
C ARG B 115 67.25 -51.28 -14.08
N VAL B 116 67.37 -52.47 -13.45
CA VAL B 116 66.87 -52.59 -12.09
C VAL B 116 67.75 -51.79 -11.12
N GLN B 117 69.05 -51.72 -11.36
CA GLN B 117 69.90 -50.92 -10.48
C GLN B 117 69.64 -49.44 -10.67
N ALA B 118 69.38 -49.00 -11.91
CA ALA B 118 69.06 -47.60 -12.15
C ALA B 118 67.73 -47.21 -11.52
N ALA B 119 66.76 -48.12 -11.55
CA ALA B 119 65.47 -47.84 -10.92
C ALA B 119 65.60 -47.76 -9.41
N ARG B 120 66.35 -48.68 -8.80
CA ARG B 120 66.49 -48.66 -7.36
C ARG B 120 67.29 -47.43 -6.92
N LEU B 121 68.17 -46.92 -7.77
CA LEU B 121 68.81 -45.65 -7.44
C LEU B 121 67.87 -44.47 -7.63
N LEU B 122 67.01 -44.52 -8.64
CA LEU B 122 66.09 -43.41 -8.89
C LEU B 122 65.03 -43.29 -7.80
N GLU B 123 64.75 -44.39 -7.09
CA GLU B 123 63.77 -44.35 -6.01
C GLU B 123 64.18 -43.39 -4.90
N GLN B 124 65.48 -43.28 -4.62
CA GLN B 124 65.96 -42.59 -3.44
C GLN B 124 66.27 -41.12 -3.66
N ILE B 125 65.91 -40.55 -4.80
CA ILE B 125 66.29 -39.18 -5.12
C ILE B 125 65.10 -38.24 -5.18
N LEU B 126 63.89 -38.73 -5.37
CA LEU B 126 62.73 -37.88 -5.63
C LEU B 126 62.33 -37.17 -4.34
N VAL B 127 62.78 -35.93 -4.20
CA VAL B 127 62.37 -35.05 -3.10
C VAL B 127 61.57 -33.95 -3.78
N ALA B 128 61.05 -32.99 -3.02
CA ALA B 128 60.05 -32.04 -3.50
C ALA B 128 60.52 -31.16 -4.66
N GLU B 129 61.83 -31.07 -4.90
CA GLU B 129 62.34 -30.22 -5.97
C GLU B 129 62.72 -31.01 -7.22
N ASN B 130 63.34 -32.17 -7.04
CA ASN B 130 63.73 -33.02 -8.17
C ASN B 130 62.51 -33.58 -8.88
N ARG B 131 61.42 -33.76 -8.13
CA ARG B 131 60.20 -34.35 -8.66
C ARG B 131 59.58 -33.48 -9.75
N ASP B 132 59.77 -32.16 -9.67
CA ASP B 132 59.29 -31.26 -10.70
C ASP B 132 60.00 -31.52 -12.03
N ARG B 133 61.32 -31.70 -11.97
CA ARG B 133 62.07 -31.96 -13.19
C ARG B 133 61.73 -33.31 -13.78
N VAL B 134 61.52 -34.31 -12.92
CA VAL B 134 61.16 -35.63 -13.43
C VAL B 134 59.78 -35.59 -14.06
N ALA B 135 58.86 -34.84 -13.47
CA ALA B 135 57.53 -34.69 -14.06
C ALA B 135 57.58 -33.87 -15.33
N ARG B 136 58.58 -33.00 -15.47
CA ARG B 136 58.73 -32.25 -16.72
C ARG B 136 59.15 -33.16 -17.86
N ILE B 137 60.23 -33.91 -17.69
CA ILE B 137 60.87 -34.59 -18.82
C ILE B 137 60.60 -36.09 -18.83
N GLY B 138 60.76 -36.78 -17.69
CA GLY B 138 60.93 -38.22 -17.71
C GLY B 138 59.67 -39.04 -17.92
N LEU B 139 58.49 -38.43 -17.73
CA LEU B 139 57.26 -39.14 -17.40
C LEU B 139 56.91 -40.30 -18.35
N GLY B 140 57.41 -40.29 -19.58
CA GLY B 140 57.06 -41.35 -20.51
C GLY B 140 57.82 -42.65 -20.30
N VAL B 141 59.08 -42.57 -19.89
CA VAL B 141 59.87 -43.79 -19.75
C VAL B 141 59.35 -44.64 -18.59
N ILE B 142 58.88 -44.00 -17.52
CA ILE B 142 58.31 -44.73 -16.38
C ILE B 142 57.09 -45.52 -16.82
N LEU B 143 56.24 -44.91 -17.64
CA LEU B 143 55.09 -45.61 -18.19
C LEU B 143 55.52 -46.73 -19.13
N ASN B 144 56.61 -46.53 -19.87
CA ASN B 144 57.17 -47.62 -20.67
C ASN B 144 57.67 -48.76 -19.80
N LEU B 145 58.18 -48.47 -18.60
CA LEU B 145 58.61 -49.51 -17.68
C LEU B 145 57.44 -50.19 -16.99
N ALA B 146 56.28 -49.54 -16.95
CA ALA B 146 55.11 -50.11 -16.30
C ALA B 146 54.57 -51.35 -17.02
N LYS B 147 55.01 -51.60 -18.26
CA LYS B 147 54.58 -52.82 -18.94
C LYS B 147 55.36 -54.04 -18.49
N GLU B 148 56.61 -53.87 -18.07
CA GLU B 148 57.43 -54.98 -17.60
C GLU B 148 57.01 -55.35 -16.19
N ARG B 149 56.36 -56.51 -16.04
CA ARG B 149 55.82 -56.91 -14.75
C ARG B 149 56.61 -58.01 -14.05
N GLU B 150 57.40 -58.78 -14.78
CA GLU B 150 57.94 -60.02 -14.22
C GLU B 150 59.09 -59.85 -13.22
N PRO B 151 60.18 -59.11 -13.49
CA PRO B 151 61.28 -59.07 -12.51
C PRO B 151 60.89 -58.28 -11.28
N VAL B 152 61.10 -58.89 -10.12
CA VAL B 152 60.52 -58.38 -8.88
C VAL B 152 61.26 -57.13 -8.40
N GLU B 153 62.60 -57.16 -8.46
CA GLU B 153 63.38 -55.96 -8.13
C GLU B 153 63.05 -54.77 -9.02
N LEU B 154 62.57 -55.00 -10.25
CA LEU B 154 62.05 -53.89 -11.04
C LEU B 154 60.77 -53.34 -10.44
N ALA B 155 59.81 -54.22 -10.13
CA ALA B 155 58.51 -53.76 -9.68
C ALA B 155 58.59 -53.10 -8.33
N ARG B 156 59.47 -53.60 -7.46
CA ARG B 156 59.62 -53.06 -6.12
C ARG B 156 60.09 -51.62 -6.14
N SER B 157 60.88 -51.25 -7.14
CA SER B 157 61.32 -49.87 -7.18
C SER B 157 60.40 -48.99 -8.00
N VAL B 158 59.83 -49.51 -9.09
CA VAL B 158 58.97 -48.65 -9.90
C VAL B 158 57.65 -48.38 -9.19
N ALA B 159 57.23 -49.28 -8.28
CA ALA B 159 56.08 -48.98 -7.44
C ALA B 159 56.35 -47.79 -6.54
N GLY B 160 57.57 -47.71 -5.98
CA GLY B 160 57.91 -46.55 -5.17
C GLY B 160 58.07 -45.30 -6.01
N ILE B 161 58.51 -45.45 -7.26
CA ILE B 161 58.58 -44.32 -8.16
C ILE B 161 57.19 -43.74 -8.42
N LEU B 162 56.22 -44.61 -8.69
CA LEU B 162 54.86 -44.14 -8.92
C LEU B 162 54.26 -43.57 -7.63
N GLU B 163 54.59 -44.17 -6.49
CA GLU B 163 54.18 -43.63 -5.20
C GLU B 163 54.64 -42.19 -5.02
N HIS B 164 55.91 -41.92 -5.30
CA HIS B 164 56.39 -40.56 -5.13
C HIS B 164 55.89 -39.62 -6.23
N MET B 165 55.58 -40.16 -7.42
CA MET B 165 55.14 -39.31 -8.51
C MET B 165 53.65 -38.99 -8.48
N PHE B 166 52.86 -39.72 -7.70
CA PHE B 166 51.46 -39.34 -7.56
C PHE B 166 51.25 -38.09 -6.71
N LYS B 167 52.25 -37.61 -6.00
CA LYS B 167 52.07 -36.49 -5.09
C LYS B 167 52.29 -35.14 -5.73
N HIS B 168 52.56 -35.08 -7.03
CA HIS B 168 53.03 -33.82 -7.60
C HIS B 168 51.89 -32.87 -7.89
N SER B 169 51.00 -33.23 -8.81
CA SER B 169 49.99 -32.31 -9.29
C SER B 169 48.76 -33.10 -9.72
N GLU B 170 47.71 -32.36 -10.08
CA GLU B 170 46.49 -33.00 -10.54
C GLU B 170 46.60 -33.45 -11.98
N GLU B 171 47.34 -32.70 -12.81
CA GLU B 171 47.53 -33.11 -14.19
C GLU B 171 48.37 -34.36 -14.27
N THR B 172 49.37 -34.48 -13.40
CA THR B 172 50.21 -35.68 -13.38
C THR B 172 49.39 -36.91 -12.99
N CYS B 173 48.47 -36.74 -12.05
CA CYS B 173 47.58 -37.83 -11.68
C CYS B 173 46.65 -38.18 -12.82
N GLN B 174 46.18 -37.15 -13.55
CA GLN B 174 45.30 -37.38 -14.68
C GLN B 174 46.00 -38.19 -15.76
N ARG B 175 47.26 -37.85 -16.04
CA ARG B 175 48.03 -38.60 -17.02
C ARG B 175 48.27 -40.03 -16.56
N LEU B 176 48.68 -40.21 -15.31
CA LEU B 176 49.00 -41.56 -14.85
C LEU B 176 47.76 -42.43 -14.70
N VAL B 177 46.57 -41.85 -14.61
CA VAL B 177 45.37 -42.67 -14.67
C VAL B 177 44.89 -42.85 -16.11
N ALA B 178 45.30 -41.98 -17.03
CA ALA B 178 44.78 -42.04 -18.37
C ALA B 178 45.74 -42.69 -19.35
N ALA B 179 46.96 -43.00 -18.93
CA ALA B 179 47.92 -43.70 -19.77
C ALA B 179 48.18 -45.12 -19.30
N GLY B 180 47.35 -45.65 -18.42
CA GLY B 180 47.50 -47.02 -17.97
C GLY B 180 48.47 -47.22 -16.83
N GLY B 181 48.84 -46.15 -16.12
CA GLY B 181 49.74 -46.30 -14.99
C GLY B 181 49.09 -46.76 -13.70
N LEU B 182 47.76 -46.82 -13.67
CA LEU B 182 47.04 -47.33 -12.52
C LEU B 182 46.83 -48.82 -12.59
N ASP B 183 46.67 -49.36 -13.80
CA ASP B 183 46.53 -50.78 -14.01
C ASP B 183 47.72 -51.55 -13.46
N ALA B 184 48.93 -50.99 -13.62
CA ALA B 184 50.13 -51.58 -13.03
C ALA B 184 49.99 -51.78 -11.52
N VAL B 185 49.57 -50.72 -10.83
CA VAL B 185 49.37 -50.78 -9.38
C VAL B 185 48.33 -51.84 -9.02
N LEU B 186 47.20 -51.84 -9.74
CA LEU B 186 46.14 -52.78 -9.40
C LEU B 186 46.49 -54.21 -9.78
N TYR B 187 47.44 -54.42 -10.68
CA TYR B 187 47.90 -55.78 -10.94
C TYR B 187 48.94 -56.20 -9.91
N TRP B 188 49.77 -55.27 -9.45
CA TRP B 188 50.78 -55.60 -8.47
C TRP B 188 50.19 -55.77 -7.08
N CYS B 189 48.93 -55.40 -6.89
CA CYS B 189 48.27 -55.71 -5.62
C CYS B 189 48.09 -57.21 -5.39
N ARG B 190 48.25 -58.05 -6.42
CA ARG B 190 48.05 -59.49 -6.24
C ARG B 190 49.21 -60.14 -5.48
N ARG B 191 50.43 -59.69 -5.73
CA ARG B 191 51.60 -60.43 -5.27
C ARG B 191 51.76 -60.34 -3.75
N THR B 192 52.71 -61.10 -3.22
CA THR B 192 52.84 -61.32 -1.79
C THR B 192 54.15 -60.77 -1.23
N ASP B 193 54.71 -59.76 -1.85
CA ASP B 193 55.93 -59.18 -1.30
C ASP B 193 55.61 -58.26 -0.13
N PRO B 194 56.34 -58.36 0.97
CA PRO B 194 56.04 -57.52 2.14
C PRO B 194 56.56 -56.10 2.06
N ALA B 195 57.25 -55.73 0.98
CA ALA B 195 57.66 -54.35 0.77
C ALA B 195 57.05 -53.73 -0.47
N LEU B 196 56.59 -54.54 -1.43
CA LEU B 196 55.90 -54.00 -2.59
C LEU B 196 54.52 -53.47 -2.21
N LEU B 197 53.85 -54.17 -1.30
CA LEU B 197 52.48 -53.82 -0.97
C LEU B 197 52.39 -52.52 -0.19
N ARG B 198 53.42 -52.18 0.59
CA ARG B 198 53.40 -50.89 1.27
C ARG B 198 53.44 -49.74 0.27
N HIS B 199 54.30 -49.87 -0.75
CA HIS B 199 54.35 -48.85 -1.80
C HIS B 199 53.05 -48.81 -2.59
N CYS B 200 52.43 -49.98 -2.79
CA CYS B 200 51.17 -50.04 -3.53
C CYS B 200 50.05 -49.34 -2.76
N ALA B 201 50.00 -49.57 -1.45
CA ALA B 201 48.98 -48.94 -0.62
C ALA B 201 49.18 -47.44 -0.54
N LEU B 202 50.42 -46.99 -0.34
CA LEU B 202 50.66 -45.56 -0.31
C LEU B 202 50.40 -44.90 -1.65
N ALA B 203 50.60 -45.64 -2.74
CA ALA B 203 50.29 -45.10 -4.06
C ALA B 203 48.79 -44.85 -4.20
N LEU B 204 47.97 -45.84 -3.83
CA LEU B 204 46.53 -45.64 -3.95
C LEU B 204 46.03 -44.56 -3.00
N GLY B 205 46.63 -44.48 -1.81
CA GLY B 205 46.22 -43.45 -0.86
C GLY B 205 46.55 -42.05 -1.33
N ASN B 206 47.78 -41.84 -1.81
CA ASN B 206 48.16 -40.52 -2.29
C ASN B 206 47.38 -40.12 -3.55
N CYS B 207 47.11 -41.10 -4.42
CA CYS B 207 46.33 -40.80 -5.63
C CYS B 207 44.92 -40.35 -5.27
N ALA B 208 44.26 -41.07 -4.36
CA ALA B 208 42.93 -40.63 -3.94
C ALA B 208 42.98 -39.34 -3.12
N LEU B 209 44.11 -39.04 -2.47
CA LEU B 209 44.18 -37.86 -1.62
C LEU B 209 44.39 -36.58 -2.41
N HIS B 210 45.42 -36.51 -3.24
CA HIS B 210 45.71 -35.29 -4.00
C HIS B 210 45.20 -35.35 -5.42
N GLY B 211 44.29 -36.27 -5.73
CA GLY B 211 43.88 -36.43 -7.10
C GLY B 211 42.89 -35.39 -7.59
N GLY B 212 41.69 -35.39 -7.02
CA GLY B 212 40.61 -34.58 -7.52
C GLY B 212 39.35 -35.40 -7.66
N GLN B 213 38.45 -34.92 -8.52
CA GLN B 213 37.14 -35.56 -8.65
C GLN B 213 37.11 -36.63 -9.73
N ALA B 214 37.60 -36.28 -10.93
CA ALA B 214 37.54 -37.19 -12.07
C ALA B 214 38.30 -38.48 -11.81
N VAL B 215 39.55 -38.34 -11.35
CA VAL B 215 40.39 -39.48 -11.00
C VAL B 215 39.73 -40.38 -9.96
N GLN B 216 39.00 -39.82 -9.00
CA GLN B 216 38.28 -40.65 -8.04
C GLN B 216 37.21 -41.49 -8.72
N ARG B 217 36.38 -40.85 -9.56
CA ARG B 217 35.33 -41.58 -10.28
C ARG B 217 35.92 -42.68 -11.14
N ARG B 218 37.01 -42.39 -11.85
CA ARG B 218 37.64 -43.40 -12.70
C ARG B 218 38.38 -44.44 -11.88
N MET B 219 38.72 -44.13 -10.63
CA MET B 219 39.32 -45.12 -9.74
C MET B 219 38.27 -46.11 -9.24
N VAL B 220 37.12 -45.60 -8.81
CA VAL B 220 36.07 -46.48 -8.29
C VAL B 220 35.38 -47.22 -9.44
N GLU B 221 35.46 -46.69 -10.66
CA GLU B 221 34.92 -47.44 -11.79
C GLU B 221 35.80 -48.64 -12.12
N LYS B 222 37.09 -48.56 -11.85
CA LYS B 222 38.01 -49.66 -12.14
C LYS B 222 38.10 -50.67 -10.99
N ARG B 223 37.10 -50.68 -10.10
CA ARG B 223 37.00 -51.66 -9.00
C ARG B 223 38.19 -51.58 -8.07
N ALA B 224 38.70 -50.37 -7.82
CA ALA B 224 39.81 -50.22 -6.89
C ALA B 224 39.37 -50.45 -5.45
N ALA B 225 38.10 -50.23 -5.14
CA ALA B 225 37.62 -50.48 -3.79
C ALA B 225 37.64 -51.97 -3.47
N GLU B 226 37.44 -52.82 -4.48
CA GLU B 226 37.46 -54.25 -4.26
C GLU B 226 38.87 -54.76 -4.05
N TRP B 227 39.85 -54.21 -4.77
CA TRP B 227 41.20 -54.72 -4.69
C TRP B 227 41.90 -54.30 -3.40
N LEU B 228 41.36 -53.31 -2.68
CA LEU B 228 41.95 -52.93 -1.41
C LEU B 228 41.66 -53.93 -0.31
N PHE B 229 40.68 -54.82 -0.51
CA PHE B 229 40.30 -55.75 0.55
C PHE B 229 41.38 -56.80 0.87
N PRO B 230 42.01 -57.48 -0.11
CA PRO B 230 43.11 -58.38 0.27
C PRO B 230 44.30 -57.66 0.84
N LEU B 231 44.39 -56.34 0.66
CA LEU B 231 45.49 -55.58 1.21
C LEU B 231 45.24 -55.19 2.66
N ALA B 232 43.98 -55.11 3.08
CA ALA B 232 43.64 -54.72 4.43
C ALA B 232 43.36 -55.90 5.35
N PHE B 233 43.19 -57.10 4.80
CA PHE B 233 42.85 -58.27 5.58
C PHE B 233 44.06 -59.11 5.94
N SER B 234 45.24 -58.78 5.42
CA SER B 234 46.44 -59.53 5.75
C SER B 234 46.83 -59.27 7.20
N LYS B 235 46.89 -60.34 7.98
CA LYS B 235 47.17 -60.25 9.42
C LYS B 235 48.66 -60.43 9.72
N GLU B 236 49.53 -59.98 8.82
CA GLU B 236 50.97 -60.09 8.99
C GLU B 236 51.60 -58.82 9.54
N ASP B 237 51.15 -57.66 9.09
CA ASP B 237 51.69 -56.39 9.54
C ASP B 237 50.57 -55.37 9.64
N GLU B 238 50.78 -54.37 10.49
CA GLU B 238 49.75 -53.37 10.74
C GLU B 238 49.91 -52.09 9.93
N LEU B 239 51.11 -51.81 9.42
CA LEU B 239 51.27 -50.63 8.59
C LEU B 239 50.51 -50.79 7.27
N LEU B 240 50.49 -52.01 6.72
CA LEU B 240 49.72 -52.26 5.52
C LEU B 240 48.23 -52.04 5.75
N ARG B 241 47.74 -52.50 6.91
CA ARG B 241 46.34 -52.32 7.22
C ARG B 241 46.01 -50.84 7.45
N LEU B 242 46.93 -50.11 8.06
CA LEU B 242 46.68 -48.68 8.28
C LEU B 242 46.63 -47.92 6.96
N HIS B 243 47.54 -48.20 6.05
CA HIS B 243 47.52 -47.45 4.80
C HIS B 243 46.34 -47.85 3.93
N ALA B 244 45.94 -49.12 3.96
CA ALA B 244 44.76 -49.54 3.21
C ALA B 244 43.49 -48.90 3.75
N CYS B 245 43.32 -48.88 5.07
CA CYS B 245 42.15 -48.26 5.65
C CYS B 245 42.12 -46.76 5.38
N LEU B 246 43.29 -46.10 5.43
CA LEU B 246 43.33 -44.68 5.11
C LEU B 246 42.87 -44.43 3.67
N ALA B 247 43.34 -45.26 2.74
CA ALA B 247 42.96 -45.07 1.35
C ALA B 247 41.46 -45.27 1.14
N VAL B 248 40.90 -46.32 1.74
CA VAL B 248 39.47 -46.56 1.55
C VAL B 248 38.64 -45.48 2.24
N ALA B 249 39.12 -44.91 3.36
CA ALA B 249 38.37 -43.85 4.01
C ALA B 249 38.36 -42.57 3.19
N VAL B 250 39.50 -42.23 2.58
CA VAL B 250 39.53 -41.03 1.74
C VAL B 250 38.67 -41.24 0.52
N LEU B 251 38.61 -42.46 -0.01
CA LEU B 251 37.71 -42.72 -1.13
C LEU B 251 36.25 -42.69 -0.70
N ALA B 252 35.95 -43.07 0.54
CA ALA B 252 34.56 -43.11 1.00
C ALA B 252 34.08 -41.79 1.57
N THR B 253 34.94 -40.79 1.66
CA THR B 253 34.49 -39.48 2.12
C THR B 253 33.65 -38.79 1.04
N ASN B 254 34.03 -38.98 -0.22
CA ASN B 254 33.28 -38.45 -1.36
C ASN B 254 31.85 -39.00 -1.37
N LYS B 255 30.89 -38.12 -1.68
CA LYS B 255 29.49 -38.52 -1.59
C LYS B 255 28.98 -39.22 -2.84
N GLU B 256 29.65 -39.04 -3.98
CA GLU B 256 29.09 -39.55 -5.22
C GLU B 256 29.20 -41.06 -5.33
N VAL B 257 30.30 -41.63 -4.84
CA VAL B 257 30.55 -43.05 -5.05
C VAL B 257 30.63 -43.81 -3.74
N GLU B 258 30.00 -43.30 -2.69
CA GLU B 258 30.00 -44.04 -1.44
C GLU B 258 29.13 -45.29 -1.51
N ARG B 259 28.17 -45.33 -2.43
CA ARG B 259 27.31 -46.50 -2.56
C ARG B 259 28.10 -47.69 -3.08
N GLU B 260 28.92 -47.46 -4.11
CA GLU B 260 29.82 -48.49 -4.62
C GLU B 260 30.75 -49.01 -3.54
N VAL B 261 31.35 -48.09 -2.76
CA VAL B 261 32.32 -48.48 -1.75
C VAL B 261 31.64 -49.29 -0.64
N GLU B 262 30.44 -48.89 -0.23
CA GLU B 262 29.73 -49.69 0.77
C GLU B 262 29.27 -51.02 0.21
N ARG B 263 28.98 -51.09 -1.09
CA ARG B 263 28.64 -52.36 -1.71
C ARG B 263 29.84 -53.27 -1.81
N SER B 264 31.05 -52.70 -1.83
CA SER B 264 32.26 -53.51 -1.88
C SER B 264 32.48 -54.27 -0.58
N GLY B 265 32.04 -53.71 0.54
CA GLY B 265 32.08 -54.41 1.81
C GLY B 265 33.39 -54.36 2.55
N THR B 266 34.31 -53.48 2.17
CA THR B 266 35.58 -53.37 2.86
C THR B 266 35.60 -52.29 3.92
N LEU B 267 34.51 -51.54 4.09
CA LEU B 267 34.46 -50.55 5.15
C LEU B 267 34.21 -51.17 6.52
N ALA B 268 33.68 -52.39 6.57
CA ALA B 268 33.40 -53.04 7.83
C ALA B 268 34.65 -53.42 8.61
N LEU B 269 35.84 -53.35 7.99
CA LEU B 269 37.07 -53.78 8.63
C LEU B 269 37.89 -52.62 9.17
N VAL B 270 37.26 -51.48 9.42
CA VAL B 270 37.98 -50.33 9.95
C VAL B 270 37.92 -50.28 11.46
N GLU B 271 36.72 -50.42 12.03
CA GLU B 271 36.48 -50.39 13.46
C GLU B 271 37.33 -51.39 14.26
N PRO B 272 37.28 -52.72 14.00
CA PRO B 272 38.12 -53.64 14.81
C PRO B 272 39.58 -53.26 14.85
N LEU B 273 40.14 -52.90 13.70
CA LEU B 273 41.56 -52.56 13.60
C LEU B 273 41.91 -51.37 14.48
N VAL B 274 41.21 -50.25 14.31
CA VAL B 274 41.46 -49.07 15.14
C VAL B 274 41.22 -49.38 16.61
N ALA B 275 40.22 -50.20 16.90
CA ALA B 275 39.93 -50.55 18.28
C ALA B 275 41.01 -51.42 18.92
N SER B 276 41.79 -52.13 18.10
CA SER B 276 42.77 -53.08 18.61
C SER B 276 44.21 -52.61 18.39
N LEU B 277 44.46 -51.31 18.57
CA LEU B 277 45.80 -50.76 18.41
C LEU B 277 46.08 -49.76 19.51
N ASP B 278 47.24 -49.12 19.42
CA ASP B 278 47.66 -48.10 20.36
C ASP B 278 48.37 -46.99 19.61
N PRO B 279 47.90 -45.75 19.69
CA PRO B 279 48.65 -44.64 19.07
C PRO B 279 50.01 -44.42 19.69
N GLY B 280 50.19 -44.81 20.95
CA GLY B 280 51.43 -44.54 21.64
C GLY B 280 52.60 -45.35 21.11
N ARG B 281 52.31 -46.56 20.61
CA ARG B 281 53.34 -47.41 20.03
C ARG B 281 53.61 -47.10 18.57
N PHE B 282 52.62 -46.61 17.82
CA PHE B 282 52.90 -46.11 16.48
C PHE B 282 53.46 -44.69 16.50
N ALA B 283 53.28 -43.97 17.61
CA ALA B 283 54.25 -42.95 17.97
C ALA B 283 55.54 -43.65 18.35
N ARG B 284 56.67 -43.05 17.97
CA ARG B 284 58.04 -43.58 17.91
C ARG B 284 58.18 -44.52 16.69
N LEU B 286 56.89 -44.27 12.49
CA LEU B 286 56.74 -43.19 11.49
C LEU B 286 57.73 -42.04 11.72
N VAL B 287 58.76 -42.28 12.54
CA VAL B 287 59.84 -41.32 12.74
C VAL B 287 61.15 -41.81 12.17
N ASP B 288 61.21 -43.07 11.70
CA ASP B 288 62.41 -43.66 11.11
C ASP B 288 62.21 -44.23 9.71
N ALA B 289 60.96 -44.44 9.28
CA ALA B 289 60.71 -45.26 8.11
C ALA B 289 60.94 -44.48 6.82
N SER B 290 60.20 -43.41 6.61
CA SER B 290 60.21 -42.71 5.33
C SER B 290 61.51 -41.93 5.12
N ASP B 291 61.72 -40.90 5.95
CA ASP B 291 62.87 -40.04 5.76
C ASP B 291 63.49 -39.56 7.07
N THR B 292 63.05 -40.09 8.22
CA THR B 292 63.46 -39.65 9.56
C THR B 292 63.21 -38.15 9.74
N SER B 293 61.93 -37.79 9.64
CA SER B 293 61.49 -36.41 9.71
C SER B 293 60.55 -36.22 10.89
N GLN B 294 60.28 -34.96 11.22
CA GLN B 294 59.39 -34.62 12.33
C GLN B 294 57.94 -34.51 11.85
N GLY B 295 57.46 -35.59 11.23
CA GLY B 295 56.08 -35.70 10.85
C GLY B 295 55.78 -35.13 9.48
N ARG B 296 54.49 -35.03 9.20
CA ARG B 296 54.00 -34.55 7.92
C ARG B 296 53.78 -33.05 7.97
N GLY B 297 53.81 -32.43 6.79
CA GLY B 297 53.79 -30.99 6.68
C GLY B 297 52.41 -30.42 6.94
N PRO B 298 52.35 -29.09 7.03
CA PRO B 298 51.04 -28.42 7.18
C PRO B 298 50.08 -28.69 6.04
N ASP B 299 50.58 -28.60 4.80
CA ASP B 299 49.71 -28.83 3.65
C ASP B 299 49.35 -30.30 3.51
N ASP B 300 50.15 -31.19 4.11
CA ASP B 300 49.75 -32.57 4.23
C ASP B 300 48.76 -32.75 5.38
N LEU B 301 48.87 -31.91 6.42
CA LEU B 301 47.98 -32.05 7.56
C LEU B 301 46.59 -31.51 7.28
N GLN B 302 46.44 -30.60 6.31
CA GLN B 302 45.09 -30.15 5.98
C GLN B 302 44.34 -31.12 5.09
N ARG B 303 44.93 -32.29 4.80
CA ARG B 303 44.25 -33.31 4.04
C ARG B 303 43.45 -34.27 4.92
N LEU B 304 43.65 -34.19 6.23
CA LEU B 304 42.95 -35.03 7.19
C LEU B 304 41.75 -34.36 7.83
N VAL B 305 41.81 -33.03 8.01
CA VAL B 305 40.72 -32.32 8.69
C VAL B 305 39.41 -32.38 7.91
N PRO B 306 39.35 -32.26 6.58
CA PRO B 306 38.07 -32.44 5.90
C PRO B 306 37.47 -33.83 6.01
N LEU B 307 38.25 -34.87 6.29
CA LEU B 307 37.62 -36.16 6.57
C LEU B 307 37.31 -36.35 8.04
N LEU B 308 37.68 -35.39 8.88
CA LEU B 308 37.32 -35.45 10.29
C LEU B 308 35.91 -34.94 10.53
N ASP B 309 35.37 -34.15 9.61
CA ASP B 309 34.02 -33.61 9.71
C ASP B 309 33.20 -34.20 8.57
N SER B 310 32.60 -35.35 8.82
CA SER B 310 31.78 -36.00 7.81
C SER B 310 30.82 -36.95 8.52
N ASN B 311 29.73 -37.27 7.84
CA ASN B 311 28.71 -38.15 8.43
C ASN B 311 29.02 -39.61 8.14
N ARG B 312 30.24 -40.02 8.43
CA ARG B 312 30.65 -41.42 8.37
C ARG B 312 31.45 -41.72 9.62
N LEU B 313 31.43 -42.97 10.05
CA LEU B 313 32.05 -43.28 11.32
C LEU B 313 33.49 -43.76 11.16
N GLU B 314 33.72 -44.67 10.21
CA GLU B 314 35.07 -45.17 9.90
C GLU B 314 36.04 -44.03 9.58
N ALA B 315 35.63 -43.12 8.70
CA ALA B 315 36.43 -41.96 8.34
C ALA B 315 36.85 -41.16 9.56
N GLN B 316 35.89 -40.83 10.42
CA GLN B 316 36.18 -40.09 11.64
C GLN B 316 37.16 -40.83 12.54
N CYS B 317 36.99 -42.15 12.67
CA CYS B 317 37.90 -42.92 13.52
C CYS B 317 39.32 -42.88 13.00
N ILE B 318 39.51 -43.16 11.72
CA ILE B 318 40.83 -43.12 11.10
C ILE B 318 41.47 -41.73 11.23
N GLY B 319 40.69 -40.68 10.95
CA GLY B 319 41.19 -39.32 11.11
C GLY B 319 41.65 -39.03 12.51
N ALA B 320 40.83 -39.37 13.50
CA ALA B 320 41.20 -39.26 14.91
C ALA B 320 42.52 -39.96 15.20
N PHE B 321 42.67 -41.20 14.71
CA PHE B 321 43.90 -41.96 14.90
C PHE B 321 45.12 -41.22 14.38
N TYR B 322 45.07 -40.79 13.12
CA TYR B 322 46.22 -40.12 12.52
C TYR B 322 46.54 -38.82 13.23
N LEU B 323 45.52 -38.03 13.57
CA LEU B 323 45.75 -36.78 14.28
C LEU B 323 46.36 -37.02 15.65
N CYS B 324 45.87 -38.02 16.39
CA CYS B 324 46.46 -38.37 17.67
C CYS B 324 47.94 -38.69 17.53
N ALA B 325 48.28 -39.54 16.56
CA ALA B 325 49.69 -39.90 16.33
C ALA B 325 50.54 -38.69 16.00
N GLU B 326 50.09 -37.88 15.04
CA GLU B 326 50.82 -36.67 14.67
C GLU B 326 50.96 -35.70 15.83
N ALA B 327 49.90 -35.52 16.62
CA ALA B 327 49.97 -34.69 17.81
C ALA B 327 51.03 -35.18 18.78
N ALA B 328 51.08 -36.50 18.99
CA ALA B 328 52.13 -37.09 19.80
C ALA B 328 53.51 -36.72 19.29
N ILE B 329 53.74 -36.89 17.99
CA ILE B 329 55.06 -36.63 17.43
C ILE B 329 55.40 -35.13 17.49
N LYS B 330 54.43 -34.25 17.31
CA LYS B 330 54.69 -32.82 17.22
C LYS B 330 54.51 -32.08 18.53
N SER B 331 54.14 -32.75 19.61
CA SER B 331 54.06 -32.08 20.89
C SER B 331 55.33 -32.18 21.71
N LEU B 332 56.25 -33.08 21.33
CA LEU B 332 57.56 -33.08 21.95
C LEU B 332 58.35 -31.84 21.57
N GLN B 333 58.11 -31.28 20.39
CA GLN B 333 58.77 -30.08 19.94
C GLN B 333 58.00 -28.86 20.44
N GLY B 334 58.35 -27.68 19.93
CA GLY B 334 57.64 -26.48 20.29
C GLY B 334 56.46 -26.15 19.43
N LYS B 335 56.29 -26.83 18.30
CA LYS B 335 55.21 -26.53 17.36
C LYS B 335 53.91 -27.07 17.94
N THR B 336 53.21 -26.22 18.70
CA THR B 336 51.87 -26.51 19.18
C THR B 336 50.86 -25.50 18.64
N LYS B 337 51.21 -24.81 17.57
CA LYS B 337 50.33 -23.79 16.99
C LYS B 337 49.75 -24.19 15.65
N VAL B 338 50.32 -25.20 14.99
CA VAL B 338 49.81 -25.61 13.69
C VAL B 338 48.43 -26.27 13.83
N PHE B 339 48.18 -26.99 14.92
CA PHE B 339 46.85 -27.55 15.14
C PHE B 339 45.81 -26.51 15.51
N SER B 340 46.22 -25.29 15.86
CA SER B 340 45.27 -24.21 15.98
C SER B 340 45.14 -23.42 14.68
N ASP B 341 46.20 -23.34 13.90
CA ASP B 341 46.13 -22.67 12.60
C ASP B 341 45.24 -23.44 11.64
N ILE B 342 45.32 -24.77 11.64
CA ILE B 342 44.51 -25.56 10.72
C ILE B 342 43.06 -25.56 11.17
N GLY B 343 42.82 -25.70 12.47
CA GLY B 343 41.45 -25.73 12.96
C GLY B 343 41.04 -27.13 13.34
N ALA B 344 41.95 -27.87 13.95
CA ALA B 344 41.62 -29.20 14.44
C ALA B 344 41.09 -29.18 15.86
N ILE B 345 41.31 -28.10 16.61
CA ILE B 345 40.88 -28.06 18.00
C ILE B 345 39.36 -27.96 18.08
N GLN B 346 38.77 -27.09 17.26
CA GLN B 346 37.32 -26.93 17.29
C GLN B 346 36.63 -28.18 16.78
N SER B 347 37.22 -28.83 15.77
CA SER B 347 36.62 -30.04 15.24
C SER B 347 36.72 -31.19 16.22
N LEU B 348 37.85 -31.31 16.93
CA LEU B 348 37.96 -32.37 17.92
C LEU B 348 37.02 -32.15 19.10
N LYS B 349 36.86 -30.90 19.54
CA LYS B 349 35.94 -30.64 20.65
C LYS B 349 34.50 -30.92 20.24
N ARG B 350 34.14 -30.56 19.01
CA ARG B 350 32.82 -30.90 18.49
C ARG B 350 32.65 -32.40 18.34
N LEU B 351 33.74 -33.12 18.04
CA LEU B 351 33.66 -34.57 17.96
C LEU B 351 33.43 -35.20 19.32
N VAL B 352 34.05 -34.63 20.36
CA VAL B 352 33.84 -35.16 21.71
C VAL B 352 32.42 -34.91 22.18
N SER B 353 31.88 -33.72 21.89
CA SER B 353 30.63 -33.30 22.51
C SER B 353 29.44 -34.13 22.05
N TYR B 354 29.42 -34.58 20.80
CA TYR B 354 28.30 -35.36 20.28
C TYR B 354 28.69 -36.82 20.09
N SER B 355 29.50 -37.35 21.00
CA SER B 355 30.08 -38.67 20.81
C SER B 355 29.04 -39.76 20.99
N THR B 356 28.78 -40.51 19.93
CA THR B 356 27.89 -41.66 19.97
C THR B 356 28.66 -42.96 19.79
N ASN B 357 29.93 -42.98 20.17
CA ASN B 357 30.77 -44.15 20.00
C ASN B 357 31.88 -44.10 21.03
N GLY B 358 32.44 -45.27 21.34
CA GLY B 358 33.45 -45.36 22.36
C GLY B 358 34.86 -45.17 21.84
N THR B 359 35.10 -45.55 20.58
CA THR B 359 36.46 -45.54 20.07
C THR B 359 36.91 -44.13 19.71
N LYS B 360 36.13 -43.43 18.89
CA LYS B 360 36.54 -42.11 18.47
C LYS B 360 36.48 -41.11 19.61
N SER B 361 35.59 -41.32 20.58
CA SER B 361 35.58 -40.46 21.77
C SER B 361 36.85 -40.63 22.58
N ALA B 362 37.28 -41.88 22.76
CA ALA B 362 38.53 -42.15 23.48
C ALA B 362 39.71 -41.51 22.79
N LEU B 363 39.85 -41.76 21.48
CA LEU B 363 40.97 -41.21 20.73
C LEU B 363 40.96 -39.69 20.74
N ALA B 364 39.78 -39.08 20.58
CA ALA B 364 39.66 -37.63 20.61
C ALA B 364 40.08 -37.06 21.96
N LYS B 365 39.58 -37.63 23.06
CA LYS B 365 39.97 -37.15 24.38
C LYS B 365 41.46 -37.30 24.61
N ARG B 366 42.04 -38.40 24.13
CA ARG B 366 43.47 -38.61 24.32
C ARG B 366 44.27 -37.60 23.53
N ALA B 367 43.83 -37.29 22.30
CA ALA B 367 44.54 -36.30 21.50
C ALA B 367 44.40 -34.90 22.04
N LEU B 368 43.25 -34.56 22.64
CA LEU B 368 43.13 -33.27 23.29
C LEU B 368 43.92 -33.20 24.59
N ARG B 369 44.11 -34.34 25.26
CA ARG B 369 44.87 -34.34 26.49
C ARG B 369 46.36 -34.13 26.23
N LEU B 370 46.83 -34.54 25.04
CA LEU B 370 48.22 -34.33 24.66
C LEU B 370 48.52 -32.86 24.40
N LEU B 371 47.51 -32.04 24.18
CA LEU B 371 47.67 -30.60 24.06
C LEU B 371 47.15 -29.92 25.32
N GLY B 372 47.41 -28.63 25.41
CA GLY B 372 46.99 -27.87 26.58
C GLY B 372 45.51 -27.56 26.65
N GLU B 373 44.77 -27.83 25.58
CA GLU B 373 43.34 -27.58 25.57
C GLU B 373 42.63 -28.51 26.54
N GLU B 374 41.67 -27.97 27.28
CA GLU B 374 40.95 -28.77 28.27
C GLU B 374 39.91 -29.64 27.59
N VAL B 375 39.58 -30.74 28.25
CA VAL B 375 38.68 -31.74 27.67
C VAL B 375 37.24 -31.32 27.95
N PRO B 376 36.36 -31.30 26.96
CA PRO B 376 34.95 -31.02 27.22
C PRO B 376 34.23 -32.25 27.74
N ARG B 377 33.06 -32.00 28.31
CA ARG B 377 32.25 -33.10 28.80
C ARG B 377 31.09 -33.37 27.85
N PRO B 378 30.72 -34.63 27.65
CA PRO B 378 29.56 -34.92 26.80
C PRO B 378 28.28 -34.42 27.43
N ILE B 379 27.31 -34.10 26.57
CA ILE B 379 26.09 -33.43 26.97
C ILE B 379 24.91 -34.38 26.81
N LEU B 380 23.91 -34.19 27.67
CA LEU B 380 22.78 -35.09 27.70
C LEU B 380 21.92 -34.89 26.45
N PRO B 381 21.46 -35.97 25.81
CA PRO B 381 20.74 -35.84 24.55
C PRO B 381 19.27 -35.46 24.71
N SER B 382 18.78 -35.27 25.93
CA SER B 382 17.39 -34.88 26.13
C SER B 382 17.36 -33.37 26.23
N VAL B 383 17.27 -32.71 25.08
CA VAL B 383 17.41 -31.26 25.00
C VAL B 383 16.24 -30.53 25.65
N PRO B 384 14.97 -30.89 25.45
CA PRO B 384 13.93 -30.32 26.32
C PRO B 384 14.15 -30.77 27.75
N SER B 385 13.57 -30.00 28.67
CA SER B 385 13.84 -30.12 30.10
C SER B 385 15.33 -29.96 30.40
N TRP B 386 15.92 -28.92 29.82
CA TRP B 386 17.21 -28.42 30.23
C TRP B 386 17.01 -27.25 31.19
N LYS B 387 18.05 -26.91 31.91
CA LYS B 387 18.03 -25.75 32.77
C LYS B 387 19.13 -24.79 32.32
N GLU B 388 19.34 -23.73 33.11
CA GLU B 388 20.24 -22.66 32.69
C GLU B 388 21.69 -23.12 32.71
N ALA B 389 22.06 -23.97 33.67
CA ALA B 389 23.42 -24.45 33.78
C ALA B 389 23.85 -25.22 32.53
N GLU B 390 23.02 -26.15 32.09
CA GLU B 390 23.36 -26.98 30.94
C GLU B 390 23.47 -26.15 29.68
N VAL B 391 22.57 -25.19 29.50
CA VAL B 391 22.67 -24.25 28.38
C VAL B 391 24.00 -23.51 28.42
N GLN B 392 24.39 -23.03 29.60
CA GLN B 392 25.68 -22.37 29.73
C GLN B 392 26.84 -23.26 29.31
N THR B 393 26.88 -24.50 29.80
CA THR B 393 27.96 -25.40 29.38
C THR B 393 27.95 -25.64 27.88
N TRP B 394 26.77 -25.75 27.27
CA TRP B 394 26.67 -25.88 25.82
C TRP B 394 27.32 -24.69 25.12
N LEU B 395 26.89 -23.48 25.46
CA LEU B 395 27.53 -22.27 24.95
C LEU B 395 29.01 -22.16 25.32
N GLN B 396 29.48 -22.91 26.31
CA GLN B 396 30.90 -22.90 26.59
C GLN B 396 31.65 -23.87 25.70
N GLN B 397 30.97 -24.88 25.18
CA GLN B 397 31.67 -25.85 24.35
C GLN B 397 31.61 -25.52 22.87
N ILE B 398 30.56 -24.82 22.40
CA ILE B 398 30.51 -24.60 20.97
C ILE B 398 31.35 -23.42 20.52
N GLY B 399 31.66 -22.48 21.42
CA GLY B 399 32.47 -21.33 21.08
C GLY B 399 31.78 -20.00 21.28
N PHE B 400 30.48 -19.96 21.58
CA PHE B 400 29.78 -18.71 21.81
C PHE B 400 29.88 -18.30 23.28
N SER B 401 31.11 -18.17 23.76
CA SER B 401 31.32 -18.05 25.18
C SER B 401 31.13 -16.64 25.69
N LYS B 402 31.10 -15.64 24.81
CA LYS B 402 30.93 -14.27 25.26
C LYS B 402 29.48 -13.87 25.39
N TYR B 403 28.55 -14.68 24.89
CA TYR B 403 27.14 -14.39 25.01
C TYR B 403 26.48 -15.12 26.16
N CYS B 404 27.25 -15.86 26.96
CA CYS B 404 26.70 -16.60 28.10
C CYS B 404 26.01 -15.66 29.09
N GLU B 405 26.52 -14.45 29.23
CA GLU B 405 25.95 -13.48 30.16
C GLU B 405 24.51 -13.17 29.82
N SER B 406 24.24 -12.83 28.55
CA SER B 406 22.87 -12.51 28.12
C SER B 406 21.92 -13.67 28.32
N PHE B 407 22.35 -14.91 28.06
CA PHE B 407 21.50 -16.05 28.31
C PHE B 407 21.23 -16.25 29.80
N ARG B 408 22.25 -16.13 30.65
CA ARG B 408 22.01 -16.25 32.08
C ARG B 408 21.13 -15.11 32.60
N GLU B 409 21.15 -13.97 31.91
CA GLU B 409 20.29 -12.85 32.29
C GLU B 409 18.84 -13.12 31.94
N GLN B 410 18.57 -13.51 30.70
CA GLN B 410 17.20 -13.72 30.28
C GLN B 410 16.62 -15.05 30.74
N GLN B 411 17.43 -15.90 31.37
CA GLN B 411 17.01 -17.21 31.89
C GLN B 411 16.43 -18.08 30.78
N VAL B 412 17.24 -18.32 29.76
CA VAL B 412 16.86 -19.22 28.69
C VAL B 412 17.04 -20.66 29.15
N ASP B 413 16.11 -21.52 28.76
CA ASP B 413 16.17 -22.94 29.07
C ASP B 413 16.12 -23.72 27.76
N GLY B 414 15.95 -25.04 27.88
CA GLY B 414 15.89 -25.89 26.70
C GLY B 414 14.72 -25.57 25.80
N ASP B 415 13.53 -25.47 26.40
CA ASP B 415 12.33 -25.17 25.63
C ASP B 415 12.44 -23.83 24.92
N LEU B 416 12.80 -22.79 25.66
CA LEU B 416 12.97 -21.47 25.06
C LEU B 416 14.13 -21.42 24.07
N LEU B 417 15.08 -22.34 24.16
CA LEU B 417 16.14 -22.39 23.16
C LEU B 417 15.65 -23.01 21.87
N LEU B 418 14.92 -24.11 21.95
CA LEU B 418 14.46 -24.79 20.75
C LEU B 418 13.48 -23.98 19.93
N ARG B 419 12.93 -22.89 20.46
CA ARG B 419 11.95 -22.08 19.75
C ARG B 419 12.43 -20.64 19.56
N LEU B 420 13.74 -20.44 19.49
CA LEU B 420 14.25 -19.10 19.26
C LEU B 420 14.06 -18.69 17.80
N THR B 421 13.85 -17.40 17.59
CA THR B 421 13.76 -16.82 16.26
C THR B 421 14.83 -15.75 16.11
N GLU B 422 14.88 -15.15 14.93
CA GLU B 422 15.91 -14.15 14.64
C GLU B 422 15.68 -12.86 15.39
N GLU B 423 14.42 -12.53 15.68
CA GLU B 423 14.10 -11.25 16.31
C GLU B 423 14.70 -11.16 17.71
N GLU B 424 14.54 -12.22 18.50
CA GLU B 424 15.08 -12.23 19.85
C GLU B 424 16.61 -12.22 19.84
N LEU B 425 17.23 -12.80 18.81
CA LEU B 425 18.67 -12.66 18.70
C LEU B 425 19.06 -11.21 18.42
N GLN B 426 18.37 -10.57 17.48
CA GLN B 426 18.73 -9.21 17.11
C GLN B 426 18.46 -8.20 18.22
N THR B 427 17.42 -8.38 19.01
CA THR B 427 16.93 -7.27 19.82
C THR B 427 17.51 -7.27 21.23
N ASP B 428 17.25 -8.31 22.00
CA ASP B 428 17.64 -8.31 23.40
C ASP B 428 18.75 -9.27 23.76
N LEU B 429 18.98 -10.32 22.97
CA LEU B 429 20.13 -11.16 23.26
C LEU B 429 21.43 -10.52 22.80
N GLY B 430 21.39 -9.64 21.81
CA GLY B 430 22.54 -8.84 21.47
C GLY B 430 23.43 -9.38 20.37
N MET B 431 22.89 -10.11 19.41
CA MET B 431 23.65 -10.55 18.24
C MET B 431 23.29 -9.65 17.09
N LYS B 432 24.08 -8.59 16.89
CA LYS B 432 23.73 -7.60 15.88
C LYS B 432 24.07 -8.08 14.48
N SER B 433 25.28 -8.62 14.29
CA SER B 433 25.75 -8.96 12.96
C SER B 433 25.03 -10.19 12.43
N GLY B 434 24.72 -10.18 11.14
CA GLY B 434 24.05 -11.31 10.54
C GLY B 434 24.89 -12.55 10.44
N ILE B 435 26.21 -12.41 10.46
CA ILE B 435 27.06 -13.56 10.30
C ILE B 435 27.16 -14.35 11.59
N THR B 436 27.11 -13.67 12.74
CA THR B 436 27.05 -14.38 14.02
C THR B 436 25.73 -15.12 14.16
N ARG B 437 24.62 -14.47 13.81
CA ARG B 437 23.33 -15.14 13.85
C ARG B 437 23.32 -16.36 12.93
N LYS B 438 23.96 -16.27 11.77
CA LYS B 438 23.97 -17.42 10.88
C LYS B 438 24.85 -18.54 11.42
N ARG B 439 25.95 -18.20 12.10
CA ARG B 439 26.74 -19.23 12.78
C ARG B 439 25.94 -19.90 13.88
N PHE B 440 25.19 -19.10 14.65
CA PHE B 440 24.43 -19.63 15.77
C PHE B 440 23.36 -20.59 15.28
N PHE B 441 22.62 -20.20 14.25
CA PHE B 441 21.61 -21.09 13.70
C PHE B 441 22.24 -22.35 13.12
N ARG B 442 23.41 -22.24 12.50
CA ARG B 442 24.07 -23.43 11.98
C ARG B 442 24.41 -24.42 13.09
N GLU B 443 25.01 -23.93 14.19
CA GLU B 443 25.29 -24.79 15.33
C GLU B 443 24.01 -25.36 15.94
N LEU B 444 22.97 -24.55 16.04
CA LEU B 444 21.72 -24.99 16.66
C LEU B 444 21.09 -26.11 15.85
N THR B 445 20.92 -25.92 14.54
CA THR B 445 20.37 -26.98 13.71
C THR B 445 21.26 -28.22 13.70
N GLU B 446 22.58 -28.05 13.86
CA GLU B 446 23.41 -29.23 14.10
C GLU B 446 23.01 -29.95 15.38
N LEU B 447 22.65 -29.19 16.42
CA LEU B 447 22.28 -29.83 17.68
C LEU B 447 20.89 -30.45 17.65
N LYS B 448 19.96 -29.88 16.89
CA LYS B 448 18.59 -30.36 16.97
C LYS B 448 18.35 -31.65 16.21
N THR B 449 19.29 -32.08 15.37
CA THR B 449 19.15 -33.40 14.78
C THR B 449 19.69 -34.49 15.68
N PHE B 450 20.22 -34.13 16.84
CA PHE B 450 20.84 -35.06 17.77
C PHE B 450 19.97 -35.33 18.98
N ALA B 451 19.02 -34.45 19.29
CA ALA B 451 18.28 -34.49 20.53
C ALA B 451 17.36 -35.70 20.62
N ASN B 452 16.81 -35.89 21.81
CA ASN B 452 15.92 -37.00 22.13
C ASN B 452 14.56 -36.44 22.48
N TYR B 453 13.56 -36.72 21.65
CA TYR B 453 12.23 -36.18 21.82
C TYR B 453 11.27 -37.22 22.39
N SER B 454 11.76 -38.05 23.31
CA SER B 454 10.95 -39.12 23.86
C SER B 454 9.84 -38.62 24.76
N THR B 455 9.95 -37.42 25.29
CA THR B 455 8.98 -36.91 26.25
C THR B 455 8.02 -35.90 25.64
N CYS B 456 8.17 -35.56 24.37
CA CYS B 456 7.26 -34.66 23.69
C CYS B 456 6.50 -35.35 22.56
N ASP B 457 7.20 -36.12 21.75
CA ASP B 457 6.59 -36.82 20.64
C ASP B 457 5.66 -37.91 21.15
N ARG B 458 4.63 -38.20 20.36
CA ARG B 458 3.69 -39.24 20.70
C ARG B 458 3.66 -40.35 19.68
N SER B 459 3.57 -40.02 18.39
CA SER B 459 3.42 -41.00 17.34
C SER B 459 4.72 -41.25 16.60
N ASN B 460 5.86 -40.95 17.24
CA ASN B 460 7.20 -41.14 16.67
C ASN B 460 7.33 -40.38 15.35
N LEU B 461 7.06 -39.09 15.42
CA LEU B 461 7.07 -38.26 14.21
C LEU B 461 8.49 -38.02 13.72
N ALA B 462 9.45 -38.02 14.65
CA ALA B 462 10.87 -37.90 14.30
C ALA B 462 11.30 -38.91 13.25
N ASP B 463 10.98 -40.18 13.45
CA ASP B 463 11.35 -41.23 12.52
C ASP B 463 10.73 -41.00 11.14
N TRP B 464 9.42 -40.72 11.11
CA TRP B 464 8.76 -40.45 9.83
C TRP B 464 9.33 -39.23 9.13
N LEU B 465 9.90 -38.28 9.86
CA LEU B 465 10.55 -37.17 9.18
C LEU B 465 11.91 -37.59 8.66
N GLY B 466 12.75 -38.15 9.53
CA GLY B 466 14.07 -38.64 9.17
C GLY B 466 14.10 -39.66 8.05
N SER B 467 12.97 -40.30 7.78
CA SER B 467 12.91 -41.23 6.65
C SER B 467 13.01 -40.48 5.32
N LEU B 468 12.44 -39.27 5.25
CA LEU B 468 12.52 -38.49 4.02
C LEU B 468 13.93 -38.02 3.76
N ASP B 469 14.58 -37.46 4.77
CA ASP B 469 15.87 -36.81 4.60
C ASP B 469 16.45 -36.70 6.01
N PRO B 470 17.72 -37.03 6.20
CA PRO B 470 18.37 -36.81 7.50
C PRO B 470 18.30 -35.38 7.99
N ARG B 471 18.27 -34.40 7.08
CA ARG B 471 18.21 -33.01 7.50
C ARG B 471 16.82 -32.59 7.95
N PHE B 472 15.81 -33.44 7.78
CA PHE B 472 14.44 -33.08 8.11
C PHE B 472 14.05 -33.36 9.55
N ARG B 473 14.97 -33.80 10.40
CA ARG B 473 14.56 -34.05 11.77
C ARG B 473 14.56 -32.79 12.59
N GLN B 474 15.27 -31.76 12.13
CA GLN B 474 15.43 -30.53 12.88
C GLN B 474 14.12 -29.79 13.10
N TYR B 475 13.06 -30.13 12.39
CA TYR B 475 11.81 -29.41 12.57
C TYR B 475 10.82 -30.15 13.44
N THR B 476 11.20 -31.32 14.00
CA THR B 476 10.19 -32.16 14.62
C THR B 476 9.58 -31.51 15.85
N TYR B 477 10.37 -30.80 16.65
CA TYR B 477 9.81 -30.16 17.83
C TYR B 477 8.88 -29.03 17.41
N GLY B 478 9.21 -28.35 16.32
CA GLY B 478 8.34 -27.34 15.76
C GLY B 478 6.98 -27.89 15.42
N LEU B 479 6.92 -29.15 15.03
CA LEU B 479 5.62 -29.74 14.74
C LEU B 479 4.94 -30.19 16.02
N VAL B 480 5.71 -30.78 16.94
CA VAL B 480 5.10 -31.42 18.11
C VAL B 480 4.51 -30.37 19.05
N SER B 481 5.26 -29.31 19.31
CA SER B 481 4.78 -28.25 20.20
C SER B 481 3.56 -27.54 19.64
N CYS B 482 3.32 -27.61 18.34
CA CYS B 482 2.09 -27.06 17.79
C CYS B 482 0.93 -28.04 17.94
N GLY B 483 1.21 -29.33 17.99
CA GLY B 483 0.19 -30.33 18.27
C GLY B 483 -0.05 -31.34 17.17
N LEU B 484 0.66 -31.32 16.06
CA LEU B 484 0.42 -32.28 14.99
C LEU B 484 0.99 -33.64 15.34
N ASP B 485 0.54 -34.65 14.60
CA ASP B 485 1.06 -36.01 14.71
C ASP B 485 0.72 -36.75 13.42
N ARG B 486 1.05 -38.05 13.39
CA ARG B 486 0.92 -38.83 12.18
C ARG B 486 -0.52 -39.09 11.76
N SER B 487 -1.51 -38.73 12.59
CA SER B 487 -2.89 -38.83 12.18
C SER B 487 -3.46 -37.51 11.70
N LEU B 488 -2.80 -36.39 11.97
CA LEU B 488 -3.35 -35.07 11.72
C LEU B 488 -2.58 -34.29 10.67
N LEU B 489 -1.68 -34.93 9.94
CA LEU B 489 -0.89 -34.21 8.97
C LEU B 489 -1.53 -34.17 7.59
N HIS B 490 -2.52 -35.01 7.33
CA HIS B 490 -3.06 -35.12 5.99
C HIS B 490 -3.96 -33.96 5.60
N ARG B 491 -4.17 -32.99 6.49
CA ARG B 491 -5.04 -31.86 6.17
C ARG B 491 -4.45 -30.56 6.67
N VAL B 492 -3.16 -30.36 6.46
CA VAL B 492 -2.50 -29.11 6.83
C VAL B 492 -2.14 -28.37 5.56
N SER B 493 -2.00 -27.05 5.66
CA SER B 493 -1.74 -26.22 4.50
C SER B 493 -0.28 -25.80 4.45
N GLU B 494 0.06 -25.03 3.42
CA GLU B 494 1.42 -24.53 3.29
C GLU B 494 1.64 -23.27 4.12
N GLN B 495 0.61 -22.42 4.19
CA GLN B 495 0.70 -21.23 5.03
C GLN B 495 0.74 -21.61 6.50
N GLN B 496 -0.02 -22.64 6.89
CA GLN B 496 -0.04 -23.14 8.26
C GLN B 496 1.29 -23.70 8.73
N LEU B 497 2.27 -23.87 7.85
CA LEU B 497 3.62 -24.28 8.21
C LEU B 497 4.59 -23.12 8.18
N LEU B 498 4.15 -21.94 7.76
CA LEU B 498 5.08 -20.83 7.57
C LEU B 498 5.35 -20.10 8.88
N GLU B 499 4.34 -19.98 9.74
CA GLU B 499 4.52 -19.28 10.99
C GLU B 499 4.20 -20.11 12.23
N ASP B 500 3.38 -21.15 12.10
CA ASP B 500 3.06 -21.95 13.27
C ASP B 500 4.19 -22.91 13.61
N CYS B 501 4.69 -23.63 12.61
CA CYS B 501 5.70 -24.66 12.82
C CYS B 501 7.12 -24.18 12.54
N GLY B 502 7.30 -23.10 11.77
CA GLY B 502 8.60 -22.50 11.63
C GLY B 502 9.50 -23.12 10.59
N ILE B 503 8.94 -23.56 9.48
CA ILE B 503 9.71 -24.13 8.38
C ILE B 503 9.81 -23.08 7.30
N HIS B 504 11.02 -22.58 7.04
CA HIS B 504 11.18 -21.41 6.20
C HIS B 504 11.41 -21.74 4.73
N LEU B 505 12.26 -22.74 4.45
CA LEU B 505 12.59 -23.07 3.07
C LEU B 505 11.39 -23.64 2.36
N GLY B 506 11.03 -23.04 1.22
CA GLY B 506 9.82 -23.45 0.53
C GLY B 506 9.89 -24.86 -0.03
N VAL B 507 11.08 -25.27 -0.46
CA VAL B 507 11.27 -26.63 -0.95
C VAL B 507 10.94 -27.65 0.15
N HIS B 508 11.38 -27.37 1.38
CA HIS B 508 11.13 -28.30 2.47
C HIS B 508 9.65 -28.40 2.79
N ARG B 509 8.95 -27.25 2.85
CA ARG B 509 7.50 -27.26 3.02
C ARG B 509 6.82 -28.05 1.90
N ALA B 510 7.26 -27.84 0.66
CA ALA B 510 6.64 -28.53 -0.47
C ALA B 510 6.82 -30.04 -0.36
N ARG B 511 8.01 -30.48 0.03
CA ARG B 511 8.24 -31.92 0.13
C ARG B 511 7.47 -32.51 1.30
N ILE B 512 7.40 -31.80 2.43
CA ILE B 512 6.64 -32.30 3.56
C ILE B 512 5.16 -32.44 3.20
N LEU B 513 4.61 -31.44 2.52
CA LEU B 513 3.21 -31.50 2.12
C LEU B 513 2.96 -32.62 1.13
N THR B 514 3.82 -32.75 0.11
CA THR B 514 3.55 -33.77 -0.90
C THR B 514 3.80 -35.18 -0.38
N ALA B 515 4.63 -35.34 0.66
CA ALA B 515 4.84 -36.66 1.21
C ALA B 515 3.82 -37.01 2.28
N ALA B 516 3.20 -36.01 2.91
CA ALA B 516 2.18 -36.29 3.91
C ALA B 516 0.81 -36.46 3.29
N ARG B 517 0.48 -35.63 2.30
CA ARG B 517 -0.83 -35.68 1.66
C ARG B 517 -1.06 -37.01 0.95
N GLU B 518 0.01 -37.65 0.49
CA GLU B 518 -0.11 -39.02 -0.01
C GLU B 518 -0.52 -39.96 1.12
N MET B 519 0.19 -39.89 2.23
CA MET B 519 -0.05 -40.80 3.36
C MET B 519 -1.34 -40.45 4.08
N LEU B 520 -2.43 -41.10 3.69
CA LEU B 520 -3.61 -41.14 4.54
C LEU B 520 -3.59 -42.41 5.37
N HIS B 521 -3.58 -43.56 4.70
CA HIS B 521 -3.23 -44.83 5.34
C HIS B 521 -2.44 -45.71 4.38
N SER B 522 -1.78 -45.12 3.37
CA SER B 522 -1.16 -45.94 2.33
C SER B 522 0.10 -46.66 2.81
N PRO B 523 1.05 -46.03 3.52
CA PRO B 523 2.11 -46.91 4.03
C PRO B 523 1.76 -47.53 5.38
N THR B 535 -15.35 -55.95 32.58
CA THR B 535 -15.47 -57.19 33.32
C THR B 535 -14.32 -58.13 32.98
N PRO B 536 -13.63 -58.64 34.00
CA PRO B 536 -12.53 -59.59 33.76
C PRO B 536 -13.05 -60.93 33.28
N ASP B 537 -12.10 -61.77 32.88
CA ASP B 537 -12.41 -63.10 32.38
C ASP B 537 -12.29 -64.18 33.45
N VAL B 538 -11.17 -64.23 34.16
CA VAL B 538 -10.95 -65.19 35.22
C VAL B 538 -10.62 -64.44 36.50
N PHE B 539 -10.70 -65.15 37.62
CA PHE B 539 -10.44 -64.57 38.93
C PHE B 539 -9.47 -65.47 39.68
N ILE B 540 -8.75 -64.89 40.63
CA ILE B 540 -7.71 -65.61 41.38
C ILE B 540 -7.84 -65.28 42.86
N SER B 541 -8.20 -66.28 43.66
CA SER B 541 -8.31 -66.11 45.10
C SER B 541 -7.08 -66.70 45.78
N TYR B 542 -6.65 -66.05 46.85
CA TYR B 542 -5.39 -66.40 47.49
C TYR B 542 -5.36 -65.85 48.90
N ARG B 543 -4.59 -66.52 49.76
CA ARG B 543 -4.43 -66.07 51.14
C ARG B 543 -3.59 -64.80 51.18
N ARG B 544 -4.01 -63.85 52.01
CA ARG B 544 -3.29 -62.57 52.07
C ARG B 544 -1.94 -62.72 52.76
N ASN B 545 -1.81 -63.66 53.68
CA ASN B 545 -0.56 -63.80 54.43
C ASN B 545 0.51 -64.45 53.59
N SER B 546 0.29 -65.70 53.19
CA SER B 546 1.23 -66.45 52.37
C SER B 546 0.64 -66.72 51.01
N GLY B 547 1.51 -67.05 50.06
CA GLY B 547 1.07 -67.28 48.70
C GLY B 547 0.88 -66.04 47.87
N SER B 548 1.45 -64.91 48.30
CA SER B 548 1.41 -63.71 47.48
C SER B 548 2.22 -63.88 46.20
N GLN B 549 3.39 -64.52 46.32
CA GLN B 549 4.34 -64.60 45.20
C GLN B 549 3.76 -65.44 44.07
N LEU B 550 3.28 -66.64 44.38
CA LEU B 550 2.75 -67.49 43.32
C LEU B 550 1.44 -66.96 42.78
N ALA B 551 0.77 -66.07 43.51
CA ALA B 551 -0.44 -65.45 42.98
C ALA B 551 -0.08 -64.41 41.93
N SER B 552 0.85 -63.51 42.27
CA SER B 552 1.37 -62.55 41.30
C SER B 552 1.93 -63.25 40.07
N LEU B 553 2.70 -64.31 40.28
CA LEU B 553 3.39 -64.96 39.17
C LEU B 553 2.40 -65.72 38.28
N LEU B 554 1.36 -66.31 38.88
CA LEU B 554 0.32 -66.92 38.06
C LEU B 554 -0.44 -65.86 37.28
N LYS B 555 -0.65 -64.69 37.88
CA LYS B 555 -1.30 -63.59 37.16
C LYS B 555 -0.53 -63.21 35.92
N VAL B 556 0.79 -63.00 36.05
CA VAL B 556 1.53 -62.56 34.87
C VAL B 556 1.66 -63.69 33.87
N HIS B 557 1.74 -64.95 34.33
CA HIS B 557 1.85 -66.07 33.40
C HIS B 557 0.56 -66.30 32.63
N LEU B 558 -0.58 -66.01 33.24
CA LEU B 558 -1.83 -66.09 32.50
C LEU B 558 -2.02 -64.90 31.58
N GLN B 559 -1.65 -63.70 32.04
CA GLN B 559 -1.88 -62.50 31.25
C GLN B 559 -1.00 -62.47 30.01
N LEU B 560 0.18 -63.10 30.06
CA LEU B 560 1.03 -63.09 28.88
C LEU B 560 0.53 -63.99 27.76
N HIS B 561 -0.47 -64.83 28.00
CA HIS B 561 -1.01 -65.71 26.97
C HIS B 561 -2.32 -65.21 26.38
N GLY B 562 -2.82 -64.06 26.83
CA GLY B 562 -4.00 -63.47 26.24
C GLY B 562 -5.27 -63.58 27.04
N PHE B 563 -5.21 -63.92 28.32
CA PHE B 563 -6.37 -64.00 29.17
C PHE B 563 -6.34 -62.86 30.18
N SER B 564 -7.45 -62.15 30.29
CA SER B 564 -7.55 -61.09 31.29
C SER B 564 -7.82 -61.70 32.66
N VAL B 565 -7.37 -61.00 33.70
CA VAL B 565 -7.41 -61.54 35.05
C VAL B 565 -7.37 -60.40 36.07
N PHE B 566 -8.23 -60.48 37.08
CA PHE B 566 -8.33 -59.44 38.10
C PHE B 566 -7.96 -60.08 39.43
N ILE B 567 -7.04 -59.45 40.14
CA ILE B 567 -6.56 -59.97 41.42
C ILE B 567 -6.89 -58.95 42.51
N ASP B 568 -7.06 -59.43 43.74
CA ASP B 568 -7.30 -58.55 44.88
C ASP B 568 -6.07 -57.70 45.13
N VAL B 569 -6.26 -56.38 45.24
CA VAL B 569 -5.19 -55.42 45.44
C VAL B 569 -5.55 -54.58 46.66
N GLU B 570 -5.07 -55.00 47.84
CA GLU B 570 -5.13 -54.31 49.15
C GLU B 570 -6.45 -53.62 49.48
N LYS B 571 -7.52 -54.41 49.66
CA LYS B 571 -8.83 -53.89 50.02
C LYS B 571 -9.03 -53.80 51.53
N LEU B 572 -8.31 -54.60 52.32
CA LEU B 572 -8.57 -54.74 53.75
C LEU B 572 -8.30 -53.44 54.50
N GLU B 573 -8.72 -53.43 55.78
CA GLU B 573 -8.66 -52.28 56.69
C GLU B 573 -9.41 -51.06 56.13
N ALA B 574 -10.47 -51.31 55.37
CA ALA B 574 -11.30 -50.28 54.78
C ALA B 574 -12.74 -50.77 54.85
N GLY B 575 -13.61 -50.18 54.04
CA GLY B 575 -14.90 -50.81 53.79
C GLY B 575 -14.70 -52.16 53.12
N LYS B 576 -15.15 -53.23 53.77
CA LYS B 576 -14.81 -54.58 53.35
C LYS B 576 -15.98 -55.40 52.83
N PHE B 577 -17.20 -55.02 53.17
CA PHE B 577 -18.38 -55.83 52.90
C PHE B 577 -19.21 -55.15 51.81
N GLU B 578 -19.53 -55.92 50.76
CA GLU B 578 -20.24 -55.44 49.56
C GLU B 578 -19.51 -54.28 48.88
N ASP B 579 -18.18 -54.26 49.00
CA ASP B 579 -17.38 -53.14 48.49
C ASP B 579 -16.83 -53.48 47.10
N LYS B 580 -17.76 -53.64 46.16
CA LYS B 580 -17.50 -53.79 44.73
C LYS B 580 -16.62 -54.98 44.39
N LEU B 581 -16.57 -55.99 45.26
CA LEU B 581 -15.78 -57.19 45.00
C LEU B 581 -16.63 -58.43 44.82
N ILE B 582 -17.95 -58.35 45.04
CA ILE B 582 -18.80 -59.52 45.00
C ILE B 582 -19.38 -59.75 43.60
N GLN B 583 -19.51 -58.70 42.80
CA GLN B 583 -19.92 -58.92 41.41
C GLN B 583 -18.76 -59.47 40.58
N SER B 584 -17.54 -58.99 40.86
CA SER B 584 -16.32 -59.51 40.22
C SER B 584 -16.24 -61.03 40.25
N VAL B 585 -16.61 -61.65 41.38
CA VAL B 585 -16.34 -63.07 41.58
C VAL B 585 -17.43 -63.90 40.96
N MET B 586 -18.57 -63.29 40.62
CA MET B 586 -19.65 -63.97 39.92
C MET B 586 -19.67 -63.68 38.43
N GLY B 587 -19.06 -62.58 38.02
CA GLY B 587 -18.92 -62.22 36.63
C GLY B 587 -17.62 -62.69 35.99
N ALA B 588 -16.82 -63.47 36.70
CA ALA B 588 -15.60 -64.04 36.16
C ALA B 588 -15.87 -65.49 35.75
N ARG B 589 -15.38 -65.87 34.57
CA ARG B 589 -15.75 -67.17 34.00
C ARG B 589 -15.13 -68.33 34.77
N ASN B 590 -13.85 -68.22 35.14
CA ASN B 590 -13.14 -69.32 35.77
C ASN B 590 -12.51 -68.86 37.08
N PHE B 591 -12.47 -69.78 38.04
CA PHE B 591 -12.03 -69.49 39.39
C PHE B 591 -10.79 -70.31 39.74
N VAL B 592 -9.86 -69.70 40.47
CA VAL B 592 -8.56 -70.28 40.80
C VAL B 592 -8.32 -70.15 42.30
N LEU B 593 -7.61 -71.12 42.89
CA LEU B 593 -7.44 -71.20 44.33
C LEU B 593 -5.99 -71.53 44.64
N VAL B 594 -5.40 -70.82 45.59
CA VAL B 594 -3.98 -70.93 45.90
C VAL B 594 -3.83 -71.62 47.24
N LEU B 595 -3.24 -72.82 47.22
CA LEU B 595 -3.10 -73.63 48.43
C LEU B 595 -1.68 -73.51 48.93
N SER B 596 -1.43 -72.46 49.71
CA SER B 596 -0.14 -72.29 50.35
C SER B 596 0.00 -73.25 51.53
N PRO B 597 1.23 -73.56 51.95
CA PRO B 597 1.41 -74.29 53.20
C PRO B 597 0.86 -73.53 54.38
N GLY B 598 -0.14 -74.10 55.04
CA GLY B 598 -0.80 -73.49 56.17
C GLY B 598 -1.68 -72.32 55.77
N ALA B 599 -2.47 -72.49 54.72
CA ALA B 599 -3.34 -71.44 54.22
C ALA B 599 -4.81 -71.67 54.52
N LEU B 600 -5.19 -72.88 54.95
CA LEU B 600 -6.58 -73.21 55.25
C LEU B 600 -6.84 -73.38 56.74
N ASP B 601 -5.92 -72.94 57.59
CA ASP B 601 -6.09 -73.12 59.03
C ASP B 601 -7.06 -72.11 59.64
N LYS B 602 -7.12 -70.90 59.09
CA LYS B 602 -7.92 -69.84 59.70
C LYS B 602 -9.42 -70.04 59.48
N CYS B 603 -9.80 -70.72 58.40
CA CYS B 603 -11.21 -70.98 58.12
C CYS B 603 -11.68 -72.28 58.75
N MET B 604 -10.85 -72.94 59.57
CA MET B 604 -11.22 -74.19 60.21
C MET B 604 -12.26 -73.91 61.29
N GLN B 605 -13.53 -74.16 60.97
CA GLN B 605 -14.66 -74.04 61.88
C GLN B 605 -14.80 -72.62 62.44
N ASP B 606 -14.97 -71.67 61.54
CA ASP B 606 -15.40 -70.34 61.96
C ASP B 606 -16.61 -69.85 61.18
N HIS B 607 -16.69 -70.16 59.87
CA HIS B 607 -17.83 -69.89 58.97
C HIS B 607 -18.37 -68.47 59.11
N ASP B 608 -17.46 -67.51 59.22
CA ASP B 608 -17.79 -66.10 59.33
C ASP B 608 -17.12 -65.34 58.20
N CYS B 609 -17.28 -64.01 58.22
CA CYS B 609 -16.68 -63.16 57.19
C CYS B 609 -15.25 -62.78 57.53
N LYS B 610 -14.75 -63.11 58.73
CA LYS B 610 -13.36 -62.82 59.06
C LYS B 610 -12.41 -63.71 58.27
N ASP B 611 -12.83 -64.92 57.92
CA ASP B 611 -12.11 -65.74 56.95
C ASP B 611 -12.31 -65.12 55.58
N TRP B 612 -11.31 -64.38 55.10
CA TRP B 612 -11.44 -63.60 53.87
C TRP B 612 -11.45 -64.47 52.63
N VAL B 613 -11.11 -65.76 52.74
CA VAL B 613 -11.07 -66.67 51.61
C VAL B 613 -12.35 -67.47 51.45
N HIS B 614 -13.32 -67.30 52.35
CA HIS B 614 -14.48 -68.18 52.42
C HIS B 614 -15.58 -67.75 51.44
N LYS B 615 -15.90 -66.45 51.45
CA LYS B 615 -17.00 -65.89 50.66
C LYS B 615 -16.89 -66.22 49.17
N GLU B 616 -15.72 -65.98 48.59
CA GLU B 616 -15.46 -66.32 47.19
C GLU B 616 -15.80 -67.77 46.88
N ILE B 617 -15.38 -68.71 47.74
CA ILE B 617 -15.77 -70.11 47.59
C ILE B 617 -17.28 -70.24 47.56
N VAL B 618 -17.97 -69.72 48.58
CA VAL B 618 -19.42 -69.88 48.69
C VAL B 618 -20.18 -69.23 47.53
N THR B 619 -19.55 -68.32 46.81
CA THR B 619 -20.24 -67.69 45.68
C THR B 619 -19.88 -68.29 44.33
N ALA B 620 -18.59 -68.49 44.06
CA ALA B 620 -18.15 -69.25 42.89
C ALA B 620 -18.75 -70.65 42.83
N LEU B 621 -19.01 -71.28 43.98
CA LEU B 621 -19.63 -72.60 43.96
C LEU B 621 -21.13 -72.51 43.72
N SER B 622 -21.75 -71.42 44.17
CA SER B 622 -23.16 -71.19 43.88
C SER B 622 -23.37 -70.99 42.39
N CYS B 623 -22.52 -70.17 41.76
CA CYS B 623 -22.61 -69.99 40.31
C CYS B 623 -22.34 -71.30 39.57
N GLY B 624 -21.33 -72.05 40.00
CA GLY B 624 -21.06 -73.35 39.40
C GLY B 624 -20.05 -73.32 38.28
N LYS B 625 -18.94 -72.63 38.49
CA LYS B 625 -17.91 -72.48 37.48
C LYS B 625 -16.71 -73.36 37.82
N ASN B 626 -15.70 -73.33 36.95
CA ASN B 626 -14.53 -74.19 37.09
C ASN B 626 -13.62 -73.65 38.17
N ILE B 627 -13.41 -74.44 39.21
CA ILE B 627 -12.52 -74.07 40.31
C ILE B 627 -11.30 -75.00 40.27
N VAL B 628 -10.18 -74.47 39.78
CA VAL B 628 -8.92 -75.23 39.70
C VAL B 628 -8.10 -74.94 40.95
N PRO B 629 -7.86 -75.93 41.80
CA PRO B 629 -6.90 -75.74 42.90
C PRO B 629 -5.47 -75.94 42.45
N ILE B 630 -4.57 -75.18 43.07
CA ILE B 630 -3.14 -75.28 42.80
C ILE B 630 -2.50 -75.98 43.99
N ILE B 631 -1.94 -77.15 43.77
CA ILE B 631 -1.35 -77.94 44.83
C ILE B 631 0.13 -77.60 44.93
N ASP B 632 0.54 -77.05 46.06
CA ASP B 632 1.94 -76.69 46.28
C ASP B 632 2.24 -76.75 47.77
N GLY B 633 3.16 -77.62 48.15
CA GLY B 633 3.64 -77.71 49.51
C GLY B 633 2.63 -78.15 50.55
N PHE B 634 1.46 -78.61 50.14
CA PHE B 634 0.42 -78.99 51.10
C PHE B 634 -0.58 -79.92 50.44
N GLU B 635 -1.07 -80.87 51.21
CA GLU B 635 -2.11 -81.81 50.78
C GLU B 635 -3.34 -81.65 51.66
N TRP B 636 -4.41 -82.32 51.27
CA TRP B 636 -5.72 -82.06 51.85
C TRP B 636 -5.84 -82.65 53.26
N PRO B 637 -6.63 -82.01 54.13
CA PRO B 637 -6.83 -82.55 55.49
C PRO B 637 -8.00 -83.50 55.59
N GLU B 638 -8.30 -83.95 56.81
CA GLU B 638 -9.50 -84.73 57.07
C GLU B 638 -10.74 -83.87 56.86
N PRO B 639 -11.89 -84.49 56.49
CA PRO B 639 -13.06 -83.68 56.09
C PRO B 639 -13.90 -83.16 57.25
N GLN B 640 -13.37 -83.20 58.47
CA GLN B 640 -14.08 -82.69 59.64
C GLN B 640 -13.63 -81.29 60.03
N VAL B 641 -12.61 -80.74 59.37
CA VAL B 641 -12.06 -79.46 59.75
C VAL B 641 -12.70 -78.35 58.92
N LEU B 642 -13.79 -78.66 58.23
CA LEU B 642 -14.46 -77.69 57.39
C LEU B 642 -15.97 -77.90 57.46
N PRO B 643 -16.77 -76.83 57.33
CA PRO B 643 -18.21 -76.97 57.52
C PRO B 643 -18.93 -77.68 56.38
N GLU B 644 -20.26 -77.77 56.48
CA GLU B 644 -21.05 -78.55 55.54
C GLU B 644 -21.04 -77.97 54.14
N ASP B 645 -20.89 -76.65 54.03
CA ASP B 645 -20.76 -76.04 52.71
C ASP B 645 -19.35 -76.18 52.15
N MET B 646 -18.39 -76.63 52.94
CA MET B 646 -17.00 -76.71 52.52
C MET B 646 -16.50 -78.15 52.44
N GLN B 647 -17.41 -79.12 52.30
CA GLN B 647 -17.02 -80.50 52.07
C GLN B 647 -16.65 -80.77 50.63
N ALA B 648 -17.05 -79.90 49.69
CA ALA B 648 -16.79 -80.14 48.27
C ALA B 648 -15.35 -79.84 47.90
N VAL B 649 -14.78 -78.78 48.47
CA VAL B 649 -13.44 -78.32 48.09
C VAL B 649 -12.38 -79.34 48.53
N LEU B 650 -12.63 -80.04 49.63
CA LEU B 650 -11.72 -81.10 50.09
C LEU B 650 -11.59 -82.25 49.10
N THR B 651 -12.58 -82.42 48.22
CA THR B 651 -12.60 -83.54 47.30
C THR B 651 -12.02 -83.22 45.93
N PHE B 652 -11.88 -81.94 45.58
CA PHE B 652 -11.38 -81.57 44.27
C PHE B 652 -9.88 -81.86 44.15
N ASN B 653 -9.44 -81.98 42.90
CA ASN B 653 -8.04 -82.20 42.57
C ASN B 653 -7.59 -81.15 41.56
N GLY B 654 -6.31 -80.83 41.59
CA GLY B 654 -5.79 -79.81 40.71
C GLY B 654 -4.37 -80.01 40.26
N ILE B 655 -3.74 -78.95 39.80
CA ILE B 655 -2.39 -79.04 39.26
C ILE B 655 -1.37 -78.97 40.38
N LYS B 656 -0.28 -79.71 40.24
CA LYS B 656 0.82 -79.71 41.19
C LYS B 656 1.92 -78.77 40.66
N TRP B 657 2.09 -77.63 41.32
CA TRP B 657 3.03 -76.64 40.86
C TRP B 657 4.46 -77.05 41.15
N SER B 658 5.37 -76.69 40.26
CA SER B 658 6.79 -76.96 40.43
C SER B 658 7.58 -75.73 40.02
N HIS B 659 8.70 -75.51 40.69
CA HIS B 659 9.56 -74.36 40.46
C HIS B 659 10.69 -74.65 39.48
N GLU B 660 10.54 -75.67 38.65
CA GLU B 660 11.57 -76.04 37.68
C GLU B 660 11.07 -76.00 36.24
N TYR B 661 9.86 -76.48 36.00
CA TYR B 661 9.29 -76.53 34.65
C TYR B 661 8.02 -75.71 34.62
N GLN B 662 8.11 -74.46 35.11
CA GLN B 662 6.96 -73.57 35.23
C GLN B 662 6.22 -73.41 33.91
N GLU B 663 6.95 -73.36 32.80
CA GLU B 663 6.32 -73.18 31.49
C GLU B 663 5.42 -74.37 31.14
N ALA B 664 5.87 -75.58 31.44
CA ALA B 664 5.03 -76.76 31.22
C ALA B 664 3.79 -76.73 32.11
N THR B 665 3.95 -76.29 33.36
CA THR B 665 2.82 -76.19 34.27
C THR B 665 1.78 -75.20 33.76
N ILE B 666 2.23 -74.11 33.14
CA ILE B 666 1.29 -73.15 32.56
C ILE B 666 0.62 -73.74 31.32
N GLU B 667 1.42 -74.40 30.46
CA GLU B 667 0.88 -75.09 29.28
C GLU B 667 -0.17 -76.13 29.66
N LYS B 668 -0.11 -76.66 30.87
CA LYS B 668 -1.08 -77.64 31.31
C LYS B 668 -2.26 -76.99 32.02
N ILE B 669 -2.02 -75.90 32.75
CA ILE B 669 -3.11 -75.23 33.46
C ILE B 669 -4.02 -74.47 32.51
N ILE B 670 -3.56 -74.15 31.30
CA ILE B 670 -4.43 -73.50 30.31
C ILE B 670 -5.63 -74.40 29.99
N ARG B 671 -5.37 -75.68 29.75
CA ARG B 671 -6.43 -76.61 29.36
C ARG B 671 -7.43 -76.86 30.49
N PHE B 672 -6.99 -76.80 31.76
CA PHE B 672 -7.87 -77.09 32.88
C PHE B 672 -8.91 -76.01 33.14
N LEU B 673 -8.77 -74.85 32.51
CA LEU B 673 -9.81 -73.83 32.58
C LEU B 673 -10.93 -74.18 31.61
N GLN B 674 -11.81 -73.22 31.35
CA GLN B 674 -12.75 -73.31 30.25
C GLN B 674 -12.15 -72.83 28.94
N GLY B 675 -10.82 -72.87 28.80
CA GLY B 675 -10.13 -72.34 27.63
C GLY B 675 -10.62 -72.90 26.31
N ARG B 676 -11.07 -74.15 26.33
CA ARG B 676 -11.71 -74.74 25.15
C ARG B 676 -12.94 -73.94 24.72
N SER B 677 -13.74 -73.45 25.67
CA SER B 677 -14.94 -72.68 25.36
C SER B 677 -14.98 -71.35 26.12
N SER B 678 -13.86 -70.65 26.24
CA SER B 678 -13.90 -69.37 26.95
C SER B 678 -14.43 -68.26 26.06
N ARG B 679 -14.68 -67.11 26.71
CA ARG B 679 -14.99 -65.84 26.06
C ARG B 679 -16.20 -65.90 25.15
N GLY C 30 40.69 -38.15 61.18
CA GLY C 30 41.96 -38.63 60.66
C GLY C 30 41.87 -39.08 59.22
N ALA C 31 40.71 -38.85 58.62
CA ALA C 31 40.49 -39.23 57.23
C ALA C 31 41.40 -38.43 56.29
N GLY C 32 41.55 -37.13 56.55
CA GLY C 32 42.49 -36.33 55.79
C GLY C 32 43.95 -36.64 56.05
N THR C 33 44.24 -37.46 57.05
CA THR C 33 45.58 -37.95 57.32
C THR C 33 45.80 -39.36 56.78
N GLU C 34 44.79 -40.22 56.82
CA GLU C 34 44.96 -41.63 56.54
C GLU C 34 44.99 -41.94 55.05
N VAL C 35 44.85 -40.92 54.19
CA VAL C 35 44.90 -41.12 52.75
C VAL C 35 46.25 -41.66 52.30
N GLN C 36 47.30 -41.49 53.10
CA GLN C 36 48.54 -42.20 52.92
C GLN C 36 48.63 -43.44 53.81
N ASP C 37 47.95 -43.43 54.96
CA ASP C 37 48.19 -44.44 55.98
C ASP C 37 47.39 -45.72 55.73
N ALA C 38 46.15 -45.59 55.26
CA ALA C 38 45.35 -46.77 54.97
C ALA C 38 45.90 -47.53 53.76
N LEU C 39 46.39 -46.80 52.76
CA LEU C 39 46.98 -47.45 51.61
C LEU C 39 48.38 -47.97 51.88
N GLU C 40 49.03 -47.51 52.94
CA GLU C 40 50.33 -48.06 53.32
C GLU C 40 50.22 -49.25 54.27
N ARG C 41 49.03 -49.82 54.43
CA ARG C 41 48.87 -51.03 55.22
C ARG C 41 48.02 -52.09 54.52
N ALA C 42 47.50 -51.80 53.33
CA ALA C 42 46.69 -52.75 52.58
C ALA C 42 47.40 -53.29 51.35
N LEU C 43 47.86 -52.40 50.48
CA LEU C 43 48.80 -52.78 49.42
C LEU C 43 50.00 -53.60 49.87
N PRO C 44 50.67 -53.35 51.06
CA PRO C 44 51.75 -54.23 51.52
C PRO C 44 51.57 -55.74 51.39
N GLU C 45 50.36 -56.28 51.60
CA GLU C 45 50.18 -57.73 51.61
C GLU C 45 49.55 -58.25 50.32
N LEU C 46 48.46 -57.62 49.89
CA LEU C 46 47.83 -58.01 48.64
C LEU C 46 48.74 -57.80 47.44
N GLN C 47 49.59 -56.76 47.48
CA GLN C 47 50.54 -56.47 46.40
C GLN C 47 51.37 -57.69 45.99
N GLN C 48 51.62 -58.61 46.92
CA GLN C 48 52.21 -59.89 46.56
C GLN C 48 51.18 -60.99 46.43
N ALA C 49 50.13 -60.99 47.26
CA ALA C 49 49.21 -62.13 47.28
C ALA C 49 48.37 -62.25 46.02
N LEU C 50 48.01 -61.13 45.39
CA LEU C 50 47.28 -61.13 44.12
C LEU C 50 47.97 -61.93 43.00
N SER C 51 49.30 -62.00 42.99
CA SER C 51 50.01 -62.84 42.04
C SER C 51 50.75 -64.00 42.68
N ALA C 52 50.69 -64.12 44.01
CA ALA C 52 51.32 -65.24 44.71
C ALA C 52 50.88 -66.58 44.13
N LEU C 53 49.61 -66.69 43.77
CA LEU C 53 49.06 -67.88 43.12
C LEU C 53 48.36 -67.38 41.86
N LYS C 54 49.14 -67.21 40.80
CA LYS C 54 48.70 -66.63 39.54
C LYS C 54 48.90 -67.56 38.36
N GLN C 55 49.99 -68.34 38.37
CA GLN C 55 50.28 -69.33 37.36
C GLN C 55 49.84 -70.72 37.76
N ALA C 56 49.49 -70.94 39.03
CA ALA C 56 49.15 -72.27 39.51
C ALA C 56 47.82 -72.71 38.92
N GLY C 57 47.82 -73.86 38.26
CA GLY C 57 46.62 -74.42 37.69
C GLY C 57 45.91 -75.37 38.64
N GLY C 58 46.20 -75.24 39.94
CA GLY C 58 45.53 -76.07 40.92
C GLY C 58 44.04 -75.78 40.99
N ALA C 59 43.26 -76.85 41.11
CA ALA C 59 41.80 -76.71 41.23
C ALA C 59 41.45 -76.02 42.54
N ARG C 60 41.98 -76.52 43.65
CA ARG C 60 41.69 -75.98 44.97
C ARG C 60 42.65 -74.89 45.38
N ALA C 61 43.65 -74.59 44.55
CA ALA C 61 44.66 -73.60 44.92
C ALA C 61 44.18 -72.18 44.64
N VAL C 62 43.40 -72.00 43.57
CA VAL C 62 42.94 -70.67 43.18
C VAL C 62 42.01 -70.09 44.23
N GLY C 63 41.16 -70.95 44.81
CA GLY C 63 40.13 -70.53 45.75
C GLY C 63 40.67 -69.80 46.97
N ALA C 64 41.85 -70.17 47.43
CA ALA C 64 42.40 -69.59 48.65
C ALA C 64 42.77 -68.13 48.43
N GLY C 65 43.56 -67.86 47.39
CA GLY C 65 43.86 -66.48 47.03
C GLY C 65 42.62 -65.67 46.70
N LEU C 66 41.65 -66.28 46.02
CA LEU C 66 40.38 -65.61 45.74
C LEU C 66 39.69 -65.16 47.02
N ALA C 67 39.52 -66.08 47.96
CA ALA C 67 38.91 -65.78 49.25
C ALA C 67 39.70 -64.70 50.00
N GLU C 68 41.03 -64.77 49.95
CA GLU C 68 41.89 -63.76 50.58
C GLU C 68 41.58 -62.36 50.05
N VAL C 69 41.59 -62.20 48.72
CA VAL C 69 41.33 -60.89 48.12
C VAL C 69 39.91 -60.42 48.41
N PHE C 70 38.94 -61.36 48.33
CA PHE C 70 37.55 -61.05 48.66
C PHE C 70 37.41 -60.55 50.10
N GLN C 71 38.16 -61.16 51.03
CA GLN C 71 38.17 -60.68 52.40
C GLN C 71 38.69 -59.25 52.47
N LEU C 72 39.80 -58.97 51.78
CA LEU C 72 40.36 -57.61 51.81
C LEU C 72 39.38 -56.56 51.25
N VAL C 73 38.76 -56.85 50.11
CA VAL C 73 37.79 -55.88 49.58
C VAL C 73 36.55 -55.81 50.45
N GLU C 74 36.24 -56.84 51.23
CA GLU C 74 35.17 -56.69 52.22
C GLU C 74 35.66 -56.04 53.50
N GLU C 75 36.95 -55.80 53.62
CA GLU C 75 37.52 -55.09 54.75
C GLU C 75 37.57 -53.60 54.48
N ALA C 76 37.97 -53.22 53.26
CA ALA C 76 38.03 -51.83 52.86
C ALA C 76 36.69 -51.13 53.04
N TRP C 77 35.62 -51.74 52.54
CA TRP C 77 34.29 -51.16 52.68
C TRP C 77 33.76 -51.18 54.11
N LEU C 78 34.33 -52.03 54.97
CA LEU C 78 33.68 -52.33 56.24
C LEU C 78 33.78 -51.16 57.22
N LEU C 79 34.99 -50.68 57.47
CA LEU C 79 35.19 -49.68 58.52
C LEU C 79 34.61 -48.35 58.05
N PRO C 80 33.67 -47.75 58.78
CA PRO C 80 32.99 -46.55 58.29
C PRO C 80 33.88 -45.32 58.34
N ALA C 81 33.48 -44.33 57.53
CA ALA C 81 34.11 -43.01 57.39
C ALA C 81 35.52 -43.07 56.82
N VAL C 82 36.00 -44.25 56.43
CA VAL C 82 37.32 -44.39 55.82
C VAL C 82 37.21 -45.19 54.54
N GLY C 83 36.05 -45.81 54.29
CA GLY C 83 36.03 -46.83 53.26
C GLY C 83 35.97 -46.34 51.84
N ARG C 84 35.67 -45.06 51.62
CA ARG C 84 35.51 -44.56 50.25
C ARG C 84 36.85 -44.47 49.53
N GLU C 85 37.82 -43.79 50.14
CA GLU C 85 39.09 -43.62 49.44
C GLU C 85 39.92 -44.90 49.49
N VAL C 86 39.92 -45.60 50.64
CA VAL C 86 40.64 -46.87 50.74
C VAL C 86 40.04 -47.90 49.78
N ALA C 87 38.76 -47.78 49.43
CA ALA C 87 38.21 -48.68 48.43
C ALA C 87 38.59 -48.25 47.02
N GLN C 88 38.47 -46.95 46.72
CA GLN C 88 38.63 -46.52 45.34
C GLN C 88 40.09 -46.59 44.89
N GLY C 89 41.02 -46.17 45.74
CA GLY C 89 42.43 -46.26 45.38
C GLY C 89 42.90 -47.69 45.30
N LEU C 90 42.41 -48.56 46.19
CA LEU C 90 42.73 -49.98 46.12
C LEU C 90 42.24 -50.59 44.81
N CYS C 91 41.01 -50.27 44.42
CA CYS C 91 40.48 -50.81 43.16
C CYS C 91 41.29 -50.30 41.98
N ASP C 92 41.68 -49.02 41.99
CA ASP C 92 42.54 -48.49 40.95
C ASP C 92 43.88 -49.20 40.90
N ALA C 93 44.43 -49.58 42.06
CA ALA C 93 45.69 -50.30 42.07
C ALA C 93 45.54 -51.72 41.52
N ILE C 94 44.41 -52.36 41.82
CA ILE C 94 44.11 -53.67 41.24
C ILE C 94 43.94 -53.55 39.73
N ARG C 95 43.45 -52.40 39.26
CA ARG C 95 43.38 -52.20 37.82
C ARG C 95 44.78 -52.03 37.23
N LEU C 96 45.61 -51.21 37.87
CA LEU C 96 46.92 -50.87 37.32
C LEU C 96 47.94 -52.01 37.42
N ASP C 97 47.61 -53.06 38.18
CA ASP C 97 48.58 -54.16 38.46
C ASP C 97 48.49 -55.27 37.39
N GLY C 98 47.50 -55.18 36.51
CA GLY C 98 47.36 -56.15 35.44
C GLY C 98 46.68 -57.42 35.92
N GLY C 99 45.60 -57.27 36.68
CA GLY C 99 44.89 -58.42 37.23
C GLY C 99 43.50 -58.64 36.68
N LEU C 100 42.99 -57.67 35.91
CA LEU C 100 41.69 -57.83 35.28
C LEU C 100 41.72 -58.96 34.25
N ASP C 101 42.82 -59.07 33.50
CA ASP C 101 42.93 -60.14 32.54
C ASP C 101 42.95 -61.50 33.22
N LEU C 102 43.48 -61.57 34.44
CA LEU C 102 43.45 -62.83 35.19
C LEU C 102 42.02 -63.24 35.50
N LEU C 103 41.20 -62.27 35.93
CA LEU C 103 39.79 -62.55 36.17
C LEU C 103 39.08 -62.95 34.89
N LEU C 104 39.36 -62.25 33.80
CA LEU C 104 38.71 -62.57 32.53
C LEU C 104 39.13 -63.94 32.01
N ARG C 105 40.34 -64.40 32.34
CA ARG C 105 40.71 -65.78 32.05
C ARG C 105 39.91 -66.74 32.92
N LEU C 106 39.99 -66.56 34.25
CA LEU C 106 39.33 -67.48 35.18
C LEU C 106 37.82 -67.51 35.04
N LEU C 107 37.21 -66.55 34.36
CA LEU C 107 35.79 -66.66 34.08
C LEU C 107 35.47 -67.71 33.04
N GLN C 108 36.46 -68.15 32.25
CA GLN C 108 36.24 -69.16 31.22
C GLN C 108 36.77 -70.53 31.63
N ALA C 109 37.16 -70.71 32.89
CA ALA C 109 37.73 -71.96 33.35
C ALA C 109 36.68 -73.08 33.29
N PRO C 110 37.09 -74.33 33.09
CA PRO C 110 36.10 -75.41 33.01
C PRO C 110 35.47 -75.77 34.34
N GLU C 111 36.17 -75.58 35.45
CA GLU C 111 35.58 -75.88 36.75
C GLU C 111 34.57 -74.81 37.13
N LEU C 112 33.60 -75.20 37.95
CA LEU C 112 32.47 -74.32 38.23
C LEU C 112 32.65 -73.50 39.50
N GLU C 113 33.30 -74.05 40.53
CA GLU C 113 33.41 -73.31 41.78
C GLU C 113 34.45 -72.21 41.68
N THR C 114 35.46 -72.38 40.83
CA THR C 114 36.36 -71.27 40.57
C THR C 114 35.65 -70.18 39.79
N ARG C 115 34.71 -70.54 38.91
CA ARG C 115 33.94 -69.54 38.19
C ARG C 115 33.08 -68.73 39.15
N VAL C 116 32.40 -69.40 40.08
CA VAL C 116 31.50 -68.65 40.96
C VAL C 116 32.31 -67.78 41.92
N GLN C 117 33.48 -68.24 42.37
CA GLN C 117 34.28 -67.40 43.26
C GLN C 117 34.87 -66.22 42.49
N ALA C 118 35.26 -66.42 41.24
CA ALA C 118 35.78 -65.32 40.44
C ALA C 118 34.71 -64.29 40.14
N ALA C 119 33.47 -64.74 39.92
CA ALA C 119 32.39 -63.81 39.67
C ALA C 119 32.05 -63.02 40.93
N ARG C 120 32.01 -63.68 42.09
CA ARG C 120 31.67 -62.96 43.31
C ARG C 120 32.80 -61.98 43.67
N LEU C 121 34.03 -62.27 43.28
CA LEU C 121 35.08 -61.27 43.46
C LEU C 121 34.98 -60.14 42.46
N LEU C 122 34.57 -60.43 41.23
CA LEU C 122 34.46 -59.39 40.21
C LEU C 122 33.33 -58.42 40.50
N GLU C 123 32.32 -58.86 41.28
CA GLU C 123 31.21 -57.98 41.63
C GLU C 123 31.68 -56.76 42.43
N GLN C 124 32.70 -56.92 43.27
CA GLN C 124 33.06 -55.91 44.25
C GLN C 124 34.10 -54.92 43.76
N ILE C 125 34.47 -54.95 42.48
CA ILE C 125 35.55 -54.11 41.98
C ILE C 125 35.09 -53.03 41.03
N LEU C 126 33.92 -53.16 40.42
CA LEU C 126 33.49 -52.26 39.36
C LEU C 126 33.12 -50.90 39.96
N VAL C 127 34.06 -49.97 39.90
CA VAL C 127 33.81 -48.58 40.31
C VAL C 127 33.94 -47.80 38.99
N ALA C 128 33.76 -46.48 39.04
CA ALA C 128 33.57 -45.66 37.84
C ALA C 128 34.77 -45.69 36.88
N GLU C 129 35.94 -46.13 37.32
CA GLU C 129 37.11 -46.14 36.45
C GLU C 129 37.41 -47.53 35.89
N ASN C 130 37.28 -48.57 36.72
CA ASN C 130 37.53 -49.94 36.28
C ASN C 130 36.48 -50.39 35.28
N ARG C 131 35.27 -49.82 35.38
CA ARG C 131 34.16 -50.21 34.52
C ARG C 131 34.44 -49.87 33.06
N ASP C 132 35.22 -48.83 32.81
CA ASP C 132 35.61 -48.49 31.44
C ASP C 132 36.47 -49.58 30.83
N ARG C 133 37.43 -50.10 31.60
CA ARG C 133 38.30 -51.15 31.07
C ARG C 133 37.52 -52.44 30.87
N VAL C 134 36.58 -52.74 31.77
CA VAL C 134 35.79 -53.96 31.60
C VAL C 134 34.89 -53.83 30.37
N ALA C 135 34.34 -52.65 30.15
CA ALA C 135 33.52 -52.43 28.95
C ALA C 135 34.38 -52.43 27.69
N ARG C 136 35.66 -52.10 27.81
CA ARG C 136 36.55 -52.18 26.66
C ARG C 136 36.79 -53.62 26.24
N ILE C 137 37.23 -54.47 27.16
CA ILE C 137 37.76 -55.78 26.81
C ILE C 137 36.80 -56.92 27.14
N GLY C 138 36.23 -56.94 28.35
CA GLY C 138 35.65 -58.16 28.88
C GLY C 138 34.30 -58.55 28.32
N LEU C 139 33.58 -57.61 27.69
CA LEU C 139 32.13 -57.64 27.55
C LEU C 139 31.57 -58.95 26.99
N GLY C 140 32.36 -59.72 26.25
CA GLY C 140 31.83 -60.95 25.67
C GLY C 140 31.74 -62.11 26.62
N VAL C 141 32.66 -62.22 27.58
CA VAL C 141 32.64 -63.37 28.47
C VAL C 141 31.44 -63.30 29.42
N ILE C 142 31.04 -62.10 29.83
CA ILE C 142 29.86 -61.94 30.68
C ILE C 142 28.61 -62.43 29.96
N LEU C 143 28.50 -62.10 28.67
CA LEU C 143 27.39 -62.60 27.87
C LEU C 143 27.46 -64.11 27.70
N ASN C 144 28.68 -64.65 27.60
CA ASN C 144 28.84 -66.11 27.58
C ASN C 144 28.40 -66.74 28.90
N LEU C 145 28.59 -66.04 30.01
CA LEU C 145 28.12 -66.54 31.31
C LEU C 145 26.62 -66.38 31.48
N ALA C 146 26.00 -65.49 30.72
CA ALA C 146 24.56 -65.27 30.83
C ALA C 146 23.74 -66.47 30.37
N LYS C 147 24.35 -67.43 29.69
CA LYS C 147 23.61 -68.63 29.31
C LYS C 147 23.49 -69.63 30.46
N GLU C 148 24.46 -69.65 31.37
CA GLU C 148 24.42 -70.56 32.52
C GLU C 148 23.45 -70.00 33.55
N ARG C 149 22.29 -70.67 33.71
CA ARG C 149 21.25 -70.17 34.59
C ARG C 149 21.12 -70.93 35.90
N GLU C 150 21.61 -72.16 35.97
CA GLU C 150 21.25 -73.04 37.08
C GLU C 150 21.95 -72.74 38.42
N PRO C 151 23.28 -72.61 38.51
CA PRO C 151 23.88 -72.41 39.84
C PRO C 151 23.58 -71.03 40.38
N VAL C 152 23.08 -70.99 41.62
CA VAL C 152 22.48 -69.77 42.15
C VAL C 152 23.54 -68.75 42.52
N GLU C 153 24.63 -69.19 43.14
CA GLU C 153 25.76 -68.30 43.43
C GLU C 153 26.37 -67.69 42.17
N LEU C 154 26.25 -68.37 41.02
CA LEU C 154 26.63 -67.72 39.77
C LEU C 154 25.69 -66.58 39.42
N ALA C 155 24.38 -66.84 39.46
CA ALA C 155 23.41 -65.86 39.02
C ALA C 155 23.38 -64.65 39.94
N ARG C 156 23.57 -64.88 41.23
CA ARG C 156 23.54 -63.81 42.21
C ARG C 156 24.65 -62.80 41.97
N SER C 157 25.79 -63.25 41.47
CA SER C 157 26.85 -62.29 41.21
C SER C 157 26.81 -61.73 39.81
N VAL C 158 26.42 -62.52 38.81
CA VAL C 158 26.41 -62.00 37.45
C VAL C 158 25.26 -61.01 37.27
N ALA C 159 24.19 -61.14 38.06
CA ALA C 159 23.14 -60.13 38.06
C ALA C 159 23.67 -58.79 38.54
N GLY C 160 24.52 -58.80 39.58
CA GLY C 160 25.13 -57.57 40.03
C GLY C 160 26.13 -57.03 39.05
N ILE C 161 26.80 -57.92 38.32
CA ILE C 161 27.72 -57.49 37.26
C ILE C 161 26.97 -56.74 36.17
N LEU C 162 25.83 -57.29 35.74
CA LEU C 162 25.03 -56.61 34.72
C LEU C 162 24.43 -55.32 35.26
N GLU C 163 24.04 -55.32 36.54
CA GLU C 163 23.57 -54.10 37.19
C GLU C 163 24.61 -52.99 37.11
N HIS C 164 25.86 -53.30 37.45
CA HIS C 164 26.88 -52.26 37.39
C HIS C 164 27.28 -51.92 35.96
N MET C 165 27.14 -52.86 35.02
CA MET C 165 27.55 -52.59 33.65
C MET C 165 26.50 -51.87 32.82
N PHE C 166 25.25 -51.83 33.27
CA PHE C 166 24.26 -51.02 32.55
C PHE C 166 24.45 -49.53 32.73
N LYS C 167 25.28 -49.09 33.66
CA LYS C 167 25.40 -47.66 33.94
C LYS C 167 26.46 -46.97 33.11
N HIS C 168 27.11 -47.67 32.18
CA HIS C 168 28.30 -47.08 31.57
C HIS C 168 27.95 -46.11 30.45
N SER C 169 27.34 -46.61 29.38
CA SER C 169 27.14 -45.81 28.19
C SER C 169 25.88 -46.29 27.48
N GLU C 170 25.52 -45.57 26.42
CA GLU C 170 24.35 -45.95 25.63
C GLU C 170 24.68 -47.09 24.68
N GLU C 171 25.90 -47.13 24.16
CA GLU C 171 26.28 -48.21 23.26
C GLU C 171 26.36 -49.52 24.03
N THR C 172 26.84 -49.47 25.27
CA THR C 172 26.91 -50.67 26.09
C THR C 172 25.51 -51.21 26.38
N CYS C 173 24.55 -50.33 26.62
CA CYS C 173 23.17 -50.76 26.82
C CYS C 173 22.61 -51.33 25.53
N GLN C 174 22.97 -50.74 24.39
CA GLN C 174 22.50 -51.23 23.10
C GLN C 174 23.00 -52.64 22.85
N ARG C 175 24.27 -52.89 23.16
CA ARG C 175 24.83 -54.23 23.01
C ARG C 175 24.17 -55.22 23.95
N LEU C 176 24.01 -54.85 25.22
CA LEU C 176 23.45 -55.79 26.18
C LEU C 176 21.96 -56.05 25.95
N VAL C 177 21.27 -55.19 25.23
CA VAL C 177 19.91 -55.51 24.83
C VAL C 177 19.88 -56.25 23.49
N ALA C 178 20.93 -56.13 22.69
CA ALA C 178 20.91 -56.71 21.35
C ALA C 178 21.66 -58.03 21.27
N ALA C 179 22.36 -58.43 22.34
CA ALA C 179 23.05 -59.70 22.36
C ALA C 179 22.40 -60.69 23.32
N GLY C 180 21.18 -60.42 23.77
CA GLY C 180 20.49 -61.35 24.65
C GLY C 180 20.81 -61.21 26.12
N GLY C 181 21.43 -60.10 26.53
CA GLY C 181 21.72 -59.91 27.94
C GLY C 181 20.57 -59.43 28.78
N LEU C 182 19.45 -59.06 28.16
CA LEU C 182 18.25 -58.66 28.88
C LEU C 182 17.36 -59.85 29.20
N ASP C 183 17.34 -60.84 28.31
CA ASP C 183 16.58 -62.07 28.53
C ASP C 183 16.99 -62.75 29.82
N ALA C 184 18.29 -62.75 30.13
CA ALA C 184 18.78 -63.29 31.39
C ALA C 184 18.10 -62.63 32.58
N VAL C 185 18.07 -61.30 32.60
CA VAL C 185 17.43 -60.54 33.67
C VAL C 185 15.95 -60.90 33.77
N LEU C 186 15.27 -60.94 32.62
CA LEU C 186 13.83 -61.20 32.66
C LEU C 186 13.51 -62.66 32.98
N TYR C 187 14.46 -63.57 32.81
CA TYR C 187 14.23 -64.93 33.28
C TYR C 187 14.53 -65.06 34.76
N TRP C 188 15.53 -64.32 35.24
CA TRP C 188 15.87 -64.39 36.65
C TRP C 188 14.88 -63.64 37.52
N CYS C 189 13.98 -62.87 36.92
CA CYS C 189 12.90 -62.27 37.69
C CYS C 189 11.94 -63.31 38.26
N ARG C 190 11.96 -64.56 37.79
CA ARG C 190 11.02 -65.57 38.29
C ARG C 190 11.40 -66.05 39.69
N ARG C 191 12.69 -66.18 39.97
CA ARG C 191 13.12 -66.89 41.16
C ARG C 191 12.81 -66.09 42.43
N THR C 192 13.04 -66.72 43.58
CA THR C 192 12.59 -66.21 44.87
C THR C 192 13.74 -65.87 45.81
N ASP C 193 14.90 -65.55 45.27
CA ASP C 193 16.00 -65.18 46.15
C ASP C 193 15.83 -63.73 46.62
N PRO C 194 16.03 -63.46 47.91
CA PRO C 194 15.84 -62.10 48.43
C PRO C 194 17.00 -61.16 48.17
N ALA C 195 18.08 -61.63 47.55
CA ALA C 195 19.16 -60.74 47.15
C ALA C 195 19.37 -60.69 45.64
N LEU C 196 18.90 -61.69 44.90
CA LEU C 196 18.97 -61.64 43.45
C LEU C 196 17.99 -60.61 42.89
N LEU C 197 16.82 -60.50 43.50
CA LEU C 197 15.78 -59.64 42.96
C LEU C 197 16.11 -58.17 43.13
N ARG C 198 16.88 -57.81 44.16
CA ARG C 198 17.30 -56.42 44.28
C ARG C 198 18.22 -56.02 43.14
N HIS C 199 19.16 -56.89 42.79
CA HIS C 199 20.04 -56.63 41.67
C HIS C 199 19.26 -56.61 40.36
N CYS C 200 18.24 -57.46 40.25
CA CYS C 200 17.42 -57.50 39.04
C CYS C 200 16.63 -56.22 38.86
N ALA C 201 16.06 -55.72 39.96
CA ALA C 201 15.29 -54.47 39.91
C ALA C 201 16.18 -53.29 39.60
N LEU C 202 17.34 -53.20 40.24
CA LEU C 202 18.23 -52.10 39.94
C LEU C 202 18.78 -52.18 38.52
N ALA C 203 18.91 -53.39 37.98
CA ALA C 203 19.34 -53.54 36.60
C ALA C 203 18.31 -52.95 35.64
N LEU C 204 17.03 -53.31 35.84
CA LEU C 204 16.00 -52.79 34.95
C LEU C 204 15.84 -51.28 35.11
N GLY C 205 16.00 -50.78 36.35
CA GLY C 205 15.88 -49.36 36.58
C GLY C 205 16.99 -48.56 35.92
N ASN C 206 18.24 -49.00 36.08
CA ASN C 206 19.37 -48.30 35.47
C ASN C 206 19.32 -48.39 33.96
N CYS C 207 18.89 -49.54 33.42
CA CYS C 207 18.78 -49.68 31.97
C CYS C 207 17.75 -48.71 31.40
N ALA C 208 16.58 -48.62 32.01
CA ALA C 208 15.60 -47.66 31.54
C ALA C 208 16.03 -46.22 31.81
N LEU C 209 16.89 -45.98 32.80
CA LEU C 209 17.26 -44.62 33.16
C LEU C 209 18.32 -44.05 32.22
N HIS C 210 19.45 -44.73 32.06
CA HIS C 210 20.53 -44.23 31.21
C HIS C 210 20.53 -44.85 29.83
N GLY C 211 19.44 -45.47 29.41
CA GLY C 211 19.46 -46.17 28.15
C GLY C 211 19.33 -45.30 26.93
N GLY C 212 18.18 -44.64 26.77
CA GLY C 212 17.87 -43.91 25.57
C GLY C 212 16.49 -44.26 25.08
N GLN C 213 16.26 -44.05 23.79
CA GLN C 213 14.93 -44.23 23.22
C GLN C 213 14.71 -45.64 22.68
N ALA C 214 15.65 -46.11 21.86
CA ALA C 214 15.51 -47.42 21.20
C ALA C 214 15.40 -48.55 22.21
N VAL C 215 16.33 -48.57 23.16
CA VAL C 215 16.34 -49.57 24.23
C VAL C 215 15.03 -49.57 25.01
N GLN C 216 14.42 -48.40 25.23
CA GLN C 216 13.11 -48.37 25.91
C GLN C 216 12.04 -49.06 25.07
N ARG C 217 11.95 -48.74 23.79
CA ARG C 217 10.97 -49.37 22.91
C ARG C 217 11.16 -50.88 22.86
N ARG C 218 12.42 -51.33 22.76
CA ARG C 218 12.67 -52.77 22.72
C ARG C 218 12.51 -53.41 24.09
N MET C 219 12.54 -52.63 25.16
CA MET C 219 12.25 -53.15 26.48
C MET C 219 10.76 -53.38 26.67
N VAL C 220 9.94 -52.40 26.27
CA VAL C 220 8.50 -52.54 26.43
C VAL C 220 7.93 -53.51 25.40
N GLU C 221 8.64 -53.74 24.30
CA GLU C 221 8.18 -54.74 23.35
C GLU C 221 8.39 -56.14 23.92
N LYS C 222 9.39 -56.33 24.77
CA LYS C 222 9.67 -57.64 25.35
C LYS C 222 8.88 -57.89 26.63
N ARG C 223 7.79 -57.15 26.84
CA ARG C 223 6.88 -57.34 27.98
C ARG C 223 7.59 -57.16 29.31
N ALA C 224 8.52 -56.21 29.38
CA ALA C 224 9.20 -55.96 30.64
C ALA C 224 8.29 -55.28 31.64
N ALA C 225 7.28 -54.55 31.17
CA ALA C 225 6.34 -53.92 32.10
C ALA C 225 5.51 -54.96 32.84
N GLU C 226 5.25 -56.10 32.20
CA GLU C 226 4.47 -57.15 32.84
C GLU C 226 5.29 -57.88 33.88
N TRP C 227 6.57 -58.10 33.63
CA TRP C 227 7.39 -58.87 34.54
C TRP C 227 7.76 -58.08 35.79
N LEU C 228 7.59 -56.76 35.78
CA LEU C 228 7.87 -55.98 36.98
C LEU C 228 6.78 -56.14 38.03
N PHE C 229 5.62 -56.67 37.66
CA PHE C 229 4.51 -56.75 38.61
C PHE C 229 4.76 -57.76 39.74
N PRO C 230 5.23 -59.00 39.50
CA PRO C 230 5.55 -59.86 40.65
C PRO C 230 6.69 -59.35 41.48
N LEU C 231 7.48 -58.42 40.97
CA LEU C 231 8.58 -57.85 41.72
C LEU C 231 8.13 -56.71 42.62
N ALA C 232 7.01 -56.06 42.30
CA ALA C 232 6.51 -54.95 43.08
C ALA C 232 5.41 -55.35 44.05
N PHE C 233 4.84 -56.55 43.90
CA PHE C 233 3.73 -56.99 44.73
C PHE C 233 4.17 -57.85 45.91
N SER C 234 5.45 -58.19 45.98
CA SER C 234 5.95 -59.00 47.09
C SER C 234 5.94 -58.16 48.36
N LYS C 235 5.20 -58.65 49.37
CA LYS C 235 5.04 -57.93 50.63
C LYS C 235 6.05 -58.36 51.68
N GLU C 236 7.26 -58.71 51.26
CA GLU C 236 8.31 -59.16 52.16
C GLU C 236 9.28 -58.04 52.52
N ASP C 237 9.65 -57.20 51.56
CA ASP C 237 10.58 -56.11 51.79
C ASP C 237 10.14 -54.89 50.98
N GLU C 238 10.55 -53.72 51.44
CA GLU C 238 10.14 -52.48 50.81
C GLU C 238 11.16 -51.91 49.84
N LEU C 239 12.43 -52.31 49.94
CA LEU C 239 13.41 -51.82 48.98
C LEU C 239 13.13 -52.40 47.59
N LEU C 240 12.68 -53.66 47.53
CA LEU C 240 12.30 -54.24 46.25
C LEU C 240 11.14 -53.50 45.62
N ARG C 241 10.16 -53.13 46.44
CA ARG C 241 9.01 -52.40 45.93
C ARG C 241 9.41 -51.00 45.47
N LEU C 242 10.33 -50.37 46.19
CA LEU C 242 10.77 -49.04 45.79
C LEU C 242 11.53 -49.08 44.47
N HIS C 243 12.42 -50.06 44.29
CA HIS C 243 13.16 -50.07 43.04
C HIS C 243 12.28 -50.48 41.86
N ALA C 244 11.31 -51.37 42.10
CA ALA C 244 10.40 -51.74 41.02
C ALA C 244 9.51 -50.57 40.61
N CYS C 245 8.97 -49.83 41.58
CA CYS C 245 8.14 -48.67 41.25
C CYS C 245 8.96 -47.60 40.54
N LEU C 246 10.22 -47.39 40.97
CA LEU C 246 11.06 -46.42 40.27
C LEU C 246 11.27 -46.82 38.82
N ALA C 247 11.52 -48.10 38.57
CA ALA C 247 11.75 -48.55 37.19
C ALA C 247 10.50 -48.36 36.34
N VAL C 248 9.34 -48.73 36.86
CA VAL C 248 8.13 -48.60 36.07
C VAL C 248 7.77 -47.12 35.85
N ALA C 249 8.10 -46.24 36.81
CA ALA C 249 7.82 -44.82 36.62
C ALA C 249 8.71 -44.21 35.55
N VAL C 250 9.99 -44.59 35.53
CA VAL C 250 10.87 -44.06 34.50
C VAL C 250 10.46 -44.59 33.14
N LEU C 251 9.96 -45.83 33.08
CA LEU C 251 9.45 -46.33 31.81
C LEU C 251 8.16 -45.66 31.40
N ALA C 252 7.34 -45.24 32.36
CA ALA C 252 6.05 -44.62 32.04
C ALA C 252 6.15 -43.12 31.83
N THR C 253 7.31 -42.52 32.02
CA THR C 253 7.45 -41.09 31.74
C THR C 253 7.46 -40.85 30.24
N ASN C 254 8.06 -41.75 29.48
CA ASN C 254 8.08 -41.68 28.02
C ASN C 254 6.67 -41.70 27.46
N LYS C 255 6.42 -40.87 26.45
CA LYS C 255 5.07 -40.71 25.93
C LYS C 255 4.69 -41.76 24.90
N GLU C 256 5.67 -42.40 24.27
CA GLU C 256 5.36 -43.27 23.15
C GLU C 256 4.73 -44.59 23.60
N VAL C 257 5.18 -45.12 24.73
CA VAL C 257 4.74 -46.45 25.13
C VAL C 257 4.02 -46.42 26.47
N GLU C 258 3.43 -45.28 26.82
CA GLU C 258 2.67 -45.24 28.06
C GLU C 258 1.36 -46.02 27.97
N ARG C 259 0.85 -46.23 26.75
CA ARG C 259 -0.39 -46.99 26.58
C ARG C 259 -0.17 -48.45 26.94
N GLU C 260 0.92 -49.04 26.47
CA GLU C 260 1.29 -50.40 26.84
C GLU C 260 1.44 -50.54 28.35
N VAL C 261 2.15 -49.59 28.98
CA VAL C 261 2.42 -49.68 30.41
C VAL C 261 1.13 -49.56 31.20
N GLU C 262 0.22 -48.66 30.80
CA GLU C 262 -1.06 -48.59 31.50
C GLU C 262 -1.92 -49.81 31.24
N ARG C 263 -1.79 -50.43 30.07
CA ARG C 263 -2.51 -51.67 29.80
C ARG C 263 -1.96 -52.82 30.62
N SER C 264 -0.69 -52.73 31.03
CA SER C 264 -0.11 -53.77 31.87
C SER C 264 -0.71 -53.79 33.26
N GLY C 265 -1.14 -52.63 33.77
CA GLY C 265 -1.85 -52.57 35.02
C GLY C 265 -1.00 -52.54 36.27
N THR C 266 0.30 -52.30 36.14
CA THR C 266 1.16 -52.24 37.31
C THR C 266 1.39 -50.83 37.82
N LEU C 267 0.83 -49.82 37.16
CA LEU C 267 0.96 -48.47 37.68
C LEU C 267 0.02 -48.19 38.85
N ALA C 268 -1.04 -48.99 39.00
CA ALA C 268 -1.99 -48.78 40.08
C ALA C 268 -1.41 -49.08 41.46
N LEU C 269 -0.22 -49.69 41.55
CA LEU C 269 0.36 -50.08 42.81
C LEU C 269 1.44 -49.11 43.28
N VAL C 270 1.41 -47.88 42.81
CA VAL C 270 2.42 -46.90 43.24
C VAL C 270 1.90 -46.07 44.41
N GLU C 271 0.69 -45.53 44.29
CA GLU C 271 0.06 -44.70 45.31
C GLU C 271 0.00 -45.35 46.69
N PRO C 272 -0.63 -46.54 46.89
CA PRO C 272 -0.67 -47.13 48.25
C PRO C 272 0.70 -47.23 48.91
N LEU C 273 1.69 -47.70 48.15
CA LEU C 273 3.03 -47.91 48.68
C LEU C 273 3.64 -46.61 49.20
N VAL C 274 3.68 -45.58 48.35
CA VAL C 274 4.22 -44.28 48.75
C VAL C 274 3.41 -43.71 49.92
N ALA C 275 2.10 -43.92 49.90
CA ALA C 275 1.25 -43.41 50.97
C ALA C 275 1.50 -44.11 52.30
N SER C 276 2.02 -45.34 52.27
CA SER C 276 2.19 -46.14 53.48
C SER C 276 3.65 -46.29 53.88
N LEU C 277 4.44 -45.23 53.74
CA LEU C 277 5.85 -45.28 54.12
C LEU C 277 6.23 -43.99 54.83
N ASP C 278 7.52 -43.88 55.14
CA ASP C 278 8.07 -42.69 55.78
C ASP C 278 9.44 -42.40 55.18
N PRO C 279 9.65 -41.21 54.62
CA PRO C 279 11.01 -40.88 54.15
C PRO C 279 12.02 -40.78 55.26
N GLY C 280 11.57 -40.51 56.49
CA GLY C 280 12.50 -40.31 57.59
C GLY C 280 13.20 -41.59 58.01
N ARG C 281 12.53 -42.73 57.85
CA ARG C 281 13.11 -44.02 58.17
C ARG C 281 13.95 -44.60 57.04
N PHE C 282 13.62 -44.29 55.79
CA PHE C 282 14.52 -44.65 54.69
C PHE C 282 15.67 -43.67 54.55
N ALA C 283 15.54 -42.47 55.11
CA ALA C 283 16.71 -41.75 55.57
C ALA C 283 17.29 -42.51 56.75
N ARG C 284 18.62 -42.57 56.83
CA ARG C 284 19.48 -43.44 57.65
C ARG C 284 19.51 -44.86 57.05
N LEU C 286 19.91 -46.40 52.93
CA LEU C 286 20.63 -46.00 51.71
C LEU C 286 21.94 -45.26 52.04
N VAL C 287 22.40 -45.34 53.29
CA VAL C 287 23.69 -44.79 53.69
C VAL C 287 24.69 -45.88 54.06
N ASP C 288 24.24 -47.14 54.11
CA ASP C 288 25.10 -48.27 54.44
C ASP C 288 25.09 -49.39 53.40
N ALA C 289 24.11 -49.41 52.49
CA ALA C 289 23.87 -50.59 51.68
C ALA C 289 24.85 -50.70 50.52
N SER C 290 24.85 -49.71 49.63
CA SER C 290 25.61 -49.80 48.39
C SER C 290 27.11 -49.67 48.63
N ASP C 291 27.54 -48.49 49.08
CA ASP C 291 28.96 -48.23 49.24
C ASP C 291 29.28 -47.36 50.45
N THR C 292 28.31 -47.07 51.31
CA THR C 292 28.44 -46.16 52.45
C THR C 292 28.93 -44.78 51.98
N SER C 293 28.11 -44.16 51.15
CA SER C 293 28.42 -42.87 50.54
C SER C 293 27.38 -41.83 50.96
N GLN C 294 27.70 -40.57 50.68
CA GLN C 294 26.80 -39.47 51.01
C GLN C 294 25.83 -39.19 49.85
N GLY C 295 25.10 -40.24 49.47
CA GLY C 295 24.05 -40.09 48.48
C GLY C 295 24.52 -40.24 47.05
N ARG C 296 23.61 -39.93 46.15
CA ARG C 296 23.85 -40.03 44.72
C ARG C 296 24.42 -38.74 44.17
N GLY C 297 25.12 -38.85 43.05
CA GLY C 297 25.86 -37.74 42.49
C GLY C 297 24.95 -36.73 41.81
N PRO C 298 25.54 -35.59 41.43
CA PRO C 298 24.77 -34.58 40.68
C PRO C 298 24.22 -35.10 39.36
N ASP C 299 25.05 -35.80 38.59
CA ASP C 299 24.60 -36.31 37.30
C ASP C 299 23.62 -37.47 37.48
N ASP C 300 23.63 -38.11 38.65
CA ASP C 300 22.57 -39.05 38.98
C ASP C 300 21.33 -38.30 39.45
N LEU C 301 21.51 -37.14 40.09
CA LEU C 301 20.36 -36.39 40.58
C LEU C 301 19.60 -35.69 39.48
N GLN C 302 20.23 -35.41 38.34
CA GLN C 302 19.48 -34.80 37.25
C GLN C 302 18.66 -35.82 36.47
N ARG C 303 18.63 -37.08 36.90
CA ARG C 303 17.82 -38.09 36.28
C ARG C 303 16.43 -38.17 36.88
N LEU C 304 16.21 -37.49 38.00
CA LEU C 304 14.92 -37.47 38.69
C LEU C 304 14.10 -36.24 38.37
N VAL C 305 14.75 -35.11 38.13
CA VAL C 305 14.01 -33.86 37.89
C VAL C 305 13.17 -33.90 36.62
N PRO C 306 13.60 -34.47 35.49
CA PRO C 306 12.68 -34.57 34.35
C PRO C 306 11.47 -35.47 34.58
N LEU C 307 11.49 -36.39 35.53
CA LEU C 307 10.26 -37.10 35.84
C LEU C 307 9.45 -36.41 36.92
N LEU C 308 9.96 -35.32 37.48
CA LEU C 308 9.19 -34.54 38.45
C LEU C 308 8.25 -33.58 37.76
N ASP C 309 8.49 -33.25 36.50
CA ASP C 309 7.63 -32.35 35.72
C ASP C 309 7.04 -33.17 34.59
N SER C 310 5.89 -33.78 34.84
CA SER C 310 5.23 -34.58 33.82
C SER C 310 3.76 -34.70 34.21
N ASN C 311 2.92 -34.97 33.21
CA ASN C 311 1.49 -35.07 33.44
C ASN C 311 1.09 -36.48 33.83
N ARG C 312 1.78 -37.04 34.82
CA ARG C 312 1.43 -38.31 35.42
C ARG C 312 1.53 -38.16 36.92
N LEU C 313 0.76 -38.95 37.65
CA LEU C 313 0.70 -38.74 39.09
C LEU C 313 1.69 -39.64 39.84
N GLU C 314 1.71 -40.93 39.49
CA GLU C 314 2.65 -41.88 40.08
C GLU C 314 4.10 -41.43 39.95
N ALA C 315 4.50 -41.02 38.75
CA ALA C 315 5.84 -40.51 38.50
C ALA C 315 6.19 -39.37 39.44
N GLN C 316 5.31 -38.38 39.53
CA GLN C 316 5.54 -37.24 40.42
C GLN C 316 5.68 -37.67 41.87
N CYS C 317 4.84 -38.62 42.32
CA CYS C 317 4.91 -39.08 43.70
C CYS C 317 6.26 -39.75 44.00
N ILE C 318 6.67 -40.68 43.15
CA ILE C 318 7.95 -41.36 43.32
C ILE C 318 9.12 -40.37 43.30
N GLY C 319 9.09 -39.43 42.35
CA GLY C 319 10.13 -38.41 42.30
C GLY C 319 10.22 -37.59 43.56
N ALA C 320 9.07 -37.11 44.04
CA ALA C 320 8.99 -36.42 45.33
C ALA C 320 9.60 -37.23 46.45
N PHE C 321 9.26 -38.52 46.53
CA PHE C 321 9.81 -39.41 47.55
C PHE C 321 11.34 -39.44 47.51
N TYR C 322 11.90 -39.73 46.34
CA TYR C 322 13.35 -39.84 46.23
C TYR C 322 14.04 -38.52 46.54
N LEU C 323 13.50 -37.40 46.04
CA LEU C 323 14.10 -36.11 46.34
C LEU C 323 14.03 -35.78 47.82
N CYS C 324 12.91 -36.06 48.48
CA CYS C 324 12.80 -35.87 49.93
C CYS C 324 13.89 -36.65 50.67
N ALA C 325 14.05 -37.93 50.33
CA ALA C 325 15.06 -38.76 50.97
C ALA C 325 16.47 -38.20 50.76
N GLU C 326 16.81 -37.91 49.50
CA GLU C 326 18.12 -37.35 49.19
C GLU C 326 18.36 -36.01 49.88
N ALA C 327 17.34 -35.15 49.92
CA ALA C 327 17.44 -33.88 50.64
C ALA C 327 17.75 -34.11 52.11
N ALA C 328 17.07 -35.08 52.72
CA ALA C 328 17.36 -35.46 54.10
C ALA C 328 18.82 -35.84 54.27
N ILE C 329 19.33 -36.71 53.40
CA ILE C 329 20.70 -37.17 53.53
C ILE C 329 21.72 -36.05 53.28
N LYS C 330 21.42 -35.14 52.37
CA LYS C 330 22.37 -34.11 51.97
C LYS C 330 22.19 -32.78 52.69
N SER C 331 21.22 -32.66 53.59
CA SER C 331 21.08 -31.44 54.35
C SER C 331 21.80 -31.49 55.69
N LEU C 332 22.21 -32.68 56.13
CA LEU C 332 23.08 -32.77 57.30
C LEU C 332 24.45 -32.19 57.00
N GLN C 333 24.90 -32.27 55.76
CA GLN C 333 26.19 -31.74 55.35
C GLN C 333 26.02 -30.27 54.97
N GLY C 334 27.05 -29.69 54.36
CA GLY C 334 26.97 -28.32 53.92
C GLY C 334 26.44 -28.13 52.51
N LYS C 335 26.32 -29.21 51.75
CA LYS C 335 25.89 -29.12 50.36
C LYS C 335 24.39 -28.87 50.33
N THR C 336 24.02 -27.60 50.31
CA THR C 336 22.64 -27.18 50.10
C THR C 336 22.50 -26.34 48.84
N LYS C 337 23.46 -26.43 47.93
CA LYS C 337 23.44 -25.64 46.71
C LYS C 337 23.19 -26.47 45.47
N VAL C 338 23.35 -27.79 45.54
CA VAL C 338 23.14 -28.63 44.38
C VAL C 338 21.65 -28.67 43.99
N PHE C 339 20.75 -28.62 44.97
CA PHE C 339 19.32 -28.57 44.66
C PHE C 339 18.89 -27.22 44.09
N SER C 340 19.73 -26.19 44.19
CA SER C 340 19.46 -24.97 43.46
C SER C 340 20.15 -24.95 42.11
N ASP C 341 21.30 -25.62 41.99
CA ASP C 341 21.97 -25.71 40.70
C ASP C 341 21.18 -26.56 39.72
N ILE C 342 20.58 -27.64 40.18
CA ILE C 342 19.81 -28.51 39.29
C ILE C 342 18.50 -27.84 38.92
N GLY C 343 17.83 -27.22 39.87
CA GLY C 343 16.56 -26.59 39.60
C GLY C 343 15.41 -27.40 40.13
N ALA C 344 15.58 -27.96 41.32
CA ALA C 344 14.49 -28.68 41.96
C ALA C 344 13.63 -27.77 42.83
N ILE C 345 14.12 -26.59 43.19
CA ILE C 345 13.36 -25.72 44.08
C ILE C 345 12.15 -25.15 43.34
N GLN C 346 12.37 -24.68 42.11
CA GLN C 346 11.27 -24.10 41.35
C GLN C 346 10.25 -25.16 40.98
N SER C 347 10.72 -26.37 40.68
CA SER C 347 9.79 -27.44 40.33
C SER C 347 8.99 -27.90 41.54
N LEU C 348 9.61 -27.96 42.71
CA LEU C 348 8.86 -28.35 43.91
C LEU C 348 7.85 -27.28 44.30
N LYS C 349 8.21 -26.01 44.17
CA LYS C 349 7.24 -24.96 44.52
C LYS C 349 6.07 -24.97 43.55
N ARG C 350 6.35 -25.20 42.27
CA ARG C 350 5.27 -25.33 41.29
C ARG C 350 4.44 -26.57 41.55
N LEU C 351 5.05 -27.63 42.09
CA LEU C 351 4.29 -28.82 42.45
C LEU C 351 3.36 -28.55 43.62
N VAL C 352 3.81 -27.75 44.59
CA VAL C 352 2.96 -27.43 45.73
C VAL C 352 1.79 -26.56 45.31
N SER C 353 2.05 -25.59 44.43
CA SER C 353 1.05 -24.56 44.15
C SER C 353 -0.19 -25.10 43.44
N TYR C 354 -0.04 -26.10 42.59
CA TYR C 354 -1.17 -26.66 41.84
C TYR C 354 -1.52 -28.05 42.35
N SER C 355 -1.42 -28.25 43.66
CA SER C 355 -1.55 -29.59 44.23
C SER C 355 -2.99 -30.06 44.19
N THR C 356 -3.24 -31.13 43.44
CA THR C 356 -4.55 -31.77 43.40
C THR C 356 -4.52 -33.14 44.05
N ASN C 357 -3.63 -33.33 45.01
CA ASN C 357 -3.48 -34.62 45.66
C ASN C 357 -2.88 -34.39 47.04
N GLY C 358 -3.11 -35.34 47.94
CA GLY C 358 -2.65 -35.20 49.30
C GLY C 358 -1.26 -35.73 49.54
N THR C 359 -0.87 -36.75 48.78
CA THR C 359 0.40 -37.41 49.04
C THR C 359 1.58 -36.60 48.54
N LYS C 360 1.56 -36.22 47.26
CA LYS C 360 2.68 -35.49 46.71
C LYS C 360 2.78 -34.09 47.28
N SER C 361 1.64 -33.49 47.68
CA SER C 361 1.69 -32.19 48.35
C SER C 361 2.39 -32.30 49.70
N ALA C 362 2.05 -33.34 50.46
CA ALA C 362 2.69 -33.56 51.75
C ALA C 362 4.19 -33.76 51.59
N LEU C 363 4.59 -34.68 50.70
CA LEU C 363 6.01 -34.95 50.49
C LEU C 363 6.75 -33.71 50.01
N ALA C 364 6.15 -32.95 49.09
CA ALA C 364 6.77 -31.73 48.59
C ALA C 364 6.97 -30.71 49.70
N LYS C 365 5.94 -30.46 50.51
CA LYS C 365 6.07 -29.51 51.61
C LYS C 365 7.13 -29.96 52.61
N ARG C 366 7.20 -31.27 52.86
CA ARG C 366 8.19 -31.77 53.81
C ARG C 366 9.60 -31.60 53.26
N ALA C 367 9.77 -31.84 51.96
CA ALA C 367 11.10 -31.68 51.35
C ALA C 367 11.51 -30.22 51.27
N LEU C 368 10.56 -29.30 51.07
CA LEU C 368 10.91 -27.89 51.11
C LEU C 368 11.18 -27.41 52.53
N ARG C 369 10.56 -28.04 53.53
CA ARG C 369 10.78 -27.64 54.90
C ARG C 369 12.17 -28.06 55.37
N LEU C 370 12.71 -29.14 54.80
CA LEU C 370 14.06 -29.58 55.12
C LEU C 370 15.12 -28.63 54.61
N LEU C 371 14.78 -27.76 53.65
CA LEU C 371 15.67 -26.72 53.18
C LEU C 371 15.20 -25.37 53.71
N GLY C 372 16.02 -24.35 53.50
CA GLY C 372 15.70 -23.03 53.99
C GLY C 372 14.64 -22.30 53.20
N GLU C 373 14.24 -22.84 52.05
CA GLU C 373 13.22 -22.21 51.23
C GLU C 373 11.87 -22.25 51.94
N GLU C 374 11.14 -21.15 51.89
CA GLU C 374 9.84 -21.07 52.56
C GLU C 374 8.77 -21.81 51.77
N VAL C 375 7.75 -22.26 52.48
CA VAL C 375 6.71 -23.08 51.87
C VAL C 375 5.67 -22.17 51.24
N PRO C 376 5.28 -22.41 49.99
CA PRO C 376 4.21 -21.62 49.39
C PRO C 376 2.84 -22.11 49.83
N ARG C 377 1.84 -21.28 49.62
CA ARG C 377 0.48 -21.67 49.95
C ARG C 377 -0.28 -22.03 48.68
N PRO C 378 -1.15 -23.03 48.74
CA PRO C 378 -1.97 -23.35 47.56
C PRO C 378 -2.95 -22.24 47.26
N ILE C 379 -3.30 -22.13 45.98
CA ILE C 379 -4.08 -21.02 45.46
C ILE C 379 -5.46 -21.51 45.04
N LEU C 380 -6.44 -20.62 45.16
CA LEU C 380 -7.81 -20.99 44.89
C LEU C 380 -8.02 -21.20 43.41
N PRO C 381 -8.73 -22.26 43.00
CA PRO C 381 -8.85 -22.58 41.58
C PRO C 381 -9.89 -21.76 40.85
N SER C 382 -10.58 -20.84 41.51
CA SER C 382 -11.56 -20.00 40.84
C SER C 382 -10.87 -18.72 40.43
N VAL C 383 -10.26 -18.75 39.25
CA VAL C 383 -9.38 -17.67 38.79
C VAL C 383 -10.17 -16.39 38.49
N PRO C 384 -11.32 -16.40 37.80
CA PRO C 384 -12.14 -15.19 37.78
C PRO C 384 -12.64 -14.89 39.19
N SER C 385 -13.01 -13.63 39.39
CA SER C 385 -13.30 -13.07 40.71
C SER C 385 -12.11 -13.24 41.65
N TRP C 386 -10.94 -12.87 41.15
CA TRP C 386 -9.77 -12.64 41.97
C TRP C 386 -9.66 -11.16 42.28
N LYS C 387 -8.86 -10.83 43.27
CA LYS C 387 -8.56 -9.44 43.57
C LYS C 387 -7.05 -9.23 43.48
N GLU C 388 -6.61 -8.04 43.88
CA GLU C 388 -5.22 -7.67 43.67
C GLU C 388 -4.28 -8.47 44.55
N ALA C 389 -4.71 -8.77 45.78
CA ALA C 389 -3.88 -9.51 46.71
C ALA C 389 -3.52 -10.89 46.17
N GLU C 390 -4.53 -11.61 45.69
CA GLU C 390 -4.31 -12.97 45.21
C GLU C 390 -3.40 -12.98 43.99
N VAL C 391 -3.60 -12.03 43.08
CA VAL C 391 -2.70 -11.87 41.94
C VAL C 391 -1.27 -11.66 42.40
N GLN C 392 -1.08 -10.79 43.40
CA GLN C 392 0.26 -10.57 43.95
C GLN C 392 0.87 -11.85 44.48
N THR C 393 0.14 -12.62 45.30
CA THR C 393 0.69 -13.89 45.80
C THR C 393 1.03 -14.84 44.66
N TRP C 394 0.21 -14.88 43.60
CA TRP C 394 0.53 -15.70 42.44
C TRP C 394 1.86 -15.30 41.83
N LEU C 395 2.02 -14.01 41.50
CA LEU C 395 3.30 -13.50 41.03
C LEU C 395 4.42 -13.65 42.03
N GLN C 396 4.12 -13.90 43.30
CA GLN C 396 5.19 -14.18 44.26
C GLN C 396 5.59 -15.63 44.22
N GLN C 397 4.69 -16.52 43.79
CA GLN C 397 5.04 -17.93 43.79
C GLN C 397 5.61 -18.40 42.47
N ILE C 398 5.27 -17.76 41.35
CA ILE C 398 5.78 -18.30 40.09
C ILE C 398 7.19 -17.82 39.78
N GLY C 399 7.63 -16.71 40.37
CA GLY C 399 8.96 -16.19 40.13
C GLY C 399 9.01 -14.81 39.52
N PHE C 400 7.89 -14.24 39.10
CA PHE C 400 7.88 -12.90 38.51
C PHE C 400 7.69 -11.86 39.62
N SER C 401 8.61 -11.88 40.58
CA SER C 401 8.38 -11.11 41.80
C SER C 401 8.78 -9.66 41.66
N LYS C 402 9.53 -9.30 40.63
CA LYS C 402 9.94 -7.92 40.46
C LYS C 402 8.93 -7.09 39.69
N TYR C 403 7.93 -7.71 39.09
CA TYR C 403 6.90 -6.99 38.37
C TYR C 403 5.64 -6.80 39.19
N CYS C 404 5.64 -7.22 40.46
CA CYS C 404 4.47 -7.06 41.33
C CYS C 404 4.07 -5.60 41.48
N GLU C 405 5.05 -4.70 41.45
CA GLU C 405 4.78 -3.27 41.61
C GLU C 405 3.87 -2.76 40.50
N SER C 406 4.22 -3.06 39.24
CA SER C 406 3.42 -2.62 38.10
C SER C 406 1.99 -3.15 38.15
N PHE C 407 1.82 -4.42 38.55
CA PHE C 407 0.47 -4.95 38.69
C PHE C 407 -0.30 -4.27 39.80
N ARG C 408 0.32 -4.05 40.96
CA ARG C 408 -0.39 -3.34 42.02
C ARG C 408 -0.69 -1.89 41.63
N GLU C 409 0.11 -1.33 40.73
CA GLU C 409 -0.15 0.02 40.25
C GLU C 409 -1.34 0.06 39.31
N GLN C 410 -1.37 -0.80 38.30
CA GLN C 410 -2.45 -0.77 37.34
C GLN C 410 -3.72 -1.44 37.84
N GLN C 411 -3.69 -2.04 39.02
CA GLN C 411 -4.85 -2.71 39.63
C GLN C 411 -5.40 -3.81 38.73
N VAL C 412 -4.56 -4.76 38.42
CA VAL C 412 -4.97 -5.91 37.64
C VAL C 412 -5.69 -6.89 38.55
N ASP C 413 -6.74 -7.51 38.05
CA ASP C 413 -7.51 -8.51 38.78
C ASP C 413 -7.53 -9.80 37.96
N GLY C 414 -8.36 -10.75 38.38
CA GLY C 414 -8.46 -12.02 37.68
C GLY C 414 -8.97 -11.86 36.27
N ASP C 415 -10.07 -11.11 36.11
CA ASP C 415 -10.65 -10.91 34.78
C ASP C 415 -9.67 -10.23 33.85
N LEU C 416 -9.09 -9.12 34.28
CA LEU C 416 -8.10 -8.41 33.47
C LEU C 416 -6.83 -9.22 33.26
N LEU C 417 -6.55 -10.21 34.11
CA LEU C 417 -5.40 -11.08 33.86
C LEU C 417 -5.71 -12.08 32.77
N LEU C 418 -6.88 -12.71 32.82
CA LEU C 418 -7.21 -13.73 31.84
C LEU C 418 -7.34 -13.20 30.42
N ARG C 419 -7.41 -11.89 30.22
CA ARG C 419 -7.56 -11.30 28.90
C ARG C 419 -6.41 -10.39 28.54
N LEU C 420 -5.22 -10.65 29.08
CA LEU C 420 -4.07 -9.84 28.72
C LEU C 420 -3.57 -10.20 27.33
N THR C 421 -3.01 -9.21 26.65
CA THR C 421 -2.38 -9.40 25.35
C THR C 421 -0.94 -8.94 25.43
N GLU C 422 -0.23 -9.06 24.31
CA GLU C 422 1.19 -8.72 24.30
C GLU C 422 1.42 -7.23 24.37
N GLU C 423 0.48 -6.43 23.86
CA GLU C 423 0.66 -4.98 23.79
C GLU C 423 0.75 -4.38 25.19
N GLU C 424 -0.16 -4.78 26.08
CA GLU C 424 -0.15 -4.26 27.44
C GLU C 424 1.09 -4.72 28.20
N LEU C 425 1.63 -5.89 27.87
CA LEU C 425 2.90 -6.27 28.47
C LEU C 425 4.03 -5.37 27.99
N GLN C 426 4.08 -5.12 26.69
CA GLN C 426 5.17 -4.32 26.12
C GLN C 426 5.11 -2.87 26.57
N THR C 427 3.92 -2.29 26.72
CA THR C 427 3.84 -0.84 26.77
C THR C 427 3.86 -0.29 28.19
N ASP C 428 2.89 -0.66 29.02
CA ASP C 428 2.77 -0.06 30.33
C ASP C 428 3.08 -0.99 31.49
N LEU C 429 2.98 -2.30 31.31
CA LEU C 429 3.41 -3.18 32.38
C LEU C 429 4.92 -3.29 32.47
N GLY C 430 5.63 -3.07 31.37
CA GLY C 430 7.07 -2.95 31.44
C GLY C 430 7.86 -4.21 31.19
N MET C 431 7.35 -5.12 30.37
CA MET C 431 8.11 -6.31 29.97
C MET C 431 8.64 -6.05 28.56
N LYS C 432 9.86 -5.55 28.47
CA LYS C 432 10.39 -5.16 27.17
C LYS C 432 10.87 -6.37 26.38
N SER C 433 11.63 -7.25 27.01
CA SER C 433 12.25 -8.35 26.29
C SER C 433 11.23 -9.39 25.89
N GLY C 434 11.39 -9.95 24.70
CA GLY C 434 10.47 -10.96 24.23
C GLY C 434 10.55 -12.27 24.98
N ILE C 435 11.69 -12.54 25.62
CA ILE C 435 11.86 -13.81 26.29
C ILE C 435 11.14 -13.82 27.63
N THR C 436 11.08 -12.67 28.31
CA THR C 436 10.28 -12.57 29.52
C THR C 436 8.79 -12.70 29.20
N ARG C 437 8.33 -12.01 28.15
CA ARG C 437 6.94 -12.15 27.73
C ARG C 437 6.60 -13.59 27.39
N LYS C 438 7.53 -14.31 26.76
CA LYS C 438 7.24 -15.70 26.41
C LYS C 438 7.23 -16.59 27.64
N ARG C 439 8.07 -16.30 28.64
CA ARG C 439 7.98 -17.01 29.91
C ARG C 439 6.66 -16.75 30.60
N PHE C 440 6.21 -15.50 30.59
CA PHE C 440 4.98 -15.12 31.27
C PHE C 440 3.79 -15.82 30.63
N PHE C 441 3.71 -15.80 29.31
CA PHE C 441 2.62 -16.50 28.65
C PHE C 441 2.68 -18.00 28.90
N ARG C 442 3.88 -18.58 28.96
CA ARG C 442 3.98 -20.01 29.25
C ARG C 442 3.41 -20.34 30.63
N GLU C 443 3.80 -19.56 31.65
CA GLU C 443 3.23 -19.76 32.99
C GLU C 443 1.73 -19.53 33.02
N LEU C 444 1.26 -18.50 32.31
CA LEU C 444 -0.15 -18.17 32.30
C LEU C 444 -0.99 -19.29 31.69
N THR C 445 -0.62 -19.75 30.50
CA THR C 445 -1.32 -20.88 29.89
C THR C 445 -1.22 -22.14 30.72
N GLU C 446 -0.13 -22.31 31.47
CA GLU C 446 -0.11 -23.39 32.46
C GLU C 446 -1.21 -23.20 33.51
N LEU C 447 -1.43 -21.96 33.92
CA LEU C 447 -2.45 -21.71 34.95
C LEU C 447 -3.87 -21.81 34.42
N LYS C 448 -4.10 -21.46 33.15
CA LYS C 448 -5.47 -21.39 32.68
C LYS C 448 -6.07 -22.74 32.35
N THR C 449 -5.27 -23.80 32.29
CA THR C 449 -5.85 -25.13 32.17
C THR C 449 -6.25 -25.71 33.51
N PHE C 450 -6.00 -24.99 34.59
CA PHE C 450 -6.25 -25.45 35.94
C PHE C 450 -7.47 -24.79 36.57
N ALA C 451 -7.89 -23.64 36.05
CA ALA C 451 -8.90 -22.80 36.68
C ALA C 451 -10.28 -23.46 36.68
N ASN C 452 -11.19 -22.83 37.41
CA ASN C 452 -12.56 -23.31 37.56
C ASN C 452 -13.50 -22.26 36.98
N TYR C 453 -14.17 -22.62 35.89
CA TYR C 453 -15.04 -21.68 35.18
C TYR C 453 -16.51 -21.95 35.48
N SER C 454 -16.82 -22.29 36.74
CA SER C 454 -18.17 -22.64 37.10
C SER C 454 -19.10 -21.45 37.10
N THR C 455 -18.58 -20.24 37.20
CA THR C 455 -19.41 -19.05 37.31
C THR C 455 -19.50 -18.25 36.02
N CYS C 456 -18.80 -18.67 34.97
CA CYS C 456 -18.88 -18.01 33.68
C CYS C 456 -19.49 -18.92 32.61
N ASP C 457 -19.04 -20.17 32.56
CA ASP C 457 -19.54 -21.11 31.58
C ASP C 457 -21.00 -21.45 31.86
N ARG C 458 -21.73 -21.78 30.80
CA ARG C 458 -23.11 -22.16 30.92
C ARG C 458 -23.37 -23.57 30.44
N SER C 459 -22.88 -23.93 29.26
CA SER C 459 -23.16 -25.21 28.66
C SER C 459 -22.00 -26.19 28.81
N ASN C 460 -21.13 -25.96 29.79
CA ASN C 460 -19.97 -26.80 30.08
C ASN C 460 -19.07 -26.91 28.85
N LEU C 461 -18.66 -25.74 28.35
CA LEU C 461 -17.87 -25.70 27.13
C LEU C 461 -16.44 -26.18 27.38
N ALA C 462 -15.95 -26.00 28.62
CA ALA C 462 -14.64 -26.50 29.02
C ALA C 462 -14.46 -27.98 28.70
N ASP C 463 -15.43 -28.81 29.12
CA ASP C 463 -15.36 -30.24 28.89
C ASP C 463 -15.32 -30.57 27.40
N TRP C 464 -16.22 -29.97 26.62
CA TRP C 464 -16.23 -30.20 25.17
C TRP C 464 -14.93 -29.75 24.52
N LEU C 465 -14.23 -28.78 25.09
CA LEU C 465 -12.93 -28.43 24.52
C LEU C 465 -11.87 -29.45 24.93
N GLY C 466 -11.75 -29.71 26.24
CA GLY C 466 -10.81 -30.69 26.77
C GLY C 466 -10.96 -32.09 26.21
N SER C 467 -12.11 -32.40 25.62
CA SER C 467 -12.26 -33.70 24.97
C SER C 467 -11.40 -33.81 23.73
N LEU C 468 -11.22 -32.70 23.00
CA LEU C 468 -10.39 -32.73 21.81
C LEU C 468 -8.92 -32.90 22.17
N ASP C 469 -8.44 -32.14 23.13
CA ASP C 469 -7.03 -32.08 23.44
C ASP C 469 -6.94 -31.45 24.83
N PRO C 470 -6.14 -32.01 25.73
CA PRO C 470 -5.92 -31.36 27.03
C PRO C 470 -5.40 -29.93 26.92
N ARG C 471 -4.66 -29.59 25.88
CA ARG C 471 -4.15 -28.25 25.74
C ARG C 471 -5.20 -27.26 25.26
N PHE C 472 -6.38 -27.73 24.88
CA PHE C 472 -7.41 -26.86 24.34
C PHE C 472 -8.31 -26.22 25.38
N ARG C 473 -8.06 -26.43 26.68
CA ARG C 473 -8.94 -25.82 27.64
C ARG C 473 -8.57 -24.37 27.89
N GLN C 474 -7.34 -24.00 27.57
CA GLN C 474 -6.83 -22.67 27.85
C GLN C 474 -7.58 -21.56 27.12
N TYR C 475 -8.39 -21.88 26.12
CA TYR C 475 -9.10 -20.83 25.41
C TYR C 475 -10.54 -20.69 25.85
N THR C 476 -10.99 -21.46 26.85
CA THR C 476 -12.43 -21.51 27.10
C THR C 476 -12.97 -20.17 27.57
N TYR C 477 -12.23 -19.43 28.39
CA TYR C 477 -12.73 -18.15 28.84
C TYR C 477 -12.79 -17.18 27.68
N GLY C 478 -11.83 -17.29 26.75
CA GLY C 478 -11.86 -16.49 25.54
C GLY C 478 -13.12 -16.70 24.75
N LEU C 479 -13.69 -17.90 24.81
CA LEU C 479 -14.94 -18.13 24.11
C LEU C 479 -16.11 -17.64 24.93
N VAL C 480 -16.08 -17.87 26.25
CA VAL C 480 -17.25 -17.61 27.07
C VAL C 480 -17.50 -16.11 27.20
N SER C 481 -16.45 -15.34 27.46
CA SER C 481 -16.58 -13.89 27.58
C SER C 481 -17.04 -13.23 26.29
N CYS C 482 -16.86 -13.89 25.15
CA CYS C 482 -17.41 -13.35 23.91
C CYS C 482 -18.87 -13.72 23.76
N GLY C 483 -19.31 -14.82 24.35
CA GLY C 483 -20.72 -15.18 24.37
C GLY C 483 -21.08 -16.48 23.69
N LEU C 484 -20.14 -17.25 23.15
CA LEU C 484 -20.48 -18.49 22.48
C LEU C 484 -20.82 -19.58 23.49
N ASP C 485 -21.46 -20.63 22.99
CA ASP C 485 -21.75 -21.83 23.76
C ASP C 485 -21.99 -22.98 22.80
N ARG C 486 -22.37 -24.13 23.36
CA ARG C 486 -22.48 -25.34 22.56
C ARG C 486 -23.64 -25.34 21.58
N SER C 487 -24.51 -24.33 21.63
CA SER C 487 -25.56 -24.20 20.63
C SER C 487 -25.20 -23.21 19.53
N LEU C 488 -24.20 -22.37 19.74
CA LEU C 488 -23.91 -21.26 18.83
C LEU C 488 -22.57 -21.41 18.14
N LEU C 489 -21.93 -22.57 18.21
CA LEU C 489 -20.63 -22.72 17.60
C LEU C 489 -20.69 -23.20 16.16
N HIS C 490 -21.83 -23.71 15.73
CA HIS C 490 -21.90 -24.32 14.41
C HIS C 490 -21.93 -23.30 13.28
N ARG C 491 -21.88 -22.01 13.57
CA ARG C 491 -21.93 -21.00 12.51
C ARG C 491 -20.96 -19.87 12.81
N VAL C 492 -19.75 -20.21 13.22
CA VAL C 492 -18.71 -19.21 13.46
C VAL C 492 -17.65 -19.38 12.39
N SER C 493 -16.90 -18.31 12.11
CA SER C 493 -15.92 -18.30 11.05
C SER C 493 -14.51 -18.44 11.62
N GLU C 494 -13.53 -18.43 10.72
CA GLU C 494 -12.14 -18.51 11.15
C GLU C 494 -11.60 -17.14 11.52
N GLN C 495 -12.01 -16.11 10.79
CA GLN C 495 -11.63 -14.74 11.13
C GLN C 495 -12.24 -14.32 12.46
N GLN C 496 -13.49 -14.72 12.70
CA GLN C 496 -14.19 -14.41 13.95
C GLN C 496 -13.54 -15.03 15.18
N LEU C 497 -12.55 -15.90 15.02
CA LEU C 497 -11.78 -16.45 16.12
C LEU C 497 -10.41 -15.83 16.23
N LEU C 498 -10.04 -14.96 15.29
CA LEU C 498 -8.68 -14.45 15.26
C LEU C 498 -8.50 -13.28 16.22
N GLU C 499 -9.52 -12.44 16.36
CA GLU C 499 -9.43 -11.29 17.23
C GLU C 499 -10.49 -11.22 18.32
N ASP C 500 -11.63 -11.89 18.13
CA ASP C 500 -12.66 -11.84 19.16
C ASP C 500 -12.32 -12.78 20.31
N CYS C 501 -11.97 -14.02 19.99
CA CYS C 501 -11.73 -15.04 21.00
C CYS C 501 -10.26 -15.22 21.35
N GLY C 502 -9.34 -14.80 20.48
CA GLY C 502 -7.94 -14.77 20.82
C GLY C 502 -7.19 -16.09 20.65
N ILE C 503 -7.52 -16.83 19.62
CA ILE C 503 -6.85 -18.09 19.31
C ILE C 503 -5.89 -17.82 18.15
N HIS C 504 -4.59 -17.91 18.41
CA HIS C 504 -3.61 -17.45 17.44
C HIS C 504 -3.13 -18.54 16.49
N LEU C 505 -2.86 -19.74 17.01
CA LEU C 505 -2.32 -20.81 16.17
C LEU C 505 -3.36 -21.27 15.18
N GLY C 506 -3.00 -21.25 13.90
CA GLY C 506 -3.95 -21.58 12.85
C GLY C 506 -4.43 -23.02 12.90
N VAL C 507 -3.54 -23.92 13.28
CA VAL C 507 -3.91 -25.33 13.42
C VAL C 507 -5.02 -25.49 14.46
N HIS C 508 -4.92 -24.77 15.58
CA HIS C 508 -5.93 -24.88 16.62
C HIS C 508 -7.28 -24.35 16.15
N ARG C 509 -7.28 -23.19 15.48
CA ARG C 509 -8.51 -22.68 14.88
C ARG C 509 -9.11 -23.68 13.90
N ALA C 510 -8.26 -24.28 13.06
CA ALA C 510 -8.75 -25.22 12.07
C ALA C 510 -9.39 -26.43 12.72
N ARG C 511 -8.77 -26.96 13.77
CA ARG C 511 -9.35 -28.13 14.43
C ARG C 511 -10.63 -27.78 15.17
N ILE C 512 -10.68 -26.61 15.80
CA ILE C 512 -11.90 -26.21 16.49
C ILE C 512 -13.05 -26.05 15.49
N LEU C 513 -12.78 -25.43 14.35
CA LEU C 513 -13.82 -25.26 13.35
C LEU C 513 -14.26 -26.60 12.77
N THR C 514 -13.32 -27.48 12.43
CA THR C 514 -13.72 -28.73 11.82
C THR C 514 -14.39 -29.68 12.81
N ALA C 515 -14.13 -29.53 14.11
CA ALA C 515 -14.79 -30.37 15.08
C ALA C 515 -16.12 -29.80 15.52
N ALA C 516 -16.33 -28.49 15.40
CA ALA C 516 -17.60 -27.90 15.77
C ALA C 516 -18.60 -27.94 14.64
N ARG C 517 -18.15 -27.67 13.42
CA ARG C 517 -19.02 -27.65 12.25
C ARG C 517 -19.65 -29.02 11.99
N GLU C 518 -18.96 -30.10 12.37
CA GLU C 518 -19.59 -31.40 12.34
C GLU C 518 -20.74 -31.47 13.34
N MET C 519 -20.49 -31.06 14.57
CA MET C 519 -21.48 -31.14 15.63
C MET C 519 -22.57 -30.11 15.45
N LEU C 520 -23.65 -30.50 14.79
CA LEU C 520 -24.90 -29.74 14.87
C LEU C 520 -25.77 -30.35 15.96
N HIS C 521 -26.13 -31.62 15.80
CA HIS C 521 -26.68 -32.42 16.89
C HIS C 521 -26.19 -33.86 16.80
N SER C 522 -25.05 -34.10 16.14
CA SER C 522 -24.63 -35.47 15.88
C SER C 522 -24.13 -36.19 17.13
N PRO C 523 -23.26 -35.60 17.98
CA PRO C 523 -23.00 -36.37 19.21
C PRO C 523 -24.02 -36.07 20.31
N THR C 535 -50.54 -23.82 36.10
CA THR C 535 -51.49 -24.41 37.03
C THR C 535 -50.93 -25.68 37.64
N PRO C 536 -50.96 -25.78 38.96
CA PRO C 536 -50.46 -26.99 39.63
C PRO C 536 -51.40 -28.17 39.41
N ASP C 537 -50.93 -29.34 39.84
CA ASP C 537 -51.70 -30.57 39.70
C ASP C 537 -52.47 -30.93 40.96
N VAL C 538 -51.81 -30.95 42.11
CA VAL C 538 -52.45 -31.25 43.38
C VAL C 538 -52.20 -30.08 44.34
N PHE C 539 -52.97 -30.07 45.42
CA PHE C 539 -52.90 -29.01 46.42
C PHE C 539 -52.79 -29.65 47.79
N ILE C 540 -52.22 -28.92 48.74
CA ILE C 540 -51.97 -29.43 50.09
C ILE C 540 -52.37 -28.36 51.11
N SER C 541 -53.41 -28.65 51.89
CA SER C 541 -53.88 -27.75 52.93
C SER C 541 -53.39 -28.24 54.28
N TYR C 542 -53.05 -27.31 55.16
CA TYR C 542 -52.41 -27.65 56.41
C TYR C 542 -52.55 -26.50 57.39
N ARG C 543 -52.53 -26.83 58.68
CA ARG C 543 -52.61 -25.80 59.71
C ARG C 543 -51.31 -25.02 59.77
N ARG C 544 -51.43 -23.70 59.92
CA ARG C 544 -50.24 -22.86 59.95
C ARG C 544 -49.43 -23.04 61.22
N ASN C 545 -50.09 -23.37 62.33
CA ASN C 545 -49.39 -23.47 63.60
C ASN C 545 -48.58 -24.76 63.68
N SER C 546 -49.26 -25.90 63.64
CA SER C 546 -48.61 -27.20 63.70
C SER C 546 -48.80 -27.93 62.39
N GLY C 547 -47.97 -28.95 62.18
CA GLY C 547 -48.01 -29.70 60.95
C GLY C 547 -47.29 -29.06 59.79
N SER C 548 -46.40 -28.10 60.06
CA SER C 548 -45.56 -27.53 59.00
C SER C 548 -44.60 -28.58 58.45
N GLN C 549 -44.00 -29.37 59.34
CA GLN C 549 -42.94 -30.30 58.95
C GLN C 549 -43.46 -31.37 58.01
N LEU C 550 -44.56 -32.04 58.40
CA LEU C 550 -45.08 -33.11 57.55
C LEU C 550 -45.69 -32.55 56.28
N ALA C 551 -46.03 -31.27 56.25
CA ALA C 551 -46.52 -30.68 55.02
C ALA C 551 -45.38 -30.48 54.03
N SER C 552 -44.29 -29.87 54.48
CA SER C 552 -43.09 -29.74 53.67
C SER C 552 -42.60 -31.10 53.17
N LEU C 553 -42.58 -32.08 54.08
CA LEU C 553 -42.00 -33.37 53.74
C LEU C 553 -42.89 -34.13 52.77
N LEU C 554 -44.21 -34.00 52.91
CA LEU C 554 -45.10 -34.59 51.92
C LEU C 554 -44.95 -33.91 50.57
N LYS C 555 -44.72 -32.59 50.58
CA LYS C 555 -44.47 -31.88 49.32
C LYS C 555 -43.26 -32.44 48.59
N VAL C 556 -42.14 -32.59 49.30
CA VAL C 556 -40.95 -33.07 48.61
C VAL C 556 -41.10 -34.54 48.21
N HIS C 557 -41.80 -35.33 49.02
CA HIS C 557 -41.99 -36.75 48.69
C HIS C 557 -42.90 -36.94 47.49
N LEU C 558 -43.87 -36.03 47.30
CA LEU C 558 -44.69 -36.11 46.11
C LEU C 558 -43.95 -35.56 44.90
N GLN C 559 -43.19 -34.47 45.08
CA GLN C 559 -42.53 -33.83 43.95
C GLN C 559 -41.42 -34.71 43.38
N LEU C 560 -40.80 -35.55 44.22
CA LEU C 560 -39.74 -36.40 43.71
C LEU C 560 -40.24 -37.55 42.84
N HIS C 561 -41.55 -37.79 42.79
CA HIS C 561 -42.09 -38.86 41.98
C HIS C 561 -42.73 -38.36 40.68
N GLY C 562 -42.69 -37.07 40.42
CA GLY C 562 -43.16 -36.53 39.16
C GLY C 562 -44.49 -35.83 39.19
N PHE C 563 -45.01 -35.47 40.37
CA PHE C 563 -46.26 -34.75 40.48
C PHE C 563 -45.99 -33.33 40.94
N SER C 564 -46.56 -32.35 40.24
CA SER C 564 -46.42 -30.98 40.66
C SER C 564 -47.37 -30.69 41.82
N VAL C 565 -46.98 -29.73 42.66
CA VAL C 565 -47.70 -29.46 43.89
C VAL C 565 -47.43 -28.03 44.35
N PHE C 566 -48.48 -27.32 44.76
CA PHE C 566 -48.36 -25.94 45.20
C PHE C 566 -48.80 -25.88 46.65
N ILE C 567 -47.96 -25.29 47.49
CA ILE C 567 -48.24 -25.20 48.92
C ILE C 567 -48.32 -23.72 49.30
N ASP C 568 -49.09 -23.43 50.36
CA ASP C 568 -49.20 -22.07 50.87
C ASP C 568 -47.86 -21.63 51.42
N VAL C 569 -47.39 -20.46 51.00
CA VAL C 569 -46.10 -19.90 51.41
C VAL C 569 -46.36 -18.50 51.93
N GLU C 570 -46.56 -18.37 53.25
CA GLU C 570 -46.66 -17.15 54.06
C GLU C 570 -47.50 -16.02 53.43
N LYS C 571 -48.80 -16.24 53.28
CA LYS C 571 -49.71 -15.23 52.74
C LYS C 571 -50.31 -14.33 53.81
N LEU C 572 -50.37 -14.79 55.07
CA LEU C 572 -51.10 -14.10 56.13
C LEU C 572 -50.47 -12.75 56.47
N GLU C 573 -51.20 -11.97 57.26
CA GLU C 573 -50.85 -10.59 57.66
C GLU C 573 -50.68 -9.67 56.45
N ALA C 574 -51.42 -9.95 55.38
CA ALA C 574 -51.39 -9.16 54.15
C ALA C 574 -52.83 -9.09 53.64
N GLY C 575 -52.98 -8.77 52.36
CA GLY C 575 -54.26 -9.01 51.70
C GLY C 575 -54.56 -10.49 51.70
N LYS C 576 -55.66 -10.89 52.33
CA LYS C 576 -55.93 -12.30 52.60
C LYS C 576 -57.12 -12.86 51.84
N PHE C 577 -58.03 -12.01 51.37
CA PHE C 577 -59.30 -12.45 50.81
C PHE C 577 -59.28 -12.21 49.30
N GLU C 578 -59.60 -13.27 48.54
CA GLU C 578 -59.56 -13.27 47.07
C GLU C 578 -58.17 -12.92 46.54
N ASP C 579 -57.13 -13.24 47.30
CA ASP C 579 -55.77 -12.84 46.94
C ASP C 579 -55.06 -13.98 46.21
N LYS C 580 -55.59 -14.30 45.03
CA LYS C 580 -55.01 -15.24 44.06
C LYS C 580 -54.79 -16.64 44.63
N LEU C 581 -55.52 -17.02 45.66
CA LEU C 581 -55.41 -18.35 46.23
C LEU C 581 -56.66 -19.19 46.06
N ILE C 582 -57.74 -18.62 45.53
CA ILE C 582 -59.01 -19.33 45.44
C ILE C 582 -59.15 -20.05 44.10
N GLN C 583 -58.49 -19.57 43.06
CA GLN C 583 -58.49 -20.32 41.81
C GLN C 583 -57.57 -21.55 41.90
N SER C 584 -56.43 -21.39 42.60
CA SER C 584 -55.50 -22.50 42.86
C SER C 584 -56.20 -23.73 43.42
N VAL C 585 -57.17 -23.54 44.33
CA VAL C 585 -57.72 -24.66 45.08
C VAL C 585 -58.84 -25.32 44.28
N MET C 586 -59.34 -24.66 43.23
CA MET C 586 -60.33 -25.24 42.35
C MET C 586 -59.73 -25.76 41.06
N GLY C 587 -58.56 -25.27 40.69
CA GLY C 587 -57.83 -25.74 39.52
C GLY C 587 -56.83 -26.83 39.81
N ALA C 588 -56.78 -27.33 41.04
CA ALA C 588 -55.92 -28.44 41.41
C ALA C 588 -56.73 -29.72 41.41
N ARG C 589 -56.16 -30.79 40.82
CA ARG C 589 -56.93 -32.01 40.60
C ARG C 589 -57.25 -32.74 41.89
N ASN C 590 -56.27 -32.86 42.80
CA ASN C 590 -56.45 -33.63 44.01
C ASN C 590 -56.13 -32.79 45.24
N PHE C 591 -56.84 -33.05 46.32
CA PHE C 591 -56.78 -32.26 47.54
C PHE C 591 -56.30 -33.12 48.71
N VAL C 592 -55.46 -32.54 49.57
CA VAL C 592 -54.81 -33.23 50.68
C VAL C 592 -55.02 -32.43 51.95
N LEU C 593 -55.12 -33.12 53.09
CA LEU C 593 -55.47 -32.51 54.37
C LEU C 593 -54.56 -33.05 55.46
N VAL C 594 -54.02 -32.17 56.29
CA VAL C 594 -53.03 -32.53 57.29
C VAL C 594 -53.68 -32.45 58.66
N LEU C 595 -53.80 -33.59 59.33
CA LEU C 595 -54.48 -33.68 60.63
C LEU C 595 -53.42 -33.76 61.71
N SER C 596 -52.95 -32.60 62.13
CA SER C 596 -52.01 -32.52 63.23
C SER C 596 -52.75 -32.74 64.55
N PRO C 597 -52.04 -33.14 65.60
CA PRO C 597 -52.66 -33.15 66.94
C PRO C 597 -53.09 -31.76 67.37
N GLY C 598 -54.40 -31.60 67.57
CA GLY C 598 -54.96 -30.32 67.94
C GLY C 598 -54.96 -29.32 66.81
N ALA C 599 -55.37 -29.76 65.62
CA ALA C 599 -55.38 -28.90 64.45
C ALA C 599 -56.78 -28.50 64.02
N LEU C 600 -57.83 -29.13 64.55
CA LEU C 600 -59.20 -28.82 64.18
C LEU C 600 -59.97 -28.13 65.31
N ASP C 601 -59.27 -27.61 66.31
CA ASP C 601 -59.95 -26.97 67.44
C ASP C 601 -60.42 -25.55 67.12
N LYS C 602 -59.69 -24.84 66.26
CA LYS C 602 -59.99 -23.43 66.01
C LYS C 602 -61.23 -23.25 65.14
N CYS C 603 -61.54 -24.23 64.29
CA CYS C 603 -62.72 -24.16 63.44
C CYS C 603 -63.96 -24.76 64.11
N MET C 604 -63.86 -25.11 65.40
CA MET C 604 -65.00 -25.68 66.12
C MET C 604 -66.03 -24.59 66.37
N GLN C 605 -67.08 -24.57 65.54
CA GLN C 605 -68.22 -23.67 65.67
C GLN C 605 -67.81 -22.20 65.59
N ASP C 606 -67.18 -21.84 64.50
CA ASP C 606 -66.98 -20.43 64.18
C ASP C 606 -67.47 -20.07 62.79
N HIS C 607 -67.29 -20.96 61.81
CA HIS C 607 -67.80 -20.85 60.42
C HIS C 607 -67.55 -19.48 59.79
N ASP C 608 -66.38 -18.92 60.06
CA ASP C 608 -65.98 -17.63 59.51
C ASP C 608 -64.69 -17.79 58.71
N CYS C 609 -64.17 -16.66 58.23
CA CYS C 609 -62.94 -16.69 57.44
C CYS C 609 -61.69 -16.65 58.32
N LYS C 610 -61.84 -16.45 59.63
CA LYS C 610 -60.68 -16.47 60.51
C LYS C 610 -60.10 -17.87 60.64
N ASP C 611 -60.94 -18.89 60.53
CA ASP C 611 -60.46 -20.27 60.38
C ASP C 611 -59.88 -20.41 58.98
N TRP C 612 -58.55 -20.35 58.88
CA TRP C 612 -57.89 -20.32 57.58
C TRP C 612 -57.95 -21.65 56.84
N VAL C 613 -58.35 -22.72 57.53
CA VAL C 613 -58.41 -24.05 56.92
C VAL C 613 -59.80 -24.39 56.40
N HIS C 614 -60.78 -23.49 56.57
CA HIS C 614 -62.18 -23.82 56.32
C HIS C 614 -62.54 -23.64 54.84
N LYS C 615 -62.16 -22.50 54.27
CA LYS C 615 -62.51 -22.11 52.91
C LYS C 615 -62.13 -23.17 51.87
N GLU C 616 -60.87 -23.63 51.93
CA GLU C 616 -60.40 -24.69 51.04
C GLU C 616 -61.31 -25.92 51.08
N ILE C 617 -61.70 -26.35 52.29
CA ILE C 617 -62.67 -27.45 52.41
C ILE C 617 -63.95 -27.12 51.65
N VAL C 618 -64.55 -25.97 51.96
CA VAL C 618 -65.85 -25.61 51.37
C VAL C 618 -65.78 -25.45 49.85
N THR C 619 -64.58 -25.27 49.28
CA THR C 619 -64.47 -25.12 47.85
C THR C 619 -64.07 -26.40 47.14
N ALA C 620 -63.04 -27.10 47.63
CA ALA C 620 -62.70 -28.44 47.16
C ALA C 620 -63.86 -29.41 47.25
N LEU C 621 -64.74 -29.26 48.25
CA LEU C 621 -65.89 -30.14 48.33
C LEU C 621 -66.98 -29.74 47.35
N SER C 622 -67.09 -28.44 47.05
CA SER C 622 -68.02 -27.98 46.03
C SER C 622 -67.63 -28.52 44.66
N CYS C 623 -66.33 -28.43 44.34
CA CYS C 623 -65.85 -28.99 43.07
C CYS C 623 -66.06 -30.51 43.02
N GLY C 624 -65.75 -31.21 44.11
CA GLY C 624 -66.00 -32.63 44.19
C GLY C 624 -64.81 -33.50 43.80
N LYS C 625 -63.63 -33.16 44.30
CA LYS C 625 -62.41 -33.86 43.97
C LYS C 625 -61.99 -34.77 45.13
N ASN C 626 -60.89 -35.49 44.93
CA ASN C 626 -60.43 -36.47 45.91
C ASN C 626 -59.76 -35.75 47.07
N ILE C 627 -60.31 -35.92 48.27
CA ILE C 627 -59.75 -35.33 49.49
C ILE C 627 -59.21 -36.47 50.36
N VAL C 628 -57.90 -36.64 50.36
CA VAL C 628 -57.23 -37.67 51.17
C VAL C 628 -56.82 -37.04 52.51
N PRO C 629 -57.38 -37.48 53.62
CA PRO C 629 -56.87 -37.05 54.92
C PRO C 629 -55.66 -37.87 55.36
N ILE C 630 -54.76 -37.22 56.07
CA ILE C 630 -53.56 -37.87 56.62
C ILE C 630 -53.77 -38.01 58.11
N ILE C 631 -53.83 -39.24 58.59
CA ILE C 631 -54.09 -39.51 60.00
C ILE C 631 -52.76 -39.64 60.71
N ASP C 632 -52.51 -38.74 61.66
CA ASP C 632 -51.27 -38.77 62.43
C ASP C 632 -51.50 -38.14 63.79
N GLY C 633 -51.32 -38.94 64.84
CA GLY C 633 -51.41 -38.45 66.20
C GLY C 633 -52.77 -37.97 66.66
N PHE C 634 -53.82 -38.20 65.88
CA PHE C 634 -55.14 -37.70 66.24
C PHE C 634 -56.21 -38.48 65.49
N GLU C 635 -57.33 -38.72 66.17
CA GLU C 635 -58.50 -39.38 65.60
C GLU C 635 -59.68 -38.43 65.63
N TRP C 636 -60.77 -38.84 64.98
CA TRP C 636 -61.87 -37.95 64.70
C TRP C 636 -62.70 -37.67 65.96
N PRO C 637 -63.30 -36.47 66.06
CA PRO C 637 -64.15 -36.15 67.20
C PRO C 637 -65.61 -36.52 67.01
N GLU C 638 -66.45 -36.15 67.98
CA GLU C 638 -67.89 -36.29 67.83
C GLU C 638 -68.41 -35.33 66.74
N PRO C 639 -69.53 -35.67 66.06
CA PRO C 639 -69.94 -34.87 64.89
C PRO C 639 -70.72 -33.61 65.23
N GLN C 640 -70.70 -33.18 66.48
CA GLN C 640 -71.37 -31.95 66.90
C GLN C 640 -70.43 -30.77 67.01
N VAL C 641 -69.13 -30.98 66.81
CA VAL C 641 -68.16 -29.90 66.99
C VAL C 641 -67.86 -29.25 65.66
N LEU C 642 -68.68 -29.52 64.64
CA LEU C 642 -68.48 -28.96 63.33
C LEU C 642 -69.81 -28.64 62.69
N PRO C 643 -69.89 -27.60 61.84
CA PRO C 643 -71.19 -27.18 61.29
C PRO C 643 -71.77 -28.13 60.25
N GLU C 644 -72.91 -27.74 59.68
CA GLU C 644 -73.65 -28.61 58.77
C GLU C 644 -72.91 -28.86 57.48
N ASP C 645 -72.09 -27.90 57.03
CA ASP C 645 -71.27 -28.11 55.86
C ASP C 645 -70.02 -28.94 56.16
N MET C 646 -69.73 -29.19 57.44
CA MET C 646 -68.51 -29.89 57.83
C MET C 646 -68.80 -31.24 58.46
N GLN C 647 -69.98 -31.81 58.20
CA GLN C 647 -70.28 -33.16 58.65
C GLN C 647 -69.66 -34.23 57.77
N ALA C 648 -69.26 -33.89 56.54
CA ALA C 648 -68.74 -34.87 55.61
C ALA C 648 -67.30 -35.26 55.94
N VAL C 649 -66.49 -34.29 56.36
CA VAL C 649 -65.06 -34.53 56.59
C VAL C 649 -64.85 -35.43 57.80
N LEU C 650 -65.74 -35.37 58.78
CA LEU C 650 -65.69 -36.25 59.94
C LEU C 650 -65.84 -37.72 59.58
N THR C 651 -66.45 -38.02 58.43
CA THR C 651 -66.75 -39.38 58.03
C THR C 651 -65.68 -39.99 57.13
N PHE C 652 -64.83 -39.18 56.52
CA PHE C 652 -63.82 -39.71 55.61
C PHE C 652 -62.73 -40.46 56.35
N ASN C 653 -62.03 -41.31 55.62
CA ASN C 653 -60.91 -42.08 56.13
C ASN C 653 -59.72 -41.89 55.22
N GLY C 654 -58.52 -42.00 55.79
CA GLY C 654 -57.31 -41.78 55.02
C GLY C 654 -56.14 -42.61 55.45
N ILE C 655 -54.94 -42.18 55.06
CA ILE C 655 -53.72 -42.93 55.34
C ILE C 655 -53.23 -42.60 56.74
N LYS C 656 -52.66 -43.60 57.41
CA LYS C 656 -52.08 -43.45 58.74
C LYS C 656 -50.57 -43.30 58.58
N TRP C 657 -50.06 -42.10 58.81
CA TRP C 657 -48.65 -41.81 58.61
C TRP C 657 -47.80 -42.43 59.71
N SER C 658 -46.61 -42.87 59.34
CA SER C 658 -45.65 -43.42 60.28
C SER C 658 -44.26 -42.88 59.96
N HIS C 659 -43.46 -42.70 61.01
CA HIS C 659 -42.12 -42.16 60.89
C HIS C 659 -41.05 -43.23 60.77
N GLU C 660 -41.42 -44.43 60.35
CA GLU C 660 -40.46 -45.53 60.21
C GLU C 660 -40.40 -46.08 58.80
N TYR C 661 -41.54 -46.22 58.13
CA TYR C 661 -41.60 -46.78 56.80
C TYR C 661 -42.21 -45.75 55.85
N GLN C 662 -41.67 -44.52 55.90
CA GLN C 662 -42.18 -43.39 55.12
C GLN C 662 -42.30 -43.72 53.64
N GLU C 663 -41.33 -44.47 53.11
CA GLU C 663 -41.34 -44.79 51.69
C GLU C 663 -42.54 -45.65 51.32
N ALA C 664 -42.88 -46.62 52.18
CA ALA C 664 -44.09 -47.43 51.95
C ALA C 664 -45.34 -46.58 52.02
N THR C 665 -45.39 -45.64 52.96
CA THR C 665 -46.54 -44.75 53.08
C THR C 665 -46.71 -43.90 51.83
N ILE C 666 -45.62 -43.47 51.22
CA ILE C 666 -45.72 -42.71 49.98
C ILE C 666 -46.16 -43.62 48.83
N GLU C 667 -45.58 -44.82 48.76
CA GLU C 667 -45.99 -45.82 47.76
C GLU C 667 -47.47 -46.15 47.85
N LYS C 668 -48.07 -45.97 49.03
CA LYS C 668 -49.48 -46.25 49.20
C LYS C 668 -50.34 -45.00 48.97
N ILE C 669 -49.83 -43.82 49.32
CA ILE C 669 -50.59 -42.60 49.12
C ILE C 669 -50.64 -42.18 47.67
N ILE C 670 -49.73 -42.69 46.83
CA ILE C 670 -49.81 -42.41 45.39
C ILE C 670 -51.11 -42.93 44.80
N ARG C 671 -51.48 -44.17 45.15
CA ARG C 671 -52.68 -44.79 44.60
C ARG C 671 -53.96 -44.11 45.07
N PHE C 672 -53.97 -43.56 46.29
CA PHE C 672 -55.19 -42.95 46.83
C PHE C 672 -55.56 -41.64 46.17
N LEU C 673 -54.68 -41.06 45.36
CA LEU C 673 -55.02 -39.89 44.58
C LEU C 673 -55.79 -40.33 43.34
N GLN C 674 -55.95 -39.42 42.38
CA GLN C 674 -56.41 -39.78 41.05
C GLN C 674 -55.27 -40.23 40.15
N GLY C 675 -54.18 -40.74 40.75
CA GLY C 675 -52.99 -41.11 39.99
C GLY C 675 -53.25 -42.09 38.85
N ARG C 676 -54.24 -42.96 39.03
CA ARG C 676 -54.69 -43.84 37.95
C ARG C 676 -55.14 -43.04 36.72
N SER C 677 -55.83 -41.93 36.93
CA SER C 677 -56.32 -41.10 35.83
C SER C 677 -55.93 -39.63 35.99
N SER C 678 -54.71 -39.34 36.44
CA SER C 678 -54.33 -37.94 36.59
C SER C 678 -53.92 -37.33 35.24
N ARG C 679 -53.75 -36.01 35.27
CA ARG C 679 -53.16 -35.21 34.20
C ARG C 679 -53.89 -35.36 32.86
N GLY D 30 -5.36 -11.76 81.78
CA GLY D 30 -4.42 -12.79 82.16
C GLY D 30 -4.26 -13.86 81.10
N ALA D 31 -4.90 -13.63 79.96
CA ALA D 31 -4.82 -14.58 78.85
C ALA D 31 -3.41 -14.68 78.30
N GLY D 32 -2.71 -13.56 78.18
CA GLY D 32 -1.31 -13.57 77.79
C GLY D 32 -0.37 -14.13 78.84
N THR D 33 -0.86 -14.37 80.05
CA THR D 33 -0.10 -15.04 81.10
C THR D 33 -0.46 -16.51 81.23
N GLU D 34 -1.73 -16.88 81.02
CA GLU D 34 -2.21 -18.20 81.33
C GLU D 34 -1.87 -19.23 80.26
N VAL D 35 -1.21 -18.80 79.17
CA VAL D 35 -0.80 -19.72 78.10
C VAL D 35 0.16 -20.79 78.59
N GLN D 36 0.83 -20.55 79.72
CA GLN D 36 1.53 -21.60 80.44
C GLN D 36 0.71 -22.17 81.59
N ASP D 37 -0.18 -21.37 82.16
CA ASP D 37 -0.83 -21.72 83.42
C ASP D 37 -2.03 -22.64 83.21
N ALA D 38 -2.81 -22.41 82.17
CA ALA D 38 -3.97 -23.28 81.91
C ALA D 38 -3.52 -24.66 81.46
N LEU D 39 -2.46 -24.72 80.67
CA LEU D 39 -1.93 -26.02 80.25
C LEU D 39 -1.15 -26.73 81.36
N GLU D 40 -0.73 -26.02 82.39
CA GLU D 40 -0.06 -26.65 83.52
C GLU D 40 -1.05 -27.09 84.60
N ARG D 41 -2.35 -27.11 84.31
CA ARG D 41 -3.32 -27.64 85.24
C ARG D 41 -4.32 -28.59 84.60
N ALA D 42 -4.24 -28.81 83.28
CA ALA D 42 -5.13 -29.71 82.57
C ALA D 42 -4.44 -30.99 82.12
N LEU D 43 -3.34 -30.85 81.38
CA LEU D 43 -2.45 -31.98 81.12
C LEU D 43 -2.02 -32.78 82.35
N PRO D 44 -1.73 -32.17 83.57
CA PRO D 44 -1.45 -32.97 84.77
C PRO D 44 -2.31 -34.20 85.04
N GLU D 45 -3.61 -34.16 84.77
CA GLU D 45 -4.49 -35.26 85.14
C GLU D 45 -4.85 -36.16 83.96
N LEU D 46 -5.30 -35.54 82.87
CA LEU D 46 -5.60 -36.30 81.67
C LEU D 46 -4.38 -37.02 81.11
N GLN D 47 -3.19 -36.42 81.24
CA GLN D 47 -1.94 -37.03 80.76
C GLN D 47 -1.75 -38.46 81.24
N GLN D 48 -2.29 -38.80 82.40
CA GLN D 48 -2.34 -40.20 82.82
C GLN D 48 -3.70 -40.83 82.54
N ALA D 49 -4.81 -40.09 82.68
CA ALA D 49 -6.11 -40.73 82.59
C ALA D 49 -6.46 -41.22 81.19
N LEU D 50 -6.00 -40.53 80.14
CA LEU D 50 -6.18 -40.96 78.76
C LEU D 50 -5.68 -42.38 78.47
N SER D 51 -4.64 -42.83 79.15
CA SER D 51 -4.18 -44.21 79.02
C SER D 51 -4.37 -45.05 80.28
N ALA D 52 -4.89 -44.45 81.35
CA ALA D 52 -5.17 -45.18 82.59
C ALA D 52 -6.00 -46.43 82.32
N LEU D 53 -6.97 -46.31 81.42
CA LEU D 53 -7.80 -47.44 81.00
C LEU D 53 -7.73 -47.47 79.49
N LYS D 54 -6.69 -48.11 78.98
CA LYS D 54 -6.35 -48.15 77.56
C LYS D 54 -6.29 -49.57 77.02
N GLN D 55 -5.81 -50.51 77.82
CA GLN D 55 -5.75 -51.91 77.47
C GLN D 55 -6.92 -52.71 78.01
N ALA D 56 -7.71 -52.13 78.92
CA ALA D 56 -8.80 -52.85 79.55
C ALA D 56 -9.91 -53.10 78.55
N GLY D 57 -10.28 -54.37 78.38
CA GLY D 57 -11.36 -54.75 77.50
C GLY D 57 -12.70 -54.81 78.21
N GLY D 58 -12.81 -54.13 79.34
CA GLY D 58 -14.06 -54.10 80.06
C GLY D 58 -15.14 -53.39 79.27
N ALA D 59 -16.35 -53.95 79.30
CA ALA D 59 -17.49 -53.34 78.62
C ALA D 59 -17.85 -52.00 79.27
N ARG D 60 -18.02 -52.00 80.59
CA ARG D 60 -18.40 -50.80 81.32
C ARG D 60 -17.20 -50.01 81.80
N ALA D 61 -15.98 -50.49 81.55
CA ALA D 61 -14.79 -49.80 82.03
C ALA D 61 -14.38 -48.66 81.12
N VAL D 62 -14.58 -48.83 79.80
CA VAL D 62 -14.17 -47.81 78.83
C VAL D 62 -14.97 -46.52 79.03
N GLY D 63 -16.26 -46.67 79.34
CA GLY D 63 -17.17 -45.54 79.42
C GLY D 63 -16.75 -44.50 80.44
N ALA D 64 -16.12 -44.93 81.54
CA ALA D 64 -15.78 -43.99 82.60
C ALA D 64 -14.68 -43.04 82.15
N GLY D 65 -13.58 -43.59 81.63
CA GLY D 65 -12.53 -42.75 81.06
C GLY D 65 -13.03 -41.89 79.91
N LEU D 66 -13.90 -42.45 79.07
CA LEU D 66 -14.50 -41.67 77.98
C LEU D 66 -15.24 -40.44 78.52
N ALA D 67 -16.13 -40.65 79.48
CA ALA D 67 -16.87 -39.57 80.11
C ALA D 67 -15.93 -38.55 80.75
N GLU D 68 -14.88 -39.03 81.41
CA GLU D 68 -13.88 -38.16 82.04
C GLU D 68 -13.26 -37.20 81.00
N VAL D 69 -12.76 -37.76 79.90
CA VAL D 69 -12.12 -36.93 78.87
C VAL D 69 -13.13 -35.98 78.23
N PHE D 70 -14.35 -36.48 77.98
CA PHE D 70 -15.42 -35.65 77.44
C PHE D 70 -15.74 -34.48 78.36
N GLN D 71 -15.74 -34.71 79.68
CA GLN D 71 -15.91 -33.63 80.62
C GLN D 71 -14.79 -32.60 80.50
N LEU D 72 -13.55 -33.05 80.41
CA LEU D 72 -12.43 -32.11 80.29
C LEU D 72 -12.52 -31.26 79.02
N VAL D 73 -12.80 -31.89 77.87
CA VAL D 73 -12.93 -31.09 76.66
C VAL D 73 -14.18 -30.21 76.69
N GLU D 74 -15.19 -30.55 77.49
CA GLU D 74 -16.28 -29.61 77.70
C GLU D 74 -15.96 -28.57 78.77
N GLU D 75 -14.83 -28.72 79.44
CA GLU D 75 -14.38 -27.73 80.41
C GLU D 75 -13.51 -26.68 79.74
N ALA D 76 -12.61 -27.13 78.85
CA ALA D 76 -11.74 -26.22 78.11
C ALA D 76 -12.53 -25.16 77.35
N TRP D 77 -13.55 -25.59 76.60
CA TRP D 77 -14.38 -24.64 75.85
C TRP D 77 -15.25 -23.78 76.74
N LEU D 78 -15.50 -24.19 77.98
CA LEU D 78 -16.56 -23.59 78.77
C LEU D 78 -16.21 -22.18 79.24
N LEU D 79 -15.07 -22.03 79.89
CA LEU D 79 -14.74 -20.74 80.52
C LEU D 79 -14.40 -19.74 79.43
N PRO D 80 -15.09 -18.60 79.35
CA PRO D 80 -14.88 -17.68 78.23
C PRO D 80 -13.56 -16.94 78.33
N ALA D 81 -13.13 -16.43 77.16
CA ALA D 81 -11.92 -15.63 76.95
C ALA D 81 -10.63 -16.39 77.23
N VAL D 82 -10.71 -17.69 77.53
CA VAL D 82 -9.53 -18.51 77.76
C VAL D 82 -9.61 -19.77 76.93
N GLY D 83 -10.78 -20.05 76.34
CA GLY D 83 -10.99 -21.39 75.83
C GLY D 83 -10.35 -21.70 74.50
N ARG D 84 -9.87 -20.70 73.77
CA ARG D 84 -9.33 -20.94 72.44
C ARG D 84 -7.98 -21.64 72.51
N GLU D 85 -7.04 -21.07 73.27
CA GLU D 85 -5.71 -21.67 73.30
C GLU D 85 -5.70 -22.93 74.16
N VAL D 86 -6.40 -22.90 75.30
CA VAL D 86 -6.50 -24.09 76.16
C VAL D 86 -7.18 -25.23 75.41
N ALA D 87 -8.06 -24.92 74.45
CA ALA D 87 -8.64 -26.01 73.66
C ALA D 87 -7.68 -26.49 72.58
N GLN D 88 -7.03 -25.56 71.87
CA GLN D 88 -6.25 -25.97 70.71
C GLN D 88 -4.97 -26.69 71.11
N GLY D 89 -4.27 -26.20 72.13
CA GLY D 89 -3.07 -26.87 72.59
C GLY D 89 -3.37 -28.22 73.22
N LEU D 90 -4.49 -28.30 73.94
CA LEU D 90 -4.92 -29.58 74.50
C LEU D 90 -5.21 -30.60 73.41
N CYS D 91 -5.92 -30.17 72.36
CA CYS D 91 -6.22 -31.08 71.26
C CYS D 91 -4.94 -31.52 70.56
N ASP D 92 -4.00 -30.60 70.37
CA ASP D 92 -2.71 -30.97 69.80
C ASP D 92 -1.97 -31.97 70.68
N ALA D 93 -2.08 -31.83 72.00
CA ALA D 93 -1.41 -32.81 72.87
C ALA D 93 -2.08 -34.17 72.81
N ILE D 94 -3.41 -34.20 72.67
CA ILE D 94 -4.12 -35.47 72.48
C ILE D 94 -3.72 -36.08 71.14
N ARG D 95 -3.40 -35.25 70.15
CA ARG D 95 -2.90 -35.80 68.89
C ARG D 95 -1.50 -36.39 69.08
N LEU D 96 -0.62 -35.65 69.76
CA LEU D 96 0.78 -36.06 69.87
C LEU D 96 1.00 -37.22 70.82
N ASP D 97 -0.02 -37.59 71.60
CA ASP D 97 0.13 -38.62 72.66
C ASP D 97 -0.15 -40.03 72.12
N GLY D 98 -0.65 -40.11 70.88
CA GLY D 98 -0.92 -41.40 70.27
C GLY D 98 -2.26 -41.98 70.71
N GLY D 99 -3.29 -41.14 70.72
CA GLY D 99 -4.60 -41.57 71.16
C GLY D 99 -5.66 -41.61 70.09
N LEU D 100 -5.35 -41.06 68.91
CA LEU D 100 -6.29 -41.13 67.80
C LEU D 100 -6.50 -42.56 67.34
N ASP D 101 -5.43 -43.37 67.33
CA ASP D 101 -5.57 -44.76 66.96
C ASP D 101 -6.45 -45.52 67.95
N LEU D 102 -6.44 -45.11 69.22
CA LEU D 102 -7.33 -45.73 70.21
C LEU D 102 -8.79 -45.47 69.86
N LEU D 103 -9.10 -44.23 69.48
CA LEU D 103 -10.45 -43.90 69.05
C LEU D 103 -10.83 -44.67 67.79
N LEU D 104 -9.91 -44.74 66.83
CA LEU D 104 -10.20 -45.46 65.59
C LEU D 104 -10.38 -46.95 65.81
N ARG D 105 -9.74 -47.51 66.84
CA ARG D 105 -10.04 -48.88 67.24
C ARG D 105 -11.44 -48.97 67.84
N LEU D 106 -11.70 -48.18 68.88
CA LEU D 106 -12.97 -48.25 69.59
C LEU D 106 -14.18 -47.89 68.71
N LEU D 107 -13.97 -47.28 67.55
CA LEU D 107 -15.08 -47.08 66.64
C LEU D 107 -15.54 -48.37 65.99
N GLN D 108 -14.72 -49.41 65.99
CA GLN D 108 -15.08 -50.68 65.39
C GLN D 108 -15.46 -51.75 66.41
N ALA D 109 -15.63 -51.35 67.67
CA ALA D 109 -15.95 -52.31 68.73
C ALA D 109 -17.34 -52.91 68.51
N PRO D 110 -17.56 -54.15 68.95
CA PRO D 110 -18.87 -54.77 68.73
C PRO D 110 -19.98 -54.20 69.59
N GLU D 111 -19.67 -53.68 70.78
CA GLU D 111 -20.70 -53.08 71.61
C GLU D 111 -21.10 -51.72 71.06
N LEU D 112 -22.34 -51.32 71.35
CA LEU D 112 -22.89 -50.14 70.73
C LEU D 112 -22.74 -48.88 71.57
N GLU D 113 -22.81 -49.00 72.90
CA GLU D 113 -22.74 -47.79 73.72
C GLU D 113 -21.32 -47.26 73.82
N THR D 114 -20.32 -48.14 73.70
CA THR D 114 -18.96 -47.65 73.60
C THR D 114 -18.74 -46.95 72.26
N ARG D 115 -19.41 -47.41 71.21
CA ARG D 115 -19.31 -46.74 69.92
C ARG D 115 -19.89 -45.35 69.99
N VAL D 116 -21.07 -45.20 70.61
CA VAL D 116 -21.69 -43.88 70.62
C VAL D 116 -20.92 -42.93 71.52
N GLN D 117 -20.34 -43.43 72.62
CA GLN D 117 -19.55 -42.54 73.47
C GLN D 117 -18.24 -42.15 72.78
N ALA D 118 -17.63 -43.08 72.03
CA ALA D 118 -16.41 -42.76 71.31
C ALA D 118 -16.68 -41.75 70.20
N ALA D 119 -17.83 -41.86 69.55
CA ALA D 119 -18.17 -40.90 68.49
C ALA D 119 -18.42 -39.53 69.08
N ARG D 120 -19.15 -39.45 70.19
CA ARG D 120 -19.45 -38.16 70.78
C ARG D 120 -18.17 -37.51 71.32
N LEU D 121 -17.19 -38.32 71.72
CA LEU D 121 -15.90 -37.74 72.09
C LEU D 121 -15.11 -37.31 70.87
N LEU D 122 -15.19 -38.05 69.77
CA LEU D 122 -14.44 -37.69 68.57
C LEU D 122 -14.97 -36.42 67.92
N GLU D 123 -16.24 -36.08 68.17
CA GLU D 123 -16.81 -34.85 67.61
C GLU D 123 -16.07 -33.61 68.10
N GLN D 124 -15.60 -33.61 69.35
CA GLN D 124 -15.10 -32.41 69.99
C GLN D 124 -13.61 -32.18 69.82
N ILE D 125 -12.93 -32.96 68.98
CA ILE D 125 -11.48 -32.87 68.87
C ILE D 125 -11.02 -32.34 67.53
N LEU D 126 -11.84 -32.41 66.49
CA LEU D 126 -11.40 -32.09 65.13
C LEU D 126 -11.21 -30.59 64.99
N VAL D 127 -9.97 -30.14 65.12
CA VAL D 127 -9.59 -28.75 64.88
C VAL D 127 -8.69 -28.82 63.65
N ALA D 128 -8.19 -27.68 63.17
CA ALA D 128 -7.56 -27.58 61.86
C ALA D 128 -6.31 -28.44 61.70
N GLU D 129 -5.71 -28.93 62.79
CA GLU D 129 -4.51 -29.74 62.69
C GLU D 129 -4.78 -31.23 62.84
N ASN D 130 -5.67 -31.61 63.77
CA ASN D 130 -6.02 -33.01 63.98
C ASN D 130 -6.78 -33.56 62.78
N ARG D 131 -7.49 -32.69 62.07
CA ARG D 131 -8.31 -33.11 60.94
C ARG D 131 -7.47 -33.67 59.81
N ASP D 132 -6.23 -33.20 59.67
CA ASP D 132 -5.33 -33.73 58.67
C ASP D 132 -4.99 -35.19 58.96
N ARG D 133 -4.71 -35.50 60.23
CA ARG D 133 -4.38 -36.87 60.58
C ARG D 133 -5.58 -37.79 60.44
N VAL D 134 -6.77 -37.28 60.77
CA VAL D 134 -7.96 -38.11 60.62
C VAL D 134 -8.24 -38.36 59.15
N ALA D 135 -8.02 -37.36 58.30
CA ALA D 135 -8.20 -37.55 56.86
C ALA D 135 -7.12 -38.45 56.30
N ARG D 136 -5.96 -38.51 56.94
CA ARG D 136 -4.91 -39.42 56.48
C ARG D 136 -5.31 -40.87 56.73
N ILE D 137 -5.66 -41.21 57.96
CA ILE D 137 -5.77 -42.62 58.36
C ILE D 137 -7.23 -43.07 58.50
N GLY D 138 -8.08 -42.31 59.19
CA GLY D 138 -9.32 -42.85 59.70
C GLY D 138 -10.44 -43.03 58.70
N LEU D 139 -10.34 -42.39 57.53
CA LEU D 139 -11.49 -42.05 56.70
C LEU D 139 -12.43 -43.22 56.37
N GLY D 140 -11.93 -44.45 56.42
CA GLY D 140 -12.79 -45.58 56.09
C GLY D 140 -13.76 -46.00 57.17
N VAL D 141 -13.36 -45.88 58.44
CA VAL D 141 -14.23 -46.34 59.52
C VAL D 141 -15.46 -45.44 59.64
N ILE D 142 -15.30 -44.14 59.38
CA ILE D 142 -16.45 -43.23 59.42
C ILE D 142 -17.47 -43.62 58.37
N LEU D 143 -17.01 -43.97 57.17
CA LEU D 143 -17.90 -44.45 56.12
C LEU D 143 -18.54 -45.78 56.50
N ASN D 144 -17.79 -46.64 57.21
CA ASN D 144 -18.39 -47.85 57.74
C ASN D 144 -19.47 -47.56 58.77
N LEU D 145 -19.32 -46.49 59.55
CA LEU D 145 -20.35 -46.09 60.50
C LEU D 145 -21.54 -45.42 59.83
N ALA D 146 -21.35 -44.91 58.61
CA ALA D 146 -22.44 -44.24 57.91
C ALA D 146 -23.57 -45.19 57.50
N LYS D 147 -23.34 -46.50 57.57
CA LYS D 147 -24.41 -47.44 57.28
C LYS D 147 -25.37 -47.62 58.44
N GLU D 148 -24.89 -47.46 59.67
CA GLU D 148 -25.73 -47.59 60.86
C GLU D 148 -26.56 -46.33 61.02
N ARG D 149 -27.87 -46.44 60.78
CA ARG D 149 -28.74 -45.27 60.80
C ARG D 149 -29.64 -45.18 62.03
N GLU D 150 -29.88 -46.28 62.72
CA GLU D 150 -30.96 -46.31 63.70
C GLU D 150 -30.66 -45.61 65.04
N PRO D 151 -29.55 -45.85 65.75
CA PRO D 151 -29.38 -45.19 67.05
C PRO D 151 -29.11 -43.71 66.89
N VAL D 152 -29.88 -42.89 67.62
CA VAL D 152 -29.91 -41.46 67.35
C VAL D 152 -28.65 -40.78 67.85
N GLU D 153 -28.20 -41.13 69.06
CA GLU D 153 -26.93 -40.61 69.57
C GLU D 153 -25.74 -40.95 68.68
N LEU D 154 -25.82 -42.04 67.90
CA LEU D 154 -24.80 -42.28 66.90
C LEU D 154 -24.88 -41.25 65.77
N ALA D 155 -26.08 -41.04 65.23
CA ALA D 155 -26.23 -40.19 64.07
C ALA D 155 -25.94 -38.74 64.41
N ARG D 156 -26.31 -38.32 65.61
CA ARG D 156 -26.10 -36.95 66.04
C ARG D 156 -24.63 -36.59 66.09
N SER D 157 -23.77 -37.56 66.41
CA SER D 157 -22.36 -37.23 66.43
C SER D 157 -21.67 -37.47 65.10
N VAL D 158 -22.07 -38.51 64.37
CA VAL D 158 -21.39 -38.78 63.11
C VAL D 158 -21.77 -37.73 62.07
N ALA D 159 -22.95 -37.11 62.20
CA ALA D 159 -23.28 -35.98 61.34
C ALA D 159 -22.34 -34.82 61.58
N GLY D 160 -21.98 -34.55 62.84
CA GLY D 160 -21.02 -33.50 63.11
C GLY D 160 -19.62 -33.89 62.67
N ILE D 161 -19.30 -35.18 62.70
CA ILE D 161 -18.02 -35.64 62.18
C ILE D 161 -17.91 -35.37 60.70
N LEU D 162 -18.97 -35.69 59.94
CA LEU D 162 -18.95 -35.42 58.51
C LEU D 162 -18.96 -33.92 58.22
N GLU D 163 -19.67 -33.15 59.05
CA GLU D 163 -19.65 -31.70 58.95
C GLU D 163 -18.23 -31.15 59.05
N HIS D 164 -17.48 -31.61 60.06
CA HIS D 164 -16.12 -31.10 60.20
C HIS D 164 -15.18 -31.68 59.14
N MET D 165 -15.47 -32.88 58.63
CA MET D 165 -14.58 -33.49 57.66
C MET D 165 -14.81 -33.01 56.23
N PHE D 166 -15.94 -32.37 55.93
CA PHE D 166 -16.10 -31.79 54.60
C PHE D 166 -15.26 -30.55 54.37
N LYS D 167 -14.66 -29.97 55.39
CA LYS D 167 -13.93 -28.72 55.23
C LYS D 167 -12.47 -28.90 54.88
N HIS D 168 -12.00 -30.13 54.68
CA HIS D 168 -10.56 -30.33 54.62
C HIS D 168 -10.01 -30.02 53.23
N SER D 169 -10.42 -30.79 52.23
CA SER D 169 -9.81 -30.68 50.91
C SER D 169 -10.84 -31.06 49.85
N GLU D 170 -10.44 -30.91 48.60
CA GLU D 170 -11.33 -31.27 47.50
C GLU D 170 -11.34 -32.76 47.26
N GLU D 171 -10.20 -33.43 47.47
CA GLU D 171 -10.16 -34.87 47.30
C GLU D 171 -10.99 -35.56 48.36
N THR D 172 -10.97 -35.03 49.58
CA THR D 172 -11.77 -35.60 50.66
C THR D 172 -13.26 -35.47 50.36
N CYS D 173 -13.66 -34.34 49.78
CA CYS D 173 -15.05 -34.18 49.36
C CYS D 173 -15.40 -35.12 48.24
N GLN D 174 -14.45 -35.34 47.32
CA GLN D 174 -14.67 -36.25 46.21
C GLN D 174 -14.90 -37.67 46.71
N ARG D 175 -14.09 -38.09 47.68
CA ARG D 175 -14.26 -39.42 48.26
C ARG D 175 -15.58 -39.54 49.00
N LEU D 176 -15.92 -38.55 49.82
CA LEU D 176 -17.14 -38.65 50.60
C LEU D 176 -18.40 -38.52 49.75
N VAL D 177 -18.31 -37.98 48.54
CA VAL D 177 -19.44 -38.04 47.64
C VAL D 177 -19.41 -39.31 46.79
N ALA D 178 -18.26 -39.94 46.63
CA ALA D 178 -18.15 -41.08 45.74
C ALA D 178 -18.17 -42.41 46.48
N ALA D 179 -18.13 -42.40 47.81
CA ALA D 179 -18.24 -43.62 48.59
C ALA D 179 -19.55 -43.73 49.35
N GLY D 180 -20.54 -42.92 49.00
CA GLY D 180 -21.84 -43.00 49.64
C GLY D 180 -21.97 -42.24 50.94
N GLY D 181 -21.05 -41.33 51.24
CA GLY D 181 -21.15 -40.54 52.45
C GLY D 181 -22.11 -39.37 52.38
N LEU D 182 -22.64 -39.06 51.20
CA LEU D 182 -23.63 -38.01 51.04
C LEU D 182 -25.04 -38.54 51.22
N ASP D 183 -25.27 -39.79 50.82
CA ASP D 183 -26.56 -40.43 51.00
C ASP D 183 -26.98 -40.45 52.45
N ALA D 184 -26.03 -40.68 53.36
CA ALA D 184 -26.30 -40.61 54.79
C ALA D 184 -26.89 -39.27 55.20
N VAL D 185 -26.25 -38.19 54.77
CA VAL D 185 -26.73 -36.84 55.06
C VAL D 185 -28.14 -36.63 54.50
N LEU D 186 -28.35 -37.04 53.25
CA LEU D 186 -29.65 -36.80 52.64
C LEU D 186 -30.73 -37.71 53.20
N TYR D 187 -30.37 -38.82 53.82
CA TYR D 187 -31.38 -39.61 54.51
C TYR D 187 -31.66 -39.05 55.89
N TRP D 188 -30.64 -38.51 56.56
CA TRP D 188 -30.84 -37.94 57.88
C TRP D 188 -31.54 -36.60 57.84
N CYS D 189 -31.69 -36.02 56.65
CA CYS D 189 -32.51 -34.81 56.53
C CYS D 189 -33.99 -35.07 56.84
N ARG D 190 -34.44 -36.33 56.86
CA ARG D 190 -35.86 -36.61 57.11
C ARG D 190 -36.24 -36.39 58.57
N ARG D 191 -35.35 -36.74 59.49
CA ARG D 191 -35.73 -36.83 60.90
C ARG D 191 -35.97 -35.45 61.50
N THR D 192 -36.46 -35.43 62.74
CA THR D 192 -36.97 -34.23 63.37
C THR D 192 -36.17 -33.83 64.61
N ASP D 193 -34.91 -34.19 64.66
CA ASP D 193 -34.11 -33.77 65.80
C ASP D 193 -33.67 -32.31 65.64
N PRO D 194 -33.78 -31.50 66.69
CA PRO D 194 -33.41 -30.09 66.57
C PRO D 194 -31.93 -29.81 66.66
N ALA D 195 -31.09 -30.82 66.85
CA ALA D 195 -29.64 -30.64 66.79
C ALA D 195 -28.99 -31.43 65.68
N LEU D 196 -29.64 -32.47 65.16
CA LEU D 196 -29.10 -33.19 64.02
C LEU D 196 -29.19 -32.36 62.76
N LEU D 197 -30.27 -31.61 62.61
CA LEU D 197 -30.52 -30.88 61.38
C LEU D 197 -29.56 -29.71 61.21
N ARG D 198 -29.09 -29.11 62.31
CA ARG D 198 -28.10 -28.06 62.19
C ARG D 198 -26.79 -28.60 61.61
N HIS D 199 -26.36 -29.76 62.09
CA HIS D 199 -25.16 -30.39 61.54
C HIS D 199 -25.38 -30.80 60.09
N CYS D 200 -26.59 -31.24 59.76
CA CYS D 200 -26.90 -31.65 58.40
C CYS D 200 -26.84 -30.46 57.44
N ALA D 201 -27.39 -29.32 57.86
CA ALA D 201 -27.38 -28.12 57.05
C ALA D 201 -25.97 -27.59 56.86
N LEU D 202 -25.18 -27.54 57.94
CA LEU D 202 -23.82 -27.08 57.80
C LEU D 202 -22.98 -28.03 56.97
N ALA D 203 -23.31 -29.32 56.99
CA ALA D 203 -22.60 -30.27 56.14
C ALA D 203 -22.85 -29.97 54.67
N LEU D 204 -24.11 -29.79 54.30
CA LEU D 204 -24.40 -29.50 52.89
C LEU D 204 -23.83 -28.16 52.46
N GLY D 205 -23.85 -27.17 53.37
CA GLY D 205 -23.29 -25.87 53.04
C GLY D 205 -21.79 -25.91 52.83
N ASN D 206 -21.06 -26.55 53.74
CA ASN D 206 -19.61 -26.63 53.60
C ASN D 206 -19.21 -27.47 52.39
N CYS D 207 -19.97 -28.53 52.10
CA CYS D 207 -19.67 -29.36 50.93
C CYS D 207 -19.83 -28.57 49.64
N ALA D 208 -20.94 -27.83 49.51
CA ALA D 208 -21.10 -26.99 48.33
C ALA D 208 -20.12 -25.82 48.31
N LEU D 209 -19.62 -25.39 49.47
CA LEU D 209 -18.75 -24.21 49.50
C LEU D 209 -17.31 -24.56 49.10
N HIS D 210 -16.69 -25.53 49.76
CA HIS D 210 -15.30 -25.88 49.47
C HIS D 210 -15.17 -27.09 48.57
N GLY D 211 -16.24 -27.47 47.88
CA GLY D 211 -16.18 -28.68 47.10
C GLY D 211 -15.46 -28.57 45.78
N GLY D 212 -16.02 -27.77 44.86
CA GLY D 212 -15.53 -27.70 43.51
C GLY D 212 -16.66 -27.82 42.53
N GLN D 213 -16.34 -28.23 41.30
CA GLN D 213 -17.32 -28.28 40.23
C GLN D 213 -18.03 -29.62 40.14
N ALA D 214 -17.26 -30.71 40.11
CA ALA D 214 -17.81 -32.05 39.92
C ALA D 214 -18.78 -32.42 41.04
N VAL D 215 -18.35 -32.23 42.28
CA VAL D 215 -19.17 -32.49 43.46
C VAL D 215 -20.48 -31.69 43.42
N GLN D 216 -20.46 -30.46 42.92
CA GLN D 216 -21.70 -29.69 42.78
C GLN D 216 -22.65 -30.36 41.80
N ARG D 217 -22.15 -30.72 40.61
CA ARG D 217 -22.99 -31.38 39.61
C ARG D 217 -23.58 -32.68 40.15
N ARG D 218 -22.76 -33.48 40.85
CA ARG D 218 -23.25 -34.73 41.41
C ARG D 218 -24.14 -34.50 42.62
N MET D 219 -24.06 -33.33 43.24
CA MET D 219 -24.96 -32.99 44.32
C MET D 219 -26.34 -32.63 43.79
N VAL D 220 -26.39 -31.80 42.75
CA VAL D 220 -27.67 -31.40 42.19
C VAL D 220 -28.29 -32.53 41.39
N GLU D 221 -27.49 -33.49 40.93
CA GLU D 221 -28.07 -34.64 40.26
C GLU D 221 -28.77 -35.55 41.26
N LYS D 222 -28.32 -35.57 42.51
CA LYS D 222 -28.94 -36.41 43.53
C LYS D 222 -30.10 -35.72 44.24
N ARG D 223 -30.69 -34.69 43.63
CA ARG D 223 -31.87 -33.98 44.13
C ARG D 223 -31.62 -33.39 45.51
N ALA D 224 -30.41 -32.86 45.73
CA ALA D 224 -30.13 -32.21 47.00
C ALA D 224 -30.84 -30.87 47.12
N ALA D 225 -31.16 -30.23 46.01
CA ALA D 225 -31.88 -28.97 46.07
C ALA D 225 -33.30 -29.18 46.57
N GLU D 226 -33.89 -30.34 46.29
CA GLU D 226 -35.23 -30.63 46.74
C GLU D 226 -35.27 -30.93 48.23
N TRP D 227 -34.25 -31.62 48.74
CA TRP D 227 -34.27 -32.02 50.13
C TRP D 227 -33.97 -30.86 51.07
N LEU D 228 -33.44 -29.75 50.56
CA LEU D 228 -33.21 -28.60 51.41
C LEU D 228 -34.49 -27.86 51.75
N PHE D 229 -35.58 -28.13 51.04
CA PHE D 229 -36.82 -27.38 51.26
C PHE D 229 -37.47 -27.68 52.61
N PRO D 230 -37.63 -28.95 53.05
CA PRO D 230 -38.16 -29.16 54.40
C PRO D 230 -37.24 -28.66 55.49
N LEU D 231 -35.98 -28.41 55.18
CA LEU D 231 -35.05 -27.89 56.16
C LEU D 231 -35.13 -26.38 56.29
N ALA D 232 -35.61 -25.69 55.26
CA ALA D 232 -35.70 -24.24 55.28
C ALA D 232 -37.10 -23.73 55.62
N PHE D 233 -38.10 -24.61 55.60
CA PHE D 233 -39.48 -24.21 55.84
C PHE D 233 -39.91 -24.44 57.28
N SER D 234 -39.08 -25.06 58.10
CA SER D 234 -39.43 -25.30 59.50
C SER D 234 -39.42 -23.97 60.24
N LYS D 235 -40.56 -23.63 60.83
CA LYS D 235 -40.74 -22.35 61.53
C LYS D 235 -40.46 -22.46 63.02
N GLU D 236 -39.54 -23.33 63.41
CA GLU D 236 -39.19 -23.55 64.80
C GLU D 236 -37.96 -22.75 65.23
N ASP D 237 -36.95 -22.67 64.37
CA ASP D 237 -35.72 -21.96 64.69
C ASP D 237 -35.20 -21.27 63.43
N GLU D 238 -34.44 -20.20 63.64
CA GLU D 238 -33.95 -19.40 62.52
C GLU D 238 -32.54 -19.75 62.09
N LEU D 239 -31.75 -20.40 62.94
CA LEU D 239 -30.41 -20.80 62.52
C LEU D 239 -30.49 -21.88 61.44
N LEU D 240 -31.46 -22.78 61.56
CA LEU D 240 -31.66 -23.79 60.54
C LEU D 240 -32.03 -23.17 59.20
N ARG D 241 -32.89 -22.16 59.24
CA ARG D 241 -33.30 -21.49 58.02
C ARG D 241 -32.13 -20.72 57.42
N LEU D 242 -31.30 -20.12 58.25
CA LEU D 242 -30.15 -19.38 57.74
C LEU D 242 -29.14 -20.32 57.07
N HIS D 243 -28.86 -21.46 57.69
CA HIS D 243 -27.87 -22.33 57.07
C HIS D 243 -28.43 -23.00 55.82
N ALA D 244 -29.72 -23.31 55.79
CA ALA D 244 -30.31 -23.87 54.58
C ALA D 244 -30.31 -22.88 53.43
N CYS D 245 -30.68 -21.63 53.70
CA CYS D 245 -30.67 -20.61 52.65
C CYS D 245 -29.25 -20.35 52.15
N LEU D 246 -28.26 -20.35 53.07
CA LEU D 246 -26.88 -20.18 52.63
C LEU D 246 -26.45 -21.30 51.70
N ALA D 247 -26.82 -22.54 52.03
CA ALA D 247 -26.43 -23.66 51.19
C ALA D 247 -27.07 -23.58 49.81
N VAL D 248 -28.36 -23.26 49.76
CA VAL D 248 -29.02 -23.18 48.46
C VAL D 248 -28.50 -22.00 47.64
N ALA D 249 -28.10 -20.91 48.30
CA ALA D 249 -27.56 -19.77 47.54
C ALA D 249 -26.20 -20.10 46.95
N VAL D 250 -25.34 -20.80 47.70
CA VAL D 250 -24.04 -21.17 47.16
C VAL D 250 -24.22 -22.16 46.02
N LEU D 251 -25.22 -23.03 46.12
CA LEU D 251 -25.49 -23.94 45.01
C LEU D 251 -26.06 -23.21 43.80
N ALA D 252 -26.81 -22.14 44.02
CA ALA D 252 -27.45 -21.42 42.92
C ALA D 252 -26.55 -20.34 42.32
N THR D 253 -25.37 -20.12 42.88
CA THR D 253 -24.46 -19.15 42.27
C THR D 253 -23.86 -19.72 40.99
N ASN D 254 -23.59 -21.02 40.97
CA ASN D 254 -23.08 -21.71 39.79
C ASN D 254 -24.06 -21.59 38.63
N LYS D 255 -23.52 -21.36 37.44
CA LYS D 255 -24.38 -21.09 36.29
C LYS D 255 -24.88 -22.35 35.60
N GLU D 256 -24.22 -23.48 35.80
CA GLU D 256 -24.55 -24.67 35.01
C GLU D 256 -25.86 -25.30 35.48
N VAL D 257 -26.11 -25.29 36.78
CA VAL D 257 -27.26 -26.02 37.30
C VAL D 257 -28.25 -25.10 38.00
N GLU D 258 -28.26 -23.82 37.62
CA GLU D 258 -29.25 -22.93 38.22
C GLU D 258 -30.66 -23.21 37.72
N ARG D 259 -30.79 -23.85 36.56
CA ARG D 259 -32.12 -24.17 36.04
C ARG D 259 -32.80 -25.23 36.90
N GLU D 260 -32.05 -26.28 37.26
CA GLU D 260 -32.55 -27.29 38.18
C GLU D 260 -32.97 -26.68 39.50
N VAL D 261 -32.12 -25.81 40.07
CA VAL D 261 -32.40 -25.23 41.38
C VAL D 261 -33.64 -24.34 41.33
N GLU D 262 -33.79 -23.55 40.26
CA GLU D 262 -35.00 -22.75 40.13
C GLU D 262 -36.23 -23.61 39.89
N ARG D 263 -36.07 -24.75 39.21
CA ARG D 263 -37.19 -25.67 39.03
C ARG D 263 -37.57 -26.34 40.33
N SER D 264 -36.64 -26.43 41.27
CA SER D 264 -36.94 -27.03 42.57
C SER D 264 -37.87 -26.14 43.39
N GLY D 265 -37.80 -24.82 43.20
CA GLY D 265 -38.74 -23.93 43.83
C GLY D 265 -38.42 -23.52 45.24
N THR D 266 -37.22 -23.79 45.73
CA THR D 266 -36.85 -23.41 47.09
C THR D 266 -36.13 -22.07 47.16
N LEU D 267 -35.87 -21.42 46.03
CA LEU D 267 -35.25 -20.10 46.07
C LEU D 267 -36.23 -19.00 46.44
N ALA D 268 -37.53 -19.26 46.30
CA ALA D 268 -38.54 -18.25 46.61
C ALA D 268 -38.65 -17.96 48.10
N LEU D 269 -38.02 -18.76 48.95
CA LEU D 269 -38.15 -18.61 50.40
C LEU D 269 -36.94 -17.90 51.01
N VAL D 270 -36.20 -17.15 50.23
CA VAL D 270 -35.03 -16.44 50.77
C VAL D 270 -35.39 -15.03 51.18
N GLU D 271 -36.07 -14.29 50.31
CA GLU D 271 -36.48 -12.91 50.54
C GLU D 271 -37.29 -12.71 51.82
N PRO D 272 -38.45 -13.39 52.04
CA PRO D 272 -39.20 -13.15 53.29
C PRO D 272 -38.36 -13.31 54.55
N LEU D 273 -37.56 -14.37 54.59
CA LEU D 273 -36.74 -14.66 55.76
C LEU D 273 -35.76 -13.54 56.08
N VAL D 274 -34.95 -13.15 55.08
CA VAL D 274 -33.99 -12.06 55.27
C VAL D 274 -34.72 -10.77 55.61
N ALA D 275 -35.88 -10.54 55.00
CA ALA D 275 -36.65 -9.33 55.26
C ALA D 275 -37.22 -9.30 56.68
N SER D 276 -37.39 -10.46 57.31
CA SER D 276 -38.04 -10.53 58.62
C SER D 276 -37.06 -10.90 59.73
N LEU D 277 -35.85 -10.35 59.68
CA LEU D 277 -34.85 -10.62 60.71
C LEU D 277 -34.12 -9.34 61.06
N ASP D 278 -33.12 -9.47 61.93
CA ASP D 278 -32.29 -8.36 62.35
C ASP D 278 -30.85 -8.84 62.47
N PRO D 279 -29.91 -8.23 61.75
CA PRO D 279 -28.49 -8.61 61.94
C PRO D 279 -27.98 -8.28 63.33
N GLY D 280 -28.58 -7.29 63.99
CA GLY D 280 -28.08 -6.85 65.28
C GLY D 280 -28.29 -7.87 66.38
N ARG D 281 -29.36 -8.67 66.28
CA ARG D 281 -29.63 -9.72 67.25
C ARG D 281 -28.89 -11.01 66.94
N PHE D 282 -28.61 -11.31 65.68
CA PHE D 282 -27.71 -12.43 65.37
C PHE D 282 -26.25 -12.05 65.52
N ALA D 283 -25.94 -10.76 65.53
CA ALA D 283 -24.77 -10.31 66.26
C ALA D 283 -25.05 -10.49 67.75
N ARG D 284 -24.03 -10.90 68.51
CA ARG D 284 -24.03 -11.44 69.87
C ARG D 284 -24.54 -12.89 69.85
N LEU D 286 -23.69 -16.36 67.25
CA LEU D 286 -22.52 -16.88 66.52
C LEU D 286 -21.19 -16.51 67.20
N VAL D 287 -21.26 -16.07 68.46
CA VAL D 287 -20.07 -15.81 69.27
C VAL D 287 -19.93 -16.80 70.41
N ASP D 288 -20.93 -17.66 70.63
CA ASP D 288 -20.90 -18.66 71.68
C ASP D 288 -21.14 -20.08 71.20
N ALA D 289 -21.65 -20.27 69.98
CA ALA D 289 -22.19 -21.57 69.59
C ALA D 289 -21.09 -22.54 69.19
N SER D 290 -20.31 -22.20 68.16
CA SER D 290 -19.37 -23.13 67.60
C SER D 290 -18.16 -23.35 68.50
N ASP D 291 -17.36 -22.30 68.70
CA ASP D 291 -16.14 -22.44 69.46
C ASP D 291 -15.81 -21.22 70.32
N THR D 292 -16.73 -20.25 70.43
CA THR D 292 -16.52 -18.98 71.12
C THR D 292 -15.30 -18.25 70.55
N SER D 293 -15.39 -17.92 69.27
CA SER D 293 -14.30 -17.30 68.53
C SER D 293 -14.75 -15.94 68.01
N GLN D 294 -13.78 -15.15 67.54
CA GLN D 294 -14.06 -13.83 67.00
C GLN D 294 -14.34 -13.91 65.50
N GLY D 295 -15.32 -14.72 65.15
CA GLY D 295 -15.80 -14.79 63.78
C GLY D 295 -15.04 -15.79 62.93
N ARG D 296 -15.34 -15.72 61.64
CA ARG D 296 -14.75 -16.61 60.65
C ARG D 296 -13.47 -16.01 60.08
N GLY D 297 -12.61 -16.88 59.57
CA GLY D 297 -11.28 -16.50 59.15
C GLY D 297 -11.30 -15.76 57.83
N PRO D 298 -10.14 -15.21 57.46
CA PRO D 298 -10.02 -14.55 56.14
C PRO D 298 -10.31 -15.48 54.98
N ASP D 299 -9.75 -16.69 55.00
CA ASP D 299 -9.97 -17.62 53.90
C ASP D 299 -11.39 -18.17 53.92
N ASP D 300 -12.07 -18.09 55.06
CA ASP D 300 -13.49 -18.35 55.09
C ASP D 300 -14.27 -17.14 54.60
N LEU D 301 -13.74 -15.93 54.82
CA LEU D 301 -14.45 -14.74 54.41
C LEU D 301 -14.37 -14.50 52.91
N GLN D 302 -13.37 -15.05 52.24
CA GLN D 302 -13.33 -14.89 50.78
C GLN D 302 -14.25 -15.86 50.07
N ARG D 303 -15.04 -16.65 50.80
CA ARG D 303 -16.00 -17.54 50.21
C ARG D 303 -17.36 -16.87 50.01
N LEU D 304 -17.55 -15.69 50.58
CA LEU D 304 -18.79 -14.94 50.47
C LEU D 304 -18.75 -13.85 49.41
N VAL D 305 -17.57 -13.26 49.18
CA VAL D 305 -17.47 -12.16 48.23
C VAL D 305 -17.78 -12.58 46.79
N PRO D 306 -17.36 -13.75 46.28
CA PRO D 306 -17.80 -14.14 44.94
C PRO D 306 -19.29 -14.38 44.79
N LEU D 307 -20.03 -14.64 45.86
CA LEU D 307 -21.48 -14.68 45.71
C LEU D 307 -22.13 -13.33 45.94
N LEU D 308 -21.35 -12.33 46.31
CA LEU D 308 -21.87 -10.97 46.44
C LEU D 308 -21.95 -10.26 45.10
N ASP D 309 -21.19 -10.72 44.12
CA ASP D 309 -21.19 -10.14 42.78
C ASP D 309 -21.73 -11.19 41.82
N SER D 310 -23.03 -11.22 41.64
CA SER D 310 -23.66 -12.17 40.74
C SER D 310 -25.02 -11.63 40.34
N ASN D 311 -25.51 -12.11 39.20
CA ASN D 311 -26.80 -11.63 38.69
C ASN D 311 -27.95 -12.46 39.25
N ARG D 312 -27.98 -12.61 40.56
CA ARG D 312 -29.08 -13.22 41.28
C ARG D 312 -29.40 -12.36 42.49
N LEU D 313 -30.64 -12.40 42.93
CA LEU D 313 -31.03 -11.48 43.98
C LEU D 313 -30.93 -12.11 45.37
N GLU D 314 -31.44 -13.33 45.51
CA GLU D 314 -31.34 -14.09 46.77
C GLU D 314 -29.91 -14.22 47.25
N ALA D 315 -29.00 -14.62 46.36
CA ALA D 315 -27.58 -14.75 46.68
C ALA D 315 -27.02 -13.46 47.25
N GLN D 316 -27.27 -12.34 46.56
CA GLN D 316 -26.80 -11.04 47.03
C GLN D 316 -27.36 -10.70 48.41
N CYS D 317 -28.64 -10.98 48.63
CA CYS D 317 -29.25 -10.66 49.92
C CYS D 317 -28.59 -11.44 51.05
N ILE D 318 -28.46 -12.76 50.88
CA ILE D 318 -27.82 -13.61 51.88
C ILE D 318 -26.37 -13.17 52.14
N GLY D 319 -25.62 -12.89 51.07
CA GLY D 319 -24.26 -12.41 51.23
C GLY D 319 -24.18 -11.12 52.02
N ALA D 320 -25.01 -10.15 51.68
CA ALA D 320 -25.13 -8.91 52.44
C ALA D 320 -25.40 -9.18 53.92
N PHE D 321 -26.34 -10.08 54.21
CA PHE D 321 -26.66 -10.44 55.60
C PHE D 321 -25.44 -10.94 56.35
N TYR D 322 -24.75 -11.94 55.78
CA TYR D 322 -23.60 -12.52 56.46
C TYR D 322 -22.49 -11.51 56.65
N LEU D 323 -22.21 -10.70 55.63
CA LEU D 323 -21.17 -9.68 55.75
C LEU D 323 -21.52 -8.65 56.80
N CYS D 324 -22.78 -8.20 56.85
CA CYS D 324 -23.22 -7.28 57.89
C CYS D 324 -22.98 -7.84 59.29
N ALA D 325 -23.37 -9.10 59.50
CA ALA D 325 -23.16 -9.75 60.79
C ALA D 325 -21.69 -9.83 61.15
N GLU D 326 -20.87 -10.34 60.23
CA GLU D 326 -19.43 -10.43 60.46
C GLU D 326 -18.79 -9.08 60.71
N ALA D 327 -19.20 -8.05 59.96
CA ALA D 327 -18.71 -6.70 60.18
C ALA D 327 -19.04 -6.22 61.59
N ALA D 328 -20.26 -6.49 62.04
CA ALA D 328 -20.65 -6.18 63.42
C ALA D 328 -19.70 -6.84 64.41
N ILE D 329 -19.45 -8.14 64.24
CA ILE D 329 -18.62 -8.86 65.20
C ILE D 329 -17.17 -8.39 65.16
N LYS D 330 -16.66 -8.03 63.98
CA LYS D 330 -15.25 -7.68 63.82
C LYS D 330 -14.97 -6.20 63.89
N SER D 331 -15.97 -5.35 64.08
CA SER D 331 -15.71 -3.93 64.23
C SER D 331 -15.57 -3.51 65.68
N LEU D 332 -15.97 -4.37 66.62
CA LEU D 332 -15.68 -4.11 68.03
C LEU D 332 -14.19 -4.20 68.30
N GLN D 333 -13.48 -5.04 67.55
CA GLN D 333 -12.05 -5.20 67.70
C GLN D 333 -11.33 -4.16 66.85
N GLY D 334 -10.02 -4.31 66.70
CA GLY D 334 -9.26 -3.41 65.87
C GLY D 334 -9.15 -3.82 64.42
N LYS D 335 -9.54 -5.04 64.09
CA LYS D 335 -9.41 -5.56 62.73
C LYS D 335 -10.49 -4.91 61.86
N THR D 336 -10.15 -3.79 61.26
CA THR D 336 -10.99 -3.13 60.25
C THR D 336 -10.30 -3.06 58.91
N LYS D 337 -9.27 -3.88 58.70
CA LYS D 337 -8.51 -3.87 57.45
C LYS D 337 -8.74 -5.10 56.60
N VAL D 338 -9.29 -6.18 57.16
CA VAL D 338 -9.52 -7.38 56.39
C VAL D 338 -10.62 -7.16 55.34
N PHE D 339 -11.63 -6.35 55.65
CA PHE D 339 -12.65 -6.04 54.65
C PHE D 339 -12.16 -5.11 53.56
N SER D 340 -11.00 -4.49 53.74
CA SER D 340 -10.37 -3.79 52.62
C SER D 340 -9.38 -4.68 51.88
N ASP D 341 -8.75 -5.61 52.59
CA ASP D 341 -7.85 -6.55 51.92
C ASP D 341 -8.61 -7.49 51.00
N ILE D 342 -9.78 -7.95 51.42
CA ILE D 342 -10.56 -8.88 50.59
C ILE D 342 -11.16 -8.14 49.41
N GLY D 343 -11.69 -6.94 49.64
CA GLY D 343 -12.31 -6.20 48.57
C GLY D 343 -13.82 -6.23 48.67
N ALA D 344 -14.33 -6.13 49.89
CA ALA D 344 -15.77 -6.05 50.08
C ALA D 344 -16.29 -4.61 50.05
N ILE D 345 -15.42 -3.63 50.22
CA ILE D 345 -15.86 -2.25 50.26
C ILE D 345 -16.32 -1.80 48.87
N GLN D 346 -15.53 -2.11 47.84
CA GLN D 346 -15.89 -1.71 46.50
C GLN D 346 -17.13 -2.44 46.02
N SER D 347 -17.27 -3.70 46.40
CA SER D 347 -18.44 -4.47 45.99
C SER D 347 -19.70 -3.98 46.70
N LEU D 348 -19.59 -3.63 47.98
CA LEU D 348 -20.76 -3.10 48.67
C LEU D 348 -21.17 -1.74 48.14
N LYS D 349 -20.20 -0.88 47.81
CA LYS D 349 -20.56 0.43 47.27
C LYS D 349 -21.21 0.28 45.90
N ARG D 350 -20.70 -0.65 45.09
CA ARG D 350 -21.33 -0.92 43.80
C ARG D 350 -22.71 -1.53 43.98
N LEU D 351 -22.91 -2.29 45.05
CA LEU D 351 -24.23 -2.84 45.34
C LEU D 351 -25.22 -1.75 45.72
N VAL D 352 -24.75 -0.75 46.47
CA VAL D 352 -25.64 0.35 46.86
C VAL D 352 -26.01 1.19 45.64
N SER D 353 -25.05 1.44 44.76
CA SER D 353 -25.25 2.44 43.71
C SER D 353 -26.30 2.01 42.69
N TYR D 354 -26.41 0.72 42.38
CA TYR D 354 -27.37 0.23 41.41
C TYR D 354 -28.51 -0.53 42.07
N SER D 355 -28.94 -0.05 43.23
CA SER D 355 -29.89 -0.81 44.05
C SER D 355 -31.27 -0.77 43.43
N THR D 356 -31.78 -1.93 43.04
CA THR D 356 -33.13 -2.08 42.55
C THR D 356 -34.00 -2.86 43.52
N ASN D 357 -33.69 -2.79 44.81
CA ASN D 357 -34.41 -3.54 45.82
C ASN D 357 -34.24 -2.84 47.15
N GLY D 358 -35.18 -3.07 48.05
CA GLY D 358 -35.17 -2.40 49.34
C GLY D 358 -34.38 -3.13 50.39
N THR D 359 -34.34 -4.46 50.32
CA THR D 359 -33.74 -5.24 51.39
C THR D 359 -32.21 -5.18 51.31
N LYS D 360 -31.64 -5.53 50.16
CA LYS D 360 -30.20 -5.56 50.06
C LYS D 360 -29.60 -4.17 50.11
N SER D 361 -30.34 -3.15 49.67
CA SER D 361 -29.86 -1.78 49.82
C SER D 361 -29.78 -1.37 51.29
N ALA D 362 -30.81 -1.73 52.06
CA ALA D 362 -30.81 -1.44 53.49
C ALA D 362 -29.65 -2.13 54.18
N LEU D 363 -29.50 -3.45 53.97
CA LEU D 363 -28.42 -4.20 54.59
C LEU D 363 -27.05 -3.67 54.20
N ALA D 364 -26.87 -3.35 52.92
CA ALA D 364 -25.61 -2.80 52.44
C ALA D 364 -25.28 -1.48 53.11
N LYS D 365 -26.24 -0.54 53.15
CA LYS D 365 -26.01 0.74 53.80
C LYS D 365 -25.68 0.56 55.28
N ARG D 366 -26.36 -0.38 55.94
CA ARG D 366 -26.11 -0.60 57.35
C ARG D 366 -24.72 -1.17 57.57
N ALA D 367 -24.29 -2.08 56.70
CA ALA D 367 -22.95 -2.65 56.83
C ALA D 367 -21.86 -1.65 56.52
N LEU D 368 -22.10 -0.73 55.58
CA LEU D 368 -21.13 0.33 55.34
C LEU D 368 -21.12 1.36 56.46
N ARG D 369 -22.25 1.55 57.14
CA ARG D 369 -22.30 2.50 58.23
C ARG D 369 -21.54 1.99 59.45
N LEU D 370 -21.45 0.66 59.61
CA LEU D 370 -20.69 0.07 60.69
C LEU D 370 -19.19 0.26 60.51
N LEU D 371 -18.74 0.56 59.31
CA LEU D 371 -17.35 0.90 59.05
C LEU D 371 -17.23 2.40 58.80
N GLY D 372 -15.99 2.87 58.73
CA GLY D 372 -15.74 4.28 58.53
C GLY D 372 -15.98 4.79 57.12
N GLU D 373 -16.21 3.88 56.17
CA GLU D 373 -16.47 4.28 54.80
C GLU D 373 -17.80 5.01 54.70
N GLU D 374 -17.82 6.09 53.93
CA GLU D 374 -19.04 6.89 53.80
C GLU D 374 -20.02 6.21 52.85
N VAL D 375 -21.30 6.51 53.05
CA VAL D 375 -22.36 5.86 52.29
C VAL D 375 -22.54 6.58 50.96
N PRO D 376 -22.58 5.87 49.85
CA PRO D 376 -22.88 6.53 48.57
C PRO D 376 -24.37 6.76 48.39
N ARG D 377 -24.68 7.63 47.44
CA ARG D 377 -26.08 7.88 47.14
C ARG D 377 -26.49 7.18 45.86
N PRO D 378 -27.70 6.67 45.78
CA PRO D 378 -28.16 6.05 44.53
C PRO D 378 -28.30 7.09 43.43
N ILE D 379 -28.13 6.62 42.20
CA ILE D 379 -28.04 7.49 41.03
C ILE D 379 -29.26 7.30 40.15
N LEU D 380 -29.65 8.37 39.46
CA LEU D 380 -30.86 8.35 38.68
C LEU D 380 -30.66 7.48 37.43
N PRO D 381 -31.64 6.63 37.09
CA PRO D 381 -31.45 5.69 35.99
C PRO D 381 -31.65 6.29 34.62
N SER D 382 -31.95 7.58 34.50
CA SER D 382 -32.12 8.21 33.20
C SER D 382 -30.80 8.82 32.82
N VAL D 383 -29.94 8.01 32.19
CA VAL D 383 -28.56 8.39 31.93
C VAL D 383 -28.46 9.50 30.88
N PRO D 384 -29.17 9.48 29.75
CA PRO D 384 -29.23 10.70 28.94
C PRO D 384 -29.92 11.81 29.71
N SER D 385 -29.65 13.04 29.28
CA SER D 385 -30.02 14.25 30.01
C SER D 385 -29.44 14.23 31.43
N TRP D 386 -28.16 13.93 31.51
CA TRP D 386 -27.35 14.17 32.69
C TRP D 386 -26.61 15.49 32.51
N LYS D 387 -26.12 16.02 33.61
CA LYS D 387 -25.28 17.21 33.56
C LYS D 387 -23.92 16.88 34.18
N GLU D 388 -23.09 17.91 34.35
CA GLU D 388 -21.72 17.68 34.76
C GLU D 388 -21.64 17.21 36.21
N ALA D 389 -22.52 17.72 37.07
CA ALA D 389 -22.52 17.35 38.48
C ALA D 389 -22.75 15.85 38.65
N GLU D 390 -23.77 15.32 37.99
CA GLU D 390 -24.11 13.92 38.15
C GLU D 390 -23.01 13.01 37.63
N VAL D 391 -22.40 13.38 36.51
CA VAL D 391 -21.24 12.65 36.00
C VAL D 391 -20.12 12.63 37.03
N GLN D 392 -19.86 13.78 37.64
CA GLN D 392 -18.84 13.83 38.70
C GLN D 392 -19.15 12.88 39.85
N THR D 393 -20.38 12.91 40.37
CA THR D 393 -20.72 11.98 41.45
C THR D 393 -20.57 10.53 41.01
N TRP D 394 -20.92 10.20 39.76
CA TRP D 394 -20.71 8.85 39.25
C TRP D 394 -19.24 8.46 39.32
N LEU D 395 -18.37 9.28 38.73
CA LEU D 395 -16.93 9.07 38.83
C LEU D 395 -16.41 9.12 40.26
N GLN D 396 -17.18 9.67 41.19
CA GLN D 396 -16.76 9.60 42.59
C GLN D 396 -17.16 8.29 43.23
N GLN D 397 -18.17 7.63 42.70
CA GLN D 397 -18.60 6.39 43.32
C GLN D 397 -17.96 5.16 42.71
N ILE D 398 -17.57 5.20 41.44
CA ILE D 398 -17.03 3.98 40.86
C ILE D 398 -15.56 3.78 41.18
N GLY D 399 -14.84 4.84 41.52
CA GLY D 399 -13.42 4.74 41.84
C GLY D 399 -12.50 5.53 40.93
N PHE D 400 -12.99 6.11 39.85
CA PHE D 400 -12.15 6.90 38.95
C PHE D 400 -12.12 8.35 39.41
N SER D 401 -11.69 8.56 40.65
CA SER D 401 -11.86 9.85 41.26
C SER D 401 -10.78 10.84 40.89
N LYS D 402 -9.67 10.37 40.33
CA LYS D 402 -8.60 11.28 39.97
C LYS D 402 -8.77 11.86 38.57
N TYR D 403 -9.69 11.35 37.78
CA TYR D 403 -9.94 11.88 36.46
C TYR D 403 -11.11 12.83 36.41
N CYS D 404 -11.73 13.13 37.57
CA CYS D 404 -12.86 14.06 37.61
C CYS D 404 -12.50 15.44 37.07
N GLU D 405 -11.26 15.85 37.26
CA GLU D 405 -10.80 17.15 36.80
C GLU D 405 -10.93 17.28 35.29
N SER D 406 -10.40 16.29 34.55
CA SER D 406 -10.47 16.31 33.09
C SER D 406 -11.90 16.32 32.57
N PHE D 407 -12.81 15.57 33.20
CA PHE D 407 -14.20 15.60 32.81
C PHE D 407 -14.84 16.96 33.08
N ARG D 408 -14.60 17.55 34.26
CA ARG D 408 -15.14 18.88 34.52
C ARG D 408 -14.54 19.93 33.60
N GLU D 409 -13.33 19.68 33.10
CA GLU D 409 -12.71 20.60 32.16
C GLU D 409 -13.36 20.51 30.79
N GLN D 410 -13.50 19.31 30.24
CA GLN D 410 -14.05 19.17 28.91
C GLN D 410 -15.57 19.27 28.87
N GLN D 411 -16.22 19.38 30.03
CA GLN D 411 -17.68 19.51 30.15
C GLN D 411 -18.39 18.32 29.50
N VAL D 412 -18.09 17.13 29.98
CA VAL D 412 -18.76 15.94 29.51
C VAL D 412 -20.11 15.83 30.19
N ASP D 413 -21.11 15.40 29.44
CA ASP D 413 -22.46 15.19 29.95
C ASP D 413 -22.86 13.74 29.70
N GLY D 414 -24.14 13.45 29.91
CA GLY D 414 -24.64 12.09 29.71
C GLY D 414 -24.53 11.65 28.27
N ASP D 415 -24.99 12.50 27.35
CA ASP D 415 -24.94 12.16 25.93
C ASP D 415 -23.51 11.94 25.46
N LEU D 416 -22.64 12.89 25.75
CA LEU D 416 -21.23 12.75 25.38
C LEU D 416 -20.54 11.60 26.10
N LEU D 417 -21.07 11.15 27.24
CA LEU D 417 -20.50 9.98 27.90
C LEU D 417 -20.91 8.70 27.20
N LEU D 418 -22.18 8.58 26.84
CA LEU D 418 -22.66 7.35 26.22
C LEU D 418 -22.05 7.10 24.84
N ARG D 419 -21.38 8.07 24.23
CA ARG D 419 -20.81 7.92 22.91
C ARG D 419 -19.30 8.12 22.91
N LEU D 420 -18.64 7.83 24.03
CA LEU D 420 -17.20 7.95 24.08
C LEU D 420 -16.54 6.80 23.33
N THR D 421 -15.38 7.08 22.75
CA THR D 421 -14.56 6.08 22.09
C THR D 421 -13.19 6.06 22.74
N GLU D 422 -12.33 5.17 22.25
CA GLU D 422 -11.00 5.01 22.85
C GLU D 422 -10.09 6.18 22.54
N GLU D 423 -10.30 6.85 21.40
CA GLU D 423 -9.41 7.93 20.98
C GLU D 423 -9.47 9.10 21.95
N GLU D 424 -10.68 9.50 22.33
CA GLU D 424 -10.84 10.61 23.26
C GLU D 424 -10.31 10.26 24.65
N LEU D 425 -10.36 8.99 25.03
CA LEU D 425 -9.71 8.60 26.28
C LEU D 425 -8.20 8.75 26.16
N GLN D 426 -7.62 8.27 25.07
CA GLN D 426 -6.17 8.30 24.92
C GLN D 426 -5.63 9.71 24.78
N THR D 427 -6.34 10.61 24.12
CA THR D 427 -5.71 11.84 23.66
C THR D 427 -5.85 13.00 24.63
N ASP D 428 -7.09 13.41 24.92
CA ASP D 428 -7.30 14.60 25.72
C ASP D 428 -7.87 14.35 27.10
N LEU D 429 -8.55 13.23 27.32
CA LEU D 429 -8.98 12.95 28.68
C LEU D 429 -7.85 12.44 29.56
N GLY D 430 -6.82 11.85 28.97
CA GLY D 430 -5.61 11.54 29.71
C GLY D 430 -5.52 10.16 30.31
N MET D 431 -6.13 9.16 29.68
CA MET D 431 -5.99 7.77 30.13
C MET D 431 -5.00 7.10 29.19
N LYS D 432 -3.73 7.10 29.57
CA LYS D 432 -2.69 6.59 28.68
C LYS D 432 -2.66 5.06 28.67
N SER D 433 -2.68 4.44 29.84
CA SER D 433 -2.51 3.00 29.93
C SER D 433 -3.73 2.27 29.42
N GLY D 434 -3.51 1.16 28.72
CA GLY D 434 -4.61 0.38 28.21
C GLY D 434 -5.43 -0.32 29.27
N ILE D 435 -4.85 -0.54 30.44
CA ILE D 435 -5.57 -1.27 31.47
C ILE D 435 -6.57 -0.39 32.18
N THR D 436 -6.25 0.91 32.32
CA THR D 436 -7.23 1.85 32.85
C THR D 436 -8.39 2.03 31.89
N ARG D 437 -8.09 2.19 30.59
CA ARG D 437 -9.16 2.28 29.60
C ARG D 437 -10.04 1.04 29.61
N LYS D 438 -9.45 -0.14 29.80
CA LYS D 438 -10.27 -1.35 29.82
C LYS D 438 -11.11 -1.43 31.08
N ARG D 439 -10.60 -0.94 32.21
CA ARG D 439 -11.43 -0.84 33.42
C ARG D 439 -12.58 0.12 33.22
N PHE D 440 -12.31 1.26 32.58
CA PHE D 440 -13.32 2.28 32.37
C PHE D 440 -14.44 1.75 31.48
N PHE D 441 -14.08 1.11 30.38
CA PHE D 441 -15.10 0.53 29.52
C PHE D 441 -15.88 -0.56 30.23
N ARG D 442 -15.23 -1.36 31.07
CA ARG D 442 -15.95 -2.38 31.81
C ARG D 442 -17.00 -1.78 32.73
N GLU D 443 -16.62 -0.75 33.50
CA GLU D 443 -17.59 -0.06 34.35
C GLU D 443 -18.70 0.60 33.53
N LEU D 444 -18.34 1.21 32.40
CA LEU D 444 -19.33 1.90 31.58
C LEU D 444 -20.36 0.93 31.02
N THR D 445 -19.92 -0.16 30.40
CA THR D 445 -20.86 -1.17 29.91
C THR D 445 -21.68 -1.78 31.03
N GLU D 446 -21.11 -1.88 32.24
CA GLU D 446 -21.96 -2.25 33.38
C GLU D 446 -23.06 -1.23 33.61
N LEU D 447 -22.75 0.05 33.43
CA LEU D 447 -23.77 1.08 33.65
C LEU D 447 -24.81 1.16 32.54
N LYS D 448 -24.43 0.86 31.30
CA LYS D 448 -25.34 1.09 30.21
C LYS D 448 -26.40 0.01 30.07
N THR D 449 -26.27 -1.11 30.76
CA THR D 449 -27.36 -2.07 30.79
C THR D 449 -28.39 -1.73 31.84
N PHE D 450 -28.16 -0.68 32.61
CA PHE D 450 -29.03 -0.28 33.71
C PHE D 450 -29.88 0.94 33.38
N ALA D 451 -29.48 1.73 32.39
CA ALA D 451 -30.07 3.03 32.12
C ALA D 451 -31.51 2.90 31.63
N ASN D 452 -32.17 4.06 31.55
CA ASN D 452 -33.56 4.17 31.13
C ASN D 452 -33.60 4.99 29.85
N TYR D 453 -33.99 4.36 28.75
CA TYR D 453 -34.01 5.01 27.45
C TYR D 453 -35.42 5.39 27.03
N SER D 454 -36.22 5.84 27.98
CA SER D 454 -37.61 6.16 27.70
C SER D 454 -37.76 7.41 26.84
N THR D 455 -36.77 8.27 26.80
CA THR D 455 -36.88 9.53 26.10
C THR D 455 -36.15 9.54 24.77
N CYS D 456 -35.47 8.46 24.42
CA CYS D 456 -34.80 8.35 23.13
C CYS D 456 -35.41 7.26 22.26
N ASP D 457 -35.66 6.09 22.83
CA ASP D 457 -36.22 4.98 22.10
C ASP D 457 -37.66 5.30 21.69
N ARG D 458 -38.08 4.70 20.58
CA ARG D 458 -39.43 4.89 20.09
C ARG D 458 -40.19 3.58 20.03
N SER D 459 -39.60 2.54 19.44
CA SER D 459 -40.28 1.27 19.23
C SER D 459 -39.88 0.23 20.25
N ASN D 460 -39.37 0.65 21.41
CA ASN D 460 -38.94 -0.24 22.49
C ASN D 460 -37.88 -1.22 21.99
N LEU D 461 -36.82 -0.66 21.43
CA LEU D 461 -35.77 -1.49 20.84
C LEU D 461 -34.94 -2.17 21.92
N ALA D 462 -34.84 -1.54 23.09
CA ALA D 462 -34.16 -2.14 24.24
C ALA D 462 -34.66 -3.54 24.55
N ASP D 463 -35.98 -3.70 24.66
CA ASP D 463 -36.56 -5.00 24.96
C ASP D 463 -36.23 -6.04 23.90
N TRP D 464 -36.41 -5.68 22.62
CA TRP D 464 -36.08 -6.61 21.54
C TRP D 464 -34.60 -6.97 21.52
N LEU D 465 -33.73 -6.11 22.04
CA LEU D 465 -32.33 -6.50 22.12
C LEU D 465 -32.12 -7.43 23.31
N GLY D 466 -32.55 -7.02 24.50
CA GLY D 466 -32.45 -7.81 25.71
C GLY D 466 -33.10 -9.17 25.63
N SER D 467 -34.00 -9.39 24.68
CA SER D 467 -34.57 -10.72 24.50
C SER D 467 -33.53 -11.70 23.97
N LEU D 468 -32.61 -11.24 23.13
CA LEU D 468 -31.57 -12.12 22.60
C LEU D 468 -30.59 -12.51 23.69
N ASP D 469 -30.12 -11.55 24.46
CA ASP D 469 -29.05 -11.76 25.41
C ASP D 469 -29.10 -10.58 26.37
N PRO D 470 -29.01 -10.81 27.68
CA PRO D 470 -28.91 -9.69 28.62
C PRO D 470 -27.76 -8.74 28.34
N ARG D 471 -26.65 -9.24 27.78
CA ARG D 471 -25.52 -8.38 27.49
C ARG D 471 -25.73 -7.51 26.26
N PHE D 472 -26.80 -7.72 25.50
CA PHE D 472 -27.03 -6.98 24.27
C PHE D 472 -27.77 -5.68 24.45
N ARG D 473 -28.07 -5.26 25.68
CA ARG D 473 -28.78 -4.00 25.81
C ARG D 473 -27.84 -2.82 25.75
N GLN D 474 -26.55 -3.06 25.99
CA GLN D 474 -25.57 -2.00 26.05
C GLN D 474 -25.40 -1.25 24.74
N TYR D 475 -25.89 -1.77 23.63
CA TYR D 475 -25.71 -1.08 22.36
C TYR D 475 -26.95 -0.32 21.94
N THR D 476 -28.00 -0.28 22.75
CA THR D 476 -29.27 0.24 22.25
C THR D 476 -29.20 1.72 21.92
N TYR D 477 -28.48 2.51 22.71
CA TYR D 477 -28.38 3.93 22.42
C TYR D 477 -27.58 4.14 21.14
N GLY D 478 -26.58 3.28 20.93
CA GLY D 478 -25.82 3.32 19.69
C GLY D 478 -26.70 3.13 18.48
N LEU D 479 -27.77 2.36 18.63
CA LEU D 479 -28.67 2.19 17.50
C LEU D 479 -29.64 3.36 17.41
N VAL D 480 -30.14 3.83 18.55
CA VAL D 480 -31.22 4.82 18.53
C VAL D 480 -30.71 6.17 18.04
N SER D 481 -29.54 6.60 18.53
CA SER D 481 -28.97 7.87 18.10
C SER D 481 -28.61 7.88 16.62
N CYS D 482 -28.43 6.72 16.01
CA CYS D 482 -28.22 6.68 14.57
C CYS D 482 -29.54 6.75 13.82
N GLY D 483 -30.63 6.29 14.42
CA GLY D 483 -31.95 6.45 13.83
C GLY D 483 -32.68 5.16 13.52
N LEU D 484 -32.14 3.98 13.81
CA LEU D 484 -32.82 2.74 13.49
C LEU D 484 -33.95 2.48 14.48
N ASP D 485 -34.84 1.56 14.08
CA ASP D 485 -35.92 1.09 14.94
C ASP D 485 -36.38 -0.26 14.41
N ARG D 486 -37.43 -0.80 15.03
CA ARG D 486 -37.88 -2.15 14.73
C ARG D 486 -38.51 -2.28 13.34
N SER D 487 -38.73 -1.19 12.63
CA SER D 487 -39.19 -1.28 11.25
C SER D 487 -38.07 -1.15 10.24
N LEU D 488 -36.91 -0.66 10.65
CA LEU D 488 -35.83 -0.33 9.72
C LEU D 488 -34.60 -1.20 9.89
N LEU D 489 -34.69 -2.29 10.64
CA LEU D 489 -33.53 -3.12 10.87
C LEU D 489 -33.36 -4.22 9.83
N HIS D 490 -34.40 -4.51 9.06
CA HIS D 490 -34.35 -5.65 8.16
C HIS D 490 -33.51 -5.41 6.92
N ARG D 491 -32.92 -4.22 6.76
CA ARG D 491 -32.12 -3.94 5.57
C ARG D 491 -30.86 -3.18 5.94
N VAL D 492 -30.19 -3.60 7.00
CA VAL D 492 -28.93 -2.98 7.40
C VAL D 492 -27.82 -3.99 7.14
N SER D 493 -26.60 -3.48 6.95
CA SER D 493 -25.46 -4.32 6.60
C SER D 493 -24.57 -4.55 7.80
N GLU D 494 -23.50 -5.31 7.59
CA GLU D 494 -22.55 -5.57 8.66
C GLU D 494 -21.54 -4.44 8.80
N GLN D 495 -21.14 -3.86 7.67
CA GLN D 495 -20.24 -2.71 7.71
C GLN D 495 -20.94 -1.50 8.32
N GLN D 496 -22.23 -1.31 8.01
CA GLN D 496 -23.03 -0.23 8.56
C GLN D 496 -23.20 -0.29 10.08
N LEU D 497 -22.79 -1.37 10.72
CA LEU D 497 -22.79 -1.48 12.17
C LEU D 497 -21.40 -1.34 12.75
N LEU D 498 -20.38 -1.23 11.92
CA LEU D 498 -19.01 -1.24 12.41
C LEU D 498 -18.58 0.13 12.90
N GLU D 499 -19.03 1.19 12.23
CA GLU D 499 -18.65 2.54 12.60
C GLU D 499 -19.82 3.46 12.92
N ASP D 500 -21.01 3.18 12.40
CA ASP D 500 -22.14 4.05 12.69
C ASP D 500 -22.70 3.78 14.08
N CYS D 501 -22.93 2.51 14.40
CA CYS D 501 -23.56 2.13 15.65
C CYS D 501 -22.58 1.72 16.73
N GLY D 502 -21.35 1.33 16.37
CA GLY D 502 -20.32 1.11 17.35
C GLY D 502 -20.32 -0.26 18.01
N ILE D 503 -20.63 -1.29 17.25
CA ILE D 503 -20.62 -2.67 17.75
C ILE D 503 -19.36 -3.32 17.22
N HIS D 504 -18.42 -3.65 18.12
CA HIS D 504 -17.10 -4.07 17.69
C HIS D 504 -16.96 -5.58 17.52
N LEU D 505 -17.50 -6.36 18.45
CA LEU D 505 -17.34 -7.81 18.40
C LEU D 505 -18.10 -8.38 17.22
N GLY D 506 -17.39 -9.13 16.37
CA GLY D 506 -18.00 -9.63 15.15
C GLY D 506 -19.12 -10.63 15.40
N VAL D 507 -18.98 -11.43 16.45
CA VAL D 507 -20.02 -12.38 16.83
C VAL D 507 -21.33 -11.64 17.14
N HIS D 508 -21.23 -10.53 17.86
CA HIS D 508 -22.43 -9.78 18.22
C HIS D 508 -23.11 -9.19 16.99
N ARG D 509 -22.33 -8.59 16.09
CA ARG D 509 -22.87 -8.11 14.82
C ARG D 509 -23.54 -9.24 14.04
N ALA D 510 -22.89 -10.41 14.00
CA ALA D 510 -23.45 -11.53 13.24
C ALA D 510 -24.78 -11.98 13.83
N ARG D 511 -24.87 -12.05 15.16
CA ARG D 511 -26.12 -12.49 15.76
C ARG D 511 -27.21 -11.44 15.59
N ILE D 512 -26.87 -10.16 15.70
CA ILE D 512 -27.87 -9.11 15.50
C ILE D 512 -28.41 -9.16 14.08
N LEU D 513 -27.53 -9.32 13.10
CA LEU D 513 -27.96 -9.39 11.71
C LEU D 513 -28.82 -10.62 11.45
N THR D 514 -28.38 -11.79 11.94
CA THR D 514 -29.15 -12.99 11.65
C THR D 514 -30.47 -13.05 12.40
N ALA D 515 -30.58 -12.34 13.52
CA ALA D 515 -31.85 -12.32 14.23
C ALA D 515 -32.78 -11.24 13.73
N ALA D 516 -32.25 -10.18 13.12
CA ALA D 516 -33.10 -9.13 12.58
C ALA D 516 -33.57 -9.45 11.18
N ARG D 517 -32.68 -9.99 10.34
CA ARG D 517 -33.02 -10.31 8.96
C ARG D 517 -34.13 -11.35 8.86
N GLU D 518 -34.23 -12.23 9.86
CA GLU D 518 -35.38 -13.11 9.93
C GLU D 518 -36.66 -12.31 10.17
N MET D 519 -36.63 -11.42 11.15
CA MET D 519 -37.81 -10.65 11.53
C MET D 519 -38.12 -9.58 10.50
N LEU D 520 -38.98 -9.91 9.55
CA LEU D 520 -39.63 -8.88 8.74
C LEU D 520 -40.98 -8.55 9.36
N HIS D 521 -41.85 -9.56 9.46
CA HIS D 521 -43.04 -9.47 10.30
C HIS D 521 -43.33 -10.82 10.94
N SER D 522 -42.32 -11.70 11.06
CA SER D 522 -42.59 -13.07 11.51
C SER D 522 -42.94 -13.16 12.99
N PRO D 523 -42.21 -12.51 13.93
CA PRO D 523 -42.77 -12.58 15.29
C PRO D 523 -43.79 -11.47 15.55
N THR D 535 -64.08 14.48 10.78
CA THR D 535 -65.44 14.77 11.24
C THR D 535 -65.81 13.87 12.42
N PRO D 536 -66.28 14.47 13.51
CA PRO D 536 -66.70 13.69 14.67
C PRO D 536 -67.96 12.91 14.40
N ASP D 537 -68.31 12.06 15.35
CA ASP D 537 -69.49 11.22 15.24
C ASP D 537 -70.70 11.80 15.98
N VAL D 538 -70.52 12.17 17.24
CA VAL D 538 -71.58 12.77 18.04
C VAL D 538 -71.10 14.11 18.55
N PHE D 539 -72.05 14.91 19.03
CA PHE D 539 -71.77 16.25 19.54
C PHE D 539 -72.43 16.40 20.90
N ILE D 540 -71.89 17.30 21.72
CA ILE D 540 -72.37 17.50 23.09
C ILE D 540 -72.48 18.99 23.37
N SER D 541 -73.70 19.46 23.56
CA SER D 541 -73.95 20.87 23.89
C SER D 541 -74.22 21.00 25.37
N TYR D 542 -73.75 22.11 25.96
CA TYR D 542 -73.80 22.27 27.40
C TYR D 542 -73.63 23.74 27.75
N ARG D 543 -74.18 24.12 28.88
CA ARG D 543 -74.06 25.49 29.37
C ARG D 543 -72.63 25.77 29.81
N ARG D 544 -72.12 26.94 29.45
CA ARG D 544 -70.74 27.27 29.80
C ARG D 544 -70.57 27.53 31.29
N ASN D 545 -71.61 28.02 31.96
CA ASN D 545 -71.50 28.37 33.37
C ASN D 545 -71.50 27.13 34.24
N SER D 546 -72.61 26.39 34.23
CA SER D 546 -72.76 25.19 35.02
C SER D 546 -72.87 23.98 34.10
N GLY D 547 -72.64 22.80 34.68
CA GLY D 547 -72.66 21.59 33.89
C GLY D 547 -71.40 21.30 33.13
N SER D 548 -70.29 21.94 33.50
CA SER D 548 -69.00 21.61 32.88
C SER D 548 -68.57 20.19 33.25
N GLN D 549 -68.76 19.82 34.51
CA GLN D 549 -68.24 18.56 35.04
C GLN D 549 -68.91 17.37 34.35
N LEU D 550 -70.24 17.36 34.33
CA LEU D 550 -70.92 16.23 33.72
C LEU D 550 -70.77 16.21 32.22
N ALA D 551 -70.38 17.33 31.63
CA ALA D 551 -70.11 17.33 30.19
C ALA D 551 -68.78 16.65 29.91
N SER D 552 -67.74 17.05 30.63
CA SER D 552 -66.45 16.37 30.54
C SER D 552 -66.57 14.89 30.82
N LEU D 553 -67.32 14.54 31.87
CA LEU D 553 -67.39 13.14 32.29
C LEU D 553 -68.20 12.31 31.31
N LEU D 554 -69.24 12.90 30.71
CA LEU D 554 -69.95 12.18 29.65
C LEU D 554 -69.07 11.99 28.44
N LYS D 555 -68.22 12.99 28.14
CA LYS D 555 -67.28 12.86 27.03
C LYS D 555 -66.35 11.67 27.23
N VAL D 556 -65.74 11.57 28.41
CA VAL D 556 -64.81 10.46 28.60
C VAL D 556 -65.53 9.12 28.67
N HIS D 557 -66.76 9.10 29.22
CA HIS D 557 -67.50 7.85 29.31
C HIS D 557 -67.96 7.37 27.94
N LEU D 558 -68.24 8.29 27.03
CA LEU D 558 -68.57 7.88 25.67
C LEU D 558 -67.33 7.48 24.90
N GLN D 559 -66.23 8.21 25.08
CA GLN D 559 -65.03 7.96 24.31
C GLN D 559 -64.39 6.64 24.69
N LEU D 560 -64.56 6.20 25.94
CA LEU D 560 -63.97 4.93 26.34
C LEU D 560 -64.68 3.71 25.75
N HIS D 561 -65.84 3.89 25.12
CA HIS D 561 -66.57 2.77 24.53
C HIS D 561 -66.43 2.71 23.02
N GLY D 562 -65.67 3.61 22.42
CA GLY D 562 -65.39 3.54 21.00
C GLY D 562 -66.14 4.53 20.12
N PHE D 563 -66.73 5.57 20.69
CA PHE D 563 -67.43 6.59 19.93
C PHE D 563 -66.64 7.89 19.99
N SER D 564 -66.40 8.49 18.83
CA SER D 564 -65.73 9.78 18.80
C SER D 564 -66.71 10.88 19.16
N VAL D 565 -66.18 11.96 19.72
CA VAL D 565 -67.01 13.03 20.27
C VAL D 565 -66.22 14.33 20.33
N PHE D 566 -66.84 15.42 19.89
CA PHE D 566 -66.19 16.72 19.87
C PHE D 566 -66.96 17.65 20.80
N ILE D 567 -66.25 18.30 21.71
CA ILE D 567 -66.88 19.18 22.69
C ILE D 567 -66.33 20.58 22.49
N ASP D 568 -67.13 21.58 22.86
CA ASP D 568 -66.70 22.98 22.79
C ASP D 568 -65.56 23.22 23.77
N VAL D 569 -64.47 23.80 23.28
CA VAL D 569 -63.27 24.06 24.08
C VAL D 569 -62.94 25.55 23.93
N GLU D 570 -63.46 26.37 24.86
CA GLU D 570 -63.17 27.80 25.06
C GLU D 570 -63.09 28.65 23.77
N LYS D 571 -64.22 28.79 23.08
CA LYS D 571 -64.29 29.60 21.86
C LYS D 571 -64.65 31.06 22.14
N LEU D 572 -65.32 31.34 23.26
CA LEU D 572 -65.90 32.66 23.52
C LEU D 572 -64.81 33.72 23.69
N GLU D 573 -65.26 34.99 23.71
CA GLU D 573 -64.42 36.18 23.77
C GLU D 573 -63.45 36.26 22.59
N ALA D 574 -63.85 35.73 21.45
CA ALA D 574 -63.04 35.74 20.22
C ALA D 574 -64.00 35.96 19.06
N GLY D 575 -63.59 35.62 17.85
CA GLY D 575 -64.53 35.47 16.76
C GLY D 575 -65.52 34.37 17.07
N LYS D 576 -66.81 34.70 17.16
CA LYS D 576 -67.80 33.78 17.68
C LYS D 576 -68.82 33.30 16.66
N PHE D 577 -68.98 34.01 15.55
CA PHE D 577 -70.06 33.77 14.60
C PHE D 577 -69.46 33.19 13.33
N GLU D 578 -70.00 32.05 12.89
CA GLU D 578 -69.51 31.29 11.73
C GLU D 578 -68.05 30.88 11.88
N ASP D 579 -67.60 30.69 13.12
CA ASP D 579 -66.19 30.43 13.39
C ASP D 579 -65.96 28.91 13.52
N LYS D 580 -66.19 28.22 12.40
CA LYS D 580 -65.88 26.80 12.22
C LYS D 580 -66.58 25.89 13.23
N LEU D 581 -67.68 26.32 13.81
CA LEU D 581 -68.43 25.50 14.75
C LEU D 581 -69.82 25.12 14.24
N ILE D 582 -70.23 25.64 13.10
CA ILE D 582 -71.58 25.40 12.62
C ILE D 582 -71.65 24.19 11.69
N GLN D 583 -70.55 23.84 11.03
CA GLN D 583 -70.54 22.59 10.26
C GLN D 583 -70.43 21.39 11.19
N SER D 584 -69.65 21.52 12.28
CA SER D 584 -69.53 20.49 13.31
C SER D 584 -70.89 19.97 13.79
N VAL D 585 -71.85 20.89 13.97
CA VAL D 585 -73.09 20.53 14.66
C VAL D 585 -74.09 19.93 13.67
N MET D 586 -73.83 20.09 12.37
CA MET D 586 -74.64 19.47 11.34
C MET D 586 -74.02 18.22 10.76
N GLY D 587 -72.71 18.06 10.90
CA GLY D 587 -72.00 16.88 10.48
C GLY D 587 -71.82 15.84 11.57
N ALA D 588 -72.41 16.05 12.73
CA ALA D 588 -72.38 15.07 13.82
C ALA D 588 -73.67 14.28 13.81
N ARG D 589 -73.57 12.96 13.96
CA ARG D 589 -74.72 12.09 13.78
C ARG D 589 -75.75 12.26 14.90
N ASN D 590 -75.30 12.33 16.16
CA ASN D 590 -76.20 12.37 17.29
C ASN D 590 -75.91 13.58 18.17
N PHE D 591 -76.96 14.13 18.76
CA PHE D 591 -76.87 15.37 19.52
C PHE D 591 -77.29 15.12 20.97
N VAL D 592 -76.59 15.77 21.90
CA VAL D 592 -76.74 15.58 23.34
C VAL D 592 -76.91 16.95 24.00
N LEU D 593 -77.70 16.99 25.09
CA LEU D 593 -78.07 18.24 25.75
C LEU D 593 -77.94 18.07 27.25
N VAL D 594 -77.33 19.05 27.91
CA VAL D 594 -77.00 18.96 29.33
C VAL D 594 -77.92 19.93 30.08
N LEU D 595 -78.80 19.37 30.92
CA LEU D 595 -79.78 20.17 31.64
C LEU D 595 -79.30 20.33 33.09
N SER D 596 -78.46 21.35 33.29
CA SER D 596 -78.01 21.68 34.62
C SER D 596 -79.13 22.40 35.38
N PRO D 597 -79.09 22.40 36.71
CA PRO D 597 -80.00 23.25 37.47
C PRO D 597 -79.79 24.72 37.16
N GLY D 598 -80.83 25.35 36.62
CA GLY D 598 -80.77 26.74 36.22
C GLY D 598 -79.92 26.98 35.00
N ALA D 599 -80.10 26.14 33.97
CA ALA D 599 -79.32 26.24 32.75
C ALA D 599 -80.12 26.77 31.56
N LEU D 600 -81.44 26.85 31.67
CA LEU D 600 -82.28 27.33 30.59
C LEU D 600 -82.91 28.69 30.88
N ASP D 601 -82.39 29.41 31.88
CA ASP D 601 -82.97 30.70 32.24
C ASP D 601 -82.54 31.81 31.31
N LYS D 602 -81.34 31.74 30.76
CA LYS D 602 -80.81 32.84 29.96
C LYS D 602 -81.45 32.91 28.57
N CYS D 603 -81.93 31.79 28.05
CA CYS D 603 -82.58 31.77 26.75
C CYS D 603 -84.08 32.01 26.85
N MET D 604 -84.59 32.35 28.04
CA MET D 604 -86.01 32.59 28.23
C MET D 604 -86.39 33.92 27.58
N GLN D 605 -86.96 33.83 26.38
CA GLN D 605 -87.48 34.97 25.61
C GLN D 605 -86.38 35.98 25.30
N ASP D 606 -85.36 35.52 24.61
CA ASP D 606 -84.40 36.44 24.02
C ASP D 606 -84.19 36.19 22.54
N HIS D 607 -84.18 34.91 22.12
CA HIS D 607 -84.10 34.44 20.71
C HIS D 607 -83.03 35.16 19.90
N ASP D 608 -81.88 35.38 20.52
CA ASP D 608 -80.74 36.04 19.89
C ASP D 608 -79.53 35.11 19.93
N CYS D 609 -78.40 35.60 19.45
CA CYS D 609 -77.17 34.82 19.44
C CYS D 609 -76.41 34.92 20.76
N LYS D 610 -76.84 35.79 21.68
CA LYS D 610 -76.18 35.88 22.98
C LYS D 610 -76.45 34.64 23.83
N ASP D 611 -77.60 34.00 23.64
CA ASP D 611 -77.86 32.68 24.18
C ASP D 611 -77.03 31.68 23.39
N TRP D 612 -75.90 31.27 23.97
CA TRP D 612 -74.94 30.43 23.25
C TRP D 612 -75.42 29.01 23.05
N VAL D 613 -76.49 28.61 23.74
CA VAL D 613 -77.02 27.24 23.63
C VAL D 613 -78.15 27.13 22.63
N HIS D 614 -78.55 28.23 21.98
CA HIS D 614 -79.77 28.27 21.18
C HIS D 614 -79.51 27.77 19.76
N LYS D 615 -78.46 28.30 19.13
CA LYS D 615 -78.12 28.02 17.73
C LYS D 615 -78.03 26.52 17.44
N GLU D 616 -77.26 25.79 18.25
CA GLU D 616 -77.13 24.35 18.11
C GLU D 616 -78.49 23.65 18.08
N ILE D 617 -79.39 24.03 19.00
CA ILE D 617 -80.76 23.51 18.95
C ILE D 617 -81.40 23.78 17.59
N VAL D 618 -81.41 25.05 17.17
CA VAL D 618 -82.09 25.42 15.93
C VAL D 618 -81.49 24.76 14.69
N THR D 619 -80.26 24.25 14.79
CA THR D 619 -79.64 23.61 13.63
C THR D 619 -79.74 22.09 13.68
N ALA D 620 -79.40 21.47 14.81
CA ALA D 620 -79.65 20.05 15.02
C ALA D 620 -81.11 19.66 14.83
N LEU D 621 -82.05 20.56 15.13
CA LEU D 621 -83.45 20.23 14.90
C LEU D 621 -83.82 20.39 13.44
N SER D 622 -83.18 21.32 12.74
CA SER D 622 -83.38 21.45 11.30
C SER D 622 -82.91 20.21 10.56
N CYS D 623 -81.71 19.72 10.92
CA CYS D 623 -81.22 18.47 10.33
C CYS D 623 -82.12 17.29 10.67
N GLY D 624 -82.56 17.20 11.92
CA GLY D 624 -83.50 16.15 12.31
C GLY D 624 -82.84 14.90 12.86
N LYS D 625 -81.88 15.08 13.75
CA LYS D 625 -81.14 13.96 14.32
C LYS D 625 -81.61 13.70 15.75
N ASN D 626 -81.01 12.69 16.38
CA ASN D 626 -81.43 12.25 17.71
C ASN D 626 -80.89 13.21 18.75
N ILE D 627 -81.79 13.85 19.49
CA ILE D 627 -81.42 14.77 20.57
C ILE D 627 -81.83 14.14 21.90
N VAL D 628 -80.85 13.61 22.62
CA VAL D 628 -81.08 12.99 23.92
C VAL D 628 -80.84 14.05 25.01
N PRO D 629 -81.86 14.43 25.77
CA PRO D 629 -81.64 15.28 26.93
C PRO D 629 -81.20 14.47 28.15
N ILE D 630 -80.36 15.09 28.98
CA ILE D 630 -79.89 14.48 30.21
C ILE D 630 -80.60 15.19 31.37
N ILE D 631 -81.41 14.45 32.11
CA ILE D 631 -82.19 15.02 33.19
C ILE D 631 -81.39 14.88 34.48
N ASP D 632 -81.03 16.02 35.08
CA ASP D 632 -80.28 16.00 36.33
C ASP D 632 -80.58 17.28 37.11
N GLY D 633 -81.16 17.11 38.29
CA GLY D 633 -81.41 18.22 39.19
C GLY D 633 -82.41 19.25 38.72
N PHE D 634 -83.13 18.99 37.64
CA PHE D 634 -84.07 19.98 37.10
C PHE D 634 -85.09 19.29 36.22
N GLU D 635 -86.32 19.78 36.27
CA GLU D 635 -87.42 19.31 35.43
C GLU D 635 -87.92 20.46 34.56
N TRP D 636 -88.80 20.12 33.62
CA TRP D 636 -89.16 21.03 32.56
C TRP D 636 -90.08 22.14 33.07
N PRO D 637 -90.00 23.34 32.46
CA PRO D 637 -90.88 24.45 32.86
C PRO D 637 -92.18 24.49 32.07
N GLU D 638 -92.99 25.53 32.32
CA GLU D 638 -94.17 25.77 31.51
C GLU D 638 -93.78 26.16 30.09
N PRO D 639 -94.64 25.88 29.08
CA PRO D 639 -94.21 26.05 27.68
C PRO D 639 -94.32 27.48 27.16
N GLN D 640 -94.48 28.45 28.04
CA GLN D 640 -94.54 29.85 27.64
C GLN D 640 -93.23 30.59 27.83
N VAL D 641 -92.22 29.93 28.40
CA VAL D 641 -90.95 30.59 28.69
C VAL D 641 -89.97 30.36 27.55
N LEU D 642 -90.45 29.87 26.41
CA LEU D 642 -89.59 29.59 25.28
C LEU D 642 -90.33 29.92 24.00
N PRO D 643 -89.60 30.35 22.94
CA PRO D 643 -90.28 30.81 21.72
C PRO D 643 -90.89 29.69 20.89
N GLU D 644 -91.45 30.06 19.73
CA GLU D 644 -92.21 29.12 18.91
C GLU D 644 -91.32 28.04 18.31
N ASP D 645 -90.05 28.34 18.07
CA ASP D 645 -89.13 27.32 17.60
C ASP D 645 -88.62 26.43 18.73
N MET D 646 -88.90 26.78 19.99
CA MET D 646 -88.39 26.05 21.14
C MET D 646 -89.49 25.37 21.93
N GLN D 647 -90.65 25.13 21.32
CA GLN D 647 -91.71 24.36 21.95
C GLN D 647 -91.47 22.87 21.89
N ALA D 648 -90.59 22.40 21.00
CA ALA D 648 -90.36 20.98 20.83
C ALA D 648 -89.50 20.40 21.94
N VAL D 649 -88.49 21.15 22.37
CA VAL D 649 -87.52 20.64 23.35
C VAL D 649 -88.17 20.45 24.72
N LEU D 650 -89.18 21.28 25.03
CA LEU D 650 -89.93 21.15 26.28
C LEU D 650 -90.68 19.82 26.37
N THR D 651 -90.96 19.18 25.24
CA THR D 651 -91.76 17.96 25.20
C THR D 651 -90.92 16.69 25.20
N PHE D 652 -89.63 16.78 24.89
CA PHE D 652 -88.80 15.58 24.82
C PHE D 652 -88.51 15.04 26.22
N ASN D 653 -88.15 13.75 26.24
CA ASN D 653 -87.79 13.06 27.46
C ASN D 653 -86.45 12.39 27.27
N GLY D 654 -85.71 12.23 28.37
CA GLY D 654 -84.39 11.65 28.28
C GLY D 654 -83.98 10.84 29.50
N ILE D 655 -82.68 10.63 29.64
CA ILE D 655 -82.15 9.79 30.72
C ILE D 655 -82.03 10.62 31.98
N LYS D 656 -82.27 9.99 33.13
CA LYS D 656 -82.12 10.60 34.43
C LYS D 656 -80.78 10.18 35.01
N TRP D 657 -79.84 11.12 35.09
CA TRP D 657 -78.50 10.82 35.54
C TRP D 657 -78.46 10.63 37.05
N SER D 658 -77.60 9.72 37.49
CA SER D 658 -77.39 9.45 38.91
C SER D 658 -75.90 9.31 39.17
N HIS D 659 -75.49 9.75 40.37
CA HIS D 659 -74.09 9.72 40.77
C HIS D 659 -73.72 8.48 41.55
N GLU D 660 -74.49 7.41 41.41
CA GLU D 660 -74.22 6.15 42.12
C GLU D 660 -74.01 4.98 41.20
N TYR D 661 -74.80 4.87 40.13
CA TYR D 661 -74.70 3.76 39.21
C TYR D 661 -74.39 4.29 37.81
N GLN D 662 -73.35 5.14 37.74
CA GLN D 662 -72.97 5.81 36.49
C GLN D 662 -72.76 4.84 35.35
N GLU D 663 -72.19 3.67 35.64
CA GLU D 663 -71.93 2.69 34.60
C GLU D 663 -73.21 2.17 33.97
N ALA D 664 -74.24 1.93 34.79
CA ALA D 664 -75.54 1.53 34.27
C ALA D 664 -76.16 2.63 33.42
N THR D 665 -76.01 3.88 33.86
CA THR D 665 -76.54 5.01 33.10
C THR D 665 -75.87 5.12 31.73
N ILE D 666 -74.58 4.82 31.65
CA ILE D 666 -73.90 4.82 30.36
C ILE D 666 -74.35 3.65 29.50
N GLU D 667 -74.46 2.46 30.12
CA GLU D 667 -74.98 1.28 29.43
C GLU D 667 -76.38 1.51 28.87
N LYS D 668 -77.13 2.42 29.45
CA LYS D 668 -78.47 2.72 28.96
C LYS D 668 -78.47 3.86 27.95
N ILE D 669 -77.57 4.84 28.12
CA ILE D 669 -77.52 5.96 27.19
C ILE D 669 -76.91 5.57 25.86
N ILE D 670 -76.16 4.46 25.80
CA ILE D 670 -75.63 3.99 24.51
C ILE D 670 -76.77 3.66 23.55
N ARG D 671 -77.80 2.94 24.04
CA ARG D 671 -78.90 2.52 23.20
C ARG D 671 -79.75 3.70 22.71
N PHE D 672 -79.86 4.77 23.51
CA PHE D 672 -80.71 5.91 23.16
C PHE D 672 -80.15 6.74 22.01
N LEU D 673 -78.91 6.53 21.62
CA LEU D 673 -78.35 7.18 20.45
C LEU D 673 -78.81 6.43 19.21
N GLN D 674 -78.18 6.71 18.07
CA GLN D 674 -78.32 5.90 16.88
C GLN D 674 -77.35 4.73 16.87
N GLY D 675 -76.90 4.29 18.06
CA GLY D 675 -75.89 3.24 18.17
C GLY D 675 -76.24 1.96 17.43
N ARG D 676 -77.53 1.65 17.34
CA ARG D 676 -77.99 0.53 16.54
C ARG D 676 -77.57 0.68 15.07
N SER D 677 -77.65 1.90 14.53
CA SER D 677 -77.28 2.15 13.14
C SER D 677 -76.29 3.31 12.99
N SER D 678 -75.30 3.40 13.88
CA SER D 678 -74.33 4.48 13.74
C SER D 678 -73.29 4.17 12.69
N ARG D 679 -72.50 5.20 12.37
CA ARG D 679 -71.30 5.12 11.56
C ARG D 679 -71.54 4.54 10.16
N GLY E 30 -35.81 33.87 66.52
CA GLY E 30 -35.68 32.95 67.63
C GLY E 30 -35.76 31.50 67.21
N ALA E 31 -35.80 31.29 65.89
CA ALA E 31 -35.87 29.94 65.35
C ALA E 31 -34.60 29.15 65.66
N GLY E 32 -33.44 29.78 65.56
CA GLY E 32 -32.20 29.15 65.96
C GLY E 32 -32.04 28.95 67.45
N THR E 33 -32.94 29.53 68.25
CA THR E 33 -32.99 29.30 69.69
C THR E 33 -34.05 28.29 70.08
N GLU E 34 -35.20 28.27 69.39
CA GLU E 34 -36.35 27.50 69.81
C GLU E 34 -36.24 26.02 69.45
N VAL E 35 -35.15 25.61 68.78
CA VAL E 35 -34.95 24.21 68.42
C VAL E 35 -34.87 23.32 69.64
N GLN E 36 -34.55 23.87 70.81
CA GLN E 36 -34.73 23.18 72.07
C GLN E 36 -36.04 23.56 72.76
N ASP E 37 -36.55 24.77 72.50
CA ASP E 37 -37.64 25.31 73.30
C ASP E 37 -39.01 24.83 72.82
N ALA E 38 -39.20 24.72 71.51
CA ALA E 38 -40.48 24.24 70.99
C ALA E 38 -40.67 22.76 71.30
N LEU E 39 -39.60 21.98 71.24
CA LEU E 39 -39.69 20.57 71.58
C LEU E 39 -39.75 20.33 73.07
N GLU E 40 -39.38 21.31 73.89
CA GLU E 40 -39.52 21.17 75.34
C GLU E 40 -40.87 21.66 75.85
N ARG E 41 -41.84 21.89 74.96
CA ARG E 41 -43.19 22.24 75.38
C ARG E 41 -44.26 21.44 74.65
N ALA E 42 -43.89 20.56 73.72
CA ALA E 42 -44.84 19.75 72.97
C ALA E 42 -44.77 18.27 73.38
N LEU E 43 -43.59 17.68 73.29
CA LEU E 43 -43.36 16.36 73.90
C LEU E 43 -43.80 16.22 75.36
N PRO E 44 -43.64 17.26 76.28
CA PRO E 44 -44.18 17.13 77.64
C PRO E 44 -45.58 16.54 77.82
N GLU E 45 -46.53 16.82 76.93
CA GLU E 45 -47.91 16.39 77.13
C GLU E 45 -48.28 15.18 76.28
N LEU E 46 -47.98 15.24 74.99
CA LEU E 46 -48.23 14.12 74.11
C LEU E 46 -47.43 12.88 74.51
N GLN E 47 -46.21 13.07 75.03
CA GLN E 47 -45.35 11.97 75.47
C GLN E 47 -46.07 11.00 76.41
N GLN E 48 -47.04 11.48 77.17
CA GLN E 48 -47.91 10.59 77.93
C GLN E 48 -49.24 10.33 77.23
N ALA E 49 -49.80 11.33 76.53
CA ALA E 49 -51.15 11.17 76.00
C ALA E 49 -51.24 10.16 74.86
N LEU E 50 -50.19 10.05 74.04
CA LEU E 50 -50.12 9.05 72.97
C LEU E 50 -50.33 7.61 73.45
N SER E 51 -49.94 7.28 74.67
CA SER E 51 -50.22 5.96 75.23
C SER E 51 -51.18 5.99 76.40
N ALA E 52 -51.64 7.17 76.82
CA ALA E 52 -52.61 7.29 77.89
C ALA E 52 -53.83 6.42 77.65
N LEU E 53 -54.27 6.34 76.41
CA LEU E 53 -55.38 5.47 76.00
C LEU E 53 -54.85 4.65 74.83
N LYS E 54 -54.17 3.55 75.16
CA LYS E 54 -53.48 2.69 74.21
C LYS E 54 -53.96 1.26 74.26
N GLN E 55 -54.29 0.76 75.45
CA GLN E 55 -54.84 -0.56 75.64
C GLN E 55 -56.35 -0.57 75.73
N ALA E 56 -56.99 0.60 75.87
CA ALA E 56 -58.43 0.67 76.06
C ALA E 56 -59.14 0.28 74.77
N GLY E 57 -60.02 -0.71 74.86
CA GLY E 57 -60.80 -1.14 73.72
C GLY E 57 -62.13 -0.44 73.62
N GLY E 58 -62.24 0.73 74.27
CA GLY E 58 -63.46 1.50 74.19
C GLY E 58 -63.73 2.00 72.78
N ALA E 59 -64.99 1.92 72.38
CA ALA E 59 -65.40 2.41 71.06
C ALA E 59 -65.22 3.92 70.97
N ARG E 60 -65.77 4.65 71.94
CA ARG E 60 -65.71 6.10 71.96
C ARG E 60 -64.49 6.63 72.69
N ALA E 61 -63.67 5.74 73.26
CA ALA E 61 -62.52 6.18 74.04
C ALA E 61 -61.32 6.52 73.15
N VAL E 62 -61.16 5.77 72.05
CA VAL E 62 -60.02 5.97 71.16
C VAL E 62 -60.07 7.34 70.50
N GLY E 63 -61.29 7.77 70.14
CA GLY E 63 -61.49 9.00 69.39
C GLY E 63 -60.95 10.24 70.08
N ALA E 64 -61.00 10.27 71.41
CA ALA E 64 -60.59 11.46 72.15
C ALA E 64 -59.08 11.66 72.04
N GLY E 65 -58.31 10.62 72.36
CA GLY E 65 -56.87 10.69 72.16
C GLY E 65 -56.48 10.94 70.72
N LEU E 66 -57.19 10.33 69.77
CA LEU E 66 -56.95 10.59 68.35
C LEU E 66 -57.10 12.07 68.02
N ALA E 67 -58.23 12.66 68.40
CA ALA E 67 -58.48 14.08 68.18
C ALA E 67 -57.42 14.94 68.86
N GLU E 68 -57.01 14.58 70.07
CA GLU E 68 -55.96 15.29 70.80
C GLU E 68 -54.67 15.35 69.98
N VAL E 69 -54.19 14.19 69.53
CA VAL E 69 -52.94 14.14 68.77
C VAL E 69 -53.08 14.88 67.44
N PHE E 70 -54.24 14.72 66.78
CA PHE E 70 -54.52 15.44 65.53
C PHE E 70 -54.47 16.95 65.74
N GLN E 71 -54.99 17.42 66.87
CA GLN E 71 -54.90 18.84 67.20
C GLN E 71 -53.44 19.27 67.33
N LEU E 72 -52.63 18.47 68.05
CA LEU E 72 -51.22 18.83 68.21
C LEU E 72 -50.47 18.90 66.88
N VAL E 73 -50.66 17.90 66.01
CA VAL E 73 -49.98 17.96 64.72
C VAL E 73 -50.56 19.06 63.84
N GLU E 74 -51.79 19.50 64.08
CA GLU E 74 -52.27 20.69 63.39
C GLU E 74 -51.83 21.97 64.07
N GLU E 75 -51.20 21.87 65.23
CA GLU E 75 -50.64 23.02 65.93
C GLU E 75 -49.21 23.26 65.50
N ALA E 76 -48.43 22.18 65.38
CA ALA E 76 -47.04 22.27 64.94
C ALA E 76 -46.92 22.97 63.60
N TRP E 77 -47.71 22.55 62.62
CA TRP E 77 -47.67 23.17 61.30
C TRP E 77 -48.23 24.59 61.29
N LEU E 78 -49.02 24.96 62.29
CA LEU E 78 -49.83 26.17 62.19
C LEU E 78 -48.98 27.44 62.29
N LEU E 79 -48.19 27.56 63.35
CA LEU E 79 -47.48 28.81 63.61
C LEU E 79 -46.36 28.96 62.60
N PRO E 80 -46.32 30.04 61.82
CA PRO E 80 -45.34 30.15 60.73
C PRO E 80 -43.94 30.40 61.25
N ALA E 81 -42.97 30.09 60.37
CA ALA E 81 -41.52 30.26 60.55
C ALA E 81 -40.95 29.40 61.67
N VAL E 82 -41.76 28.54 62.29
CA VAL E 82 -41.29 27.64 63.33
C VAL E 82 -41.72 26.22 63.03
N GLY E 83 -42.63 26.05 62.05
CA GLY E 83 -43.30 24.77 61.96
C GLY E 83 -42.53 23.64 61.32
N ARG E 84 -41.41 23.95 60.65
CA ARG E 84 -40.67 22.90 59.94
C ARG E 84 -39.96 21.97 60.91
N GLU E 85 -39.15 22.53 61.81
CA GLU E 85 -38.39 21.66 62.70
C GLU E 85 -39.28 21.09 63.79
N VAL E 86 -40.20 21.90 64.35
CA VAL E 86 -41.13 21.41 65.36
C VAL E 86 -42.02 20.32 64.78
N ALA E 87 -42.27 20.33 63.47
CA ALA E 87 -43.03 19.24 62.88
C ALA E 87 -42.16 18.01 62.66
N GLN E 88 -40.95 18.20 62.13
CA GLN E 88 -40.16 17.04 61.72
C GLN E 88 -39.61 16.28 62.92
N GLY E 89 -39.12 16.99 63.93
CA GLY E 89 -38.63 16.31 65.12
C GLY E 89 -39.75 15.65 65.90
N LEU E 90 -40.92 16.28 65.95
CA LEU E 90 -42.08 15.66 66.59
C LEU E 90 -42.48 14.38 65.88
N CYS E 91 -42.51 14.40 64.55
CA CYS E 91 -42.87 13.19 63.81
C CYS E 91 -41.83 12.10 64.03
N ASP E 92 -40.55 12.46 64.06
CA ASP E 92 -39.51 11.49 64.38
C ASP E 92 -39.68 10.90 65.77
N ALA E 93 -40.12 11.71 66.74
CA ALA E 93 -40.35 11.18 68.08
C ALA E 93 -41.55 10.24 68.12
N ILE E 94 -42.60 10.55 67.35
CA ILE E 94 -43.74 9.65 67.24
C ILE E 94 -43.31 8.35 66.57
N ARG E 95 -42.32 8.42 65.67
CA ARG E 95 -41.80 7.18 65.09
C ARG E 95 -41.02 6.38 66.14
N LEU E 96 -40.16 7.06 66.90
CA LEU E 96 -39.26 6.37 67.82
C LEU E 96 -39.97 5.85 69.07
N ASP E 97 -41.22 6.27 69.29
CA ASP E 97 -41.96 5.93 70.55
C ASP E 97 -42.72 4.60 70.41
N GLY E 98 -42.77 4.05 69.20
CA GLY E 98 -43.43 2.78 68.98
C GLY E 98 -44.93 2.94 68.83
N GLY E 99 -45.36 3.93 68.06
CA GLY E 99 -46.78 4.21 67.88
C GLY E 99 -47.31 3.94 66.50
N LEU E 100 -46.42 3.69 65.54
CA LEU E 100 -46.86 3.34 64.20
C LEU E 100 -47.61 2.02 64.18
N ASP E 101 -47.15 1.05 64.97
CA ASP E 101 -47.84 -0.22 65.04
C ASP E 101 -49.23 -0.05 65.63
N LEU E 102 -49.42 0.92 66.52
CA LEU E 102 -50.75 1.19 67.05
C LEU E 102 -51.69 1.66 65.96
N LEU E 103 -51.21 2.56 65.09
CA LEU E 103 -52.00 3.01 63.96
C LEU E 103 -52.29 1.87 63.01
N LEU E 104 -51.29 1.04 62.72
CA LEU E 104 -51.49 -0.08 61.81
C LEU E 104 -52.46 -1.12 62.38
N ARG E 105 -52.54 -1.24 63.70
CA ARG E 105 -53.59 -2.05 64.30
C ARG E 105 -54.95 -1.40 64.10
N LEU E 106 -55.09 -0.14 64.56
CA LEU E 106 -56.38 0.55 64.49
C LEU E 106 -56.89 0.75 63.07
N LEU E 107 -56.06 0.59 62.05
CA LEU E 107 -56.58 0.62 60.70
C LEU E 107 -57.38 -0.62 60.34
N GLN E 108 -57.24 -1.71 61.10
CA GLN E 108 -57.97 -2.94 60.84
C GLN E 108 -59.14 -3.15 61.80
N ALA E 109 -59.48 -2.15 62.61
CA ALA E 109 -60.54 -2.28 63.59
C ALA E 109 -61.89 -2.46 62.90
N PRO E 110 -62.83 -3.16 63.54
CA PRO E 110 -64.13 -3.38 62.89
C PRO E 110 -65.01 -2.14 62.83
N GLU E 111 -64.87 -1.22 63.78
CA GLU E 111 -65.66 0.00 63.73
C GLU E 111 -65.14 0.94 62.65
N LEU E 112 -66.03 1.78 62.13
CA LEU E 112 -65.69 2.59 60.97
C LEU E 112 -65.20 3.98 61.33
N GLU E 113 -65.73 4.60 62.40
CA GLU E 113 -65.33 5.96 62.71
C GLU E 113 -63.95 6.00 63.34
N THR E 114 -63.55 4.94 64.03
CA THR E 114 -62.17 4.87 64.48
C THR E 114 -61.23 4.68 63.31
N ARG E 115 -61.67 3.98 62.26
CA ARG E 115 -60.85 3.83 61.07
C ARG E 115 -60.64 5.17 60.38
N VAL E 116 -61.72 5.95 60.24
CA VAL E 116 -61.56 7.21 59.51
C VAL E 116 -60.74 8.20 60.33
N GLN E 117 -60.86 8.19 61.65
CA GLN E 117 -60.05 9.10 62.45
C GLN E 117 -58.58 8.67 62.44
N ALA E 118 -58.32 7.36 62.45
CA ALA E 118 -56.95 6.88 62.38
C ALA E 118 -56.31 7.20 61.05
N ALA E 119 -57.09 7.13 59.96
CA ALA E 119 -56.55 7.46 58.65
C ALA E 119 -56.26 8.95 58.55
N ARG E 120 -57.16 9.80 59.05
CA ARG E 120 -56.93 11.23 58.95
C ARG E 120 -55.75 11.64 59.84
N LEU E 121 -55.49 10.90 60.91
CA LEU E 121 -54.27 11.17 61.68
C LEU E 121 -53.03 10.66 60.96
N LEU E 122 -53.13 9.52 60.27
CA LEU E 122 -51.97 8.97 59.58
C LEU E 122 -51.55 9.82 58.39
N GLU E 123 -52.49 10.61 57.84
CA GLU E 123 -52.16 11.48 56.71
C GLU E 123 -51.10 12.51 57.08
N GLN E 124 -51.10 13.00 58.32
CA GLN E 124 -50.31 14.15 58.70
C GLN E 124 -48.93 13.80 59.24
N ILE E 125 -48.52 12.54 59.17
CA ILE E 125 -47.26 12.12 59.78
C ILE E 125 -46.19 11.72 58.78
N LEU E 126 -46.57 11.38 57.55
CA LEU E 126 -45.63 10.81 56.58
C LEU E 126 -44.68 11.90 56.09
N VAL E 127 -43.50 11.95 56.69
CA VAL E 127 -42.43 12.84 56.24
C VAL E 127 -41.35 11.87 55.74
N ALA E 128 -40.23 12.40 55.24
CA ALA E 128 -39.25 11.62 54.48
C ALA E 128 -38.63 10.47 55.27
N GLU E 129 -38.73 10.46 56.59
CA GLU E 129 -38.13 9.39 57.38
C GLU E 129 -39.15 8.34 57.84
N ASN E 130 -40.33 8.78 58.25
CA ASN E 130 -41.39 7.86 58.69
C ASN E 130 -41.90 7.03 57.52
N ARG E 131 -41.82 7.59 56.31
CA ARG E 131 -42.34 6.92 55.12
C ARG E 131 -41.58 5.64 54.82
N ASP E 132 -40.30 5.58 55.18
CA ASP E 132 -39.52 4.36 55.01
C ASP E 132 -40.07 3.24 55.88
N ARG E 133 -40.40 3.55 57.14
CA ARG E 133 -40.92 2.52 58.03
C ARG E 133 -42.31 2.07 57.59
N VAL E 134 -43.12 3.01 57.09
CA VAL E 134 -44.45 2.62 56.63
C VAL E 134 -44.34 1.75 55.39
N ALA E 135 -43.41 2.07 54.51
CA ALA E 135 -43.19 1.23 53.33
C ALA E 135 -42.58 -0.11 53.70
N ARG E 136 -41.88 -0.18 54.83
CA ARG E 136 -41.36 -1.46 55.28
C ARG E 136 -42.47 -2.39 55.74
N ILE E 137 -43.32 -1.93 56.66
CA ILE E 137 -44.24 -2.81 57.37
C ILE E 137 -45.68 -2.68 56.88
N GLY E 138 -46.20 -1.45 56.77
CA GLY E 138 -47.63 -1.24 56.71
C GLY E 138 -48.31 -1.58 55.40
N LEU E 139 -47.55 -1.67 54.31
CA LEU E 139 -48.04 -1.48 52.94
C LEU E 139 -49.28 -2.32 52.59
N GLY E 140 -49.52 -3.43 53.28
CA GLY E 140 -50.67 -4.26 52.93
C GLY E 140 -51.99 -3.75 53.44
N VAL E 141 -52.01 -3.13 54.62
CA VAL E 141 -53.28 -2.69 55.19
C VAL E 141 -53.87 -1.53 54.38
N ILE E 142 -53.02 -0.65 53.83
CA ILE E 142 -53.49 0.44 52.99
C ILE E 142 -54.18 -0.10 51.75
N LEU E 143 -53.61 -1.14 51.14
CA LEU E 143 -54.24 -1.79 50.01
C LEU E 143 -55.54 -2.47 50.41
N ASN E 144 -55.59 -3.02 51.62
CA ASN E 144 -56.85 -3.56 52.14
C ASN E 144 -57.90 -2.47 52.32
N LEU E 145 -57.48 -1.26 52.67
CA LEU E 145 -58.41 -0.14 52.79
C LEU E 145 -58.83 0.41 51.44
N ALA E 146 -58.05 0.16 50.40
CA ALA E 146 -58.36 0.66 49.06
C ALA E 146 -59.62 0.02 48.48
N LYS E 147 -60.11 -1.07 49.06
CA LYS E 147 -61.35 -1.65 48.57
C LYS E 147 -62.59 -0.90 49.08
N GLU E 148 -62.50 -0.30 50.26
CA GLU E 148 -63.62 0.45 50.83
C GLU E 148 -63.71 1.80 50.13
N ARG E 149 -64.75 1.99 49.30
CA ARG E 149 -64.87 3.20 48.51
C ARG E 149 -65.93 4.17 49.01
N GLU E 150 -66.90 3.70 49.79
CA GLU E 150 -68.09 4.51 50.05
C GLU E 150 -67.91 5.67 51.03
N PRO E 151 -67.36 5.50 52.25
CA PRO E 151 -67.30 6.65 53.17
C PRO E 151 -66.29 7.67 52.71
N VAL E 152 -66.73 8.93 52.64
CA VAL E 152 -65.96 9.96 51.95
C VAL E 152 -64.77 10.40 52.77
N GLU E 153 -64.95 10.58 54.08
CA GLU E 153 -63.83 10.89 54.97
C GLU E 153 -62.75 9.79 54.97
N LEU E 154 -63.12 8.55 54.66
CA LEU E 154 -62.09 7.54 54.44
C LEU E 154 -61.30 7.81 53.18
N ALA E 155 -61.99 8.06 52.07
CA ALA E 155 -61.32 8.21 50.78
C ALA E 155 -60.47 9.46 50.74
N ARG E 156 -60.94 10.52 51.39
CA ARG E 156 -60.22 11.78 51.40
C ARG E 156 -58.87 11.65 52.08
N SER E 157 -58.76 10.78 53.07
CA SER E 157 -57.46 10.63 53.71
C SER E 157 -56.61 9.55 53.07
N VAL E 158 -57.22 8.46 52.61
CA VAL E 158 -56.41 7.39 52.03
C VAL E 158 -55.87 7.82 50.66
N ALA E 159 -56.55 8.74 49.97
CA ALA E 159 -55.99 9.31 48.76
C ALA E 159 -54.72 10.09 49.05
N GLY E 160 -54.70 10.85 50.16
CA GLY E 160 -53.48 11.54 50.54
C GLY E 160 -52.40 10.59 51.01
N ILE E 161 -52.80 9.46 51.61
CA ILE E 161 -51.83 8.43 52.00
C ILE E 161 -51.14 7.87 50.78
N LEU E 162 -51.92 7.54 49.74
CA LEU E 162 -51.32 7.02 48.51
C LEU E 162 -50.50 8.08 47.80
N GLU E 163 -50.95 9.34 47.86
CA GLU E 163 -50.17 10.45 47.33
C GLU E 163 -48.78 10.52 47.96
N HIS E 164 -48.72 10.44 49.29
CA HIS E 164 -47.41 10.51 49.93
C HIS E 164 -46.61 9.22 49.75
N MET E 165 -47.28 8.08 49.56
CA MET E 165 -46.56 6.83 49.43
C MET E 165 -46.06 6.55 48.02
N PHE E 166 -46.56 7.26 47.01
CA PHE E 166 -45.99 7.09 45.67
C PHE E 166 -44.61 7.72 45.52
N LYS E 167 -44.16 8.53 46.46
CA LYS E 167 -42.90 9.24 46.30
C LYS E 167 -41.70 8.47 46.82
N HIS E 168 -41.88 7.24 47.29
CA HIS E 168 -40.79 6.61 48.03
C HIS E 168 -39.75 5.99 47.10
N SER E 169 -40.15 4.98 46.33
CA SER E 169 -39.19 4.21 45.55
C SER E 169 -39.89 3.68 44.31
N GLU E 170 -39.09 3.04 43.45
CA GLU E 170 -39.64 2.46 42.24
C GLU E 170 -40.32 1.12 42.52
N GLU E 171 -39.81 0.36 43.48
CA GLU E 171 -40.44 -0.91 43.82
C GLU E 171 -41.79 -0.67 44.47
N THR E 172 -41.89 0.38 45.29
CA THR E 172 -43.16 0.71 45.93
C THR E 172 -44.20 1.11 44.88
N CYS E 173 -43.78 1.84 43.86
CA CYS E 173 -44.70 2.19 42.77
C CYS E 173 -45.09 0.94 42.00
N GLN E 174 -44.15 0.02 41.81
CA GLN E 174 -44.43 -1.21 41.09
C GLN E 174 -45.48 -2.03 41.83
N ARG E 175 -45.34 -2.12 43.16
CA ARG E 175 -46.33 -2.84 43.96
C ARG E 175 -47.69 -2.16 43.91
N LEU E 176 -47.72 -0.84 44.08
CA LEU E 176 -49.00 -0.15 44.12
C LEU E 176 -49.69 -0.11 42.76
N VAL E 177 -48.96 -0.32 41.67
CA VAL E 177 -49.62 -0.49 40.39
C VAL E 177 -49.97 -1.95 40.12
N ALA E 178 -49.31 -2.89 40.79
CA ALA E 178 -49.51 -4.30 40.49
C ALA E 178 -50.42 -4.99 41.49
N ALA E 179 -50.81 -4.31 42.57
CA ALA E 179 -51.74 -4.86 43.54
C ALA E 179 -53.09 -4.17 43.51
N GLY E 180 -53.37 -3.39 42.47
CA GLY E 180 -54.67 -2.75 42.36
C GLY E 180 -54.80 -1.43 43.09
N GLY E 181 -53.69 -0.82 43.50
CA GLY E 181 -53.76 0.46 44.17
C GLY E 181 -53.93 1.66 43.26
N LEU E 182 -53.83 1.46 41.94
CA LEU E 182 -54.06 2.52 40.98
C LEU E 182 -55.52 2.62 40.58
N ASP E 183 -56.20 1.48 40.53
CA ASP E 183 -57.63 1.44 40.23
C ASP E 183 -58.43 2.29 41.19
N ALA E 184 -58.05 2.28 42.47
CA ALA E 184 -58.69 3.14 43.46
C ALA E 184 -58.62 4.61 43.06
N VAL E 185 -57.43 5.08 42.69
CA VAL E 185 -57.23 6.46 42.25
C VAL E 185 -58.09 6.76 41.02
N LEU E 186 -58.07 5.86 40.05
CA LEU E 186 -58.81 6.13 38.82
C LEU E 186 -60.32 6.00 39.01
N TYR E 187 -60.78 5.33 40.05
CA TYR E 187 -62.21 5.35 40.34
C TYR E 187 -62.59 6.59 41.12
N TRP E 188 -61.70 7.06 42.00
CA TRP E 188 -61.99 8.25 42.78
C TRP E 188 -61.87 9.52 41.96
N CYS E 189 -61.33 9.42 40.75
CA CYS E 189 -61.35 10.57 39.86
C CYS E 189 -62.77 10.97 39.43
N ARG E 190 -63.77 10.11 39.62
CA ARG E 190 -65.13 10.44 39.18
C ARG E 190 -65.79 11.47 40.10
N ARG E 191 -65.53 11.40 41.40
CA ARG E 191 -66.32 12.15 42.36
C ARG E 191 -66.02 13.64 42.28
N THR E 192 -66.80 14.43 43.02
CA THR E 192 -66.81 15.89 42.88
C THR E 192 -66.35 16.60 44.15
N ASP E 193 -65.52 15.95 44.95
CA ASP E 193 -65.02 16.63 46.14
C ASP E 193 -63.88 17.59 45.77
N PRO E 194 -63.90 18.81 46.29
CA PRO E 194 -62.86 19.78 45.94
C PRO E 194 -61.55 19.60 46.67
N ALA E 195 -61.44 18.63 47.58
CA ALA E 195 -60.17 18.32 48.20
C ALA E 195 -59.68 16.91 47.90
N LEU E 196 -60.56 16.00 47.48
CA LEU E 196 -60.13 14.68 47.07
C LEU E 196 -59.39 14.74 45.74
N LEU E 197 -59.85 15.59 44.84
CA LEU E 197 -59.29 15.63 43.50
C LEU E 197 -57.89 16.20 43.47
N ARG E 198 -57.55 17.09 44.41
CA ARG E 198 -56.18 17.58 44.48
C ARG E 198 -55.22 16.46 44.84
N HIS E 199 -55.60 15.63 45.82
CA HIS E 199 -54.78 14.49 46.19
C HIS E 199 -54.71 13.48 45.05
N CYS E 200 -55.80 13.33 44.31
CA CYS E 200 -55.82 12.39 43.19
C CYS E 200 -54.88 12.84 42.07
N ALA E 201 -54.89 14.15 41.78
CA ALA E 201 -54.02 14.69 40.74
C ALA E 201 -52.56 14.60 41.14
N LEU E 202 -52.24 14.96 42.39
CA LEU E 202 -50.87 14.85 42.82
C LEU E 202 -50.40 13.40 42.89
N ALA E 203 -51.32 12.47 43.15
CA ALA E 203 -50.96 11.06 43.13
C ALA E 203 -50.54 10.62 41.74
N LEU E 204 -51.36 10.96 40.73
CA LEU E 204 -51.01 10.56 39.37
C LEU E 204 -49.75 11.25 38.88
N GLY E 205 -49.55 12.52 39.29
CA GLY E 205 -48.35 13.23 38.90
C GLY E 205 -47.09 12.64 39.49
N ASN E 206 -47.10 12.37 40.80
CA ASN E 206 -45.93 11.79 41.45
C ASN E 206 -45.65 10.38 40.94
N CYS E 207 -46.70 9.60 40.67
CA CYS E 207 -46.51 8.25 40.14
C CYS E 207 -45.84 8.29 38.78
N ALA E 208 -46.32 9.15 37.88
CA ALA E 208 -45.66 9.26 36.59
C ALA E 208 -44.27 9.89 36.70
N LEU E 209 -44.01 10.69 37.74
CA LEU E 209 -42.74 11.38 37.84
C LEU E 209 -41.63 10.48 38.36
N HIS E 210 -41.82 9.85 39.51
CA HIS E 210 -40.78 9.00 40.10
C HIS E 210 -41.00 7.52 39.82
N GLY E 211 -41.83 7.18 38.84
CA GLY E 211 -42.15 5.79 38.64
C GLY E 211 -41.10 5.00 37.90
N GLY E 212 -40.86 5.33 36.64
CA GLY E 212 -40.00 4.55 35.78
C GLY E 212 -40.67 4.29 34.45
N GLN E 213 -40.24 3.24 33.77
CA GLN E 213 -40.72 2.96 32.43
C GLN E 213 -41.93 2.04 32.42
N ALA E 214 -41.84 0.91 33.14
CA ALA E 214 -42.90 -0.09 33.13
C ALA E 214 -44.22 0.48 33.64
N VAL E 215 -44.16 1.13 34.80
CA VAL E 215 -45.32 1.77 35.41
C VAL E 215 -45.96 2.78 34.47
N GLN E 216 -45.17 3.51 33.68
CA GLN E 216 -45.76 4.44 32.70
C GLN E 216 -46.54 3.69 31.63
N ARG E 217 -45.96 2.64 31.06
CA ARG E 217 -46.65 1.84 30.05
C ARG E 217 -47.94 1.25 30.59
N ARG E 218 -47.90 0.72 31.82
CA ARG E 218 -49.10 0.15 32.41
C ARG E 218 -50.08 1.22 32.86
N MET E 219 -49.62 2.45 33.03
CA MET E 219 -50.52 3.55 33.32
C MET E 219 -51.29 3.98 32.09
N VAL E 220 -50.58 4.13 30.96
CA VAL E 220 -51.24 4.56 29.74
C VAL E 220 -52.06 3.42 29.14
N GLU E 221 -51.75 2.17 29.49
CA GLU E 221 -52.58 1.07 29.03
C GLU E 221 -53.92 1.07 29.75
N LYS E 222 -53.96 1.56 30.99
CA LYS E 222 -55.20 1.59 31.76
C LYS E 222 -56.01 2.85 31.52
N ARG E 223 -55.77 3.54 30.41
CA ARG E 223 -56.53 4.72 29.99
C ARG E 223 -56.47 5.84 31.02
N ALA E 224 -55.30 6.01 31.64
CA ALA E 224 -55.15 7.10 32.60
C ALA E 224 -55.09 8.45 31.92
N ALA E 225 -54.67 8.50 30.65
CA ALA E 225 -54.65 9.76 29.94
C ALA E 225 -56.06 10.27 29.69
N GLU E 226 -57.02 9.37 29.53
CA GLU E 226 -58.40 9.77 29.31
C GLU E 226 -59.03 10.30 30.57
N TRP E 227 -58.73 9.70 31.72
CA TRP E 227 -59.37 10.09 32.95
C TRP E 227 -58.85 11.42 33.49
N LEU E 228 -57.71 11.89 32.99
CA LEU E 228 -57.20 13.18 33.42
C LEU E 228 -57.98 14.34 32.81
N PHE E 229 -58.77 14.08 31.77
CA PHE E 229 -59.46 15.18 31.08
C PHE E 229 -60.56 15.81 31.93
N PRO E 230 -61.46 15.07 32.60
CA PRO E 230 -62.42 15.76 33.48
C PRO E 230 -61.77 16.43 34.66
N LEU E 231 -60.53 16.09 34.98
CA LEU E 231 -59.83 16.73 36.07
C LEU E 231 -59.18 18.03 35.66
N ALA E 232 -58.89 18.21 34.36
CA ALA E 232 -58.25 19.42 33.87
C ALA E 232 -59.23 20.42 33.28
N PHE E 233 -60.48 20.01 33.03
CA PHE E 233 -61.46 20.86 32.40
C PHE E 233 -62.38 21.55 33.40
N SER E 234 -62.27 21.21 34.68
CA SER E 234 -63.11 21.84 35.69
C SER E 234 -62.67 23.29 35.87
N LYS E 235 -63.61 24.22 35.65
CA LYS E 235 -63.33 25.64 35.72
C LYS E 235 -63.63 26.23 37.09
N GLU E 236 -63.44 25.45 38.14
CA GLU E 236 -63.70 25.89 39.51
C GLU E 236 -62.45 26.37 40.22
N ASP E 237 -61.32 25.70 40.03
CA ASP E 237 -60.07 26.06 40.67
C ASP E 237 -58.92 25.83 39.70
N GLU E 238 -57.83 26.56 39.92
CA GLU E 238 -56.69 26.49 39.03
C GLU E 238 -55.58 25.56 39.50
N LEU E 239 -55.54 25.23 40.80
CA LEU E 239 -54.52 24.29 41.26
C LEU E 239 -54.79 22.90 40.70
N LEU E 240 -56.07 22.52 40.59
CA LEU E 240 -56.41 21.24 39.99
C LEU E 240 -55.98 21.17 38.54
N ARG E 241 -56.19 22.27 37.81
CA ARG E 241 -55.79 22.31 36.41
C ARG E 241 -54.27 22.27 36.27
N LEU E 242 -53.56 22.93 37.17
CA LEU E 242 -52.11 22.92 37.11
C LEU E 242 -51.56 21.53 37.38
N HIS E 243 -52.09 20.83 38.39
CA HIS E 243 -51.54 19.52 38.67
C HIS E 243 -51.92 18.50 37.60
N ALA E 244 -53.12 18.63 37.02
CA ALA E 244 -53.50 17.73 35.93
C ALA E 244 -52.64 17.96 34.69
N CYS E 245 -52.40 19.21 34.32
CA CYS E 245 -51.55 19.48 33.16
C CYS E 245 -50.12 19.01 33.41
N LEU E 246 -49.61 19.19 34.63
CA LEU E 246 -48.27 18.69 34.93
C LEU E 246 -48.19 17.18 34.76
N ALA E 247 -49.21 16.46 35.23
CA ALA E 247 -49.19 15.00 35.12
C ALA E 247 -49.24 14.56 33.66
N VAL E 248 -50.11 15.18 32.86
CA VAL E 248 -50.19 14.78 31.46
C VAL E 248 -48.93 15.16 30.70
N ALA E 249 -48.26 16.26 31.07
CA ALA E 249 -47.02 16.62 30.39
C ALA E 249 -45.89 15.64 30.70
N VAL E 250 -45.80 15.21 31.96
CA VAL E 250 -44.76 14.25 32.30
C VAL E 250 -45.04 12.92 31.62
N LEU E 251 -46.32 12.56 31.47
CA LEU E 251 -46.64 11.35 30.73
C LEU E 251 -46.36 11.49 29.24
N ALA E 252 -46.50 12.70 28.70
CA ALA E 252 -46.31 12.90 27.26
C ALA E 252 -44.86 13.19 26.90
N THR E 253 -43.97 13.31 27.87
CA THR E 253 -42.56 13.50 27.54
C THR E 253 -41.96 12.21 27.00
N ASN E 254 -42.38 11.07 27.54
CA ASN E 254 -41.95 9.76 27.06
C ASN E 254 -42.31 9.56 25.60
N LYS E 255 -41.39 8.97 24.84
CA LYS E 255 -41.59 8.85 23.40
C LYS E 255 -42.41 7.64 23.00
N GLU E 256 -42.50 6.64 23.86
CA GLU E 256 -43.12 5.38 23.43
C GLU E 256 -44.63 5.50 23.34
N VAL E 257 -45.25 6.25 24.25
CA VAL E 257 -46.70 6.27 24.32
C VAL E 257 -47.25 7.66 24.09
N GLU E 258 -46.51 8.50 23.37
CA GLU E 258 -47.04 9.82 23.07
C GLU E 258 -48.17 9.77 22.04
N ARG E 259 -48.23 8.70 21.24
CA ARG E 259 -49.30 8.58 20.25
C ARG E 259 -50.65 8.36 20.94
N GLU E 260 -50.68 7.48 21.94
CA GLU E 260 -51.88 7.28 22.75
C GLU E 260 -52.33 8.58 23.40
N VAL E 261 -51.39 9.31 24.00
CA VAL E 261 -51.73 10.53 24.73
C VAL E 261 -52.26 11.59 23.77
N GLU E 262 -51.66 11.73 22.59
CA GLU E 262 -52.20 12.68 21.63
C GLU E 262 -53.54 12.23 21.07
N ARG E 263 -53.77 10.92 20.98
CA ARG E 263 -55.07 10.42 20.56
C ARG E 263 -56.13 10.66 21.62
N SER E 264 -55.71 10.78 22.88
CA SER E 264 -56.66 11.06 23.94
C SER E 264 -57.23 12.47 23.85
N GLY E 265 -56.46 13.41 23.32
CA GLY E 265 -56.96 14.74 23.05
C GLY E 265 -56.95 15.70 24.22
N THR E 266 -56.25 15.37 25.30
CA THR E 266 -56.20 16.26 26.45
C THR E 266 -54.97 17.15 26.47
N LEU E 267 -54.08 17.02 25.48
CA LEU E 267 -52.94 17.92 25.41
C LEU E 267 -53.30 19.29 24.86
N ALA E 268 -54.43 19.40 24.16
CA ALA E 268 -54.83 20.67 23.58
C ALA E 268 -55.25 21.71 24.62
N LEU E 269 -55.41 21.31 25.89
CA LEU E 269 -55.88 22.20 26.93
C LEU E 269 -54.75 22.71 27.81
N VAL E 270 -53.53 22.70 27.32
CA VAL E 270 -52.40 23.20 28.12
C VAL E 270 -52.12 24.66 27.82
N GLU E 271 -52.01 25.00 26.54
CA GLU E 271 -51.73 26.36 26.07
C GLU E 271 -52.69 27.41 26.64
N PRO E 272 -54.03 27.34 26.42
CA PRO E 272 -54.91 28.40 26.98
C PRO E 272 -54.70 28.66 28.46
N LEU E 273 -54.60 27.58 29.24
CA LEU E 273 -54.46 27.69 30.69
C LEU E 273 -53.20 28.46 31.08
N VAL E 274 -52.04 28.02 30.58
CA VAL E 274 -50.78 28.71 30.86
C VAL E 274 -50.83 30.15 30.35
N ALA E 275 -51.46 30.36 29.21
CA ALA E 275 -51.56 31.70 28.64
C ALA E 275 -52.45 32.62 29.48
N SER E 276 -53.37 32.06 30.26
CA SER E 276 -54.33 32.87 31.01
C SER E 276 -54.07 32.85 32.50
N LEU E 277 -52.81 32.90 32.91
CA LEU E 277 -52.46 32.90 34.32
C LEU E 277 -51.34 33.90 34.57
N ASP E 278 -50.87 33.93 35.81
CA ASP E 278 -49.77 34.80 36.21
C ASP E 278 -48.89 34.03 37.19
N PRO E 279 -47.60 33.87 36.91
CA PRO E 279 -46.71 33.25 37.89
C PRO E 279 -46.55 34.06 39.16
N GLY E 280 -46.77 35.38 39.07
CA GLY E 280 -46.54 36.24 40.22
C GLY E 280 -47.56 36.04 41.33
N ARG E 281 -48.79 35.66 40.95
CA ARG E 281 -49.84 35.39 41.92
C ARG E 281 -49.80 33.97 42.47
N PHE E 282 -49.31 33.01 41.69
CA PHE E 282 -49.06 31.68 42.25
C PHE E 282 -47.74 31.62 43.00
N ALA E 283 -46.84 32.57 42.75
CA ALA E 283 -45.90 32.96 43.78
C ALA E 283 -46.68 33.66 44.89
N ARG E 284 -46.30 33.41 46.14
CA ARG E 284 -46.99 33.67 47.41
C ARG E 284 -48.12 32.63 47.60
N LEU E 286 -48.36 28.26 47.05
CA LEU E 286 -47.45 27.12 47.22
C LEU E 286 -46.41 27.37 48.32
N VAL E 287 -46.63 28.38 49.17
CA VAL E 287 -45.79 28.64 50.33
C VAL E 287 -46.53 28.39 51.63
N ASP E 288 -47.84 28.11 51.57
CA ASP E 288 -48.65 27.84 52.74
C ASP E 288 -49.40 26.51 52.69
N ALA E 289 -49.53 25.90 51.51
CA ALA E 289 -50.49 24.81 51.34
C ALA E 289 -49.96 23.50 51.89
N SER E 290 -48.84 23.01 51.35
CA SER E 290 -48.36 21.68 51.67
C SER E 290 -47.78 21.61 53.07
N ASP E 291 -46.68 22.32 53.31
CA ASP E 291 -45.99 22.22 54.59
C ASP E 291 -45.39 23.55 55.04
N THR E 292 -45.68 24.66 54.36
CA THR E 292 -45.09 25.98 54.61
C THR E 292 -43.56 25.90 54.55
N SER E 293 -43.07 25.54 53.38
CA SER E 293 -41.65 25.34 53.14
C SER E 293 -41.17 26.30 52.05
N GLN E 294 -39.85 26.40 51.93
CA GLN E 294 -39.24 27.28 50.93
C GLN E 294 -39.03 26.53 49.61
N GLY E 295 -40.13 26.00 49.09
CA GLY E 295 -40.12 25.38 47.78
C GLY E 295 -39.74 23.92 47.79
N ARG E 296 -39.54 23.40 46.59
CA ARG E 296 -39.19 22.01 46.38
C ARG E 296 -37.69 21.81 46.38
N GLY E 297 -37.27 20.59 46.69
CA GLY E 297 -35.87 20.29 46.90
C GLY E 297 -35.10 20.21 45.59
N PRO E 298 -33.78 20.11 45.72
CA PRO E 298 -32.94 19.94 44.51
C PRO E 298 -33.27 18.69 43.72
N ASP E 299 -33.43 17.56 44.41
CA ASP E 299 -33.73 16.30 43.72
C ASP E 299 -35.16 16.31 43.18
N ASP E 300 -36.03 17.15 43.73
CA ASP E 300 -37.32 17.39 43.11
C ASP E 300 -37.18 18.35 41.94
N LEU E 301 -36.23 19.28 42.01
CA LEU E 301 -36.07 20.24 40.93
C LEU E 301 -35.42 19.65 39.70
N GLN E 302 -34.66 18.56 39.84
CA GLN E 302 -34.10 17.92 38.65
C GLN E 302 -35.11 17.06 37.92
N ARG E 303 -36.36 17.04 38.35
CA ARG E 303 -37.41 16.31 37.67
C ARG E 303 -38.10 17.14 36.61
N LEU E 304 -37.85 18.45 36.60
CA LEU E 304 -38.44 19.37 35.65
C LEU E 304 -37.53 19.69 34.47
N VAL E 305 -36.22 19.70 34.69
CA VAL E 305 -35.28 20.07 33.63
C VAL E 305 -35.29 19.09 32.45
N PRO E 306 -35.39 17.76 32.64
CA PRO E 306 -35.51 16.89 31.46
C PRO E 306 -36.79 17.07 30.66
N LEU E 307 -37.85 17.64 31.22
CA LEU E 307 -38.99 17.95 30.38
C LEU E 307 -38.92 19.36 29.82
N LEU E 308 -37.89 20.12 30.18
CA LEU E 308 -37.69 21.44 29.59
C LEU E 308 -36.97 21.36 28.25
N ASP E 309 -36.28 20.25 27.99
CA ASP E 309 -35.57 20.04 26.73
C ASP E 309 -36.23 18.86 26.03
N SER E 310 -37.24 19.14 25.23
CA SER E 310 -37.94 18.10 24.50
C SER E 310 -38.65 18.74 23.32
N ASN E 311 -38.92 17.93 22.30
CA ASN E 311 -39.57 18.43 21.10
C ASN E 311 -41.08 18.40 21.22
N ARG E 312 -41.60 18.96 22.31
CA ARG E 312 -43.02 19.16 22.51
C ARG E 312 -43.21 20.56 23.04
N LEU E 313 -44.38 21.14 22.78
CA LEU E 313 -44.57 22.53 23.13
C LEU E 313 -45.23 22.69 24.50
N GLU E 314 -46.30 21.94 24.75
CA GLU E 314 -46.99 21.95 26.03
C GLU E 314 -46.05 21.65 27.20
N ALA E 315 -45.24 20.60 27.07
CA ALA E 315 -44.26 20.24 28.08
C ALA E 315 -43.34 21.41 28.41
N GLN E 316 -42.77 22.02 27.38
CA GLN E 316 -41.88 23.16 27.59
C GLN E 316 -42.58 24.31 28.29
N CYS E 317 -43.84 24.59 27.91
CA CYS E 317 -44.58 25.68 28.54
C CYS E 317 -44.79 25.43 30.02
N ILE E 318 -45.28 24.24 30.38
CA ILE E 318 -45.50 23.88 31.77
C ILE E 318 -44.20 23.93 32.57
N GLY E 319 -43.13 23.38 32.01
CA GLY E 319 -41.83 23.45 32.67
C GLY E 319 -41.38 24.85 32.95
N ALA E 320 -41.45 25.72 31.92
CA ALA E 320 -41.17 27.14 32.09
C ALA E 320 -41.98 27.76 33.22
N PHE E 321 -43.28 27.47 33.26
CA PHE E 321 -44.15 27.98 34.32
C PHE E 321 -43.65 27.59 35.71
N TYR E 322 -43.42 26.30 35.92
CA TYR E 322 -43.00 25.83 37.23
C TYR E 322 -41.65 26.40 37.63
N LEU E 323 -40.69 26.44 36.69
CA LEU E 323 -39.39 27.02 36.99
C LEU E 323 -39.48 28.50 37.32
N CYS E 324 -40.29 29.26 36.58
CA CYS E 324 -40.51 30.67 36.90
C CYS E 324 -41.03 30.84 38.33
N ALA E 325 -42.05 30.06 38.70
CA ALA E 325 -42.61 30.14 40.04
C ALA E 325 -41.57 29.81 41.11
N GLU E 326 -40.88 28.69 40.94
CA GLU E 326 -39.84 28.30 41.89
C GLU E 326 -38.72 29.32 41.98
N ALA E 327 -38.30 29.88 40.85
CA ALA E 327 -37.29 30.94 40.84
C ALA E 327 -37.76 32.14 41.65
N ALA E 328 -39.02 32.53 41.47
CA ALA E 328 -39.61 33.59 42.28
C ALA E 328 -39.50 33.29 43.77
N ILE E 329 -39.90 32.08 44.18
CA ILE E 329 -39.88 31.74 45.59
C ILE E 329 -38.45 31.65 46.15
N LYS E 330 -37.50 31.19 45.35
CA LYS E 330 -36.14 30.96 45.82
C LYS E 330 -35.18 32.11 45.55
N SER E 331 -35.63 33.19 44.92
CA SER E 331 -34.76 34.33 44.73
C SER E 331 -34.89 35.37 45.82
N LEU E 332 -35.94 35.28 46.65
CA LEU E 332 -36.01 36.13 47.83
C LEU E 332 -34.94 35.74 48.84
N GLN E 333 -34.55 34.47 48.87
CA GLN E 333 -33.53 33.98 49.77
C GLN E 333 -32.16 34.17 49.12
N GLY E 334 -31.12 33.58 49.72
CA GLY E 334 -29.81 33.65 49.15
C GLY E 334 -29.46 32.55 48.17
N LYS E 335 -30.29 31.51 48.09
CA LYS E 335 -30.01 30.37 47.23
C LYS E 335 -30.30 30.76 45.79
N THR E 336 -29.26 31.26 45.11
CA THR E 336 -29.31 31.53 43.69
C THR E 336 -28.28 30.69 42.93
N LYS E 337 -27.80 29.61 43.55
CA LYS E 337 -26.80 28.77 42.93
C LYS E 337 -27.32 27.40 42.52
N VAL E 338 -28.48 26.99 43.03
CA VAL E 338 -29.02 25.69 42.68
C VAL E 338 -29.47 25.67 41.21
N PHE E 339 -29.98 26.78 40.69
CA PHE E 339 -30.35 26.83 39.28
C PHE E 339 -29.13 26.87 38.35
N SER E 340 -27.94 27.11 38.88
CA SER E 340 -26.74 26.92 38.09
C SER E 340 -26.15 25.54 38.28
N ASP E 341 -26.33 24.94 39.47
CA ASP E 341 -25.86 23.58 39.69
C ASP E 341 -26.66 22.58 38.87
N ILE E 342 -27.97 22.77 38.75
CA ILE E 342 -28.80 21.84 37.98
C ILE E 342 -28.55 22.02 36.50
N GLY E 343 -28.45 23.26 36.03
CA GLY E 343 -28.25 23.50 34.62
C GLY E 343 -29.51 23.97 33.95
N ALA E 344 -30.25 24.83 34.63
CA ALA E 344 -31.44 25.42 34.04
C ALA E 344 -31.13 26.72 33.29
N ILE E 345 -29.98 27.34 33.56
CA ILE E 345 -29.67 28.61 32.92
C ILE E 345 -29.38 28.40 31.44
N GLN E 346 -28.58 27.39 31.12
CA GLN E 346 -28.24 27.14 29.72
C GLN E 346 -29.46 26.67 28.95
N SER E 347 -30.33 25.89 29.59
CA SER E 347 -31.52 25.42 28.91
C SER E 347 -32.51 26.55 28.68
N LEU E 348 -32.65 27.46 29.64
CA LEU E 348 -33.56 28.59 29.44
C LEU E 348 -33.03 29.53 28.37
N LYS E 349 -31.72 29.77 28.33
CA LYS E 349 -31.19 30.66 27.29
C LYS E 349 -31.35 30.03 25.91
N ARG E 350 -31.16 28.72 25.81
CA ARG E 350 -31.40 28.03 24.55
C ARG E 350 -32.87 28.03 24.20
N LEU E 351 -33.75 28.03 25.19
CA LEU E 351 -35.18 28.13 24.93
C LEU E 351 -35.55 29.50 24.38
N VAL E 352 -34.91 30.56 24.90
CA VAL E 352 -35.19 31.90 24.41
C VAL E 352 -34.70 32.08 22.99
N SER E 353 -33.52 31.53 22.69
CA SER E 353 -32.86 31.86 21.42
C SER E 353 -33.60 31.31 20.21
N TYR E 354 -34.24 30.15 20.33
CA TYR E 354 -34.95 29.54 19.20
C TYR E 354 -36.45 29.62 19.40
N SER E 355 -36.93 30.73 19.96
CA SER E 355 -38.33 30.82 20.37
C SER E 355 -39.24 30.96 19.16
N THR E 356 -40.10 29.97 18.97
CA THR E 356 -41.12 30.01 17.93
C THR E 356 -42.51 30.13 18.52
N ASN E 357 -42.63 30.74 19.69
CA ASN E 357 -43.90 30.88 20.36
C ASN E 357 -43.83 32.08 21.30
N GLY E 358 -44.99 32.63 21.62
CA GLY E 358 -45.04 33.82 22.43
C GLY E 358 -45.11 33.54 23.92
N THR E 359 -45.71 32.41 24.30
CA THR E 359 -45.94 32.15 25.71
C THR E 359 -44.67 31.70 26.41
N LYS E 360 -44.02 30.66 25.88
CA LYS E 360 -42.84 30.14 26.55
C LYS E 360 -41.68 31.12 26.45
N SER E 361 -41.62 31.94 25.39
CA SER E 361 -40.60 32.98 25.32
C SER E 361 -40.79 34.02 26.41
N ALA E 362 -42.04 34.44 26.62
CA ALA E 362 -42.34 35.40 27.67
C ALA E 362 -41.97 34.85 29.05
N LEU E 363 -42.44 33.63 29.35
CA LEU E 363 -42.15 33.03 30.65
C LEU E 363 -40.65 32.84 30.85
N ALA E 364 -39.94 32.39 29.82
CA ALA E 364 -38.50 32.21 29.91
C ALA E 364 -37.78 33.52 30.19
N LYS E 365 -38.11 34.58 29.44
CA LYS E 365 -37.47 35.87 29.67
C LYS E 365 -37.77 36.39 31.07
N ARG E 366 -38.99 36.17 31.56
CA ARG E 366 -39.34 36.64 32.88
C ARG E 366 -38.57 35.87 33.94
N ALA E 367 -38.40 34.57 33.75
CA ALA E 367 -37.65 33.77 34.72
C ALA E 367 -36.17 34.09 34.70
N LEU E 368 -35.61 34.43 33.53
CA LEU E 368 -34.22 34.87 33.50
C LEU E 368 -34.05 36.27 34.07
N ARG E 369 -35.09 37.10 33.99
CA ARG E 369 -34.99 38.44 34.54
C ARG E 369 -35.01 38.41 36.06
N LEU E 370 -35.65 37.41 36.64
CA LEU E 370 -35.67 37.25 38.10
C LEU E 370 -34.31 36.86 38.65
N LEU E 371 -33.41 36.35 37.81
CA LEU E 371 -32.05 36.08 38.20
C LEU E 371 -31.12 37.12 37.59
N GLY E 372 -29.86 37.08 38.02
CA GLY E 372 -28.90 38.05 37.53
C GLY E 372 -28.40 37.81 36.13
N GLU E 373 -28.74 36.67 35.53
CA GLU E 373 -28.32 36.37 34.17
C GLU E 373 -29.00 37.30 33.19
N GLU E 374 -28.24 37.79 32.22
CA GLU E 374 -28.77 38.72 31.24
C GLU E 374 -29.61 38.00 30.20
N VAL E 375 -30.55 38.72 29.61
CA VAL E 375 -31.50 38.13 28.68
C VAL E 375 -30.87 38.10 27.29
N PRO E 376 -30.91 36.96 26.60
CA PRO E 376 -30.41 36.92 25.22
C PRO E 376 -31.44 37.47 24.25
N ARG E 377 -30.98 37.78 23.06
CA ARG E 377 -31.88 38.26 22.02
C ARG E 377 -32.15 37.15 21.01
N PRO E 378 -33.37 37.06 20.49
CA PRO E 378 -33.65 36.06 19.46
C PRO E 378 -32.90 36.38 18.18
N ILE E 379 -32.61 35.33 17.42
CA ILE E 379 -31.74 35.41 16.26
C ILE E 379 -32.55 35.17 14.99
N LEU E 380 -32.11 35.80 13.91
CA LEU E 380 -32.85 35.74 12.67
C LEU E 380 -32.74 34.36 12.05
N PRO E 381 -33.84 33.79 11.55
CA PRO E 381 -33.83 32.41 11.06
C PRO E 381 -33.26 32.25 9.67
N SER E 382 -32.82 33.33 9.02
CA SER E 382 -32.23 33.22 7.69
C SER E 382 -30.74 33.11 7.86
N VAL E 383 -30.26 31.89 8.05
CA VAL E 383 -28.86 31.65 8.41
C VAL E 383 -27.90 31.97 7.28
N PRO E 384 -28.14 31.60 6.01
CA PRO E 384 -27.31 32.17 4.94
C PRO E 384 -27.56 33.67 4.86
N SER E 385 -26.60 34.37 4.27
CA SER E 385 -26.52 35.83 4.28
C SER E 385 -26.50 36.36 5.71
N TRP E 386 -25.64 35.76 6.53
CA TRP E 386 -25.23 36.32 7.80
C TRP E 386 -23.93 37.08 7.61
N LYS E 387 -23.60 37.91 8.58
CA LYS E 387 -22.32 38.59 8.58
C LYS E 387 -21.59 38.23 9.88
N GLU E 388 -20.45 38.90 10.11
CA GLU E 388 -19.59 38.52 11.21
C GLU E 388 -20.21 38.85 12.56
N ALA E 389 -20.93 39.97 12.63
CA ALA E 389 -21.56 40.38 13.88
C ALA E 389 -22.55 39.34 14.38
N GLU E 390 -23.43 38.88 13.50
CA GLU E 390 -24.46 37.94 13.90
C GLU E 390 -23.86 36.61 14.33
N VAL E 391 -22.84 36.14 13.62
CA VAL E 391 -22.10 34.95 14.03
C VAL E 391 -21.54 35.12 15.43
N GLN E 392 -20.93 36.28 15.70
CA GLN E 392 -20.41 36.56 17.04
C GLN E 392 -21.49 36.48 18.10
N THR E 393 -22.64 37.13 17.89
CA THR E 393 -23.73 37.04 18.88
C THR E 393 -24.19 35.60 19.07
N TRP E 394 -24.24 34.80 17.99
CA TRP E 394 -24.59 33.39 18.12
C TRP E 394 -23.61 32.66 19.04
N LEU E 395 -22.31 32.76 18.74
CA LEU E 395 -21.30 32.21 19.63
C LEU E 395 -21.30 32.83 21.02
N GLN E 396 -21.94 33.97 21.21
CA GLN E 396 -22.07 34.51 22.56
C GLN E 396 -23.24 33.90 23.28
N GLN E 397 -24.23 33.40 22.56
CA GLN E 397 -25.40 32.86 23.23
C GLN E 397 -25.29 31.36 23.46
N ILE E 398 -24.56 30.62 22.62
CA ILE E 398 -24.55 29.18 22.82
C ILE E 398 -23.56 28.74 23.89
N GLY E 399 -22.56 29.55 24.19
CA GLY E 399 -21.57 29.21 25.20
C GLY E 399 -20.15 29.10 24.68
N PHE E 400 -19.91 29.16 23.38
CA PHE E 400 -18.55 29.08 22.84
C PHE E 400 -17.95 30.48 22.76
N SER E 401 -17.89 31.15 23.91
CA SER E 401 -17.58 32.56 23.90
C SER E 401 -16.09 32.84 23.84
N LYS E 402 -15.25 31.85 24.10
CA LYS E 402 -13.82 32.07 24.07
C LYS E 402 -13.22 31.87 22.68
N TYR E 403 -13.98 31.34 21.74
CA TYR E 403 -13.50 31.16 20.38
C TYR E 403 -13.96 32.27 19.44
N CYS E 404 -14.66 33.28 19.96
CA CYS E 404 -15.14 34.39 19.13
C CYS E 404 -13.98 35.11 18.44
N GLU E 405 -12.83 35.17 19.09
CA GLU E 405 -11.67 35.85 18.54
C GLU E 405 -11.24 35.22 17.22
N SER E 406 -11.07 33.89 17.21
CA SER E 406 -10.67 33.18 16.00
C SER E 406 -11.65 33.36 14.85
N PHE E 407 -12.96 33.34 15.15
CA PHE E 407 -13.94 33.59 14.10
C PHE E 407 -13.86 35.01 13.58
N ARG E 408 -13.74 36.01 14.45
CA ARG E 408 -13.60 37.38 13.97
C ARG E 408 -12.29 37.56 13.21
N GLU E 409 -11.29 36.76 13.49
CA GLU E 409 -10.04 36.83 12.75
C GLU E 409 -10.17 36.26 11.36
N GLN E 410 -10.72 35.05 11.24
CA GLN E 410 -10.82 34.42 9.93
C GLN E 410 -11.98 34.94 9.10
N GLN E 411 -12.81 35.82 9.66
CA GLN E 411 -13.97 36.42 8.98
C GLN E 411 -14.93 35.35 8.47
N VAL E 412 -15.43 34.54 9.38
CA VAL E 412 -16.42 33.54 9.05
C VAL E 412 -17.77 34.21 8.94
N ASP E 413 -18.57 33.78 7.98
CA ASP E 413 -19.92 34.28 7.77
C ASP E 413 -20.89 33.10 7.82
N GLY E 414 -22.14 33.36 7.44
CA GLY E 414 -23.15 32.32 7.45
C GLY E 414 -22.83 31.19 6.49
N ASP E 415 -22.50 31.54 5.26
CA ASP E 415 -22.18 30.53 4.24
C ASP E 415 -21.00 29.69 4.67
N LEU E 416 -19.90 30.33 5.05
CA LEU E 416 -18.72 29.60 5.51
C LEU E 416 -18.96 28.84 6.80
N LEU E 417 -19.98 29.23 7.58
CA LEU E 417 -20.30 28.45 8.77
C LEU E 417 -21.05 27.17 8.41
N LEU E 418 -22.03 27.28 7.51
CA LEU E 418 -22.82 26.12 7.16
C LEU E 418 -22.03 25.02 6.45
N ARG E 419 -20.82 25.30 5.99
CA ARG E 419 -20.02 24.33 5.27
C ARG E 419 -18.70 24.04 5.98
N LEU E 420 -18.67 24.18 7.30
CA LEU E 420 -17.45 23.86 8.03
C LEU E 420 -17.25 22.36 8.13
N THR E 421 -16.00 21.94 8.16
CA THR E 421 -15.63 20.55 8.37
C THR E 421 -14.74 20.45 9.60
N GLU E 422 -14.33 19.22 9.92
CA GLU E 422 -13.53 19.01 11.12
C GLU E 422 -12.12 19.52 10.97
N GLU E 423 -11.59 19.54 9.74
CA GLU E 423 -10.20 19.93 9.50
C GLU E 423 -9.97 21.38 9.88
N GLU E 424 -10.87 22.26 9.44
CA GLU E 424 -10.73 23.68 9.76
C GLU E 424 -10.91 23.95 11.24
N LEU E 425 -11.70 23.13 11.93
CA LEU E 425 -11.76 23.25 13.38
C LEU E 425 -10.44 22.87 14.02
N GLN E 426 -9.87 21.75 13.59
CA GLN E 426 -8.64 21.26 14.19
C GLN E 426 -7.45 22.16 13.91
N THR E 427 -7.37 22.77 12.73
CA THR E 427 -6.09 23.32 12.29
C THR E 427 -5.94 24.80 12.63
N ASP E 428 -6.82 25.65 12.10
CA ASP E 428 -6.64 27.08 12.25
C ASP E 428 -7.67 27.75 13.15
N LEU E 429 -8.84 27.17 13.35
CA LEU E 429 -9.76 27.76 14.30
C LEU E 429 -9.36 27.46 15.74
N GLY E 430 -8.65 26.37 15.98
CA GLY E 430 -8.06 26.15 17.28
C GLY E 430 -8.87 25.31 18.24
N MET E 431 -9.67 24.37 17.75
CA MET E 431 -10.38 23.44 18.62
C MET E 431 -9.62 22.11 18.58
N LYS E 432 -8.72 21.93 19.54
CA LYS E 432 -7.86 20.75 19.51
C LYS E 432 -8.59 19.51 20.00
N SER E 433 -9.29 19.61 21.12
CA SER E 433 -9.89 18.45 21.74
C SER E 433 -11.09 17.97 20.95
N GLY E 434 -11.25 16.65 20.86
CA GLY E 434 -12.36 16.08 20.13
C GLY E 434 -13.70 16.31 20.79
N ILE E 435 -13.72 16.56 22.09
CA ILE E 435 -14.98 16.70 22.79
C ILE E 435 -15.57 18.08 22.56
N THR E 436 -14.71 19.10 22.43
CA THR E 436 -15.20 20.43 22.06
C THR E 436 -15.74 20.43 20.64
N ARG E 437 -15.02 19.81 19.70
CA ARG E 437 -15.52 19.69 18.33
C ARG E 437 -16.85 18.97 18.29
N LYS E 438 -17.03 17.94 19.12
CA LYS E 438 -18.30 17.22 19.10
C LYS E 438 -19.42 18.05 19.71
N ARG E 439 -19.11 18.87 20.73
CA ARG E 439 -20.11 19.81 21.23
C ARG E 439 -20.49 20.83 20.18
N PHE E 440 -19.51 21.34 19.45
CA PHE E 440 -19.76 22.37 18.45
C PHE E 440 -20.64 21.82 17.34
N PHE E 441 -20.33 20.63 16.84
CA PHE E 441 -21.17 20.03 15.82
C PHE E 441 -22.56 19.75 16.33
N ARG E 442 -22.70 19.34 17.60
CA ARG E 442 -24.03 19.11 18.15
C ARG E 442 -24.87 20.39 18.15
N GLU E 443 -24.29 21.49 18.64
CA GLU E 443 -24.99 22.77 18.60
C GLU E 443 -25.30 23.22 17.18
N LEU E 444 -24.35 23.02 16.26
CA LEU E 444 -24.54 23.45 14.88
C LEU E 444 -25.69 22.70 14.22
N THR E 445 -25.68 21.37 14.29
CA THR E 445 -26.79 20.59 13.74
C THR E 445 -28.11 20.91 14.43
N GLU E 446 -28.08 21.29 15.71
CA GLU E 446 -29.30 21.82 16.31
C GLU E 446 -29.76 23.10 15.61
N LEU E 447 -28.81 23.94 15.21
CA LEU E 447 -29.19 25.19 14.55
C LEU E 447 -29.64 25.00 13.11
N LYS E 448 -29.09 24.01 12.41
CA LYS E 448 -29.38 23.91 10.99
C LYS E 448 -30.73 23.29 10.69
N THR E 449 -31.39 22.70 11.66
CA THR E 449 -32.77 22.27 11.44
C THR E 449 -33.76 23.40 11.65
N PHE E 450 -33.29 24.57 12.05
CA PHE E 450 -34.13 25.71 12.37
C PHE E 450 -34.10 26.77 11.29
N ALA E 451 -33.08 26.79 10.44
CA ALA E 451 -32.83 27.87 9.51
C ALA E 451 -33.89 27.96 8.42
N ASN E 452 -33.82 29.05 7.66
CA ASN E 452 -34.76 29.33 6.59
C ASN E 452 -33.99 29.37 5.27
N TYR E 453 -34.27 28.40 4.40
CA TYR E 453 -33.55 28.27 3.14
C TYR E 453 -34.37 28.78 1.97
N SER E 454 -35.09 29.89 2.18
CA SER E 454 -35.96 30.41 1.15
C SER E 454 -35.20 31.03 -0.02
N THR E 455 -33.95 31.40 0.19
CA THR E 455 -33.18 32.09 -0.84
C THR E 455 -32.17 31.20 -1.53
N CYS E 456 -32.06 29.94 -1.13
CA CYS E 456 -31.16 29.00 -1.79
C CYS E 456 -31.93 27.86 -2.45
N ASP E 457 -32.89 27.28 -1.74
CA ASP E 457 -33.68 26.19 -2.26
C ASP E 457 -34.55 26.66 -3.41
N ARG E 458 -34.83 25.74 -4.34
CA ARG E 458 -35.68 26.05 -5.46
C ARG E 458 -36.93 25.19 -5.48
N SER E 459 -36.80 23.88 -5.33
CA SER E 459 -37.90 22.96 -5.44
C SER E 459 -38.42 22.51 -4.09
N ASN E 460 -38.16 23.28 -3.04
CA ASN E 460 -38.60 23.00 -1.67
C ASN E 460 -38.09 21.63 -1.21
N LEU E 461 -36.77 21.47 -1.30
CA LEU E 461 -36.15 20.20 -0.98
C LEU E 461 -36.16 19.94 0.52
N ALA E 462 -36.13 21.02 1.31
CA ALA E 462 -36.24 20.92 2.77
C ALA E 462 -37.44 20.10 3.21
N ASP E 463 -38.62 20.42 2.67
CA ASP E 463 -39.84 19.71 3.03
C ASP E 463 -39.75 18.23 2.68
N TRP E 464 -39.33 17.92 1.46
CA TRP E 464 -39.18 16.51 1.05
C TRP E 464 -38.16 15.78 1.90
N LEU E 465 -37.19 16.47 2.47
CA LEU E 465 -36.29 15.78 3.38
C LEU E 465 -36.95 15.57 4.74
N GLY E 466 -37.46 16.65 5.33
CA GLY E 466 -38.16 16.59 6.61
C GLY E 466 -39.34 15.64 6.66
N SER E 467 -39.87 15.26 5.51
CA SER E 467 -40.94 14.26 5.50
C SER E 467 -40.43 12.89 5.91
N LEU E 468 -39.19 12.56 5.55
CA LEU E 468 -38.63 11.27 5.94
C LEU E 468 -38.38 11.21 7.43
N ASP E 469 -37.75 12.24 7.98
CA ASP E 469 -37.30 12.22 9.36
C ASP E 469 -37.04 13.68 9.72
N PRO E 470 -37.49 14.14 10.88
CA PRO E 470 -37.15 15.50 11.33
C PRO E 470 -35.66 15.76 11.40
N ARG E 471 -34.84 14.75 11.66
CA ARG E 471 -33.41 14.96 11.73
C ARG E 471 -32.75 15.10 10.37
N PHE E 472 -33.49 14.86 9.29
CA PHE E 472 -32.92 14.89 7.95
C PHE E 472 -32.91 16.25 7.31
N ARG E 473 -33.34 17.31 8.00
CA ARG E 473 -33.32 18.61 7.34
C ARG E 473 -31.95 19.24 7.40
N GLN E 474 -31.11 18.79 8.31
CA GLN E 474 -29.80 19.38 8.53
C GLN E 474 -28.87 19.25 7.33
N TYR E 475 -29.19 18.42 6.35
CA TYR E 475 -28.31 18.28 5.21
C TYR E 475 -28.78 19.05 4.00
N THR E 476 -29.88 19.81 4.11
CA THR E 476 -30.48 20.35 2.89
C THR E 476 -29.57 21.35 2.20
N TYR E 477 -28.85 22.18 2.95
CA TYR E 477 -27.97 23.14 2.31
C TYR E 477 -26.83 22.42 1.63
N GLY E 478 -26.37 21.31 2.24
CA GLY E 478 -25.35 20.49 1.61
C GLY E 478 -25.78 19.97 0.26
N LEU E 479 -27.08 19.76 0.08
CA LEU E 479 -27.54 19.32 -1.23
C LEU E 479 -27.70 20.50 -2.16
N VAL E 480 -28.23 21.62 -1.65
CA VAL E 480 -28.59 22.73 -2.53
C VAL E 480 -27.35 23.41 -3.10
N SER E 481 -26.36 23.67 -2.25
CA SER E 481 -25.12 24.29 -2.70
C SER E 481 -24.37 23.44 -3.71
N CYS E 482 -24.61 22.13 -3.74
CA CYS E 482 -24.01 21.31 -4.77
C CYS E 482 -24.81 21.37 -6.06
N GLY E 483 -26.10 21.65 -6.00
CA GLY E 483 -26.91 21.86 -7.18
C GLY E 483 -28.04 20.88 -7.39
N LEU E 484 -28.28 19.92 -6.51
CA LEU E 484 -29.36 18.97 -6.71
C LEU E 484 -30.71 19.59 -6.41
N ASP E 485 -31.76 18.93 -6.89
CA ASP E 485 -33.14 19.30 -6.60
C ASP E 485 -34.03 18.08 -6.83
N ARG E 486 -35.34 18.30 -6.70
CA ARG E 486 -36.27 17.18 -6.74
C ARG E 486 -36.42 16.55 -8.12
N SER E 487 -35.82 17.13 -9.16
CA SER E 487 -35.81 16.50 -10.46
C SER E 487 -34.52 15.75 -10.75
N LEU E 488 -33.47 15.99 -9.98
CA LEU E 488 -32.14 15.47 -10.29
C LEU E 488 -31.64 14.49 -9.25
N LEU E 489 -32.49 14.02 -8.35
CA LEU E 489 -32.03 13.11 -7.32
C LEU E 489 -32.13 11.65 -7.72
N HIS E 490 -32.87 11.34 -8.76
CA HIS E 490 -33.12 9.95 -9.09
C HIS E 490 -31.93 9.26 -9.74
N ARG E 491 -30.82 9.95 -9.94
CA ARG E 491 -29.66 9.34 -10.58
C ARG E 491 -28.37 9.76 -9.89
N VAL E 492 -28.37 9.76 -8.56
CA VAL E 492 -27.17 10.08 -7.81
C VAL E 492 -26.68 8.80 -7.13
N SER E 493 -25.39 8.74 -6.82
CA SER E 493 -24.78 7.55 -6.27
C SER E 493 -24.57 7.71 -4.76
N GLU E 494 -24.00 6.67 -4.16
CA GLU E 494 -23.70 6.72 -2.73
C GLU E 494 -22.36 7.39 -2.48
N GLN E 495 -21.39 7.16 -3.36
CA GLN E 495 -20.11 7.84 -3.24
C GLN E 495 -20.27 9.34 -3.49
N GLN E 496 -21.11 9.71 -4.44
CA GLN E 496 -21.39 11.11 -4.76
C GLN E 496 -22.03 11.88 -3.61
N LEU E 497 -22.44 11.22 -2.54
CA LEU E 497 -22.95 11.87 -1.34
C LEU E 497 -21.95 11.87 -0.22
N LEU E 498 -20.80 11.22 -0.40
CA LEU E 498 -19.86 11.06 0.70
C LEU E 498 -18.97 12.28 0.86
N GLU E 499 -18.60 12.92 -0.24
CA GLU E 499 -17.74 14.09 -0.18
C GLU E 499 -18.32 15.34 -0.81
N ASP E 500 -19.27 15.21 -1.73
CA ASP E 500 -19.82 16.39 -2.35
C ASP E 500 -20.85 17.05 -1.44
N CYS E 501 -21.77 16.27 -0.90
CA CYS E 501 -22.86 16.80 -0.10
C CYS E 501 -22.61 16.71 1.40
N GLY E 502 -21.70 15.86 1.85
CA GLY E 502 -21.28 15.86 3.23
C GLY E 502 -22.17 15.09 4.20
N ILE E 503 -22.71 13.97 3.76
CA ILE E 503 -23.53 13.11 4.60
C ILE E 503 -22.68 11.93 5.03
N HIS E 504 -22.37 11.84 6.32
CA HIS E 504 -21.38 10.89 6.79
C HIS E 504 -21.97 9.55 7.20
N LEU E 505 -23.08 9.55 7.92
CA LEU E 505 -23.66 8.31 8.42
C LEU E 505 -24.20 7.48 7.28
N GLY E 506 -23.73 6.23 7.19
CA GLY E 506 -24.09 5.38 6.07
C GLY E 506 -25.57 5.05 6.01
N VAL E 507 -26.18 4.89 7.18
CA VAL E 507 -27.62 4.63 7.25
C VAL E 507 -28.41 5.78 6.61
N HIS E 508 -28.00 7.02 6.87
CA HIS E 508 -28.70 8.16 6.32
C HIS E 508 -28.57 8.22 4.81
N ARG E 509 -27.35 8.00 4.29
CA ARG E 509 -27.16 7.90 2.84
C ARG E 509 -28.03 6.80 2.24
N ALA E 510 -28.07 5.64 2.90
CA ALA E 510 -28.84 4.53 2.37
C ALA E 510 -30.32 4.85 2.32
N ARG E 511 -30.85 5.51 3.36
CA ARG E 511 -32.27 5.84 3.33
C ARG E 511 -32.58 6.93 2.31
N ILE E 512 -31.69 7.91 2.17
CA ILE E 512 -31.92 8.95 1.18
C ILE E 512 -31.93 8.35 -0.23
N LEU E 513 -30.99 7.46 -0.51
CA LEU E 513 -30.94 6.83 -1.83
C LEU E 513 -32.16 5.96 -2.08
N THR E 514 -32.55 5.13 -1.09
CA THR E 514 -33.67 4.24 -1.33
C THR E 514 -35.00 4.98 -1.38
N ALA E 515 -35.10 6.16 -0.75
CA ALA E 515 -36.33 6.91 -0.84
C ALA E 515 -36.38 7.81 -2.06
N ALA E 516 -35.24 8.18 -2.62
CA ALA E 516 -35.23 9.01 -3.81
C ALA E 516 -35.33 8.19 -5.08
N ARG E 517 -34.62 7.06 -5.13
CA ARG E 517 -34.61 6.20 -6.30
C ARG E 517 -36.00 5.64 -6.61
N GLU E 518 -36.84 5.47 -5.58
CA GLU E 518 -38.23 5.15 -5.83
C GLU E 518 -38.94 6.29 -6.53
N MET E 519 -38.78 7.51 -6.02
CA MET E 519 -39.46 8.67 -6.56
C MET E 519 -38.86 9.10 -7.88
N LEU E 520 -39.42 8.61 -8.98
CA LEU E 520 -39.18 9.23 -10.28
C LEU E 520 -40.30 10.21 -10.57
N HIS E 521 -41.53 9.72 -10.63
CA HIS E 521 -42.72 10.57 -10.58
C HIS E 521 -43.83 9.90 -9.78
N SER E 522 -43.49 8.95 -8.89
CA SER E 522 -44.53 8.15 -8.24
C SER E 522 -45.32 8.95 -7.19
N PRO E 523 -44.70 9.72 -6.28
CA PRO E 523 -45.61 10.53 -5.46
C PRO E 523 -45.96 11.86 -6.11
N THR E 535 -47.92 36.40 -28.38
CA THR E 535 -49.01 37.28 -28.79
C THR E 535 -50.12 37.27 -27.75
N PRO E 536 -50.55 38.47 -27.32
CA PRO E 536 -51.63 38.56 -26.34
C PRO E 536 -52.96 38.16 -26.96
N ASP E 537 -53.97 38.07 -26.10
CA ASP E 537 -55.31 37.70 -26.52
C ASP E 537 -56.21 38.91 -26.73
N VAL E 538 -56.28 39.80 -25.75
CA VAL E 538 -57.09 41.00 -25.85
C VAL E 538 -56.19 42.22 -25.62
N PHE E 539 -56.70 43.38 -25.99
CA PHE E 539 -55.96 44.64 -25.87
C PHE E 539 -56.85 45.66 -25.16
N ILE E 540 -56.22 46.64 -24.53
CA ILE E 540 -56.93 47.65 -23.74
C ILE E 540 -56.36 49.03 -24.06
N SER E 541 -57.16 49.88 -24.68
CA SER E 541 -56.77 51.24 -24.99
C SER E 541 -57.38 52.20 -23.99
N TYR E 542 -56.63 53.25 -23.64
CA TYR E 542 -57.03 54.13 -22.57
C TYR E 542 -56.27 55.44 -22.68
N ARG E 543 -56.88 56.50 -22.18
CA ARG E 543 -56.25 57.81 -22.18
C ARG E 543 -55.10 57.83 -21.18
N ARG E 544 -53.98 58.44 -21.58
CA ARG E 544 -52.81 58.47 -20.71
C ARG E 544 -53.00 59.40 -19.51
N ASN E 545 -53.81 60.45 -19.67
CA ASN E 545 -53.98 61.42 -18.61
C ASN E 545 -54.88 60.87 -17.51
N SER E 546 -56.14 60.62 -17.84
CA SER E 546 -57.11 60.09 -16.89
C SER E 546 -57.52 58.68 -17.30
N GLY E 547 -58.09 57.96 -16.34
CA GLY E 547 -58.48 56.59 -16.59
C GLY E 547 -57.37 55.59 -16.46
N SER E 548 -56.26 55.95 -15.81
CA SER E 548 -55.20 54.98 -15.54
C SER E 548 -55.68 53.91 -14.57
N GLN E 549 -56.41 54.32 -13.53
CA GLN E 549 -56.79 53.41 -12.45
C GLN E 549 -57.71 52.32 -12.94
N LEU E 550 -58.79 52.69 -13.65
CA LEU E 550 -59.72 51.68 -14.11
C LEU E 550 -59.13 50.85 -15.22
N ALA E 551 -58.07 51.32 -15.87
CA ALA E 551 -57.41 50.50 -16.87
C ALA E 551 -56.59 49.41 -16.20
N SER E 552 -55.76 49.79 -15.22
CA SER E 552 -55.04 48.81 -14.42
C SER E 552 -55.98 47.80 -13.78
N LEU E 553 -57.08 48.28 -13.21
CA LEU E 553 -57.97 47.41 -12.46
C LEU E 553 -58.73 46.48 -13.39
N LEU E 554 -59.10 46.94 -14.58
CA LEU E 554 -59.69 46.04 -15.55
C LEU E 554 -58.69 45.00 -16.02
N LYS E 555 -57.41 45.39 -16.15
CA LYS E 555 -56.37 44.43 -16.52
C LYS E 555 -56.28 43.30 -15.50
N VAL E 556 -56.22 43.64 -14.21
CA VAL E 556 -56.06 42.57 -13.22
C VAL E 556 -57.36 41.76 -13.10
N HIS E 557 -58.52 42.39 -13.29
CA HIS E 557 -59.78 41.66 -13.18
C HIS E 557 -59.96 40.71 -14.36
N LEU E 558 -59.44 41.06 -15.53
CA LEU E 558 -59.49 40.12 -16.65
C LEU E 558 -58.44 39.03 -16.50
N GLN E 559 -57.24 39.39 -16.03
CA GLN E 559 -56.16 38.42 -15.96
C GLN E 559 -56.42 37.36 -14.90
N LEU E 560 -57.18 37.70 -13.85
CA LEU E 560 -57.46 36.72 -12.82
C LEU E 560 -58.46 35.65 -13.26
N HIS E 561 -59.12 35.81 -14.40
CA HIS E 561 -60.08 34.82 -14.89
C HIS E 561 -59.52 33.96 -16.01
N GLY E 562 -58.27 34.15 -16.40
CA GLY E 562 -57.64 33.28 -17.36
C GLY E 562 -57.46 33.84 -18.76
N PHE E 563 -57.61 35.15 -18.94
CA PHE E 563 -57.42 35.78 -20.23
C PHE E 563 -56.15 36.61 -20.20
N SER E 564 -55.29 36.43 -21.19
CA SER E 564 -54.10 37.25 -21.30
C SER E 564 -54.45 38.62 -21.86
N VAL E 565 -53.66 39.62 -21.50
CA VAL E 565 -53.96 41.00 -21.82
C VAL E 565 -52.69 41.84 -21.80
N PHE E 566 -52.51 42.68 -22.81
CA PHE E 566 -51.33 43.51 -22.92
C PHE E 566 -51.78 44.97 -22.86
N ILE E 567 -51.17 45.75 -21.99
CA ILE E 567 -51.53 47.15 -21.81
C ILE E 567 -50.32 48.02 -22.15
N ASP E 568 -50.58 49.24 -22.58
CA ASP E 568 -49.51 50.19 -22.87
C ASP E 568 -48.78 50.55 -21.58
N VAL E 569 -47.45 50.44 -21.61
CA VAL E 569 -46.61 50.71 -20.45
C VAL E 569 -45.55 51.72 -20.88
N GLU E 570 -45.84 53.01 -20.67
CA GLU E 570 -44.95 54.18 -20.82
C GLU E 570 -44.07 54.18 -22.07
N LYS E 571 -44.69 54.27 -23.25
CA LYS E 571 -43.95 54.31 -24.51
C LYS E 571 -43.61 55.73 -24.95
N LEU E 572 -44.35 56.74 -24.49
CA LEU E 572 -44.24 58.10 -25.00
C LEU E 572 -42.88 58.72 -24.65
N GLU E 573 -42.62 59.88 -25.28
CA GLU E 573 -41.35 60.63 -25.19
C GLU E 573 -40.16 59.79 -25.66
N ALA E 574 -40.40 58.89 -26.60
CA ALA E 574 -39.37 58.02 -27.17
C ALA E 574 -39.67 57.90 -28.66
N GLY E 575 -39.12 56.87 -29.30
CA GLY E 575 -39.62 56.47 -30.61
C GLY E 575 -41.07 56.04 -30.50
N LYS E 576 -41.97 56.73 -31.20
CA LYS E 576 -43.40 56.57 -30.98
C LYS E 576 -44.13 55.96 -32.17
N PHE E 577 -43.57 56.01 -33.37
CA PHE E 577 -44.26 55.65 -34.60
C PHE E 577 -43.67 54.34 -35.12
N GLU E 578 -44.55 53.36 -35.38
CA GLU E 578 -44.17 52.01 -35.81
C GLU E 578 -43.24 51.33 -34.81
N ASP E 579 -43.36 51.67 -33.53
CA ASP E 579 -42.44 51.18 -32.51
C ASP E 579 -43.05 49.97 -31.80
N LYS E 580 -43.24 48.90 -32.58
CA LYS E 580 -43.64 47.57 -32.13
C LYS E 580 -44.97 47.57 -31.37
N LEU E 581 -45.83 48.55 -31.61
CA LEU E 581 -47.14 48.60 -30.99
C LEU E 581 -48.28 48.44 -31.97
N ILE E 582 -48.01 48.40 -33.27
CA ILE E 582 -49.07 48.37 -34.26
C ILE E 582 -49.44 46.94 -34.63
N GLN E 583 -48.51 45.98 -34.49
CA GLN E 583 -48.90 44.59 -34.69
C GLN E 583 -49.70 44.06 -33.50
N SER E 584 -49.35 44.49 -32.29
CA SER E 584 -50.09 44.16 -31.07
C SER E 584 -51.59 44.41 -31.21
N VAL E 585 -51.97 45.52 -31.85
CA VAL E 585 -53.37 45.95 -31.82
C VAL E 585 -54.16 45.25 -32.92
N MET E 586 -53.47 44.64 -33.88
CA MET E 586 -54.12 43.85 -34.92
C MET E 586 -54.06 42.37 -34.65
N GLY E 587 -53.12 41.93 -33.83
CA GLY E 587 -53.01 40.55 -33.42
C GLY E 587 -53.71 40.22 -32.12
N ALA E 588 -54.46 41.16 -31.57
CA ALA E 588 -55.26 40.93 -30.37
C ALA E 588 -56.70 40.68 -30.78
N ARG E 589 -57.32 39.66 -30.17
CA ARG E 589 -58.64 39.21 -30.62
C ARG E 589 -59.73 40.23 -30.31
N ASN E 590 -59.72 40.80 -29.10
CA ASN E 590 -60.79 41.70 -28.66
C ASN E 590 -60.21 43.02 -28.21
N PHE E 591 -60.97 44.10 -28.45
CA PHE E 591 -60.53 45.45 -28.20
C PHE E 591 -61.43 46.12 -27.17
N VAL E 592 -60.82 46.92 -26.28
CA VAL E 592 -61.50 47.55 -25.15
C VAL E 592 -61.16 49.04 -25.14
N LEU E 593 -62.11 49.87 -24.69
CA LEU E 593 -61.98 51.32 -24.75
C LEU E 593 -62.43 51.92 -23.44
N VAL E 594 -61.65 52.86 -22.92
CA VAL E 594 -61.88 53.44 -21.59
C VAL E 594 -62.37 54.86 -21.76
N LEU E 595 -63.61 55.12 -21.36
CA LEU E 595 -64.24 56.42 -21.54
C LEU E 595 -64.22 57.16 -20.21
N SER E 596 -63.10 57.82 -19.94
CA SER E 596 -62.98 58.64 -18.75
C SER E 596 -63.76 59.94 -18.95
N PRO E 597 -64.15 60.61 -17.87
CA PRO E 597 -64.70 61.97 -18.00
C PRO E 597 -63.69 62.93 -18.62
N GLY E 598 -64.04 63.46 -19.79
CA GLY E 598 -63.17 64.36 -20.51
C GLY E 598 -61.99 63.66 -21.14
N ALA E 599 -62.22 62.51 -21.77
CA ALA E 599 -61.17 61.74 -22.39
C ALA E 599 -61.18 61.79 -23.91
N LEU E 600 -62.24 62.30 -24.52
CA LEU E 600 -62.35 62.38 -25.98
C LEU E 600 -62.26 63.81 -26.49
N ASP E 601 -61.79 64.75 -25.66
CA ASP E 601 -61.73 66.14 -26.08
C ASP E 601 -60.54 66.43 -26.98
N LYS E 602 -59.41 65.72 -26.78
CA LYS E 602 -58.19 66.04 -27.50
C LYS E 602 -58.24 65.57 -28.95
N CYS E 603 -59.02 64.53 -29.26
CA CYS E 603 -59.16 64.05 -30.63
C CYS E 603 -60.29 64.75 -31.38
N MET E 604 -60.89 65.78 -30.79
CA MET E 604 -61.98 66.50 -31.45
C MET E 604 -61.42 67.34 -32.59
N GLN E 605 -61.55 66.83 -33.81
CA GLN E 605 -61.15 67.50 -35.05
C GLN E 605 -59.66 67.83 -35.07
N ASP E 606 -58.85 66.80 -34.95
CA ASP E 606 -57.44 66.95 -35.24
C ASP E 606 -56.92 65.91 -36.23
N HIS E 607 -57.43 64.67 -36.14
CA HIS E 607 -57.17 63.55 -37.07
C HIS E 607 -55.68 63.38 -37.41
N ASP E 608 -54.83 63.54 -36.40
CA ASP E 608 -53.40 63.39 -36.54
C ASP E 608 -52.90 62.30 -35.59
N CYS E 609 -51.58 62.12 -35.56
CA CYS E 609 -50.99 61.12 -34.69
C CYS E 609 -50.73 61.66 -33.28
N LYS E 610 -50.93 62.95 -33.04
CA LYS E 610 -50.76 63.49 -31.70
C LYS E 610 -51.87 63.01 -30.76
N ASP E 611 -53.06 62.76 -31.29
CA ASP E 611 -54.09 62.04 -30.55
C ASP E 611 -53.68 60.59 -30.44
N TRP E 612 -53.14 60.21 -29.28
CA TRP E 612 -52.56 58.89 -29.10
C TRP E 612 -53.60 57.79 -29.04
N VAL E 613 -54.89 58.14 -28.91
CA VAL E 613 -55.96 57.15 -28.81
C VAL E 613 -56.63 56.88 -30.16
N HIS E 614 -56.19 57.55 -31.22
CA HIS E 614 -56.91 57.53 -32.50
C HIS E 614 -56.52 56.32 -33.35
N LYS E 615 -55.20 56.10 -33.49
CA LYS E 615 -54.64 55.06 -34.34
C LYS E 615 -55.21 53.67 -34.04
N GLU E 616 -55.20 53.28 -32.77
CA GLU E 616 -55.79 52.01 -32.34
C GLU E 616 -57.21 51.84 -32.83
N ILE E 617 -58.04 52.89 -32.70
CA ILE E 617 -59.40 52.85 -33.26
C ILE E 617 -59.36 52.56 -34.75
N VAL E 618 -58.60 53.37 -35.50
CA VAL E 618 -58.57 53.23 -36.96
C VAL E 618 -58.03 51.88 -37.42
N THR E 619 -57.32 51.16 -36.56
CA THR E 619 -56.79 49.86 -36.97
C THR E 619 -57.64 48.69 -36.49
N ALA E 620 -58.03 48.68 -35.21
CA ALA E 620 -59.01 47.72 -34.70
C ALA E 620 -60.33 47.74 -35.49
N LEU E 621 -60.73 48.90 -36.01
CA LEU E 621 -61.95 48.95 -36.79
C LEU E 621 -61.72 48.43 -38.20
N SER E 622 -60.51 48.62 -38.74
CA SER E 622 -60.16 48.05 -40.03
C SER E 622 -60.16 46.53 -39.97
N CYS E 623 -59.56 45.95 -38.93
CA CYS E 623 -59.60 44.51 -38.75
C CYS E 623 -61.03 44.01 -38.55
N GLY E 624 -61.83 44.71 -37.75
CA GLY E 624 -63.22 44.35 -37.58
C GLY E 624 -63.49 43.43 -36.40
N LYS E 625 -62.91 43.75 -35.25
CA LYS E 625 -63.04 42.92 -34.06
C LYS E 625 -64.01 43.59 -33.07
N ASN E 626 -64.23 42.92 -31.95
CA ASN E 626 -65.19 43.38 -30.96
C ASN E 626 -64.60 44.53 -30.16
N ILE E 627 -65.24 45.69 -30.22
CA ILE E 627 -64.82 46.87 -29.49
C ILE E 627 -65.87 47.17 -28.42
N VAL E 628 -65.58 46.82 -27.18
CA VAL E 628 -66.47 47.06 -26.05
C VAL E 628 -66.09 48.40 -25.40
N PRO E 629 -66.96 49.40 -25.44
CA PRO E 629 -66.72 50.63 -24.67
C PRO E 629 -67.15 50.47 -23.22
N ILE E 630 -66.42 51.15 -22.33
CA ILE E 630 -66.73 51.15 -20.90
C ILE E 630 -67.31 52.52 -20.58
N ILE E 631 -68.56 52.56 -20.17
CA ILE E 631 -69.25 53.81 -19.88
C ILE E 631 -69.07 54.12 -18.40
N ASP E 632 -68.40 55.23 -18.10
CA ASP E 632 -68.19 55.65 -16.72
C ASP E 632 -68.04 57.16 -16.66
N GLY E 633 -68.96 57.82 -15.95
CA GLY E 633 -68.88 59.24 -15.72
C GLY E 633 -69.02 60.12 -16.93
N PHE E 634 -69.41 59.58 -18.09
CA PHE E 634 -69.50 60.37 -19.31
C PHE E 634 -70.40 59.67 -20.31
N GLU E 635 -71.16 60.46 -21.06
CA GLU E 635 -72.02 59.98 -22.13
C GLU E 635 -71.58 60.60 -23.45
N TRP E 636 -72.17 60.10 -24.54
CA TRP E 636 -71.66 60.40 -25.86
C TRP E 636 -72.00 61.83 -26.29
N PRO E 637 -71.15 62.45 -27.12
CA PRO E 637 -71.43 63.82 -27.60
C PRO E 637 -72.23 63.83 -28.90
N GLU E 638 -72.42 65.04 -29.46
CA GLU E 638 -73.00 65.17 -30.78
C GLU E 638 -72.05 64.62 -31.85
N PRO E 639 -72.58 64.13 -33.00
CA PRO E 639 -71.71 63.43 -33.95
C PRO E 639 -70.91 64.33 -34.88
N GLN E 640 -70.83 65.62 -34.57
CA GLN E 640 -70.05 66.56 -35.38
C GLN E 640 -68.69 66.85 -34.79
N VAL E 641 -68.37 66.32 -33.61
CA VAL E 641 -67.11 66.62 -32.95
C VAL E 641 -66.08 65.54 -33.29
N LEU E 642 -66.36 64.72 -34.28
CA LEU E 642 -65.45 63.64 -34.66
C LEU E 642 -65.48 63.47 -36.17
N PRO E 643 -64.35 63.06 -36.77
CA PRO E 643 -64.28 63.00 -38.24
C PRO E 643 -65.08 61.85 -38.85
N GLU E 644 -64.98 61.72 -40.19
CA GLU E 644 -65.81 60.76 -40.92
C GLU E 644 -65.46 59.33 -40.59
N ASP E 645 -64.19 59.06 -40.24
CA ASP E 645 -63.81 57.73 -39.81
C ASP E 645 -64.21 57.45 -38.37
N MET E 646 -64.66 58.46 -37.62
CA MET E 646 -64.97 58.31 -36.22
C MET E 646 -66.45 58.50 -35.92
N GLN E 647 -67.30 58.34 -36.92
CA GLN E 647 -68.75 58.37 -36.71
C GLN E 647 -69.28 57.06 -36.14
N ALA E 648 -68.52 55.97 -36.26
CA ALA E 648 -69.01 54.67 -35.83
C ALA E 648 -68.95 54.52 -34.32
N VAL E 649 -67.88 55.03 -33.69
CA VAL E 649 -67.66 54.84 -32.25
C VAL E 649 -68.71 55.59 -31.44
N LEU E 650 -69.21 56.72 -31.97
CA LEU E 650 -70.27 57.48 -31.31
C LEU E 650 -71.57 56.69 -31.18
N THR E 651 -71.76 55.67 -32.03
CA THR E 651 -73.00 54.92 -32.07
C THR E 651 -72.97 53.65 -31.23
N PHE E 652 -71.78 53.17 -30.85
CA PHE E 652 -71.69 51.93 -30.10
C PHE E 652 -72.17 52.11 -28.67
N ASN E 653 -72.53 51.00 -28.05
CA ASN E 653 -72.97 50.96 -26.66
C ASN E 653 -72.16 49.92 -25.92
N GLY E 654 -71.98 50.14 -24.61
CA GLY E 654 -71.18 49.23 -23.82
C GLY E 654 -71.63 49.08 -22.39
N ILE E 655 -70.73 48.60 -21.54
CA ILE E 655 -71.06 48.33 -20.15
C ILE E 655 -70.94 49.61 -19.33
N LYS E 656 -71.82 49.76 -18.34
CA LYS E 656 -71.80 50.89 -17.42
C LYS E 656 -71.11 50.45 -16.13
N TRP E 657 -69.90 50.96 -15.91
CA TRP E 657 -69.10 50.54 -14.77
C TRP E 657 -69.64 51.15 -13.48
N SER E 658 -69.54 50.39 -12.40
CA SER E 658 -69.94 50.85 -11.08
C SER E 658 -68.90 50.43 -10.06
N HIS E 659 -68.72 51.27 -9.04
CA HIS E 659 -67.72 51.04 -8.00
C HIS E 659 -68.30 50.33 -6.78
N GLU E 660 -69.41 49.63 -6.94
CA GLU E 660 -70.05 48.91 -5.83
C GLU E 660 -70.17 47.42 -6.08
N TYR E 661 -70.54 47.03 -7.30
CA TYR E 661 -70.72 45.61 -7.64
C TYR E 661 -69.77 45.24 -8.75
N GLN E 662 -68.49 45.58 -8.57
CA GLN E 662 -67.45 45.36 -9.58
C GLN E 662 -67.41 43.92 -10.07
N GLU E 663 -67.63 42.97 -9.17
CA GLU E 663 -67.58 41.56 -9.55
C GLU E 663 -68.68 41.21 -10.54
N ALA E 664 -69.89 41.75 -10.33
CA ALA E 664 -70.98 41.54 -11.28
C ALA E 664 -70.66 42.16 -12.63
N THR E 665 -70.04 43.35 -12.61
CA THR E 665 -69.68 44.03 -13.85
C THR E 665 -68.66 43.21 -14.64
N ILE E 666 -67.74 42.54 -13.94
CA ILE E 666 -66.78 41.68 -14.62
C ILE E 666 -67.47 40.43 -15.16
N GLU E 667 -68.34 39.83 -14.34
CA GLU E 667 -69.14 38.68 -14.78
C GLU E 667 -69.98 38.99 -16.01
N LYS E 668 -70.31 40.26 -16.23
CA LYS E 668 -71.08 40.63 -17.39
C LYS E 668 -70.21 41.04 -18.57
N ILE E 669 -69.04 41.64 -18.29
CA ILE E 669 -68.15 42.04 -19.37
C ILE E 669 -67.44 40.86 -20.00
N ILE E 670 -67.37 39.71 -19.30
CA ILE E 670 -66.78 38.51 -19.91
C ILE E 670 -67.57 38.10 -21.15
N ARG E 671 -68.90 38.08 -21.05
CA ARG E 671 -69.75 37.64 -22.15
C ARG E 671 -69.68 38.59 -23.35
N PHE E 672 -69.49 39.89 -23.10
CA PHE E 672 -69.49 40.87 -24.19
C PHE E 672 -68.27 40.79 -25.09
N LEU E 673 -67.24 40.04 -24.69
CA LEU E 673 -66.10 39.79 -25.57
C LEU E 673 -66.46 38.69 -26.55
N GLN E 674 -65.46 38.15 -27.23
CA GLN E 674 -65.61 36.92 -27.98
C GLN E 674 -65.41 35.69 -27.12
N GLY E 675 -65.63 35.81 -25.80
CA GLY E 675 -65.38 34.72 -24.86
C GLY E 675 -66.07 33.42 -25.22
N ARG E 676 -67.25 33.51 -25.84
CA ARG E 676 -67.94 32.33 -26.36
C ARG E 676 -67.06 31.57 -27.37
N SER E 677 -66.34 32.30 -28.23
CA SER E 677 -65.48 31.67 -29.24
C SER E 677 -64.06 32.23 -29.22
N SER E 678 -63.49 32.47 -28.04
CA SER E 678 -62.12 32.97 -28.01
C SER E 678 -61.10 31.86 -28.21
N ARG E 679 -59.86 32.29 -28.40
CA ARG E 679 -58.66 31.44 -28.41
C ARG E 679 -58.72 30.34 -29.46
N GLY F 30 -32.82 72.01 24.35
CA GLY F 30 -33.52 71.80 25.59
C GLY F 30 -34.18 70.44 25.67
N ALA F 31 -33.90 69.61 24.67
CA ALA F 31 -34.46 68.26 24.63
C ALA F 31 -33.93 67.40 25.77
N GLY F 32 -32.64 67.51 26.08
CA GLY F 32 -32.08 66.83 27.24
C GLY F 32 -32.53 67.39 28.57
N THR F 33 -33.21 68.52 28.57
CA THR F 33 -33.82 69.09 29.77
C THR F 33 -35.30 68.79 29.86
N GLU F 34 -36.02 68.77 28.73
CA GLU F 34 -37.46 68.72 28.73
C GLU F 34 -38.01 67.31 28.97
N VAL F 35 -37.12 66.31 29.11
CA VAL F 35 -37.54 64.93 29.37
C VAL F 35 -38.31 64.81 30.68
N GLN F 36 -38.14 65.76 31.59
CA GLN F 36 -39.03 65.91 32.74
C GLN F 36 -40.11 66.95 32.51
N ASP F 37 -39.84 67.95 31.66
CA ASP F 37 -40.70 69.12 31.57
C ASP F 37 -41.89 68.91 30.64
N ALA F 38 -41.69 68.20 29.53
CA ALA F 38 -42.80 67.94 28.62
C ALA F 38 -43.79 66.96 29.24
N LEU F 39 -43.30 65.97 29.98
CA LEU F 39 -44.18 65.03 30.65
C LEU F 39 -44.83 65.63 31.90
N GLU F 40 -44.29 66.72 32.44
CA GLU F 40 -44.93 67.40 33.56
C GLU F 40 -45.92 68.46 33.12
N ARG F 41 -46.32 68.47 31.85
CA ARG F 41 -47.36 69.37 31.40
C ARG F 41 -48.40 68.68 30.53
N ALA F 42 -48.25 67.39 30.25
CA ALA F 42 -49.19 66.64 29.43
C ALA F 42 -50.00 65.64 30.24
N LEU F 43 -49.32 64.76 30.97
CA LEU F 43 -49.98 63.94 32.00
C LEU F 43 -50.85 64.70 32.99
N PRO F 44 -50.50 65.95 33.48
CA PRO F 44 -51.43 66.72 34.33
C PRO F 44 -52.91 66.75 33.95
N GLU F 45 -53.25 66.80 32.67
CA GLU F 45 -54.64 66.98 32.26
C GLU F 45 -55.28 65.68 31.79
N LEU F 46 -54.60 64.99 30.87
CA LEU F 46 -55.10 63.70 30.41
C LEU F 46 -55.19 62.67 31.52
N GLN F 47 -54.28 62.72 32.50
CA GLN F 47 -54.28 61.80 33.64
C GLN F 47 -55.63 61.71 34.33
N GLN F 48 -56.42 62.78 34.31
CA GLN F 48 -57.80 62.71 34.75
C GLN F 48 -58.77 62.54 33.59
N ALA F 49 -58.52 63.17 32.44
CA ALA F 49 -59.52 63.17 31.37
C ALA F 49 -59.74 61.81 30.74
N LEU F 50 -58.69 60.97 30.65
CA LEU F 50 -58.80 59.60 30.15
C LEU F 50 -59.84 58.76 30.88
N SER F 51 -60.06 58.99 32.16
CA SER F 51 -61.13 58.30 32.88
C SER F 51 -62.25 59.21 33.33
N ALA F 52 -62.17 60.51 33.05
CA ALA F 52 -63.23 61.46 33.38
C ALA F 52 -64.58 60.99 32.85
N LEU F 53 -64.58 60.42 31.65
CA LEU F 53 -65.79 59.85 31.05
C LEU F 53 -65.41 58.44 30.64
N LYS F 54 -65.50 57.52 31.59
CA LYS F 54 -65.07 56.13 31.46
C LYS F 54 -66.20 55.15 31.70
N GLN F 55 -67.09 55.45 32.64
CA GLN F 55 -68.25 54.65 32.94
C GLN F 55 -69.51 55.14 32.25
N ALA F 56 -69.48 56.34 31.68
CA ALA F 56 -70.66 56.93 31.07
C ALA F 56 -71.03 56.17 29.80
N GLY F 57 -72.26 55.68 29.74
CA GLY F 57 -72.75 54.99 28.57
C GLY F 57 -73.45 55.92 27.58
N GLY F 58 -73.15 57.20 27.68
CA GLY F 58 -73.73 58.16 26.76
C GLY F 58 -73.25 57.92 25.33
N ALA F 59 -74.19 58.04 24.39
CA ALA F 59 -73.86 57.87 22.98
C ALA F 59 -72.93 59.00 22.52
N ARG F 60 -73.31 60.24 22.78
CA ARG F 60 -72.54 61.40 22.37
C ARG F 60 -71.53 61.83 23.41
N ALA F 61 -71.49 61.17 24.55
CA ALA F 61 -70.58 61.58 25.62
C ALA F 61 -69.17 61.03 25.40
N VAL F 62 -69.07 59.82 24.85
CA VAL F 62 -67.77 59.18 24.66
C VAL F 62 -66.92 59.97 23.66
N GLY F 63 -67.58 60.49 22.62
CA GLY F 63 -66.88 61.16 21.52
C GLY F 63 -66.04 62.35 21.96
N ALA F 64 -66.49 63.07 22.99
CA ALA F 64 -65.78 64.27 23.40
C ALA F 64 -64.43 63.93 24.02
N GLY F 65 -64.43 63.02 24.99
CA GLY F 65 -63.17 62.54 25.55
C GLY F 65 -62.28 61.89 24.52
N LEU F 66 -62.87 61.14 23.59
CA LEU F 66 -62.10 60.54 22.49
C LEU F 66 -61.38 61.61 21.68
N ALA F 67 -62.12 62.63 21.23
CA ALA F 67 -61.54 63.73 20.47
C ALA F 67 -60.46 64.46 21.27
N GLU F 68 -60.69 64.65 22.58
CA GLU F 68 -59.72 65.29 23.45
C GLU F 68 -58.39 64.53 23.44
N VAL F 69 -58.44 63.22 23.69
CA VAL F 69 -57.22 62.41 23.73
C VAL F 69 -56.55 62.38 22.36
N PHE F 70 -57.35 62.25 21.29
CA PHE F 70 -56.83 62.28 19.93
C PHE F 70 -56.10 63.59 19.64
N GLN F 71 -56.64 64.71 20.13
CA GLN F 71 -55.96 65.98 19.98
C GLN F 71 -54.61 65.96 20.70
N LEU F 72 -54.57 65.44 21.93
CA LEU F 72 -53.30 65.40 22.66
C LEU F 72 -52.25 64.54 21.95
N VAL F 73 -52.63 63.34 21.49
CA VAL F 73 -51.66 62.54 20.78
C VAL F 73 -51.29 63.15 19.42
N GLU F 74 -52.14 63.99 18.85
CA GLU F 74 -51.71 64.74 17.67
C GLU F 74 -50.94 66.00 18.04
N GLU F 75 -50.84 66.31 19.33
CA GLU F 75 -50.03 67.43 19.80
C GLU F 75 -48.62 66.97 20.11
N ALA F 76 -48.49 65.80 20.75
CA ALA F 76 -47.19 65.24 21.07
C ALA F 76 -46.31 65.08 19.84
N TRP F 77 -46.87 64.48 18.78
CA TRP F 77 -46.11 64.29 17.55
C TRP F 77 -45.84 65.60 16.80
N LEU F 78 -46.62 66.65 17.09
CA LEU F 78 -46.63 67.81 16.21
C LEU F 78 -45.35 68.63 16.33
N LEU F 79 -44.97 69.02 17.53
CA LEU F 79 -43.86 69.96 17.70
C LEU F 79 -42.56 69.22 17.41
N PRO F 80 -41.75 69.69 16.46
CA PRO F 80 -40.57 68.92 16.06
C PRO F 80 -39.46 68.97 17.10
N ALA F 81 -38.56 67.98 16.99
CA ALA F 81 -37.37 67.78 17.82
C ALA F 81 -37.69 67.48 19.28
N VAL F 82 -38.97 67.34 19.63
CA VAL F 82 -39.36 67.01 21.00
C VAL F 82 -40.32 65.84 20.98
N GLY F 83 -40.83 65.48 19.79
CA GLY F 83 -41.99 64.61 19.79
C GLY F 83 -41.72 63.13 20.03
N ARG F 84 -40.47 62.70 19.97
CA ARG F 84 -40.17 61.28 20.10
C ARG F 84 -40.36 60.80 21.53
N GLU F 85 -39.71 61.48 22.49
CA GLU F 85 -39.81 61.00 23.86
C GLU F 85 -41.16 61.37 24.47
N VAL F 86 -41.66 62.57 24.19
CA VAL F 86 -42.97 62.98 24.68
C VAL F 86 -44.06 62.07 24.11
N ALA F 87 -43.85 61.48 22.93
CA ALA F 87 -44.83 60.54 22.42
C ALA F 87 -44.67 59.17 23.07
N GLN F 88 -43.43 58.68 23.21
CA GLN F 88 -43.24 57.31 23.65
C GLN F 88 -43.55 57.14 25.13
N GLY F 89 -43.12 58.09 25.96
CA GLY F 89 -43.43 58.00 27.37
C GLY F 89 -44.91 58.19 27.65
N LEU F 90 -45.56 59.09 26.89
CA LEU F 90 -47.00 59.26 27.00
C LEU F 90 -47.75 57.98 26.65
N CYS F 91 -47.35 57.33 25.56
CA CYS F 91 -48.00 56.08 25.17
C CYS F 91 -47.79 55.01 26.22
N ASP F 92 -46.58 54.93 26.78
CA ASP F 92 -46.33 53.99 27.87
C ASP F 92 -47.20 54.29 29.09
N ALA F 93 -47.44 55.56 29.38
CA ALA F 93 -48.31 55.89 30.51
C ALA F 93 -49.76 55.52 30.23
N ILE F 94 -50.21 55.69 28.99
CA ILE F 94 -51.56 55.24 28.61
C ILE F 94 -51.64 53.72 28.70
N ARG F 95 -50.53 53.03 28.46
CA ARG F 95 -50.55 51.58 28.65
C ARG F 95 -50.65 51.24 30.13
N LEU F 96 -49.85 51.90 30.96
CA LEU F 96 -49.76 51.56 32.38
C LEU F 96 -50.98 51.99 33.18
N ASP F 97 -51.85 52.80 32.59
CA ASP F 97 -53.01 53.40 33.34
C ASP F 97 -54.24 52.48 33.27
N GLY F 98 -54.18 51.44 32.44
CA GLY F 98 -55.28 50.51 32.33
C GLY F 98 -56.37 51.01 31.41
N GLY F 99 -55.97 51.55 30.25
CA GLY F 99 -56.92 52.10 29.30
C GLY F 99 -57.06 51.35 28.01
N LEU F 100 -56.17 50.38 27.78
CA LEU F 100 -56.27 49.55 26.58
C LEU F 100 -57.53 48.71 26.61
N ASP F 101 -57.89 48.18 27.78
CA ASP F 101 -59.11 47.40 27.90
C ASP F 101 -60.33 48.26 27.61
N LEU F 102 -60.28 49.55 27.92
CA LEU F 102 -61.38 50.45 27.58
C LEU F 102 -61.57 50.55 26.07
N LEU F 103 -60.46 50.69 25.35
CA LEU F 103 -60.52 50.71 23.89
C LEU F 103 -61.02 49.39 23.35
N LEU F 104 -60.54 48.27 23.90
CA LEU F 104 -60.98 46.97 23.41
C LEU F 104 -62.44 46.71 23.71
N ARG F 105 -62.99 47.32 24.76
CA ARG F 105 -64.44 47.28 24.97
C ARG F 105 -65.15 48.11 23.92
N LEU F 106 -64.78 49.40 23.81
CA LEU F 106 -65.45 50.31 22.89
C LEU F 106 -65.33 49.90 21.43
N LEU F 107 -64.41 49.00 21.08
CA LEU F 107 -64.38 48.49 19.72
C LEU F 107 -65.55 47.56 19.43
N GLN F 108 -66.21 47.02 20.45
CA GLN F 108 -67.34 46.12 20.26
C GLN F 108 -68.68 46.79 20.50
N ALA F 109 -68.71 48.12 20.66
CA ALA F 109 -69.94 48.83 20.95
C ALA F 109 -70.91 48.74 19.77
N PRO F 110 -72.22 48.78 20.03
CA PRO F 110 -73.17 48.66 18.92
C PRO F 110 -73.24 49.90 18.03
N GLU F 111 -72.97 51.08 18.57
CA GLU F 111 -72.98 52.28 17.74
C GLU F 111 -71.75 52.33 16.84
N LEU F 112 -71.89 53.00 15.71
CA LEU F 112 -70.85 52.96 14.69
C LEU F 112 -69.87 54.12 14.78
N GLU F 113 -70.33 55.31 15.17
CA GLU F 113 -69.41 56.45 15.19
C GLU F 113 -68.47 56.40 16.38
N THR F 114 -68.89 55.77 17.48
CA THR F 114 -67.97 55.53 18.57
C THR F 114 -66.93 54.50 18.16
N ARG F 115 -67.31 53.52 17.33
CA ARG F 115 -66.34 52.55 16.83
C ARG F 115 -65.29 53.22 15.96
N VAL F 116 -65.72 54.10 15.04
CA VAL F 116 -64.74 54.69 14.14
C VAL F 116 -63.84 55.67 14.90
N GLN F 117 -64.37 56.37 15.91
CA GLN F 117 -63.50 57.26 16.67
C GLN F 117 -62.53 56.47 17.53
N ALA F 118 -62.97 55.34 18.09
CA ALA F 118 -62.09 54.51 18.89
C ALA F 118 -60.99 53.89 18.04
N ALA F 119 -61.32 53.52 16.81
CA ALA F 119 -60.31 52.96 15.91
C ALA F 119 -59.29 54.01 15.51
N ARG F 120 -59.76 55.22 15.19
CA ARG F 120 -58.83 56.26 14.77
C ARG F 120 -57.94 56.69 15.95
N LEU F 121 -58.44 56.55 17.18
CA LEU F 121 -57.56 56.79 18.32
C LEU F 121 -56.59 55.65 18.54
N LEU F 122 -57.02 54.41 18.30
CA LEU F 122 -56.14 53.27 18.51
C LEU F 122 -55.01 53.22 17.49
N GLU F 123 -55.20 53.85 16.33
CA GLU F 123 -54.14 53.88 15.32
C GLU F 123 -52.88 54.58 15.82
N GLN F 124 -53.04 55.61 16.65
CA GLN F 124 -51.94 56.49 17.00
C GLN F 124 -51.17 56.07 18.24
N ILE F 125 -51.43 54.89 18.79
CA ILE F 125 -50.83 54.49 20.06
C ILE F 125 -49.86 53.33 19.92
N LEU F 126 -49.95 52.55 18.85
CA LEU F 126 -49.17 51.31 18.73
C LEU F 126 -47.70 51.65 18.48
N VAL F 127 -46.91 51.64 19.54
CA VAL F 127 -45.46 51.80 19.44
C VAL F 127 -44.91 50.45 19.89
N ALA F 128 -43.59 50.28 19.90
CA ALA F 128 -42.96 48.97 20.04
C ALA F 128 -43.27 48.26 21.34
N GLU F 129 -43.77 48.95 22.35
CA GLU F 129 -44.07 48.32 23.63
C GLU F 129 -45.55 48.01 23.81
N ASN F 130 -46.43 48.93 23.41
CA ASN F 130 -47.86 48.74 23.51
C ASN F 130 -48.33 47.63 22.58
N ARG F 131 -47.61 47.43 21.48
CA ARG F 131 -47.99 46.45 20.47
C ARG F 131 -47.93 45.03 21.02
N ASP F 132 -47.04 44.78 21.98
CA ASP F 132 -46.96 43.48 22.62
C ASP F 132 -48.24 43.18 23.40
N ARG F 133 -48.74 44.18 24.14
CA ARG F 133 -49.96 43.96 24.92
C ARG F 133 -51.16 43.79 24.00
N VAL F 134 -51.19 44.54 22.90
CA VAL F 134 -52.32 44.39 21.98
C VAL F 134 -52.28 43.02 21.32
N ALA F 135 -51.08 42.54 20.98
CA ALA F 135 -50.96 41.20 20.41
C ALA F 135 -51.27 40.13 21.45
N ARG F 136 -51.08 40.43 22.73
CA ARG F 136 -51.43 39.47 23.76
C ARG F 136 -52.94 39.30 23.86
N ILE F 137 -53.68 40.39 24.01
CA ILE F 137 -55.09 40.31 24.40
C ILE F 137 -56.04 40.62 23.24
N GLY F 138 -55.80 41.70 22.49
CA GLY F 138 -56.84 42.26 21.66
C GLY F 138 -57.15 41.54 20.36
N LEU F 139 -56.24 40.67 19.91
CA LEU F 139 -56.12 40.28 18.51
C LEU F 139 -57.42 39.80 17.85
N GLY F 140 -58.39 39.32 18.64
CA GLY F 140 -59.62 38.82 18.05
C GLY F 140 -60.59 39.89 17.62
N VAL F 141 -60.66 41.00 18.35
CA VAL F 141 -61.66 42.03 18.02
C VAL F 141 -61.30 42.72 16.71
N ILE F 142 -60.00 42.89 16.43
CA ILE F 142 -59.57 43.49 15.17
C ILE F 142 -60.01 42.63 14.00
N LEU F 143 -59.88 41.31 14.14
CA LEU F 143 -60.35 40.40 13.10
C LEU F 143 -61.87 40.44 12.99
N ASN F 144 -62.56 40.63 14.11
CA ASN F 144 -64.01 40.83 14.06
C ASN F 144 -64.38 42.13 13.32
N LEU F 145 -63.54 43.16 13.43
CA LEU F 145 -63.77 44.40 12.70
C LEU F 145 -63.40 44.28 11.23
N ALA F 146 -62.57 43.30 10.87
CA ALA F 146 -62.17 43.13 9.48
C ALA F 146 -63.31 42.68 8.58
N LYS F 147 -64.44 42.26 9.13
CA LYS F 147 -65.58 41.92 8.30
C LYS F 147 -66.36 43.14 7.85
N GLU F 148 -66.36 44.21 8.65
CA GLU F 148 -67.06 45.44 8.29
C GLU F 148 -66.25 46.20 7.27
N ARG F 149 -66.73 46.24 6.01
CA ARG F 149 -65.98 46.85 4.93
C ARG F 149 -66.51 48.21 4.48
N GLU F 150 -67.76 48.52 4.76
CA GLU F 150 -68.40 49.65 4.11
C GLU F 150 -67.99 51.04 4.62
N PRO F 151 -68.01 51.35 5.93
CA PRO F 151 -67.68 52.73 6.33
C PRO F 151 -66.20 53.02 6.15
N VAL F 152 -65.91 54.13 5.47
CA VAL F 152 -64.56 54.38 4.99
C VAL F 152 -63.63 54.79 6.11
N GLU F 153 -64.10 55.66 7.01
CA GLU F 153 -63.31 56.02 8.19
C GLU F 153 -63.00 54.82 9.08
N LEU F 154 -63.82 53.77 9.05
CA LEU F 154 -63.43 52.53 9.72
C LEU F 154 -62.25 51.87 9.02
N ALA F 155 -62.34 51.72 7.70
CA ALA F 155 -61.32 50.98 6.96
C ALA F 155 -60.00 51.70 6.96
N ARG F 156 -60.05 53.03 6.91
CA ARG F 156 -58.83 53.84 6.88
C ARG F 156 -58.02 53.67 8.14
N SER F 157 -58.68 53.44 9.27
CA SER F 157 -57.91 53.25 10.49
C SER F 157 -57.57 51.80 10.76
N VAL F 158 -58.45 50.88 10.42
CA VAL F 158 -58.15 49.48 10.70
C VAL F 158 -57.07 48.96 9.75
N ALA F 159 -56.95 49.56 8.56
CA ALA F 159 -55.83 49.23 7.69
C ALA F 159 -54.51 49.63 8.32
N GLY F 160 -54.46 50.79 8.99
CA GLY F 160 -53.25 51.18 9.69
C GLY F 160 -53.00 50.32 10.91
N ILE F 161 -54.07 49.85 11.55
CA ILE F 161 -53.93 48.93 12.68
C ILE F 161 -53.27 47.63 12.23
N LEU F 162 -53.73 47.08 11.10
CA LEU F 162 -53.13 45.85 10.59
C LEU F 162 -51.71 46.09 10.11
N GLU F 163 -51.45 47.27 9.52
CA GLU F 163 -50.11 47.67 9.14
C GLU F 163 -49.16 47.63 10.33
N HIS F 164 -49.56 48.21 11.45
CA HIS F 164 -48.67 48.20 12.60
C HIS F 164 -48.60 46.84 13.27
N MET F 165 -49.66 46.03 13.14
CA MET F 165 -49.66 44.73 13.80
C MET F 165 -48.96 43.64 13.01
N PHE F 166 -48.69 43.84 11.72
CA PHE F 166 -47.90 42.86 11.00
C PHE F 166 -46.42 42.87 11.37
N LYS F 167 -45.94 43.86 12.10
CA LYS F 167 -44.52 43.97 12.39
C LYS F 167 -44.10 43.26 13.66
N HIS F 168 -45.00 42.56 14.33
CA HIS F 168 -44.68 42.10 15.68
C HIS F 168 -43.86 40.81 15.66
N SER F 169 -44.44 39.73 15.17
CA SER F 169 -43.81 38.43 15.26
C SER F 169 -44.24 37.57 14.09
N GLU F 170 -43.66 36.39 14.00
CA GLU F 170 -44.01 35.46 12.94
C GLU F 170 -45.32 34.73 13.24
N GLU F 171 -45.58 34.45 14.52
CA GLU F 171 -46.83 33.79 14.88
C GLU F 171 -48.01 34.73 14.63
N THR F 172 -47.82 36.02 14.90
CA THR F 172 -48.88 36.99 14.66
C THR F 172 -49.20 37.09 13.18
N CYS F 173 -48.17 37.03 12.33
CA CYS F 173 -48.40 37.04 10.89
C CYS F 173 -49.09 35.75 10.47
N GLN F 174 -48.73 34.63 11.08
CA GLN F 174 -49.36 33.36 10.76
C GLN F 174 -50.84 33.40 11.08
N ARG F 175 -51.19 33.95 12.24
CA ARG F 175 -52.59 34.07 12.62
C ARG F 175 -53.34 35.01 11.67
N LEU F 176 -52.76 36.17 11.36
CA LEU F 176 -53.47 37.13 10.53
C LEU F 176 -53.58 36.68 9.08
N VAL F 177 -52.75 35.73 8.64
CA VAL F 177 -52.97 35.14 7.33
C VAL F 177 -53.90 33.94 7.41
N ALA F 178 -54.04 33.32 8.58
CA ALA F 178 -54.81 32.10 8.68
C ALA F 178 -56.20 32.32 9.24
N ALA F 179 -56.51 33.54 9.70
CA ALA F 179 -57.85 33.86 10.18
C ALA F 179 -58.59 34.82 9.24
N GLY F 180 -58.10 35.00 8.02
CA GLY F 180 -58.78 35.84 7.07
C GLY F 180 -58.46 37.32 7.16
N GLY F 181 -57.39 37.69 7.86
CA GLY F 181 -57.01 39.08 7.96
C GLY F 181 -56.27 39.64 6.76
N LEU F 182 -55.87 38.78 5.82
CA LEU F 182 -55.22 39.21 4.60
C LEU F 182 -56.23 39.52 3.51
N ASP F 183 -57.34 38.78 3.49
CA ASP F 183 -58.41 39.02 2.53
C ASP F 183 -58.94 40.44 2.62
N ALA F 184 -59.04 40.98 3.84
CA ALA F 184 -59.44 42.37 4.04
C ALA F 184 -58.52 43.32 3.28
N VAL F 185 -57.21 43.15 3.44
CA VAL F 185 -56.22 43.99 2.75
C VAL F 185 -56.38 43.86 1.24
N LEU F 186 -56.51 42.63 0.75
CA LEU F 186 -56.59 42.44 -0.69
C LEU F 186 -57.93 42.89 -1.27
N TYR F 187 -58.96 43.01 -0.45
CA TYR F 187 -60.20 43.61 -0.94
C TYR F 187 -60.12 45.12 -0.91
N TRP F 188 -59.46 45.68 0.11
CA TRP F 188 -59.34 47.12 0.20
C TRP F 188 -58.35 47.69 -0.81
N CYS F 189 -57.58 46.84 -1.47
CA CYS F 189 -56.74 47.31 -2.56
C CYS F 189 -57.55 47.85 -3.75
N ARG F 190 -58.85 47.54 -3.83
CA ARG F 190 -59.65 48.00 -4.97
C ARG F 190 -59.95 49.49 -4.90
N ARG F 191 -60.19 50.02 -3.70
CA ARG F 191 -60.76 51.35 -3.57
C ARG F 191 -59.73 52.43 -3.97
N THR F 192 -60.21 53.68 -4.02
CA THR F 192 -59.44 54.78 -4.59
C THR F 192 -59.11 55.86 -3.57
N ASP F 193 -59.01 55.50 -2.31
CA ASP F 193 -58.65 56.51 -1.32
C ASP F 193 -57.13 56.74 -1.34
N PRO F 194 -56.70 58.00 -1.31
CA PRO F 194 -55.26 58.29 -1.39
C PRO F 194 -54.52 58.12 -0.07
N ALA F 195 -55.20 57.77 1.02
CA ALA F 195 -54.53 57.45 2.26
C ALA F 195 -54.74 56.02 2.71
N LEU F 196 -55.78 55.35 2.22
CA LEU F 196 -55.96 53.93 2.53
C LEU F 196 -54.93 53.08 1.82
N LEU F 197 -54.58 53.45 0.60
CA LEU F 197 -53.69 52.63 -0.21
C LEU F 197 -52.26 52.64 0.31
N ARG F 198 -51.84 53.74 0.94
CA ARG F 198 -50.51 53.76 1.54
C ARG F 198 -50.41 52.76 2.67
N HIS F 199 -51.43 52.71 3.52
CA HIS F 199 -51.45 51.73 4.60
C HIS F 199 -51.55 50.31 4.05
N CYS F 200 -52.27 50.14 2.94
CA CYS F 200 -52.41 48.82 2.33
C CYS F 200 -51.08 48.33 1.77
N ALA F 201 -50.34 49.23 1.11
CA ALA F 201 -49.05 48.88 0.56
C ALA F 201 -48.04 48.58 1.65
N LEU F 202 -47.99 49.40 2.69
CA LEU F 202 -47.06 49.12 3.78
C LEU F 202 -47.43 47.85 4.52
N ALA F 203 -48.71 47.50 4.56
CA ALA F 203 -49.13 46.25 5.18
C ALA F 203 -48.58 45.06 4.41
N LEU F 204 -48.75 45.07 3.08
CA LEU F 204 -48.24 43.94 2.29
C LEU F 204 -46.72 43.87 2.33
N GLY F 205 -46.06 45.04 2.36
CA GLY F 205 -44.62 45.06 2.42
C GLY F 205 -44.07 44.51 3.73
N ASN F 206 -44.64 44.95 4.86
CA ASN F 206 -44.17 44.46 6.15
C ASN F 206 -44.50 42.99 6.34
N CYS F 207 -45.65 42.54 5.83
CA CYS F 207 -46.00 41.13 5.94
C CYS F 207 -45.02 40.25 5.18
N ALA F 208 -44.69 40.63 3.94
CA ALA F 208 -43.70 39.87 3.20
C ALA F 208 -42.30 40.01 3.79
N LEU F 209 -42.02 41.12 4.50
CA LEU F 209 -40.67 41.34 5.01
C LEU F 209 -40.38 40.54 6.27
N HIS F 210 -41.22 40.67 7.30
CA HIS F 210 -40.99 39.98 8.57
C HIS F 210 -41.81 38.72 8.70
N GLY F 211 -42.36 38.20 7.60
CA GLY F 211 -43.25 37.07 7.72
C GLY F 211 -42.56 35.73 7.92
N GLY F 212 -41.80 35.29 6.92
CA GLY F 212 -41.24 33.96 6.92
C GLY F 212 -41.49 33.28 5.60
N GLN F 213 -41.45 31.95 5.61
CA GLN F 213 -41.56 31.18 4.38
C GLN F 213 -43.00 30.80 4.05
N ALA F 214 -43.70 30.24 5.02
CA ALA F 214 -45.07 29.74 4.80
C ALA F 214 -46.01 30.86 4.37
N VAL F 215 -45.99 31.96 5.11
CA VAL F 215 -46.81 33.13 4.80
C VAL F 215 -46.52 33.66 3.40
N GLN F 216 -45.27 33.61 2.94
CA GLN F 216 -44.97 34.02 1.57
C GLN F 216 -45.66 33.12 0.56
N ARG F 217 -45.52 31.80 0.72
CA ARG F 217 -46.16 30.85 -0.18
C ARG F 217 -47.67 31.04 -0.21
N ARG F 218 -48.28 31.22 0.95
CA ARG F 218 -49.73 31.43 1.00
C ARG F 218 -50.13 32.81 0.53
N MET F 219 -49.19 33.75 0.50
CA MET F 219 -49.46 35.07 -0.07
C MET F 219 -49.48 35.01 -1.58
N VAL F 220 -48.48 34.35 -2.18
CA VAL F 220 -48.42 34.26 -3.62
C VAL F 220 -49.46 33.29 -4.16
N GLU F 221 -49.94 32.37 -3.33
CA GLU F 221 -51.02 31.49 -3.77
C GLU F 221 -52.33 32.27 -3.86
N LYS F 222 -52.51 33.31 -3.05
CA LYS F 222 -53.73 34.09 -3.06
C LYS F 222 -53.68 35.23 -4.07
N ARG F 223 -52.79 35.15 -5.06
CA ARG F 223 -52.68 36.12 -6.17
C ARG F 223 -52.40 37.52 -5.66
N ALA F 224 -51.56 37.63 -4.62
CA ALA F 224 -51.19 38.94 -4.12
C ALA F 224 -50.27 39.67 -5.06
N ALA F 225 -49.50 38.94 -5.88
CA ALA F 225 -48.63 39.59 -6.85
C ALA F 225 -49.43 40.29 -7.93
N GLU F 226 -50.61 39.77 -8.26
CA GLU F 226 -51.45 40.39 -9.26
C GLU F 226 -52.10 41.66 -8.74
N TRP F 227 -52.51 41.67 -7.47
CA TRP F 227 -53.22 42.81 -6.94
C TRP F 227 -52.30 43.99 -6.66
N LEU F 228 -50.99 43.77 -6.63
CA LEU F 228 -50.08 44.89 -6.44
C LEU F 228 -49.93 45.74 -7.69
N PHE F 229 -50.37 45.24 -8.85
CA PHE F 229 -50.17 45.98 -10.09
C PHE F 229 -51.01 47.25 -10.18
N PRO F 230 -52.32 47.26 -9.86
CA PRO F 230 -53.02 48.56 -9.85
C PRO F 230 -52.53 49.51 -8.80
N LEU F 231 -51.79 49.02 -7.81
CA LEU F 231 -51.25 49.89 -6.78
C LEU F 231 -49.94 50.52 -7.19
N ALA F 232 -49.22 49.92 -8.14
CA ALA F 232 -47.94 50.46 -8.60
C ALA F 232 -48.06 51.26 -9.88
N PHE F 233 -49.18 51.16 -10.58
CA PHE F 233 -49.35 51.83 -11.86
C PHE F 233 -50.06 53.17 -11.74
N SER F 234 -50.55 53.52 -10.56
CA SER F 234 -51.22 54.80 -10.37
C SER F 234 -50.20 55.93 -10.47
N LYS F 235 -50.43 56.84 -11.41
CA LYS F 235 -49.51 57.94 -11.67
C LYS F 235 -49.89 59.20 -10.92
N GLU F 236 -50.45 59.06 -9.72
CA GLU F 236 -50.88 60.18 -8.90
C GLU F 236 -49.85 60.56 -7.84
N ASP F 237 -49.21 59.57 -7.21
CA ASP F 237 -48.22 59.83 -6.18
C ASP F 237 -47.10 58.79 -6.29
N GLU F 238 -45.93 59.17 -5.81
CA GLU F 238 -44.76 58.31 -5.92
C GLU F 238 -44.48 57.47 -4.69
N LEU F 239 -45.01 57.85 -3.52
CA LEU F 239 -44.81 57.03 -2.33
C LEU F 239 -45.55 55.70 -2.47
N LEU F 240 -46.73 55.73 -3.09
CA LEU F 240 -47.46 54.49 -3.33
C LEU F 240 -46.69 53.57 -4.26
N ARG F 241 -46.08 54.14 -5.30
CA ARG F 241 -45.31 53.33 -6.23
C ARG F 241 -44.06 52.78 -5.56
N LEU F 242 -43.44 53.56 -4.69
CA LEU F 242 -42.25 53.07 -3.99
C LEU F 242 -42.58 51.93 -3.05
N HIS F 243 -43.68 52.04 -2.30
CA HIS F 243 -43.97 50.96 -1.38
C HIS F 243 -44.46 49.71 -2.10
N ALA F 244 -45.17 49.88 -3.22
CA ALA F 244 -45.59 48.71 -4.00
C ALA F 244 -44.40 48.00 -4.63
N CYS F 245 -43.46 48.76 -5.20
CA CYS F 245 -42.28 48.13 -5.78
C CYS F 245 -41.44 47.45 -4.72
N LEU F 246 -41.32 48.06 -3.52
CA LEU F 246 -40.58 47.40 -2.44
C LEU F 246 -41.22 46.08 -2.07
N ALA F 247 -42.55 46.04 -1.97
CA ALA F 247 -43.22 44.81 -1.60
C ALA F 247 -43.02 43.72 -2.65
N VAL F 248 -43.16 44.08 -3.93
CA VAL F 248 -43.00 43.06 -4.96
C VAL F 248 -41.55 42.60 -5.05
N ALA F 249 -40.58 43.47 -4.76
CA ALA F 249 -39.18 43.05 -4.80
C ALA F 249 -38.86 42.09 -3.67
N VAL F 250 -39.39 42.35 -2.47
CA VAL F 250 -39.14 41.43 -1.36
C VAL F 250 -39.82 40.09 -1.62
N LEU F 251 -40.98 40.11 -2.28
CA LEU F 251 -41.62 38.86 -2.65
C LEU F 251 -40.86 38.13 -3.75
N ALA F 252 -40.19 38.86 -4.64
CA ALA F 252 -39.49 38.24 -5.76
C ALA F 252 -38.06 37.85 -5.41
N THR F 253 -37.58 38.17 -4.22
CA THR F 253 -36.25 37.73 -3.82
C THR F 253 -36.23 36.24 -3.54
N ASN F 254 -37.32 35.72 -2.96
CA ASN F 254 -37.47 34.29 -2.70
C ASN F 254 -37.41 33.50 -4.00
N LYS F 255 -36.72 32.36 -3.95
CA LYS F 255 -36.49 31.59 -5.17
C LYS F 255 -37.63 30.65 -5.53
N GLU F 256 -38.48 30.30 -4.55
CA GLU F 256 -39.46 29.26 -4.81
C GLU F 256 -40.60 29.77 -5.70
N VAL F 257 -41.01 31.02 -5.52
CA VAL F 257 -42.19 31.51 -6.20
C VAL F 257 -41.87 32.68 -7.11
N GLU F 258 -40.62 32.77 -7.58
CA GLU F 258 -40.30 33.84 -8.52
C GLU F 258 -40.92 33.61 -9.89
N ARG F 259 -41.25 32.36 -10.22
CA ARG F 259 -41.87 32.08 -11.52
C ARG F 259 -43.28 32.67 -11.58
N GLU F 260 -44.06 32.47 -10.52
CA GLU F 260 -45.38 33.08 -10.41
C GLU F 260 -45.30 34.60 -10.53
N VAL F 261 -44.36 35.21 -9.81
CA VAL F 261 -44.25 36.66 -9.78
C VAL F 261 -43.86 37.20 -11.15
N GLU F 262 -42.93 36.52 -11.84
CA GLU F 262 -42.59 36.96 -13.19
C GLU F 262 -43.73 36.71 -14.17
N ARG F 263 -44.53 35.68 -13.95
CA ARG F 263 -45.70 35.46 -14.79
C ARG F 263 -46.78 36.51 -14.54
N SER F 264 -46.77 37.12 -13.36
CA SER F 264 -47.73 38.18 -13.08
C SER F 264 -47.45 39.44 -13.90
N GLY F 265 -46.19 39.69 -14.23
CA GLY F 265 -45.85 40.78 -15.12
C GLY F 265 -45.73 42.14 -14.48
N THR F 266 -45.68 42.23 -13.15
CA THR F 266 -45.55 43.51 -12.48
C THR F 266 -44.11 43.86 -12.14
N LEU F 267 -43.14 42.98 -12.44
CA LEU F 267 -41.75 43.33 -12.20
C LEU F 267 -41.18 44.26 -13.26
N ALA F 268 -41.82 44.34 -14.43
CA ALA F 268 -41.33 45.18 -15.50
C ALA F 268 -41.48 46.67 -15.20
N LEU F 269 -42.20 47.04 -14.15
CA LEU F 269 -42.46 48.44 -13.84
C LEU F 269 -41.58 48.97 -12.72
N VAL F 270 -40.43 48.33 -12.48
CA VAL F 270 -39.53 48.80 -11.43
C VAL F 270 -38.48 49.74 -11.99
N GLU F 271 -37.82 49.34 -13.08
CA GLU F 271 -36.77 50.11 -13.74
C GLU F 271 -37.19 51.53 -14.11
N PRO F 272 -38.25 51.77 -14.93
CA PRO F 272 -38.60 53.16 -15.28
C PRO F 272 -38.77 54.07 -14.06
N LEU F 273 -39.46 53.57 -13.05
CA LEU F 273 -39.75 54.36 -11.85
C LEU F 273 -38.47 54.80 -11.15
N VAL F 274 -37.59 53.83 -10.81
CA VAL F 274 -36.32 54.16 -10.17
C VAL F 274 -35.49 55.06 -11.06
N ALA F 275 -35.53 54.85 -12.37
CA ALA F 275 -34.76 55.67 -13.29
C ALA F 275 -35.28 57.10 -13.36
N SER F 276 -36.55 57.33 -13.03
CA SER F 276 -37.16 58.64 -13.18
C SER F 276 -37.43 59.31 -11.83
N LEU F 277 -36.51 59.18 -10.89
CA LEU F 277 -36.66 59.80 -9.58
C LEU F 277 -35.34 60.39 -9.13
N ASP F 278 -35.33 60.92 -7.91
CA ASP F 278 -34.14 61.49 -7.30
C ASP F 278 -34.12 61.11 -5.82
N PRO F 279 -33.06 60.44 -5.35
CA PRO F 279 -32.97 60.17 -3.91
C PRO F 279 -32.83 61.44 -3.08
N GLY F 280 -32.32 62.51 -3.67
CA GLY F 280 -32.07 63.73 -2.91
C GLY F 280 -33.33 64.43 -2.49
N ARG F 281 -34.40 64.30 -3.29
CA ARG F 281 -35.69 64.90 -2.95
C ARG F 281 -36.53 64.02 -2.05
N PHE F 282 -36.38 62.70 -2.12
CA PHE F 282 -37.01 61.84 -1.12
C PHE F 282 -36.21 61.77 0.17
N ALA F 283 -34.93 62.15 0.13
CA ALA F 283 -34.30 62.70 1.31
C ALA F 283 -34.93 64.07 1.57
N ARG F 284 -35.14 64.39 2.85
CA ARG F 284 -35.97 65.45 3.43
C ARG F 284 -37.46 65.06 3.34
N LEU F 286 -39.66 61.32 4.17
CA LEU F 286 -39.55 60.22 5.14
C LEU F 286 -38.92 60.67 6.46
N VAL F 287 -38.86 61.98 6.70
CA VAL F 287 -38.43 62.53 7.98
C VAL F 287 -39.55 63.22 8.72
N ASP F 288 -40.73 63.36 8.10
CA ASP F 288 -41.89 63.98 8.72
C ASP F 288 -43.14 63.11 8.71
N ALA F 289 -43.19 62.05 7.90
CA ALA F 289 -44.45 61.38 7.62
C ALA F 289 -44.85 60.44 8.75
N SER F 290 -44.01 59.44 9.04
CA SER F 290 -44.40 58.38 9.97
C SER F 290 -44.41 58.87 11.40
N ASP F 291 -43.23 59.22 11.93
CA ASP F 291 -43.13 59.60 13.32
C ASP F 291 -42.12 60.71 13.58
N THR F 292 -41.58 61.35 12.53
CA THR F 292 -40.53 62.36 12.61
C THR F 292 -39.31 61.81 13.36
N SER F 293 -38.73 60.77 12.79
CA SER F 293 -37.61 60.06 13.37
C SER F 293 -36.40 60.14 12.45
N GLN F 294 -35.24 59.76 12.98
CA GLN F 294 -34.00 59.77 12.21
C GLN F 294 -33.79 58.44 11.50
N GLY F 295 -34.78 58.07 10.70
CA GLY F 295 -34.67 56.90 9.85
C GLY F 295 -35.11 55.62 10.52
N ARG F 296 -34.82 54.53 9.82
CA ARG F 296 -35.18 53.19 10.27
C ARG F 296 -34.06 52.57 11.10
N GLY F 297 -34.43 51.62 11.95
CA GLY F 297 -33.51 51.07 12.91
C GLY F 297 -32.53 50.12 12.28
N PRO F 298 -31.54 49.70 13.09
CA PRO F 298 -30.57 48.69 12.60
C PRO F 298 -31.22 47.38 12.20
N ASP F 299 -32.13 46.87 13.03
CA ASP F 299 -32.78 45.60 12.72
C ASP F 299 -33.76 45.75 11.57
N ASP F 300 -34.21 46.97 11.30
CA ASP F 300 -34.95 47.23 10.07
C ASP F 300 -33.99 47.37 8.89
N LEU F 301 -32.77 47.86 9.14
CA LEU F 301 -31.83 48.04 8.05
C LEU F 301 -31.22 46.74 7.58
N GLN F 302 -31.20 45.71 8.43
CA GLN F 302 -30.69 44.43 7.96
C GLN F 302 -31.70 43.66 7.14
N ARG F 303 -32.86 44.24 6.85
CA ARG F 303 -33.86 43.62 6.01
C ARG F 303 -33.67 43.96 4.55
N LEU F 304 -32.80 44.93 4.25
CA LEU F 304 -32.52 45.36 2.89
C LEU F 304 -31.26 44.74 2.32
N VAL F 305 -30.27 44.47 3.15
CA VAL F 305 -28.99 43.94 2.66
C VAL F 305 -29.13 42.56 2.02
N PRO F 306 -29.92 41.62 2.54
CA PRO F 306 -30.08 40.35 1.82
C PRO F 306 -30.78 40.47 0.47
N LEU F 307 -31.53 41.52 0.20
CA LEU F 307 -32.03 41.70 -1.15
C LEU F 307 -31.09 42.52 -2.01
N LEU F 308 -30.00 43.02 -1.45
CA LEU F 308 -28.98 43.71 -2.23
C LEU F 308 -28.04 42.75 -2.92
N ASP F 309 -27.94 41.52 -2.42
CA ASP F 309 -27.08 40.49 -3.00
C ASP F 309 -27.99 39.37 -3.52
N SER F 310 -28.41 39.50 -4.77
CA SER F 310 -29.27 38.50 -5.38
C SER F 310 -29.14 38.62 -6.89
N ASN F 311 -29.46 37.53 -7.58
CA ASN F 311 -29.35 37.51 -9.04
C ASN F 311 -30.62 38.01 -9.70
N ARG F 312 -31.10 39.17 -9.26
CA ARG F 312 -32.21 39.87 -9.89
C ARG F 312 -31.84 41.33 -10.00
N LEU F 313 -32.41 42.01 -10.99
CA LEU F 313 -31.97 43.37 -11.24
C LEU F 313 -32.86 44.39 -10.53
N GLU F 314 -34.17 44.23 -10.65
CA GLU F 314 -35.13 45.10 -9.96
C GLU F 314 -34.88 45.18 -8.46
N ALA F 315 -34.72 44.02 -7.82
CA ALA F 315 -34.43 43.95 -6.39
C ALA F 315 -33.20 44.78 -6.03
N GLN F 316 -32.10 44.58 -6.77
CA GLN F 316 -30.88 45.34 -6.52
C GLN F 316 -31.10 46.84 -6.68
N CYS F 317 -31.86 47.24 -7.70
CA CYS F 317 -32.10 48.66 -7.92
C CYS F 317 -32.87 49.28 -6.75
N ILE F 318 -33.96 48.65 -6.35
CA ILE F 318 -34.77 49.14 -5.23
C ILE F 318 -33.93 49.20 -3.94
N GLY F 319 -33.17 48.15 -3.67
CA GLY F 319 -32.29 48.14 -2.50
C GLY F 319 -31.30 49.28 -2.50
N ALA F 320 -30.62 49.48 -3.63
CA ALA F 320 -29.73 50.62 -3.82
C ALA F 320 -30.43 51.95 -3.51
N PHE F 321 -31.64 52.13 -4.05
CA PHE F 321 -32.42 53.34 -3.80
C PHE F 321 -32.64 53.59 -2.32
N TYR F 322 -33.17 52.58 -1.62
CA TYR F 322 -33.47 52.74 -0.20
C TYR F 322 -32.22 53.00 0.61
N LEU F 323 -31.14 52.27 0.33
CA LEU F 323 -29.89 52.49 1.06
C LEU F 323 -29.33 53.88 0.81
N CYS F 324 -29.37 54.37 -0.44
CA CYS F 324 -28.94 55.73 -0.74
C CYS F 324 -29.72 56.75 0.08
N ALA F 325 -31.05 56.62 0.10
CA ALA F 325 -31.88 57.54 0.87
C ALA F 325 -31.54 57.50 2.36
N GLU F 326 -31.49 56.30 2.93
CA GLU F 326 -31.14 56.16 4.34
C GLU F 326 -29.76 56.69 4.66
N ALA F 327 -28.78 56.43 3.79
CA ALA F 327 -27.44 56.99 3.96
C ALA F 327 -27.47 58.51 3.99
N ALA F 328 -28.25 59.11 3.09
CA ALA F 328 -28.44 60.56 3.10
C ALA F 328 -28.96 61.03 4.44
N ILE F 329 -30.01 60.39 4.95
CA ILE F 329 -30.62 60.84 6.20
C ILE F 329 -29.68 60.63 7.38
N LYS F 330 -28.89 59.55 7.38
CA LYS F 330 -28.06 59.20 8.53
C LYS F 330 -26.63 59.70 8.43
N SER F 331 -26.25 60.39 7.35
CA SER F 331 -24.92 60.94 7.28
C SER F 331 -24.85 62.38 7.76
N LEU F 332 -26.00 63.04 7.92
CA LEU F 332 -26.00 64.35 8.56
C LEU F 332 -25.65 64.23 10.04
N GLN F 333 -25.98 63.10 10.66
CA GLN F 333 -25.67 62.87 12.05
C GLN F 333 -24.27 62.27 12.17
N GLY F 334 -23.92 61.79 13.36
CA GLY F 334 -22.64 61.16 13.54
C GLY F 334 -22.61 59.67 13.29
N LYS F 335 -23.77 59.04 13.14
CA LYS F 335 -23.85 57.60 12.95
C LYS F 335 -23.43 57.27 11.53
N THR F 336 -22.14 57.01 11.36
CA THR F 336 -21.59 56.52 10.10
C THR F 336 -20.95 55.15 10.29
N LYS F 337 -21.29 54.44 11.36
CA LYS F 337 -20.70 53.14 11.65
C LYS F 337 -21.68 52.00 11.48
N VAL F 338 -22.99 52.28 11.44
CA VAL F 338 -23.96 51.21 11.29
C VAL F 338 -23.88 50.58 9.90
N PHE F 339 -23.57 51.36 8.86
CA PHE F 339 -23.40 50.79 7.54
C PHE F 339 -22.11 49.99 7.40
N SER F 340 -21.19 50.10 8.35
CA SER F 340 -20.07 49.17 8.38
C SER F 340 -20.35 47.98 9.28
N ASP F 341 -21.16 48.16 10.32
CA ASP F 341 -21.53 47.03 11.17
C ASP F 341 -22.42 46.05 10.43
N ILE F 342 -23.34 46.54 9.61
CA ILE F 342 -24.23 45.64 8.87
C ILE F 342 -23.48 44.95 7.75
N GLY F 343 -22.64 45.68 7.04
CA GLY F 343 -21.91 45.10 5.93
C GLY F 343 -22.48 45.51 4.61
N ALA F 344 -22.86 46.79 4.50
CA ALA F 344 -23.33 47.31 3.23
C ALA F 344 -22.21 47.88 2.39
N ILE F 345 -21.06 48.17 2.97
CA ILE F 345 -19.97 48.77 2.22
C ILE F 345 -19.37 47.76 1.25
N GLN F 346 -19.14 46.54 1.72
CA GLN F 346 -18.56 45.53 0.85
C GLN F 346 -19.52 45.13 -0.24
N SER F 347 -20.81 45.08 0.09
CA SER F 347 -21.80 44.71 -0.92
C SER F 347 -21.97 45.80 -1.96
N LEU F 348 -21.93 47.07 -1.55
CA LEU F 348 -22.03 48.15 -2.53
C LEU F 348 -20.80 48.21 -3.43
N LYS F 349 -19.61 47.98 -2.87
CA LYS F 349 -18.41 48.01 -3.71
C LYS F 349 -18.43 46.85 -4.70
N ARG F 350 -18.89 45.68 -4.26
CA ARG F 350 -19.04 44.55 -5.17
C ARG F 350 -20.11 44.82 -6.21
N LEU F 351 -21.13 45.60 -5.86
CA LEU F 351 -22.16 45.98 -6.83
C LEU F 351 -21.60 46.91 -7.89
N VAL F 352 -20.72 47.83 -7.48
CA VAL F 352 -20.13 48.76 -8.44
C VAL F 352 -19.20 48.02 -9.39
N SER F 353 -18.41 47.07 -8.86
CA SER F 353 -17.32 46.49 -9.64
C SER F 353 -17.81 45.65 -10.81
N TYR F 354 -18.94 44.96 -10.68
CA TYR F 354 -19.48 44.12 -11.74
C TYR F 354 -20.71 44.74 -12.37
N SER F 355 -20.71 46.05 -12.52
CA SER F 355 -21.93 46.76 -12.92
C SER F 355 -22.22 46.52 -14.40
N THR F 356 -23.35 45.89 -14.68
CA THR F 356 -23.82 45.69 -16.03
C THR F 356 -25.07 46.51 -16.31
N ASN F 357 -25.22 47.64 -15.63
CA ASN F 357 -26.40 48.48 -15.78
C ASN F 357 -26.03 49.90 -15.37
N GLY F 358 -26.79 50.86 -15.89
CA GLY F 358 -26.50 52.25 -15.64
C GLY F 358 -27.15 52.80 -14.39
N THR F 359 -28.32 52.27 -14.03
CA THR F 359 -29.09 52.85 -12.93
C THR F 359 -28.51 52.46 -11.59
N LYS F 360 -28.33 51.16 -11.35
CA LYS F 360 -27.84 50.72 -10.05
C LYS F 360 -26.38 51.11 -9.86
N SER F 361 -25.61 51.22 -10.93
CA SER F 361 -24.24 51.70 -10.80
C SER F 361 -24.21 53.15 -10.35
N ALA F 362 -25.07 53.98 -10.96
CA ALA F 362 -25.17 55.38 -10.57
C ALA F 362 -25.57 55.53 -9.11
N LEU F 363 -26.65 54.85 -8.71
CA LEU F 363 -27.13 54.93 -7.34
C LEU F 363 -26.08 54.43 -6.35
N ALA F 364 -25.40 53.33 -6.68
CA ALA F 364 -24.35 52.79 -5.82
C ALA F 364 -23.21 53.78 -5.64
N LYS F 365 -22.70 54.34 -6.75
CA LYS F 365 -21.62 55.32 -6.65
C LYS F 365 -22.04 56.53 -5.84
N ARG F 366 -23.29 56.97 -6.01
CA ARG F 366 -23.76 58.13 -5.27
C ARG F 366 -23.85 57.82 -3.78
N ALA F 367 -24.31 56.62 -3.44
CA ALA F 367 -24.40 56.25 -2.03
C ALA F 367 -23.04 56.06 -1.40
N LEU F 368 -22.06 55.57 -2.15
CA LEU F 368 -20.70 55.48 -1.62
C LEU F 368 -20.04 56.85 -1.51
N ARG F 369 -20.43 57.79 -2.37
CA ARG F 369 -19.85 59.12 -2.31
C ARG F 369 -20.36 59.88 -1.09
N LEU F 370 -21.57 59.57 -0.63
CA LEU F 370 -22.11 60.18 0.57
C LEU F 370 -21.39 59.74 1.83
N LEU F 371 -20.66 58.64 1.78
CA LEU F 371 -19.81 58.20 2.87
C LEU F 371 -18.35 58.45 2.53
N GLY F 372 -17.49 58.26 3.51
CA GLY F 372 -16.07 58.51 3.31
C GLY F 372 -15.35 57.45 2.51
N GLU F 373 -16.01 56.33 2.23
CA GLU F 373 -15.40 55.26 1.45
C GLU F 373 -15.17 55.72 0.01
N GLU F 374 -14.00 55.38 -0.53
CA GLU F 374 -13.67 55.80 -1.88
C GLU F 374 -14.37 54.93 -2.91
N VAL F 375 -14.59 55.50 -4.09
CA VAL F 375 -15.36 54.83 -5.13
C VAL F 375 -14.44 53.90 -5.91
N PRO F 376 -14.82 52.65 -6.13
CA PRO F 376 -14.00 51.77 -6.96
C PRO F 376 -14.26 52.02 -8.44
N ARG F 377 -13.36 51.52 -9.25
CA ARG F 377 -13.52 51.65 -10.70
C ARG F 377 -13.98 50.33 -11.29
N PRO F 378 -14.84 50.36 -12.30
CA PRO F 378 -15.25 49.11 -12.95
C PRO F 378 -14.08 48.48 -13.70
N ILE F 379 -14.13 47.17 -13.83
CA ILE F 379 -13.03 46.37 -14.34
C ILE F 379 -13.40 45.78 -15.69
N LEU F 380 -12.39 45.60 -16.53
CA LEU F 380 -12.63 45.15 -17.89
C LEU F 380 -13.05 43.68 -17.87
N PRO F 381 -14.06 43.30 -18.66
CA PRO F 381 -14.58 41.93 -18.60
C PRO F 381 -13.77 40.92 -19.38
N SER F 382 -12.68 41.32 -20.01
CA SER F 382 -11.83 40.39 -20.76
C SER F 382 -10.73 39.93 -19.82
N VAL F 383 -11.01 38.90 -19.04
CA VAL F 383 -10.14 38.47 -17.96
C VAL F 383 -8.83 37.86 -18.49
N PRO F 384 -8.81 36.99 -19.50
CA PRO F 384 -7.53 36.67 -20.12
C PRO F 384 -6.95 37.91 -20.79
N SER F 385 -5.63 37.87 -21.00
CA SER F 385 -4.85 39.03 -21.41
C SER F 385 -5.02 40.18 -20.42
N TRP F 386 -4.87 39.86 -19.15
CA TRP F 386 -4.67 40.84 -18.11
C TRP F 386 -3.17 40.95 -17.82
N LYS F 387 -2.79 42.03 -17.16
CA LYS F 387 -1.43 42.19 -16.71
C LYS F 387 -1.41 42.33 -15.20
N GLU F 388 -0.24 42.64 -14.65
CA GLU F 388 -0.07 42.64 -13.20
C GLU F 388 -0.83 43.78 -12.55
N ALA F 389 -0.88 44.94 -13.21
CA ALA F 389 -1.58 46.10 -12.66
C ALA F 389 -3.05 45.82 -12.43
N GLU F 390 -3.71 45.27 -13.44
CA GLU F 390 -5.14 45.01 -13.34
C GLU F 390 -5.46 43.98 -12.26
N VAL F 391 -4.64 42.94 -12.17
CA VAL F 391 -4.77 41.97 -11.09
C VAL F 391 -4.66 42.66 -9.73
N GLN F 392 -3.68 43.54 -9.58
CA GLN F 392 -3.55 44.29 -8.34
C GLN F 392 -4.80 45.09 -8.00
N THR F 393 -5.33 45.86 -8.96
CA THR F 393 -6.56 46.61 -8.69
C THR F 393 -7.72 45.69 -8.31
N TRP F 394 -7.82 44.52 -8.95
CA TRP F 394 -8.84 43.54 -8.57
C TRP F 394 -8.71 43.14 -7.11
N LEU F 395 -7.52 42.68 -6.72
CA LEU F 395 -7.24 42.38 -5.33
C LEU F 395 -7.37 43.58 -4.41
N GLN F 396 -7.38 44.79 -4.94
CA GLN F 396 -7.64 45.95 -4.10
C GLN F 396 -9.12 46.19 -3.91
N GLN F 397 -9.94 45.72 -4.85
CA GLN F 397 -11.36 45.96 -4.72
C GLN F 397 -12.10 44.84 -4.01
N ILE F 398 -11.61 43.60 -4.08
CA ILE F 398 -12.39 42.54 -3.45
C ILE F 398 -12.15 42.44 -1.96
N GLY F 399 -11.02 42.94 -1.46
CA GLY F 399 -10.70 42.88 -0.05
C GLY F 399 -9.45 42.11 0.29
N PHE F 400 -8.82 41.42 -0.64
CA PHE F 400 -7.60 40.67 -0.36
C PHE F 400 -6.39 41.58 -0.57
N SER F 401 -6.36 42.68 0.17
CA SER F 401 -5.41 43.72 -0.13
C SER F 401 -4.04 43.47 0.49
N LYS F 402 -3.94 42.54 1.44
CA LYS F 402 -2.67 42.28 2.08
C LYS F 402 -1.85 41.23 1.33
N TYR F 403 -2.44 40.55 0.36
CA TYR F 403 -1.71 39.57 -0.43
C TYR F 403 -1.24 40.12 -1.76
N CYS F 404 -1.46 41.41 -2.03
CA CYS F 404 -1.02 42.02 -3.29
C CYS F 404 0.48 41.90 -3.48
N GLU F 405 1.23 41.94 -2.39
CA GLU F 405 2.69 41.86 -2.47
C GLU F 405 3.13 40.54 -3.10
N SER F 406 2.60 39.42 -2.60
CA SER F 406 2.96 38.10 -3.14
C SER F 406 2.61 37.96 -4.61
N PHE F 407 1.46 38.48 -5.04
CA PHE F 407 1.11 38.46 -6.45
C PHE F 407 2.05 39.31 -7.29
N ARG F 408 2.37 40.53 -6.84
CA ARG F 408 3.33 41.34 -7.60
C ARG F 408 4.71 40.70 -7.61
N GLU F 409 5.03 39.89 -6.61
CA GLU F 409 6.31 39.20 -6.58
C GLU F 409 6.35 38.07 -7.59
N GLN F 410 5.34 37.20 -7.58
CA GLN F 410 5.35 36.06 -8.47
C GLN F 410 4.94 36.41 -9.90
N GLN F 411 4.53 37.65 -10.15
CA GLN F 411 4.11 38.12 -11.48
C GLN F 411 2.96 37.29 -12.03
N VAL F 412 1.87 37.26 -11.29
CA VAL F 412 0.67 36.58 -11.74
C VAL F 412 -0.06 37.47 -12.73
N ASP F 413 -0.62 36.88 -13.77
CA ASP F 413 -1.39 37.57 -14.77
C ASP F 413 -2.77 36.94 -14.86
N GLY F 414 -3.53 37.34 -15.88
CA GLY F 414 -4.88 36.81 -16.05
C GLY F 414 -4.89 35.31 -16.30
N ASP F 415 -4.05 34.86 -17.23
CA ASP F 415 -3.98 33.44 -17.56
C ASP F 415 -3.59 32.62 -16.35
N LEU F 416 -2.49 32.99 -15.69
CA LEU F 416 -2.04 32.30 -14.50
C LEU F 416 -3.02 32.41 -13.35
N LEU F 417 -3.90 33.42 -13.35
CA LEU F 417 -4.92 33.50 -12.32
C LEU F 417 -6.05 32.52 -12.58
N LEU F 418 -6.51 32.43 -13.82
CA LEU F 418 -7.63 31.57 -14.15
C LEU F 418 -7.31 30.08 -13.96
N ARG F 419 -6.05 29.71 -13.81
CA ARG F 419 -5.65 28.31 -13.66
C ARG F 419 -4.96 28.04 -12.34
N LEU F 420 -5.27 28.82 -11.31
CA LEU F 420 -4.69 28.57 -10.00
C LEU F 420 -5.31 27.35 -9.35
N THR F 421 -4.52 26.66 -8.56
CA THR F 421 -4.98 25.54 -7.76
C THR F 421 -4.68 25.81 -6.29
N GLU F 422 -5.07 24.87 -5.44
CA GLU F 422 -4.91 25.06 -4.00
C GLU F 422 -3.46 24.97 -3.57
N GLU F 423 -2.65 24.20 -4.29
CA GLU F 423 -1.25 23.97 -3.90
C GLU F 423 -0.46 25.27 -3.94
N GLU F 424 -0.61 26.03 -5.03
CA GLU F 424 0.11 27.29 -5.16
C GLU F 424 -0.37 28.32 -4.14
N LEU F 425 -1.63 28.25 -3.73
CA LEU F 425 -2.07 29.11 -2.65
C LEU F 425 -1.39 28.72 -1.34
N GLN F 426 -1.36 27.42 -1.04
CA GLN F 426 -0.79 26.97 0.22
C GLN F 426 0.71 27.19 0.32
N THR F 427 1.44 27.06 -0.78
CA THR F 427 2.89 26.90 -0.67
C THR F 427 3.64 28.21 -0.78
N ASP F 428 3.52 28.89 -1.92
CA ASP F 428 4.34 30.07 -2.17
C ASP F 428 3.56 31.38 -2.17
N LEU F 429 2.26 31.36 -2.43
CA LEU F 429 1.51 32.60 -2.32
C LEU F 429 1.23 32.98 -0.88
N GLY F 430 1.19 32.01 0.02
CA GLY F 430 1.15 32.31 1.44
C GLY F 430 -0.22 32.37 2.06
N MET F 431 -1.19 31.60 1.57
CA MET F 431 -2.50 31.51 2.20
C MET F 431 -2.53 30.20 2.97
N LYS F 432 -2.20 30.26 4.26
CA LYS F 432 -2.08 29.04 5.04
C LYS F 432 -3.45 28.51 5.46
N SER F 433 -4.31 29.38 5.97
CA SER F 433 -5.58 28.94 6.53
C SER F 433 -6.54 28.51 5.44
N GLY F 434 -7.29 27.43 5.71
CA GLY F 434 -8.25 26.95 4.74
C GLY F 434 -9.42 27.87 4.51
N ILE F 435 -9.72 28.74 5.47
CA ILE F 435 -10.89 29.59 5.34
C ILE F 435 -10.60 30.77 4.42
N THR F 436 -9.35 31.27 4.43
CA THR F 436 -8.97 32.28 3.47
C THR F 436 -8.97 31.73 2.06
N ARG F 437 -8.40 30.53 1.86
CA ARG F 437 -8.43 29.90 0.55
C ARG F 437 -9.86 29.69 0.07
N LYS F 438 -10.77 29.33 0.97
CA LYS F 438 -12.15 29.13 0.54
C LYS F 438 -12.84 30.45 0.20
N ARG F 439 -12.50 31.54 0.91
CA ARG F 439 -12.99 32.85 0.51
C ARG F 439 -12.46 33.25 -0.85
N PHE F 440 -11.18 32.99 -1.10
CA PHE F 440 -10.56 33.38 -2.35
C PHE F 440 -11.19 32.64 -3.52
N PHE F 441 -11.37 31.33 -3.38
CA PHE F 441 -12.04 30.58 -4.44
C PHE F 441 -13.47 31.04 -4.65
N ARG F 442 -14.17 31.39 -3.57
CA ARG F 442 -15.54 31.88 -3.73
C ARG F 442 -15.58 33.17 -4.56
N GLU F 443 -14.71 34.13 -4.22
CA GLU F 443 -14.62 35.36 -5.02
C GLU F 443 -14.20 35.08 -6.46
N LEU F 444 -13.25 34.17 -6.64
CA LEU F 444 -12.76 33.88 -7.99
C LEU F 444 -13.85 33.28 -8.86
N THR F 445 -14.54 32.24 -8.38
CA THR F 445 -15.65 31.67 -9.13
C THR F 445 -16.76 32.67 -9.36
N GLU F 446 -16.95 33.62 -8.44
CA GLU F 446 -17.87 34.72 -8.73
C GLU F 446 -17.37 35.53 -9.94
N LEU F 447 -16.07 35.72 -10.04
CA LEU F 447 -15.54 36.50 -11.16
C LEU F 447 -15.55 35.75 -12.48
N LYS F 448 -15.38 34.43 -12.46
CA LYS F 448 -15.22 33.71 -13.71
C LYS F 448 -16.52 33.46 -14.43
N THR F 449 -17.66 33.69 -13.80
CA THR F 449 -18.92 33.64 -14.53
C THR F 449 -19.22 34.95 -15.23
N PHE F 450 -18.38 35.96 -15.05
CA PHE F 450 -18.59 37.29 -15.58
C PHE F 450 -17.70 37.59 -16.77
N ALA F 451 -16.60 36.87 -16.94
CA ALA F 451 -15.56 37.19 -17.90
C ALA F 451 -16.04 37.02 -19.34
N ASN F 452 -15.20 37.48 -20.26
CA ASN F 452 -15.47 37.46 -21.69
C ASN F 452 -14.43 36.58 -22.35
N TYR F 453 -14.85 35.44 -22.90
CA TYR F 453 -13.95 34.47 -23.49
C TYR F 453 -13.98 34.54 -25.01
N SER F 454 -14.08 35.75 -25.56
CA SER F 454 -14.21 35.91 -27.00
C SER F 454 -12.91 35.58 -27.73
N THR F 455 -11.78 35.61 -27.06
CA THR F 455 -10.50 35.42 -27.71
C THR F 455 -9.91 34.03 -27.47
N CYS F 456 -10.57 33.19 -26.69
CA CYS F 456 -10.12 31.83 -26.46
C CYS F 456 -11.10 30.80 -27.01
N ASP F 457 -12.38 30.98 -26.75
CA ASP F 457 -13.41 30.08 -27.22
C ASP F 457 -13.51 30.12 -28.74
N ARG F 458 -13.91 29.01 -29.32
CA ARG F 458 -14.09 28.93 -30.76
C ARG F 458 -15.52 28.61 -31.14
N SER F 459 -16.11 27.59 -30.52
CA SER F 459 -17.44 27.12 -30.88
C SER F 459 -18.51 27.61 -29.92
N ASN F 460 -18.24 28.69 -29.19
CA ASN F 460 -19.16 29.29 -28.23
C ASN F 460 -19.56 28.27 -27.17
N LEU F 461 -18.55 27.70 -26.52
CA LEU F 461 -18.80 26.65 -25.55
C LEU F 461 -19.40 27.21 -24.27
N ALA F 462 -19.08 28.48 -23.96
CA ALA F 462 -19.68 29.17 -22.82
C ALA F 462 -21.20 29.09 -22.81
N ASP F 463 -21.83 29.43 -23.94
CA ASP F 463 -23.27 29.41 -24.05
C ASP F 463 -23.84 28.01 -23.81
N TRP F 464 -23.26 27.00 -24.48
CA TRP F 464 -23.72 25.63 -24.29
C TRP F 464 -23.53 25.16 -22.86
N LEU F 465 -22.58 25.72 -22.12
CA LEU F 465 -22.48 25.35 -20.71
C LEU F 465 -23.54 26.08 -19.90
N GLY F 466 -23.61 27.40 -20.02
CA GLY F 466 -24.59 28.22 -19.34
C GLY F 466 -26.04 27.84 -19.60
N SER F 467 -26.30 27.10 -20.67
CA SER F 467 -27.66 26.61 -20.91
C SER F 467 -28.06 25.57 -19.87
N LEU F 468 -27.11 24.75 -19.43
CA LEU F 468 -27.42 23.73 -18.42
C LEU F 468 -27.72 24.37 -17.07
N ASP F 469 -26.87 25.29 -16.65
CA ASP F 469 -26.94 25.84 -15.31
C ASP F 469 -26.12 27.13 -15.36
N PRO F 470 -26.62 28.23 -14.80
CA PRO F 470 -25.80 29.44 -14.70
C PRO F 470 -24.49 29.25 -13.97
N ARG F 471 -24.41 28.32 -13.02
CA ARG F 471 -23.17 28.09 -12.31
C ARG F 471 -22.15 27.31 -13.11
N PHE F 472 -22.52 26.79 -14.28
CA PHE F 472 -21.63 25.95 -15.06
C PHE F 472 -20.74 26.73 -16.02
N ARG F 473 -20.78 28.06 -16.01
CA ARG F 473 -19.91 28.77 -16.94
C ARG F 473 -18.50 28.88 -16.39
N GLN F 474 -18.34 28.74 -15.09
CA GLN F 474 -17.05 28.93 -14.45
C GLN F 474 -15.99 27.94 -14.91
N TYR F 475 -16.36 26.86 -15.57
CA TYR F 475 -15.36 25.91 -16.00
C TYR F 475 -14.98 26.05 -17.45
N THR F 476 -15.51 27.04 -18.17
CA THR F 476 -15.35 27.04 -19.62
C THR F 476 -13.90 27.22 -20.03
N TYR F 477 -13.15 28.06 -19.33
CA TYR F 477 -11.75 28.24 -19.70
C TYR F 477 -10.97 26.96 -19.43
N GLY F 478 -11.35 26.25 -18.36
CA GLY F 478 -10.74 24.96 -18.09
C GLY F 478 -10.92 23.98 -19.22
N LEU F 479 -12.02 24.11 -19.96
CA LEU F 479 -12.20 23.23 -21.09
C LEU F 479 -11.45 23.75 -22.31
N VAL F 480 -11.47 25.07 -22.52
CA VAL F 480 -10.94 25.63 -23.76
C VAL F 480 -9.43 25.51 -23.80
N SER F 481 -8.76 25.85 -22.69
CA SER F 481 -7.30 25.75 -22.63
C SER F 481 -6.80 24.32 -22.78
N CYS F 482 -7.64 23.33 -22.52
CA CYS F 482 -7.25 21.95 -22.78
C CYS F 482 -7.45 21.59 -24.24
N GLY F 483 -8.39 22.24 -24.92
CA GLY F 483 -8.56 22.05 -26.36
C GLY F 483 -9.89 21.49 -26.79
N LEU F 484 -10.85 21.24 -25.90
CA LEU F 484 -12.13 20.69 -26.30
C LEU F 484 -13.00 21.75 -26.95
N ASP F 485 -14.04 21.29 -27.65
CA ASP F 485 -15.05 22.15 -28.23
C ASP F 485 -16.31 21.33 -28.48
N ARG F 486 -17.30 21.95 -29.10
CA ARG F 486 -18.60 21.32 -29.26
C ARG F 486 -18.59 20.15 -30.25
N SER F 487 -17.50 19.91 -30.95
CA SER F 487 -17.40 18.73 -31.79
C SER F 487 -16.64 17.59 -31.13
N LEU F 488 -15.91 17.86 -30.06
CA LEU F 488 -15.01 16.89 -29.47
C LEU F 488 -15.42 16.47 -28.07
N LEU F 489 -16.62 16.81 -27.63
CA LEU F 489 -17.03 16.47 -26.27
C LEU F 489 -17.71 15.12 -26.18
N HIS F 490 -18.13 14.55 -27.30
CA HIS F 490 -18.93 13.34 -27.25
C HIS F 490 -18.11 12.10 -26.94
N ARG F 491 -16.80 12.21 -26.75
CA ARG F 491 -15.97 11.04 -26.49
C ARG F 491 -14.94 11.35 -25.42
N VAL F 492 -15.35 12.03 -24.36
CA VAL F 492 -14.46 12.31 -23.23
C VAL F 492 -14.93 11.48 -22.04
N SER F 493 -14.01 11.20 -21.13
CA SER F 493 -14.28 10.34 -19.99
C SER F 493 -14.49 11.17 -18.73
N GLU F 494 -14.75 10.47 -17.63
CA GLU F 494 -14.93 11.14 -16.34
C GLU F 494 -13.60 11.42 -15.68
N GLN F 495 -12.65 10.50 -15.81
CA GLN F 495 -11.31 10.72 -15.29
C GLN F 495 -10.61 11.84 -16.04
N GLN F 496 -10.80 11.91 -17.36
CA GLN F 496 -10.23 12.96 -18.19
C GLN F 496 -10.73 14.36 -17.84
N LEU F 497 -11.72 14.49 -16.98
CA LEU F 497 -12.18 15.79 -16.49
C LEU F 497 -11.72 16.05 -15.08
N LEU F 498 -11.07 15.09 -14.44
CA LEU F 498 -10.73 15.23 -13.03
C LEU F 498 -9.46 16.04 -12.84
N GLU F 499 -8.49 15.88 -13.74
CA GLU F 499 -7.24 16.60 -13.61
C GLU F 499 -6.88 17.46 -14.81
N ASP F 500 -7.42 17.17 -16.00
CA ASP F 500 -7.08 17.97 -17.15
C ASP F 500 -7.87 19.28 -17.16
N CYS F 501 -9.17 19.20 -16.94
CA CYS F 501 -10.04 20.35 -17.01
C CYS F 501 -10.35 20.98 -15.66
N GLY F 502 -10.18 20.25 -14.56
CA GLY F 502 -10.28 20.84 -13.24
C GLY F 502 -11.68 20.97 -12.69
N ILE F 503 -12.53 20.01 -12.95
CA ILE F 503 -13.90 19.99 -12.42
C ILE F 503 -13.92 19.00 -11.27
N HIS F 504 -14.13 19.50 -10.05
CA HIS F 504 -13.95 18.67 -8.87
C HIS F 504 -15.23 17.98 -8.41
N LEU F 505 -16.35 18.68 -8.40
CA LEU F 505 -17.60 18.11 -7.91
C LEU F 505 -18.08 17.02 -8.83
N GLY F 506 -18.30 15.83 -8.26
CA GLY F 506 -18.66 14.68 -9.07
C GLY F 506 -20.01 14.83 -9.76
N VAL F 507 -20.95 15.48 -9.08
CA VAL F 507 -22.27 15.75 -9.68
C VAL F 507 -22.13 16.57 -10.95
N HIS F 508 -21.26 17.59 -10.93
CA HIS F 508 -21.08 18.44 -12.09
C HIS F 508 -20.47 17.67 -13.26
N ARG F 509 -19.44 16.86 -12.98
CA ARG F 509 -18.88 15.99 -14.02
C ARG F 509 -19.95 15.06 -14.59
N ALA F 510 -20.76 14.47 -13.71
CA ALA F 510 -21.78 13.54 -14.17
C ALA F 510 -22.79 14.22 -15.08
N ARG F 511 -23.21 15.43 -14.72
CA ARG F 511 -24.19 16.12 -15.55
C ARG F 511 -23.58 16.56 -16.87
N ILE F 512 -22.32 17.02 -16.86
CA ILE F 512 -21.67 17.42 -18.09
C ILE F 512 -21.54 16.22 -19.03
N LEU F 513 -21.14 15.06 -18.50
CA LEU F 513 -21.00 13.88 -19.33
C LEU F 513 -22.35 13.42 -19.87
N THR F 514 -23.38 13.37 -19.02
CA THR F 514 -24.66 12.87 -19.50
C THR F 514 -25.35 13.84 -20.45
N ALA F 515 -25.03 15.13 -20.37
CA ALA F 515 -25.62 16.07 -21.31
C ALA F 515 -24.83 16.19 -22.60
N ALA F 516 -23.55 15.87 -22.57
CA ALA F 516 -22.75 15.91 -23.79
C ALA F 516 -22.85 14.64 -24.59
N ARG F 517 -22.83 13.49 -23.91
CA ARG F 517 -22.89 12.20 -24.58
C ARG F 517 -24.19 12.01 -25.36
N GLU F 518 -25.27 12.64 -24.90
CA GLU F 518 -26.48 12.68 -25.70
C GLU F 518 -26.26 13.45 -26.99
N MET F 519 -25.68 14.64 -26.88
CA MET F 519 -25.48 15.51 -28.03
C MET F 519 -24.37 15.00 -28.92
N LEU F 520 -24.72 14.22 -29.93
CA LEU F 520 -23.81 13.97 -31.04
C LEU F 520 -24.14 14.96 -32.16
N HIS F 521 -25.36 14.90 -32.67
CA HIS F 521 -25.90 15.96 -33.50
C HIS F 521 -27.39 16.16 -33.21
N SER F 522 -27.87 15.76 -32.03
CA SER F 522 -29.31 15.76 -31.78
C SER F 522 -29.87 17.17 -31.60
N PRO F 523 -29.27 18.08 -30.80
CA PRO F 523 -29.86 19.42 -30.86
C PRO F 523 -29.28 20.27 -31.98
N THR F 535 -11.60 29.26 -58.61
CA THR F 535 -11.91 30.07 -59.78
C THR F 535 -13.14 30.94 -59.52
N PRO F 536 -13.02 32.25 -59.76
CA PRO F 536 -14.17 33.14 -59.57
C PRO F 536 -15.24 32.92 -60.62
N ASP F 537 -16.37 33.58 -60.40
CA ASP F 537 -17.50 33.47 -61.31
C ASP F 537 -17.57 34.60 -62.31
N VAL F 538 -17.48 35.84 -61.85
CA VAL F 538 -17.51 37.01 -62.72
C VAL F 538 -16.24 37.83 -62.47
N PHE F 539 -15.96 38.74 -63.39
CA PHE F 539 -14.78 39.59 -63.32
C PHE F 539 -15.21 41.04 -63.53
N ILE F 540 -14.40 41.96 -63.01
CA ILE F 540 -14.72 43.39 -63.06
C ILE F 540 -13.47 44.17 -63.46
N SER F 541 -13.50 44.77 -64.65
CA SER F 541 -12.40 45.60 -65.13
C SER F 541 -12.74 47.06 -64.94
N TYR F 542 -11.72 47.85 -64.61
CA TYR F 542 -11.94 49.24 -64.24
C TYR F 542 -10.63 50.01 -64.36
N ARG F 543 -10.76 51.31 -64.60
CA ARG F 543 -9.59 52.17 -64.69
C ARG F 543 -8.97 52.36 -63.32
N ARG F 544 -7.64 52.31 -63.26
CA ARG F 544 -6.95 52.43 -61.98
C ARG F 544 -7.02 53.84 -61.42
N ASN F 545 -7.10 54.85 -62.29
CA ASN F 545 -7.08 56.23 -61.82
C ASN F 545 -8.43 56.62 -61.23
N SER F 546 -9.47 56.61 -62.05
CA SER F 546 -10.81 56.97 -61.63
C SER F 546 -11.72 55.75 -61.70
N GLY F 547 -12.84 55.83 -61.01
CA GLY F 547 -13.76 54.72 -60.97
C GLY F 547 -13.40 53.64 -59.98
N SER F 548 -12.54 53.94 -59.01
CA SER F 548 -12.25 52.97 -57.96
C SER F 548 -13.47 52.74 -57.07
N GLN F 549 -14.19 53.82 -56.75
CA GLN F 549 -15.28 53.76 -55.79
C GLN F 549 -16.42 52.90 -56.31
N LEU F 550 -16.88 53.17 -57.53
CA LEU F 550 -18.00 52.39 -58.05
C LEU F 550 -17.59 50.97 -58.38
N ALA F 551 -16.28 50.71 -58.51
CA ALA F 551 -15.84 49.34 -58.71
C ALA F 551 -15.94 48.55 -57.41
N SER F 552 -15.39 49.11 -56.33
CA SER F 552 -15.55 48.51 -55.00
C SER F 552 -17.01 48.31 -54.64
N LEU F 553 -17.84 49.32 -54.91
CA LEU F 553 -19.22 49.27 -54.48
C LEU F 553 -20.02 48.26 -55.32
N LEU F 554 -19.70 48.15 -56.61
CA LEU F 554 -20.33 47.10 -57.41
C LEU F 554 -19.89 45.72 -56.94
N LYS F 555 -18.63 45.59 -56.52
CA LYS F 555 -18.15 44.31 -55.97
C LYS F 555 -18.96 43.89 -54.76
N VAL F 556 -19.14 44.81 -53.80
CA VAL F 556 -19.87 44.40 -52.60
C VAL F 556 -21.35 44.20 -52.89
N HIS F 557 -21.92 44.97 -53.83
CA HIS F 557 -23.33 44.80 -54.16
C HIS F 557 -23.59 43.48 -54.88
N LEU F 558 -22.62 43.01 -55.67
CA LEU F 558 -22.78 41.71 -56.29
C LEU F 558 -22.53 40.58 -55.30
N GLN F 559 -21.53 40.76 -54.43
CA GLN F 559 -21.15 39.68 -53.52
C GLN F 559 -22.23 39.45 -52.46
N LEU F 560 -23.00 40.49 -52.11
CA LEU F 560 -24.05 40.30 -51.12
C LEU F 560 -25.24 39.52 -51.64
N HIS F 561 -25.34 39.27 -52.94
CA HIS F 561 -26.45 38.51 -53.51
C HIS F 561 -26.08 37.07 -53.85
N GLY F 562 -24.85 36.66 -53.58
CA GLY F 562 -24.47 35.27 -53.76
C GLY F 562 -23.62 34.96 -54.96
N PHE F 563 -23.02 35.97 -55.59
CA PHE F 563 -22.14 35.76 -56.74
C PHE F 563 -20.71 36.07 -56.33
N SER F 564 -19.80 35.15 -56.64
CA SER F 564 -18.40 35.41 -56.36
C SER F 564 -17.82 36.32 -57.43
N VAL F 565 -16.79 37.08 -57.05
CA VAL F 565 -16.25 38.12 -57.92
C VAL F 565 -14.81 38.43 -57.50
N PHE F 566 -13.93 38.54 -58.49
CA PHE F 566 -12.52 38.80 -58.24
C PHE F 566 -12.18 40.13 -58.90
N ILE F 567 -11.56 41.02 -58.13
CA ILE F 567 -11.22 42.35 -58.61
C ILE F 567 -9.70 42.52 -58.55
N ASP F 568 -9.16 43.36 -59.41
CA ASP F 568 -7.73 43.66 -59.41
C ASP F 568 -7.37 44.39 -58.12
N VAL F 569 -6.34 43.89 -57.43
CA VAL F 569 -5.90 44.45 -56.15
C VAL F 569 -4.40 44.72 -56.28
N GLU F 570 -4.05 45.96 -56.67
CA GLU F 570 -2.71 46.56 -56.71
C GLU F 570 -1.61 45.65 -57.26
N LYS F 571 -1.69 45.30 -58.55
CA LYS F 571 -0.68 44.48 -59.21
C LYS F 571 0.46 45.30 -59.83
N LEU F 572 0.20 46.56 -60.15
CA LEU F 572 1.14 47.38 -60.93
C LEU F 572 2.44 47.63 -60.17
N GLU F 573 3.42 48.18 -60.90
CA GLU F 573 4.78 48.44 -60.42
C GLU F 573 5.48 47.17 -59.93
N ALA F 574 5.13 46.03 -60.52
CA ALA F 574 5.71 44.74 -60.18
C ALA F 574 5.87 43.96 -61.48
N GLY F 575 6.01 42.65 -61.39
CA GLY F 575 5.82 41.82 -62.56
C GLY F 575 4.40 41.96 -63.08
N LYS F 576 4.25 42.43 -64.32
CA LYS F 576 2.94 42.82 -64.82
C LYS F 576 2.41 41.96 -65.95
N PHE F 577 3.27 41.22 -66.63
CA PHE F 577 2.92 40.51 -67.85
C PHE F 577 2.90 39.01 -67.56
N GLU F 578 1.79 38.35 -67.90
CA GLU F 578 1.55 36.93 -67.63
C GLU F 578 1.65 36.60 -66.14
N ASP F 579 1.33 37.58 -65.28
CA ASP F 579 1.50 37.41 -63.83
C ASP F 579 0.18 36.99 -63.19
N LYS F 580 -0.26 35.79 -63.58
CA LYS F 580 -1.39 35.07 -63.00
C LYS F 580 -2.71 35.85 -63.07
N LEU F 581 -2.83 36.77 -64.01
CA LEU F 581 -4.06 37.53 -64.19
C LEU F 581 -4.76 37.25 -65.50
N ILE F 582 -4.15 36.46 -66.39
CA ILE F 582 -4.71 36.25 -67.71
C ILE F 582 -5.60 35.01 -67.75
N GLN F 583 -5.38 34.04 -66.86
CA GLN F 583 -6.32 32.93 -66.77
C GLN F 583 -7.60 33.35 -66.07
N SER F 584 -7.49 34.21 -65.05
CA SER F 584 -8.64 34.78 -64.35
C SER F 584 -9.68 35.37 -65.30
N VAL F 585 -9.23 36.05 -66.36
CA VAL F 585 -10.15 36.83 -67.18
C VAL F 585 -10.79 35.95 -68.24
N MET F 586 -10.24 34.75 -68.45
CA MET F 586 -10.82 33.79 -69.38
C MET F 586 -11.61 32.70 -68.67
N GLY F 587 -11.33 32.49 -67.39
CA GLY F 587 -12.05 31.56 -66.56
C GLY F 587 -13.19 32.16 -65.78
N ALA F 588 -13.51 33.43 -66.02
CA ALA F 588 -14.64 34.09 -65.38
C ALA F 588 -15.81 34.12 -66.37
N ARG F 589 -17.01 33.79 -65.88
CA ARG F 589 -18.14 33.60 -66.77
C ARG F 589 -18.62 34.90 -67.40
N ASN F 590 -18.71 35.98 -66.60
CA ASN F 590 -19.26 37.23 -67.07
C ASN F 590 -18.27 38.37 -66.84
N PHE F 591 -18.28 39.33 -67.75
CA PHE F 591 -17.31 40.42 -67.76
C PHE F 591 -18.04 41.76 -67.61
N VAL F 592 -17.43 42.67 -66.84
CA VAL F 592 -18.01 43.96 -66.48
C VAL F 592 -17.00 45.06 -66.78
N LEU F 593 -17.49 46.25 -67.16
CA LEU F 593 -16.65 47.35 -67.61
C LEU F 593 -17.12 48.64 -66.98
N VAL F 594 -16.19 49.43 -66.46
CA VAL F 594 -16.52 50.63 -65.70
C VAL F 594 -16.14 51.85 -66.54
N LEU F 595 -17.14 52.62 -66.93
CA LEU F 595 -16.94 53.78 -67.81
C LEU F 595 -16.98 55.04 -66.96
N SER F 596 -15.83 55.37 -66.39
CA SER F 596 -15.69 56.61 -65.65
C SER F 596 -15.61 57.79 -66.61
N PRO F 597 -15.92 59.00 -66.14
CA PRO F 597 -15.65 60.20 -66.97
C PRO F 597 -14.16 60.34 -67.25
N GLY F 598 -13.82 60.29 -68.53
CA GLY F 598 -12.44 60.38 -68.97
C GLY F 598 -11.63 59.13 -68.63
N ALA F 599 -12.20 57.97 -68.90
CA ALA F 599 -11.54 56.70 -68.60
C ALA F 599 -11.04 55.97 -69.84
N LEU F 600 -11.45 56.39 -71.05
CA LEU F 600 -11.04 55.75 -72.28
C LEU F 600 -10.09 56.61 -73.10
N ASP F 601 -9.51 57.65 -72.50
CA ASP F 601 -8.62 58.54 -73.25
C ASP F 601 -7.24 57.96 -73.45
N LYS F 602 -6.75 57.16 -72.50
CA LYS F 602 -5.38 56.67 -72.56
C LYS F 602 -5.20 55.58 -73.60
N CYS F 603 -6.25 54.81 -73.91
CA CYS F 603 -6.17 53.77 -74.92
C CYS F 603 -6.49 54.29 -76.31
N MET F 604 -6.65 55.59 -76.48
CA MET F 604 -6.96 56.17 -77.78
C MET F 604 -5.72 56.10 -78.68
N GLN F 605 -5.71 55.10 -79.56
CA GLN F 605 -4.67 54.89 -80.57
C GLN F 605 -3.28 54.70 -79.93
N ASP F 606 -3.19 53.69 -79.09
CA ASP F 606 -1.88 53.24 -78.65
C ASP F 606 -1.68 51.74 -78.86
N HIS F 607 -2.73 50.93 -78.65
CA HIS F 607 -2.79 49.48 -78.90
C HIS F 607 -1.56 48.73 -78.37
N ASP F 608 -1.12 49.11 -77.18
CA ASP F 608 0.02 48.50 -76.51
C ASP F 608 -0.43 47.95 -75.16
N CYS F 609 0.54 47.43 -74.40
CA CYS F 609 0.25 46.88 -73.08
C CYS F 609 0.27 47.95 -71.99
N LYS F 610 0.70 49.19 -72.32
CA LYS F 610 0.67 50.26 -71.33
C LYS F 610 -0.76 50.68 -70.99
N ASP F 611 -1.68 50.55 -71.94
CA ASP F 611 -3.11 50.68 -71.65
C ASP F 611 -3.53 49.43 -70.88
N TRP F 612 -3.65 49.56 -69.57
CA TRP F 612 -3.90 48.41 -68.70
C TRP F 612 -5.31 47.87 -68.83
N VAL F 613 -6.22 48.60 -69.49
CA VAL F 613 -7.60 48.17 -69.66
C VAL F 613 -7.85 47.46 -70.98
N HIS F 614 -6.83 47.34 -71.83
CA HIS F 614 -7.01 46.88 -73.20
C HIS F 614 -7.03 45.36 -73.30
N LYS F 615 -6.04 44.72 -72.67
CA LYS F 615 -5.83 43.27 -72.74
C LYS F 615 -7.08 42.47 -72.35
N GLU F 616 -7.68 42.81 -71.20
CA GLU F 616 -8.91 42.17 -70.75
C GLU F 616 -10.00 42.22 -71.82
N ILE F 617 -10.19 43.38 -72.47
CA ILE F 617 -11.13 43.47 -73.59
C ILE F 617 -10.76 42.46 -74.67
N VAL F 618 -9.51 42.49 -75.15
CA VAL F 618 -9.10 41.64 -76.26
C VAL F 618 -9.19 40.15 -75.92
N THR F 619 -9.25 39.80 -74.63
CA THR F 619 -9.34 38.39 -74.28
C THR F 619 -10.76 37.94 -73.96
N ALA F 620 -11.49 38.71 -73.13
CA ALA F 620 -12.92 38.48 -72.92
C ALA F 620 -13.72 38.49 -74.22
N LEU F 621 -13.30 39.28 -75.21
CA LEU F 621 -14.02 39.28 -76.48
C LEU F 621 -13.65 38.07 -77.32
N SER F 622 -12.41 37.59 -77.20
CA SER F 622 -12.01 36.36 -77.87
C SER F 622 -12.79 35.17 -77.35
N CYS F 623 -12.91 35.07 -76.02
CA CYS F 623 -13.73 34.00 -75.44
C CYS F 623 -15.19 34.12 -75.85
N GLY F 624 -15.74 35.34 -75.82
CA GLY F 624 -17.09 35.56 -76.29
C GLY F 624 -18.14 35.50 -75.20
N LYS F 625 -17.88 36.15 -74.07
CA LYS F 625 -18.78 36.15 -72.93
C LYS F 625 -19.52 37.48 -72.84
N ASN F 626 -20.39 37.58 -71.83
CA ASN F 626 -21.25 38.74 -71.68
C ASN F 626 -20.46 39.89 -71.11
N ILE F 627 -20.37 40.99 -71.86
CA ILE F 627 -19.67 42.20 -71.42
C ILE F 627 -20.71 43.30 -71.21
N VAL F 628 -21.04 43.57 -69.94
CA VAL F 628 -21.99 44.60 -69.57
C VAL F 628 -21.23 45.90 -69.29
N PRO F 629 -21.41 46.94 -70.08
CA PRO F 629 -20.85 48.25 -69.73
C PRO F 629 -21.74 49.00 -68.74
N ILE F 630 -21.09 49.77 -67.87
CA ILE F 630 -21.78 50.60 -66.89
C ILE F 630 -21.67 52.04 -67.36
N ILE F 631 -22.80 52.66 -67.67
CA ILE F 631 -22.80 54.01 -68.19
C ILE F 631 -22.97 54.97 -67.01
N ASP F 632 -21.97 55.81 -66.79
CA ASP F 632 -22.03 56.80 -65.71
C ASP F 632 -21.18 57.99 -66.07
N GLY F 633 -21.81 59.16 -66.17
CA GLY F 633 -21.11 60.41 -66.40
C GLY F 633 -20.40 60.54 -67.73
N PHE F 634 -20.62 59.63 -68.67
CA PHE F 634 -19.92 59.68 -69.94
C PHE F 634 -20.67 58.87 -70.98
N GLU F 635 -20.66 59.35 -72.21
CA GLU F 635 -21.25 58.67 -73.36
C GLU F 635 -20.17 58.36 -74.39
N TRP F 636 -20.56 57.59 -75.39
CA TRP F 636 -19.59 57.00 -76.31
C TRP F 636 -19.01 58.04 -77.27
N PRO F 637 -17.75 57.87 -77.69
CA PRO F 637 -17.15 58.79 -78.66
C PRO F 637 -17.36 58.38 -80.11
N GLU F 638 -16.76 59.13 -81.04
CA GLU F 638 -16.75 58.74 -82.44
C GLU F 638 -15.91 57.47 -82.62
N PRO F 639 -16.21 56.65 -83.66
CA PRO F 639 -15.56 55.33 -83.76
C PRO F 639 -14.18 55.35 -84.39
N GLN F 640 -13.56 56.53 -84.50
CA GLN F 640 -12.22 56.64 -85.05
C GLN F 640 -11.15 56.75 -83.98
N VAL F 641 -11.54 56.83 -82.71
CA VAL F 641 -10.58 57.02 -81.63
C VAL F 641 -10.18 55.68 -81.04
N LEU F 642 -10.51 54.60 -81.72
CA LEU F 642 -10.19 53.27 -81.22
C LEU F 642 -9.82 52.37 -82.38
N PRO F 643 -8.92 51.38 -82.17
CA PRO F 643 -8.44 50.57 -83.28
C PRO F 643 -9.46 49.58 -83.82
N GLU F 644 -9.03 48.76 -84.78
CA GLU F 644 -9.94 47.87 -85.49
C GLU F 644 -10.47 46.76 -84.60
N ASP F 645 -9.70 46.36 -83.59
CA ASP F 645 -10.19 45.38 -82.63
C ASP F 645 -11.10 46.01 -81.59
N MET F 646 -11.19 47.34 -81.53
CA MET F 646 -11.97 48.04 -80.51
C MET F 646 -13.16 48.78 -81.09
N GLN F 647 -13.62 48.39 -82.28
CA GLN F 647 -14.82 48.96 -82.85
C GLN F 647 -16.09 48.35 -82.26
N ALA F 648 -15.99 47.18 -81.62
CA ALA F 648 -17.17 46.50 -81.10
C ALA F 648 -17.67 47.13 -79.81
N VAL F 649 -16.75 47.55 -78.94
CA VAL F 649 -17.12 48.07 -77.62
C VAL F 649 -17.84 49.40 -77.74
N LEU F 650 -17.52 50.19 -78.76
CA LEU F 650 -18.21 51.45 -79.02
C LEU F 650 -19.68 51.26 -79.33
N THR F 651 -20.08 50.07 -79.79
CA THR F 651 -21.44 49.82 -80.20
C THR F 651 -22.32 49.21 -79.12
N PHE F 652 -21.72 48.66 -78.06
CA PHE F 652 -22.50 48.02 -77.02
C PHE F 652 -23.25 49.05 -76.17
N ASN F 653 -24.29 48.57 -75.50
CA ASN F 653 -25.09 49.37 -74.61
C ASN F 653 -25.19 48.67 -73.26
N GLY F 654 -25.35 49.46 -72.20
CA GLY F 654 -25.41 48.90 -70.88
C GLY F 654 -26.30 49.64 -69.91
N ILE F 655 -26.09 49.42 -68.61
CA ILE F 655 -26.92 50.00 -67.58
C ILE F 655 -26.45 51.41 -67.28
N LYS F 656 -27.39 52.30 -66.98
CA LYS F 656 -27.10 53.68 -66.60
C LYS F 656 -27.17 53.77 -65.07
N TRP F 657 -26.01 53.94 -64.44
CA TRP F 657 -25.93 53.95 -62.99
C TRP F 657 -26.46 55.26 -62.42
N SER F 658 -27.10 55.16 -61.26
CA SER F 658 -27.61 56.33 -60.56
C SER F 658 -27.30 56.20 -59.08
N HIS F 659 -27.06 57.33 -58.44
CA HIS F 659 -26.70 57.39 -57.02
C HIS F 659 -27.90 57.61 -56.12
N GLU F 660 -29.10 57.30 -56.59
CA GLU F 660 -30.31 57.47 -55.80
C GLU F 660 -31.08 56.18 -55.59
N TYR F 661 -31.20 55.35 -56.62
CA TYR F 661 -31.94 54.10 -56.54
C TYR F 661 -31.00 52.93 -56.83
N GLN F 662 -29.86 52.92 -56.13
CA GLN F 662 -28.81 51.92 -56.34
C GLN F 662 -29.34 50.50 -56.26
N GLU F 663 -30.29 50.26 -55.35
CA GLU F 663 -30.83 48.91 -55.18
C GLU F 663 -31.58 48.45 -56.42
N ALA F 664 -32.35 49.36 -57.04
CA ALA F 664 -33.04 49.03 -58.29
C ALA F 664 -32.04 48.76 -59.41
N THR F 665 -30.96 49.53 -59.45
CA THR F 665 -29.93 49.34 -60.48
C THR F 665 -29.28 47.97 -60.33
N ILE F 666 -29.09 47.52 -59.09
CA ILE F 666 -28.52 46.19 -58.88
C ILE F 666 -29.54 45.11 -59.26
N GLU F 667 -30.80 45.30 -58.86
CA GLU F 667 -31.88 44.39 -59.25
C GLU F 667 -32.01 44.25 -60.76
N LYS F 668 -31.59 45.28 -61.50
CA LYS F 668 -31.65 45.22 -62.95
C LYS F 668 -30.37 44.67 -63.56
N ILE F 669 -29.22 44.95 -62.95
CA ILE F 669 -27.95 44.46 -63.49
C ILE F 669 -27.77 42.97 -63.25
N ILE F 670 -28.52 42.39 -62.29
CA ILE F 670 -28.45 40.93 -62.10
C ILE F 670 -28.89 40.20 -63.37
N ARG F 671 -30.00 40.64 -63.95
CA ARG F 671 -30.56 39.97 -65.13
C ARG F 671 -29.66 40.11 -66.36
N PHE F 672 -28.93 41.22 -66.48
CA PHE F 672 -28.11 41.46 -67.66
C PHE F 672 -26.88 40.57 -67.73
N LEU F 673 -26.54 39.86 -66.65
CA LEU F 673 -25.48 38.88 -66.69
C LEU F 673 -26.02 37.59 -67.31
N GLN F 674 -25.26 36.51 -67.17
CA GLN F 674 -25.76 35.18 -67.47
C GLN F 674 -26.48 34.56 -66.28
N GLY F 675 -27.02 35.39 -65.38
CA GLY F 675 -27.65 34.92 -64.15
C GLY F 675 -28.75 33.90 -64.38
N ARG F 676 -29.45 34.01 -65.50
CA ARG F 676 -30.42 33.00 -65.88
C ARG F 676 -29.78 31.61 -66.01
N SER F 677 -28.57 31.54 -66.57
CA SER F 677 -27.87 30.26 -66.74
C SER F 677 -26.45 30.31 -66.17
N SER F 678 -26.24 30.92 -65.02
CA SER F 678 -24.90 30.94 -64.46
C SER F 678 -24.57 29.63 -63.76
N ARG F 679 -23.29 29.51 -63.41
CA ARG F 679 -22.74 28.46 -62.54
C ARG F 679 -23.02 27.05 -63.05
N GLY G 30 1.86 80.31 -20.04
CA GLY G 30 0.80 80.99 -19.33
C GLY G 30 -0.43 80.13 -19.17
N ALA G 31 -0.31 78.86 -19.57
CA ALA G 31 -1.42 77.93 -19.46
C ALA G 31 -1.78 77.66 -18.00
N GLY G 32 -0.78 77.52 -17.14
CA GLY G 32 -1.03 77.39 -15.71
C GLY G 32 -1.53 78.66 -15.05
N THR G 33 -1.51 79.79 -15.76
CA THR G 33 -2.10 81.03 -15.28
C THR G 33 -3.48 81.29 -15.86
N GLU G 34 -3.71 80.90 -17.12
CA GLU G 34 -4.91 81.30 -17.85
C GLU G 34 -6.12 80.44 -17.48
N VAL G 35 -5.95 79.45 -16.60
CA VAL G 35 -7.07 78.60 -16.17
C VAL G 35 -8.15 79.40 -15.47
N GLN G 36 -7.83 80.59 -14.96
CA GLN G 36 -8.83 81.55 -14.53
C GLN G 36 -9.10 82.59 -15.60
N ASP G 37 -8.12 82.88 -16.46
CA ASP G 37 -8.20 84.04 -17.33
C ASP G 37 -8.99 83.75 -18.61
N ALA G 38 -8.82 82.56 -19.18
CA ALA G 38 -9.57 82.21 -20.38
C ALA G 38 -11.05 82.04 -20.08
N LEU G 39 -11.38 81.48 -18.93
CA LEU G 39 -12.77 81.34 -18.54
C LEU G 39 -13.38 82.63 -18.05
N GLU G 40 -12.57 83.62 -17.70
CA GLU G 40 -13.10 84.94 -17.33
C GLU G 40 -13.24 85.87 -18.53
N ARG G 41 -13.16 85.35 -19.75
CA ARG G 41 -13.41 86.16 -20.94
C ARG G 41 -14.32 85.47 -21.94
N ALA G 42 -14.75 84.24 -21.68
CA ALA G 42 -15.63 83.51 -22.58
C ALA G 42 -17.04 83.36 -22.01
N LEU G 43 -17.16 82.82 -20.80
CA LEU G 43 -18.41 82.87 -20.05
C LEU G 43 -19.06 84.26 -19.95
N PRO G 44 -18.30 85.41 -19.77
CA PRO G 44 -18.93 86.74 -19.80
C PRO G 44 -19.99 87.02 -20.87
N GLU G 45 -19.84 86.51 -22.10
CA GLU G 45 -20.76 86.87 -23.17
C GLU G 45 -21.76 85.76 -23.47
N LEU G 46 -21.28 84.53 -23.63
CA LEU G 46 -22.18 83.42 -23.85
C LEU G 46 -23.11 83.18 -22.68
N GLN G 47 -22.66 83.45 -21.44
CA GLN G 47 -23.47 83.28 -20.24
C GLN G 47 -24.83 83.98 -20.34
N GLN G 48 -24.92 85.05 -21.11
CA GLN G 48 -26.21 85.64 -21.43
C GLN G 48 -26.72 85.21 -22.80
N ALA G 49 -25.83 85.05 -23.80
CA ALA G 49 -26.31 84.81 -25.15
C ALA G 49 -26.97 83.45 -25.34
N LEU G 50 -26.51 82.42 -24.62
CA LEU G 50 -27.13 81.09 -24.64
C LEU G 50 -28.62 81.10 -24.31
N SER G 51 -29.10 82.01 -23.47
CA SER G 51 -30.52 82.14 -23.21
C SER G 51 -31.12 83.44 -23.71
N ALA G 52 -30.31 84.32 -24.30
CA ALA G 52 -30.79 85.57 -24.88
C ALA G 52 -31.96 85.33 -25.84
N LEU G 53 -31.87 84.26 -26.62
CA LEU G 53 -32.94 83.86 -27.53
C LEU G 53 -33.20 82.38 -27.22
N LYS G 54 -34.04 82.17 -26.21
CA LYS G 54 -34.35 80.85 -25.66
C LYS G 54 -35.82 80.52 -25.73
N GLN G 55 -36.68 81.51 -25.52
CA GLN G 55 -38.12 81.37 -25.61
C GLN G 55 -38.66 81.79 -26.96
N ALA G 56 -37.86 82.46 -27.79
CA ALA G 56 -38.34 82.98 -29.07
C ALA G 56 -38.61 81.83 -30.03
N GLY G 57 -39.84 81.77 -30.54
CA GLY G 57 -40.21 80.77 -31.51
C GLY G 57 -40.00 81.22 -32.95
N GLY G 58 -39.15 82.22 -33.13
CA GLY G 58 -38.85 82.69 -34.47
C GLY G 58 -38.14 81.63 -35.29
N ALA G 59 -38.54 81.52 -36.55
CA ALA G 59 -37.91 80.58 -37.47
C ALA G 59 -36.46 80.96 -37.73
N ARG G 60 -36.23 82.21 -38.10
CA ARG G 60 -34.90 82.71 -38.41
C ARG G 60 -34.19 83.28 -37.20
N ALA G 61 -34.84 83.31 -36.05
CA ALA G 61 -34.24 83.91 -34.86
C ALA G 61 -33.31 82.95 -34.15
N VAL G 62 -33.66 81.65 -34.16
CA VAL G 62 -32.87 80.64 -33.45
C VAL G 62 -31.48 80.52 -34.07
N GLY G 63 -31.41 80.60 -35.40
CA GLY G 63 -30.19 80.37 -36.14
C GLY G 63 -29.05 81.31 -35.74
N ALA G 64 -29.37 82.54 -35.37
CA ALA G 64 -28.33 83.52 -35.06
C ALA G 64 -27.60 83.15 -33.78
N GLY G 65 -28.36 82.91 -32.70
CA GLY G 65 -27.75 82.43 -31.47
C GLY G 65 -27.04 81.11 -31.64
N LEU G 66 -27.60 80.20 -32.43
CA LEU G 66 -26.93 78.94 -32.74
C LEU G 66 -25.56 79.16 -33.36
N ALA G 67 -25.51 79.97 -34.42
CA ALA G 67 -24.25 80.30 -35.08
C ALA G 67 -23.27 80.97 -34.12
N GLU G 68 -23.77 81.86 -33.27
CA GLU G 68 -22.94 82.54 -32.27
C GLU G 68 -22.24 81.51 -31.36
N VAL G 69 -23.01 80.60 -30.77
CA VAL G 69 -22.44 79.60 -29.86
C VAL G 69 -21.48 78.67 -30.61
N PHE G 70 -21.87 78.27 -31.83
CA PHE G 70 -21.00 77.44 -32.67
C PHE G 70 -19.67 78.12 -32.95
N GLN G 71 -19.70 79.44 -33.19
CA GLN G 71 -18.47 80.19 -33.36
C GLN G 71 -17.61 80.13 -32.10
N LEU G 72 -18.23 80.34 -30.93
CA LEU G 72 -17.46 80.28 -29.68
C LEU G 72 -16.81 78.91 -29.44
N VAL G 73 -17.57 77.83 -29.63
CA VAL G 73 -16.96 76.52 -29.45
C VAL G 73 -15.94 76.22 -30.54
N GLU G 74 -16.03 76.86 -31.69
CA GLU G 74 -14.94 76.74 -32.66
C GLU G 74 -13.79 77.70 -32.37
N GLU G 75 -13.97 78.58 -31.40
CA GLU G 75 -12.91 79.47 -30.96
C GLU G 75 -12.09 78.84 -29.85
N ALA G 76 -12.77 78.19 -28.90
CA ALA G 76 -12.11 77.51 -27.80
C ALA G 76 -11.09 76.49 -28.30
N TRP G 77 -11.50 75.63 -29.24
CA TRP G 77 -10.60 74.63 -29.78
C TRP G 77 -9.50 75.21 -30.65
N LEU G 78 -9.68 76.44 -31.15
CA LEU G 78 -8.84 76.93 -32.23
C LEU G 78 -7.43 77.26 -31.75
N LEU G 79 -7.31 78.09 -30.72
CA LEU G 79 -6.00 78.59 -30.31
C LEU G 79 -5.22 77.46 -29.65
N PRO G 80 -4.04 77.10 -30.14
CA PRO G 80 -3.34 75.93 -29.63
C PRO G 80 -2.75 76.16 -28.25
N ALA G 81 -2.48 75.04 -27.57
CA ALA G 81 -1.88 74.93 -26.23
C ALA G 81 -2.74 75.54 -25.13
N VAL G 82 -3.95 76.00 -25.46
CA VAL G 82 -4.86 76.54 -24.45
C VAL G 82 -6.22 75.88 -24.59
N GLY G 83 -6.44 75.14 -25.68
CA GLY G 83 -7.81 74.77 -25.99
C GLY G 83 -8.41 73.64 -25.20
N ARG G 84 -7.59 72.87 -24.47
CA ARG G 84 -8.11 71.70 -23.76
C ARG G 84 -8.94 72.12 -22.56
N GLU G 85 -8.38 72.95 -21.68
CA GLU G 85 -9.13 73.29 -20.48
C GLU G 85 -10.23 74.31 -20.79
N VAL G 86 -9.94 75.29 -21.66
CA VAL G 86 -10.96 76.26 -22.05
C VAL G 86 -12.11 75.56 -22.78
N ALA G 87 -11.86 74.43 -23.43
CA ALA G 87 -12.97 73.70 -24.03
C ALA G 87 -13.72 72.89 -22.99
N GLN G 88 -13.00 72.18 -22.10
CA GLN G 88 -13.67 71.24 -21.22
C GLN G 88 -14.48 71.96 -20.14
N GLY G 89 -13.92 73.02 -19.55
CA GLY G 89 -14.66 73.77 -18.55
C GLY G 89 -15.84 74.51 -19.14
N LEU G 90 -15.68 75.03 -20.36
CA LEU G 90 -16.79 75.66 -21.05
C LEU G 90 -17.92 74.68 -21.31
N CYS G 91 -17.59 73.48 -21.77
CA CYS G 91 -18.61 72.47 -22.03
C CYS G 91 -19.31 72.07 -20.73
N ASP G 92 -18.54 71.94 -19.65
CA ASP G 92 -19.15 71.66 -18.35
C ASP G 92 -20.08 72.77 -17.90
N ALA G 93 -19.74 74.03 -18.21
CA ALA G 93 -20.63 75.13 -17.84
C ALA G 93 -21.90 75.12 -18.68
N ILE G 94 -21.79 74.76 -19.96
CA ILE G 94 -22.97 74.61 -20.81
C ILE G 94 -23.83 73.46 -20.30
N ARG G 95 -23.21 72.44 -19.70
CA ARG G 95 -24.01 71.38 -19.10
C ARG G 95 -24.73 71.89 -17.85
N LEU G 96 -24.00 72.61 -16.99
CA LEU G 96 -24.56 73.04 -15.71
C LEU G 96 -25.58 74.15 -15.81
N ASP G 97 -25.68 74.78 -16.99
CA ASP G 97 -26.55 75.98 -17.17
C ASP G 97 -27.98 75.58 -17.57
N GLY G 98 -28.20 74.30 -17.85
CA GLY G 98 -29.52 73.82 -18.20
C GLY G 98 -29.86 74.08 -19.66
N GLY G 99 -28.91 73.80 -20.55
CA GLY G 99 -29.10 74.06 -21.97
C GLY G 99 -29.18 72.82 -22.83
N LEU G 100 -28.87 71.66 -22.26
CA LEU G 100 -29.00 70.41 -23.01
C LEU G 100 -30.45 70.12 -23.35
N ASP G 101 -31.36 70.41 -22.44
CA ASP G 101 -32.78 70.21 -22.71
C ASP G 101 -33.25 71.11 -23.84
N LEU G 102 -32.65 72.30 -23.97
CA LEU G 102 -32.99 73.18 -25.09
C LEU G 102 -32.62 72.55 -26.42
N LEU G 103 -31.42 71.96 -26.49
CA LEU G 103 -31.01 71.25 -27.68
C LEU G 103 -31.91 70.06 -27.96
N LEU G 104 -32.24 69.30 -26.92
CA LEU G 104 -33.10 68.13 -27.12
C LEU G 104 -34.51 68.52 -27.54
N ARG G 105 -34.97 69.71 -27.16
CA ARG G 105 -36.22 70.22 -27.72
C ARG G 105 -36.05 70.57 -29.19
N LEU G 106 -35.07 71.43 -29.50
CA LEU G 106 -34.87 71.90 -30.87
C LEU G 106 -34.52 70.79 -31.85
N LEU G 107 -34.12 69.61 -31.37
CA LEU G 107 -33.93 68.50 -32.29
C LEU G 107 -35.25 67.95 -32.81
N GLN G 108 -36.36 68.23 -32.16
CA GLN G 108 -37.66 67.75 -32.61
C GLN G 108 -38.50 68.82 -33.30
N ALA G 109 -37.90 69.97 -33.60
CA ALA G 109 -38.63 71.07 -34.22
C ALA G 109 -39.09 70.69 -35.64
N PRO G 110 -40.21 71.24 -36.11
CA PRO G 110 -40.69 70.87 -37.44
C PRO G 110 -39.86 71.44 -38.57
N GLU G 111 -39.20 72.57 -38.39
CA GLU G 111 -38.36 73.12 -39.44
C GLU G 111 -37.06 72.33 -39.55
N LEU G 112 -36.48 72.34 -40.74
CA LEU G 112 -35.34 71.47 -41.01
C LEU G 112 -34.00 72.16 -40.81
N GLU G 113 -33.89 73.46 -41.11
CA GLU G 113 -32.59 74.11 -40.99
C GLU G 113 -32.24 74.39 -39.55
N THR G 114 -33.24 74.58 -38.69
CA THR G 114 -32.94 74.65 -37.27
C THR G 114 -32.49 73.30 -36.74
N ARG G 115 -33.03 72.21 -37.29
CA ARG G 115 -32.58 70.88 -36.89
C ARG G 115 -31.12 70.66 -37.26
N VAL G 116 -30.75 71.04 -38.49
CA VAL G 116 -29.37 70.75 -38.90
C VAL G 116 -28.40 71.65 -38.15
N GLN G 117 -28.79 72.89 -37.83
CA GLN G 117 -27.87 73.74 -37.07
C GLN G 117 -27.76 73.26 -35.63
N ALA G 118 -28.86 72.77 -35.06
CA ALA G 118 -28.80 72.24 -33.70
C ALA G 118 -27.96 70.97 -33.63
N ALA G 119 -28.03 70.13 -34.66
CA ALA G 119 -27.22 68.93 -34.69
C ALA G 119 -25.74 69.27 -34.83
N ARG G 120 -25.41 70.22 -35.71
CA ARG G 120 -24.01 70.56 -35.90
C ARG G 120 -23.45 71.24 -34.64
N LEU G 121 -24.30 71.91 -33.87
CA LEU G 121 -23.83 72.42 -32.59
C LEU G 121 -23.69 71.32 -31.55
N LEU G 122 -24.58 70.32 -31.57
CA LEU G 122 -24.51 69.25 -30.59
C LEU G 122 -23.30 68.35 -30.82
N GLU G 123 -22.77 68.32 -32.04
CA GLU G 123 -21.59 67.51 -32.33
C GLU G 123 -20.38 67.96 -31.51
N GLN G 124 -20.25 69.25 -31.24
CA GLN G 124 -19.03 69.81 -30.69
C GLN G 124 -19.01 69.87 -29.17
N ILE G 125 -19.99 69.29 -28.49
CA ILE G 125 -20.10 69.43 -27.04
C ILE G 125 -19.84 68.13 -26.29
N LEU G 126 -19.96 66.98 -26.95
CA LEU G 126 -19.92 65.70 -26.26
C LEU G 126 -18.49 65.39 -25.82
N VAL G 127 -18.19 65.69 -24.57
CA VAL G 127 -16.91 65.34 -23.96
C VAL G 127 -17.28 64.31 -22.89
N ALA G 128 -16.29 63.77 -22.16
CA ALA G 128 -16.48 62.60 -21.31
C ALA G 128 -17.50 62.79 -20.20
N GLU G 129 -17.88 64.01 -19.87
CA GLU G 129 -18.84 64.24 -18.79
C GLU G 129 -20.24 64.54 -19.30
N ASN G 130 -20.36 65.33 -20.36
CA ASN G 130 -21.66 65.66 -20.95
C ASN G 130 -22.30 64.43 -21.57
N ARG G 131 -21.46 63.49 -22.03
CA ARG G 131 -21.95 62.30 -22.72
C ARG G 131 -22.78 61.43 -21.79
N ASP G 132 -22.48 61.44 -20.49
CA ASP G 132 -23.28 60.70 -19.52
C ASP G 132 -24.70 61.24 -19.45
N ARG G 133 -24.84 62.57 -19.44
CA ARG G 133 -26.17 63.15 -19.36
C ARG G 133 -26.95 62.92 -20.65
N VAL G 134 -26.25 62.96 -21.79
CA VAL G 134 -26.95 62.71 -23.05
C VAL G 134 -27.39 61.27 -23.13
N ALA G 135 -26.56 60.35 -22.64
CA ALA G 135 -26.95 58.93 -22.60
C ALA G 135 -28.05 58.69 -21.58
N ARG G 136 -28.15 59.54 -20.57
CA ARG G 136 -29.25 59.40 -19.61
C ARG G 136 -30.58 59.76 -20.24
N ILE G 137 -30.69 60.95 -20.84
CA ILE G 137 -31.98 61.51 -21.22
C ILE G 137 -32.23 61.44 -22.73
N GLY G 138 -31.27 61.86 -23.55
CA GLY G 138 -31.56 62.20 -24.93
C GLY G 138 -31.77 61.05 -25.88
N LEU G 139 -31.32 59.84 -25.51
CA LEU G 139 -30.98 58.77 -26.45
C LEU G 139 -32.07 58.45 -27.48
N GLY G 140 -33.34 58.76 -27.19
CA GLY G 140 -34.39 58.42 -28.14
C GLY G 140 -34.51 59.36 -29.31
N VAL G 141 -34.25 60.65 -29.11
CA VAL G 141 -34.43 61.60 -30.20
C VAL G 141 -33.38 61.39 -31.29
N ILE G 142 -32.15 60.99 -30.92
CA ILE G 142 -31.12 60.69 -31.89
C ILE G 142 -31.53 59.53 -32.79
N LEU G 143 -32.13 58.50 -32.19
CA LEU G 143 -32.65 57.39 -32.96
C LEU G 143 -33.82 57.82 -33.84
N ASN G 144 -34.63 58.75 -33.36
CA ASN G 144 -35.68 59.33 -34.20
C ASN G 144 -35.10 60.10 -35.38
N LEU G 145 -33.95 60.74 -35.20
CA LEU G 145 -33.28 61.43 -36.29
C LEU G 145 -32.59 60.47 -37.25
N ALA G 146 -32.29 59.26 -36.81
CA ALA G 146 -31.61 58.29 -37.66
C ALA G 146 -32.48 57.82 -38.82
N LYS G 147 -33.78 58.09 -38.81
CA LYS G 147 -34.62 57.74 -39.94
C LYS G 147 -34.49 58.73 -41.10
N GLU G 148 -34.20 59.99 -40.79
CA GLU G 148 -34.04 61.02 -41.83
C GLU G 148 -32.68 60.86 -42.48
N ARG G 149 -32.66 60.39 -43.74
CA ARG G 149 -31.41 60.11 -44.42
C ARG G 149 -31.02 61.12 -45.47
N GLU G 150 -31.97 61.90 -45.98
CA GLU G 150 -31.71 62.68 -47.20
C GLU G 150 -30.84 63.93 -47.02
N PRO G 151 -31.11 64.86 -46.08
CA PRO G 151 -30.28 66.07 -46.03
C PRO G 151 -28.89 65.77 -45.52
N VAL G 152 -27.88 66.23 -46.27
CA VAL G 152 -26.51 65.77 -46.05
C VAL G 152 -25.92 66.41 -44.81
N GLU G 153 -26.13 67.70 -44.61
CA GLU G 153 -25.69 68.36 -43.37
C GLU G 153 -26.31 67.75 -42.11
N LEU G 154 -27.49 67.13 -42.22
CA LEU G 154 -28.01 66.36 -41.10
C LEU G 154 -27.17 65.11 -40.85
N ALA G 155 -26.90 64.35 -41.91
CA ALA G 155 -26.23 63.07 -41.74
C ALA G 155 -24.78 63.25 -41.30
N ARG G 156 -24.15 64.31 -41.79
CA ARG G 156 -22.76 64.58 -41.46
C ARG G 156 -22.58 64.85 -39.97
N SER G 157 -23.58 65.44 -39.33
CA SER G 157 -23.43 65.68 -37.91
C SER G 157 -23.96 64.54 -37.06
N VAL G 158 -25.04 63.89 -37.48
CA VAL G 158 -25.58 62.81 -36.65
C VAL G 158 -24.67 61.59 -36.71
N ALA G 159 -23.89 61.43 -37.79
CA ALA G 159 -22.88 60.38 -37.81
C ALA G 159 -21.82 60.62 -36.76
N GLY G 160 -21.40 61.88 -36.58
CA GLY G 160 -20.45 62.19 -35.52
C GLY G 160 -21.06 62.05 -34.15
N ILE G 161 -22.36 62.32 -34.03
CA ILE G 161 -23.06 62.11 -32.77
C ILE G 161 -23.04 60.64 -32.37
N LEU G 162 -23.34 59.76 -33.33
CA LEU G 162 -23.30 58.32 -33.05
C LEU G 162 -21.88 57.85 -32.80
N GLU G 163 -20.91 58.43 -33.51
CA GLU G 163 -19.50 58.13 -33.26
C GLU G 163 -19.12 58.43 -31.81
N HIS G 164 -19.50 59.60 -31.31
CA HIS G 164 -19.15 59.91 -29.92
C HIS G 164 -20.00 59.13 -28.92
N MET G 165 -21.21 58.73 -29.30
CA MET G 165 -22.07 58.02 -28.36
C MET G 165 -21.80 56.52 -28.29
N PHE G 166 -21.08 55.96 -29.25
CA PHE G 166 -20.70 54.55 -29.11
C PHE G 166 -19.62 54.30 -28.07
N LYS G 167 -18.97 55.34 -27.57
CA LYS G 167 -17.85 55.14 -26.65
C LYS G 167 -18.27 55.08 -25.19
N HIS G 168 -19.56 55.14 -24.88
CA HIS G 168 -19.94 55.36 -23.49
C HIS G 168 -19.92 54.07 -22.68
N SER G 169 -20.77 53.11 -23.03
CA SER G 169 -20.95 51.93 -22.22
C SER G 169 -21.36 50.77 -23.11
N GLU G 170 -21.45 49.59 -22.49
CA GLU G 170 -21.87 48.41 -23.24
C GLU G 170 -23.38 48.37 -23.42
N GLU G 171 -24.13 48.87 -22.45
CA GLU G 171 -25.58 48.91 -22.60
C GLU G 171 -25.99 49.89 -23.67
N THR G 172 -25.28 51.01 -23.77
CA THR G 172 -25.57 52.00 -24.82
C THR G 172 -25.31 51.41 -26.19
N CYS G 173 -24.25 50.62 -26.33
CA CYS G 173 -23.98 49.95 -27.60
C CYS G 173 -25.05 48.92 -27.89
N GLN G 174 -25.51 48.22 -26.86
CA GLN G 174 -26.55 47.21 -27.03
C GLN G 174 -27.84 47.85 -27.53
N ARG G 175 -28.20 49.00 -26.96
CA ARG G 175 -29.38 49.71 -27.42
C ARG G 175 -29.23 50.21 -28.84
N LEU G 176 -28.08 50.81 -29.17
CA LEU G 176 -27.92 51.37 -30.49
C LEU G 176 -27.77 50.30 -31.57
N VAL G 177 -27.44 49.07 -31.20
CA VAL G 177 -27.50 47.99 -32.17
C VAL G 177 -28.88 47.33 -32.20
N ALA G 178 -29.67 47.47 -31.14
CA ALA G 178 -30.93 46.78 -31.06
C ALA G 178 -32.12 47.66 -31.39
N ALA G 179 -31.91 48.97 -31.57
CA ALA G 179 -32.97 49.87 -31.96
C ALA G 179 -32.80 50.38 -33.38
N GLY G 180 -31.94 49.76 -34.17
CA GLY G 180 -31.77 50.17 -35.56
C GLY G 180 -30.80 51.31 -35.79
N GLY G 181 -29.97 51.65 -34.80
CA GLY G 181 -29.00 52.70 -34.98
C GLY G 181 -27.75 52.32 -35.74
N LEU G 182 -27.57 51.02 -36.01
CA LEU G 182 -26.44 50.56 -36.80
C LEU G 182 -26.75 50.54 -38.29
N ASP G 183 -28.02 50.27 -38.63
CA ASP G 183 -28.46 50.30 -40.01
C ASP G 183 -28.20 51.65 -40.66
N ALA G 184 -28.40 52.73 -39.90
CA ALA G 184 -28.09 54.07 -40.38
C ALA G 184 -26.63 54.18 -40.83
N VAL G 185 -25.71 53.73 -39.99
CA VAL G 185 -24.28 53.75 -40.30
C VAL G 185 -23.99 52.93 -41.55
N LEU G 186 -24.57 51.72 -41.62
CA LEU G 186 -24.27 50.86 -42.75
C LEU G 186 -24.95 51.33 -44.04
N TYR G 187 -25.97 52.16 -43.95
CA TYR G 187 -26.52 52.76 -45.16
C TYR G 187 -25.72 53.97 -45.58
N TRP G 188 -25.21 54.73 -44.60
CA TRP G 188 -24.43 55.91 -44.93
C TRP G 188 -23.04 55.57 -45.41
N CYS G 189 -22.63 54.31 -45.28
CA CYS G 189 -21.37 53.89 -45.89
C CYS G 189 -21.39 53.95 -47.41
N ARG G 190 -22.56 54.05 -48.04
CA ARG G 190 -22.62 54.08 -49.50
C ARG G 190 -22.14 55.41 -50.07
N ARG G 191 -22.45 56.52 -49.41
CA ARG G 191 -22.28 57.83 -50.01
C ARG G 191 -20.79 58.18 -50.15
N THR G 192 -20.53 59.30 -50.82
CA THR G 192 -19.18 59.67 -51.25
C THR G 192 -18.70 60.97 -50.60
N ASP G 193 -19.20 61.29 -49.43
CA ASP G 193 -18.71 62.49 -48.77
C ASP G 193 -17.35 62.21 -48.10
N PRO G 194 -16.38 63.11 -48.26
CA PRO G 194 -15.06 62.88 -47.67
C PRO G 194 -14.95 63.19 -46.20
N ALA G 195 -16.02 63.67 -45.56
CA ALA G 195 -16.02 63.85 -44.12
C ALA G 195 -17.05 62.99 -43.41
N LEU G 196 -18.08 62.50 -44.11
CA LEU G 196 -19.03 61.58 -43.51
C LEU G 196 -18.40 60.22 -43.28
N LEU G 197 -17.55 59.78 -44.21
CA LEU G 197 -16.99 58.44 -44.13
C LEU G 197 -15.99 58.29 -43.01
N ARG G 198 -15.30 59.37 -42.64
CA ARG G 198 -14.40 59.29 -41.48
C ARG G 198 -15.17 59.03 -40.20
N HIS G 199 -16.30 59.73 -40.02
CA HIS G 199 -17.14 59.50 -38.87
C HIS G 199 -17.75 58.10 -38.90
N CYS G 200 -18.08 57.62 -40.10
CA CYS G 200 -18.65 56.28 -40.23
C CYS G 200 -17.65 55.20 -39.85
N ALA G 201 -16.40 55.37 -40.30
CA ALA G 201 -15.35 54.41 -39.97
C ALA G 201 -15.03 54.42 -38.49
N LEU G 202 -14.91 55.61 -37.89
CA LEU G 202 -14.64 55.66 -36.47
C LEU G 202 -15.80 55.12 -35.65
N ALA G 203 -17.03 55.26 -36.17
CA ALA G 203 -18.18 54.69 -35.48
C ALA G 203 -18.09 53.17 -35.44
N LEU G 204 -17.81 52.54 -36.59
CA LEU G 204 -17.71 51.09 -36.61
C LEU G 204 -16.53 50.59 -35.79
N GLY G 205 -15.42 51.35 -35.80
CA GLY G 205 -14.27 50.95 -35.02
C GLY G 205 -14.51 51.02 -33.52
N ASN G 206 -15.09 52.12 -33.04
CA ASN G 206 -15.38 52.25 -31.62
C ASN G 206 -16.43 51.25 -31.16
N CYS G 207 -17.43 50.98 -32.01
CA CYS G 207 -18.45 50.00 -31.66
C CYS G 207 -17.85 48.61 -31.49
N ALA G 208 -17.01 48.19 -32.44
CA ALA G 208 -16.37 46.90 -32.28
C ALA G 208 -15.35 46.90 -31.15
N LEU G 209 -14.79 48.06 -30.79
CA LEU G 209 -13.75 48.09 -29.76
C LEU G 209 -14.31 48.01 -28.35
N HIS G 210 -15.25 48.90 -27.99
CA HIS G 210 -15.80 48.91 -26.64
C HIS G 210 -17.14 48.21 -26.55
N GLY G 211 -17.50 47.39 -27.54
CA GLY G 211 -18.82 46.81 -27.53
C GLY G 211 -18.99 45.63 -26.61
N GLY G 212 -18.28 44.54 -26.89
CA GLY G 212 -18.49 43.29 -26.17
C GLY G 212 -18.62 42.15 -27.14
N GLN G 213 -19.26 41.07 -26.69
CA GLN G 213 -19.34 39.86 -27.49
C GLN G 213 -20.59 39.81 -28.36
N ALA G 214 -21.76 40.07 -27.76
CA ALA G 214 -23.03 39.96 -28.47
C ALA G 214 -23.10 40.92 -29.65
N VAL G 215 -22.77 42.19 -29.40
CA VAL G 215 -22.75 43.22 -30.43
C VAL G 215 -21.81 42.85 -31.57
N GLN G 216 -20.68 42.20 -31.30
CA GLN G 216 -19.80 41.74 -32.38
C GLN G 216 -20.49 40.70 -33.25
N ARG G 217 -21.09 39.68 -32.63
CA ARG G 217 -21.80 38.65 -33.38
C ARG G 217 -22.92 39.24 -34.22
N ARG G 218 -23.69 40.17 -33.66
CA ARG G 218 -24.76 40.79 -34.41
C ARG G 218 -24.24 41.78 -35.44
N MET G 219 -23.01 42.25 -35.29
CA MET G 219 -22.39 43.09 -36.29
C MET G 219 -21.96 42.28 -37.50
N VAL G 220 -21.30 41.14 -37.26
CA VAL G 220 -20.84 40.31 -38.36
C VAL G 220 -22.00 39.57 -39.01
N GLU G 221 -23.11 39.40 -38.29
CA GLU G 221 -24.28 38.80 -38.91
C GLU G 221 -24.92 39.77 -39.90
N LYS G 222 -24.80 41.07 -39.67
CA LYS G 222 -25.39 42.06 -40.55
C LYS G 222 -24.47 42.46 -41.69
N ARG G 223 -23.48 41.61 -42.01
CA ARG G 223 -22.57 41.80 -43.14
C ARG G 223 -21.79 43.10 -43.04
N ALA G 224 -21.38 43.47 -41.82
CA ALA G 224 -20.59 44.68 -41.66
C ALA G 224 -19.18 44.49 -42.17
N ALA G 225 -18.68 43.27 -42.21
CA ALA G 225 -17.34 43.02 -42.74
C ALA G 225 -17.30 43.29 -44.23
N GLU G 226 -18.41 43.06 -44.93
CA GLU G 226 -18.46 43.30 -46.36
C GLU G 226 -18.51 44.78 -46.68
N TRP G 227 -19.24 45.55 -45.87
CA TRP G 227 -19.41 46.96 -46.16
C TRP G 227 -18.17 47.78 -45.85
N LEU G 228 -17.22 47.22 -45.10
CA LEU G 228 -15.99 47.94 -44.83
C LEU G 228 -15.05 47.94 -46.03
N PHE G 229 -15.29 47.08 -47.02
CA PHE G 229 -14.38 46.99 -48.15
C PHE G 229 -14.39 48.22 -49.05
N PRO G 230 -15.54 48.79 -49.46
CA PRO G 230 -15.46 50.04 -50.23
C PRO G 230 -14.92 51.20 -49.43
N LEU G 231 -14.88 51.09 -48.12
CA LEU G 231 -14.33 52.15 -47.29
C LEU G 231 -12.82 52.06 -47.17
N ALA G 232 -12.24 50.87 -47.36
CA ALA G 232 -10.81 50.69 -47.25
C ALA G 232 -10.09 50.70 -48.59
N PHE G 233 -10.83 50.61 -49.70
CA PHE G 233 -10.23 50.55 -51.02
C PHE G 233 -10.17 51.90 -51.71
N SER G 234 -10.76 52.94 -51.12
CA SER G 234 -10.73 54.26 -51.71
C SER G 234 -9.31 54.82 -51.63
N LYS G 235 -8.74 55.14 -52.80
CA LYS G 235 -7.37 55.62 -52.88
C LYS G 235 -7.28 57.14 -52.87
N GLU G 236 -8.18 57.79 -52.16
CA GLU G 236 -8.22 59.25 -52.07
C GLU G 236 -7.53 59.78 -50.82
N ASP G 237 -7.70 59.12 -49.68
CA ASP G 237 -7.10 59.55 -48.43
C ASP G 237 -6.69 58.33 -47.63
N GLU G 238 -5.70 58.52 -46.76
CA GLU G 238 -5.15 57.42 -45.99
C GLU G 238 -5.73 57.29 -44.59
N LEU G 239 -6.33 58.35 -44.05
CA LEU G 239 -6.95 58.23 -42.73
C LEU G 239 -8.17 57.31 -42.80
N LEU G 240 -8.92 57.38 -43.90
CA LEU G 240 -10.05 56.48 -44.07
C LEU G 240 -9.60 55.03 -44.13
N ARG G 241 -8.49 54.77 -44.84
CA ARG G 241 -7.98 53.42 -44.94
C ARG G 241 -7.46 52.94 -43.58
N LEU G 242 -6.84 53.82 -42.82
CA LEU G 242 -6.34 53.44 -41.51
C LEU G 242 -7.47 53.09 -40.56
N HIS G 243 -8.54 53.89 -40.55
CA HIS G 243 -9.61 53.58 -39.62
C HIS G 243 -10.40 52.35 -40.05
N ALA G 244 -10.55 52.14 -41.35
CA ALA G 244 -11.22 50.92 -41.82
C ALA G 244 -10.41 49.67 -41.49
N CYS G 245 -9.10 49.70 -41.71
CA CYS G 245 -8.27 48.54 -41.38
C CYS G 245 -8.27 48.28 -39.88
N LEU G 246 -8.24 49.35 -39.06
CA LEU G 246 -8.31 49.15 -37.62
C LEU G 246 -9.61 48.46 -37.22
N ALA G 247 -10.72 48.88 -37.80
CA ALA G 247 -12.01 48.29 -37.45
C ALA G 247 -12.06 46.82 -37.85
N VAL G 248 -11.60 46.50 -39.06
CA VAL G 248 -11.66 45.10 -39.48
C VAL G 248 -10.68 44.24 -38.67
N ALA G 249 -9.55 44.80 -38.22
CA ALA G 249 -8.63 44.02 -37.40
C ALA G 249 -9.20 43.72 -36.03
N VAL G 250 -9.87 44.70 -35.43
CA VAL G 250 -10.48 44.46 -34.12
C VAL G 250 -11.61 43.45 -34.25
N LEU G 251 -12.33 43.48 -35.37
CA LEU G 251 -13.36 42.47 -35.59
C LEU G 251 -12.76 41.09 -35.85
N ALA G 252 -11.58 41.03 -36.46
CA ALA G 252 -10.97 39.75 -36.80
C ALA G 252 -10.12 39.18 -35.67
N THR G 253 -9.95 39.91 -34.58
CA THR G 253 -9.22 39.35 -33.45
C THR G 253 -10.04 38.29 -32.74
N ASN G 254 -11.35 38.49 -32.66
CA ASN G 254 -12.28 37.52 -32.08
C ASN G 254 -12.22 36.20 -32.83
N LYS G 255 -12.24 35.10 -32.08
CA LYS G 255 -12.06 33.78 -32.69
C LYS G 255 -13.34 33.20 -33.26
N GLU G 256 -14.49 33.66 -32.81
CA GLU G 256 -15.74 32.99 -33.18
C GLU G 256 -16.13 33.29 -34.63
N VAL G 257 -15.88 34.52 -35.09
CA VAL G 257 -16.38 34.91 -36.39
C VAL G 257 -15.25 35.29 -37.33
N GLU G 258 -14.06 34.76 -37.10
CA GLU G 258 -12.97 35.05 -38.03
C GLU G 258 -13.15 34.34 -39.37
N ARG G 259 -13.94 33.26 -39.40
CA ARG G 259 -14.18 32.56 -40.66
C ARG G 259 -15.00 33.42 -41.61
N GLU G 260 -16.06 34.04 -41.10
CA GLU G 260 -16.85 34.99 -41.88
C GLU G 260 -15.99 36.12 -42.42
N VAL G 261 -15.15 36.71 -41.55
CA VAL G 261 -14.35 37.86 -41.94
C VAL G 261 -13.33 37.46 -43.01
N GLU G 262 -12.71 36.29 -42.88
CA GLU G 262 -11.79 35.85 -43.92
C GLU G 262 -12.52 35.50 -45.21
N ARG G 263 -13.77 35.02 -45.11
CA ARG G 263 -14.56 34.77 -46.30
C ARG G 263 -14.97 36.05 -46.99
N SER G 264 -15.03 37.15 -46.23
CA SER G 264 -15.37 38.44 -46.83
C SER G 264 -14.26 38.95 -47.74
N GLY G 265 -13.01 38.61 -47.45
CA GLY G 265 -11.91 38.94 -48.34
C GLY G 265 -11.33 40.32 -48.20
N THR G 266 -11.67 41.04 -47.13
CA THR G 266 -11.13 42.38 -46.94
C THR G 266 -9.90 42.41 -46.05
N LEU G 267 -9.46 41.26 -45.51
CA LEU G 267 -8.24 41.25 -44.73
C LEU G 267 -6.99 41.28 -45.59
N ALA G 268 -7.10 40.93 -46.87
CA ALA G 268 -5.94 40.93 -47.75
C ALA G 268 -5.41 42.33 -48.06
N LEU G 269 -6.14 43.38 -47.70
CA LEU G 269 -5.75 44.74 -48.03
C LEU G 269 -5.11 45.47 -46.85
N VAL G 270 -4.59 44.73 -45.88
CA VAL G 270 -3.95 45.38 -44.73
C VAL G 270 -2.45 45.52 -44.94
N GLU G 271 -1.78 44.45 -45.35
CA GLU G 271 -0.34 44.42 -45.59
C GLU G 271 0.14 45.51 -46.55
N PRO G 272 -0.33 45.59 -47.83
CA PRO G 272 0.18 46.65 -48.72
C PRO G 272 0.12 48.04 -48.12
N LEU G 273 -1.01 48.37 -47.50
CA LEU G 273 -1.22 49.70 -46.94
C LEU G 273 -0.19 50.03 -45.87
N VAL G 274 -0.07 49.16 -44.86
CA VAL G 274 0.92 49.37 -43.79
C VAL G 274 2.33 49.39 -44.37
N ALA G 275 2.59 48.57 -45.37
CA ALA G 275 3.91 48.52 -45.98
C ALA G 275 4.24 49.79 -46.76
N SER G 276 3.22 50.54 -47.21
CA SER G 276 3.43 51.70 -48.05
C SER G 276 3.13 53.01 -47.33
N LEU G 277 3.51 53.11 -46.06
CA LEU G 277 3.28 54.32 -45.29
C LEU G 277 4.51 54.63 -44.45
N ASP G 278 4.39 55.67 -43.63
CA ASP G 278 5.45 56.08 -42.73
C ASP G 278 4.82 56.52 -41.41
N PRO G 279 5.19 55.91 -40.28
CA PRO G 279 4.68 56.41 -38.99
C PRO G 279 5.16 57.80 -38.65
N GLY G 280 6.30 58.21 -39.21
CA GLY G 280 6.86 59.50 -38.86
C GLY G 280 6.06 60.67 -39.39
N ARG G 281 5.39 60.48 -40.53
CA ARG G 281 4.55 61.51 -41.11
C ARG G 281 3.14 61.53 -40.53
N PHE G 282 2.63 60.38 -40.09
CA PHE G 282 1.37 60.39 -39.34
C PHE G 282 1.58 60.75 -37.88
N ALA G 283 2.81 60.64 -37.38
CA ALA G 283 3.23 61.50 -36.29
C ALA G 283 3.32 62.93 -36.84
N ARG G 284 2.92 63.90 -36.02
CA ARG G 284 2.60 65.30 -36.31
C ARG G 284 1.22 65.39 -37.01
N LEU G 286 -2.68 63.46 -36.28
CA LEU G 286 -3.44 63.03 -35.10
C LEU G 286 -3.13 63.89 -33.87
N VAL G 287 -2.51 65.05 -34.06
CA VAL G 287 -2.27 66.01 -32.99
C VAL G 287 -3.08 67.28 -33.17
N ASP G 288 -3.76 67.43 -34.32
CA ASP G 288 -4.58 68.59 -34.61
C ASP G 288 -6.03 68.27 -34.97
N ALA G 289 -6.33 67.01 -35.31
CA ALA G 289 -7.60 66.70 -35.96
C ALA G 289 -8.75 66.64 -34.96
N SER G 290 -8.67 65.74 -33.99
CA SER G 290 -9.79 65.47 -33.10
C SER G 290 -10.01 66.60 -32.11
N ASP G 291 -9.04 66.80 -31.21
CA ASP G 291 -9.21 67.79 -30.16
C ASP G 291 -7.92 68.51 -29.80
N THR G 292 -6.84 68.33 -30.56
CA THR G 292 -5.51 68.87 -30.29
C THR G 292 -5.04 68.44 -28.89
N SER G 293 -4.91 67.14 -28.73
CA SER G 293 -4.54 66.53 -27.46
C SER G 293 -3.23 65.75 -27.62
N GLN G 294 -2.66 65.38 -26.48
CA GLN G 294 -1.41 64.62 -26.47
C GLN G 294 -1.68 63.11 -26.51
N GLY G 295 -2.41 62.70 -27.54
CA GLY G 295 -2.64 61.30 -27.80
C GLY G 295 -3.84 60.73 -27.07
N ARG G 296 -3.94 59.41 -27.13
CA ARG G 296 -5.03 58.67 -26.53
C ARG G 296 -4.70 58.27 -25.11
N GLY G 297 -5.74 58.05 -24.31
CA GLY G 297 -5.58 57.81 -22.90
C GLY G 297 -5.07 56.43 -22.60
N PRO G 298 -4.73 56.20 -21.32
CA PRO G 298 -4.30 54.86 -20.89
C PRO G 298 -5.35 53.79 -21.14
N ASP G 299 -6.60 54.07 -20.76
CA ASP G 299 -7.66 53.08 -20.93
C ASP G 299 -8.02 52.92 -22.41
N ASP G 300 -7.69 53.90 -23.24
CA ASP G 300 -7.77 53.71 -24.68
C ASP G 300 -6.56 52.93 -25.18
N LEU G 301 -5.40 53.09 -24.52
CA LEU G 301 -4.21 52.39 -24.98
C LEU G 301 -4.22 50.92 -24.62
N GLN G 302 -4.98 50.51 -23.61
CA GLN G 302 -5.06 49.08 -23.31
C GLN G 302 -6.02 48.35 -24.25
N ARG G 303 -6.57 49.02 -25.25
CA ARG G 303 -7.42 48.39 -26.23
C ARG G 303 -6.64 47.86 -27.42
N LEU G 304 -5.37 48.24 -27.53
CA LEU G 304 -4.49 47.81 -28.61
C LEU G 304 -3.60 46.63 -28.23
N VAL G 305 -3.20 46.54 -26.97
CA VAL G 305 -2.28 45.48 -26.55
C VAL G 305 -2.88 44.09 -26.69
N PRO G 306 -4.16 43.82 -26.37
CA PRO G 306 -4.69 42.48 -26.63
C PRO G 306 -4.77 42.10 -28.10
N LEU G 307 -4.77 43.04 -29.04
CA LEU G 307 -4.66 42.64 -30.43
C LEU G 307 -3.22 42.58 -30.91
N LEU G 308 -2.27 42.94 -30.06
CA LEU G 308 -0.86 42.79 -30.39
C LEU G 308 -0.36 41.39 -30.15
N ASP G 309 -1.05 40.62 -29.32
CA ASP G 309 -0.69 39.23 -29.02
C ASP G 309 -1.81 38.34 -29.54
N SER G 310 -1.70 37.93 -30.79
CA SER G 310 -2.71 37.07 -31.39
C SER G 310 -2.07 36.37 -32.58
N ASN G 311 -2.66 35.23 -32.95
CA ASN G 311 -2.12 34.44 -34.06
C ASN G 311 -2.69 34.89 -35.39
N ARG G 312 -2.63 36.19 -35.65
CA ARG G 312 -2.99 36.76 -36.93
C ARG G 312 -1.92 37.77 -37.30
N LEU G 313 -1.74 37.98 -38.60
CA LEU G 313 -0.62 38.82 -39.01
C LEU G 313 -1.05 40.27 -39.22
N GLU G 314 -2.16 40.49 -39.93
CA GLU G 314 -2.71 41.82 -40.14
C GLU G 314 -2.94 42.57 -38.84
N ALA G 315 -3.59 41.92 -37.87
CA ALA G 315 -3.83 42.50 -36.56
C ALA G 315 -2.54 42.99 -35.92
N GLN G 316 -1.53 42.12 -35.88
CA GLN G 316 -0.24 42.49 -35.30
C GLN G 316 0.38 43.68 -36.01
N CYS G 317 0.30 43.71 -37.35
CA CYS G 317 0.88 44.82 -38.10
C CYS G 317 0.21 46.15 -37.76
N ILE G 318 -1.12 46.18 -37.79
CA ILE G 318 -1.87 47.37 -37.44
C ILE G 318 -1.58 47.83 -36.01
N GLY G 319 -1.56 46.89 -35.07
CA GLY G 319 -1.23 47.22 -33.70
C GLY G 319 0.13 47.85 -33.56
N ALA G 320 1.14 47.23 -34.17
CA ALA G 320 2.49 47.79 -34.23
C ALA G 320 2.49 49.21 -34.76
N PHE G 321 1.77 49.45 -35.86
CA PHE G 321 1.67 50.78 -36.45
C PHE G 321 1.15 51.81 -35.45
N TYR G 322 0.00 51.51 -34.84
CA TYR G 322 -0.61 52.46 -33.91
C TYR G 322 0.28 52.71 -32.70
N LEU G 323 0.88 51.65 -32.14
CA LEU G 323 1.77 51.82 -31.01
C LEU G 323 3.00 52.64 -31.37
N CYS G 324 3.59 52.41 -32.53
CA CYS G 324 4.72 53.22 -33.00
C CYS G 324 4.34 54.70 -33.06
N ALA G 325 3.19 55.01 -33.67
CA ALA G 325 2.73 56.39 -33.77
C ALA G 325 2.53 57.02 -32.40
N GLU G 326 1.79 56.33 -31.53
CA GLU G 326 1.56 56.83 -30.18
C GLU G 326 2.85 57.01 -29.40
N ALA G 327 3.78 56.06 -29.51
CA ALA G 327 5.09 56.18 -28.87
C ALA G 327 5.81 57.44 -29.34
N ALA G 328 5.77 57.70 -30.65
CA ALA G 328 6.34 58.93 -31.21
C ALA G 328 5.73 60.15 -30.55
N ILE G 329 4.40 60.21 -30.47
CA ILE G 329 3.74 61.38 -29.91
C ILE G 329 4.02 61.54 -28.41
N LYS G 330 4.12 60.44 -27.68
CA LYS G 330 4.26 60.49 -26.23
C LYS G 330 5.70 60.40 -25.74
N SER G 331 6.68 60.30 -26.63
CA SER G 331 8.06 60.31 -26.19
C SER G 331 8.68 61.69 -26.22
N LEU G 332 8.04 62.65 -26.89
CA LEU G 332 8.48 64.04 -26.79
C LEU G 332 8.25 64.58 -25.40
N GLN G 333 7.23 64.09 -24.71
CA GLN G 333 6.91 64.52 -23.36
C GLN G 333 7.71 63.68 -22.36
N GLY G 334 7.39 63.79 -21.08
CA GLY G 334 8.04 63.00 -20.08
C GLY G 334 7.41 61.65 -19.79
N LYS G 335 6.20 61.43 -20.31
CA LYS G 335 5.48 60.19 -20.04
C LYS G 335 6.10 59.07 -20.86
N THR G 336 7.07 58.38 -20.26
CA THR G 336 7.65 57.18 -20.83
C THR G 336 7.43 55.98 -19.92
N LYS G 337 6.46 56.06 -19.01
CA LYS G 337 6.19 54.99 -18.07
C LYS G 337 4.88 54.28 -18.33
N VAL G 338 3.99 54.86 -19.12
CA VAL G 338 2.71 54.23 -19.39
C VAL G 338 2.90 52.98 -20.27
N PHE G 339 3.86 52.99 -21.19
CA PHE G 339 4.14 51.80 -21.98
C PHE G 339 4.81 50.70 -21.18
N SER G 340 5.31 51.00 -19.99
CA SER G 340 5.74 49.93 -19.10
C SER G 340 4.65 49.51 -18.15
N ASP G 341 3.75 50.43 -17.78
CA ASP G 341 2.62 50.07 -16.93
C ASP G 341 1.65 49.16 -17.66
N ILE G 342 1.41 49.42 -18.95
CA ILE G 342 0.47 48.59 -19.70
C ILE G 342 1.09 47.23 -19.99
N GLY G 343 2.35 47.21 -20.37
CA GLY G 343 2.99 45.95 -20.70
C GLY G 343 3.16 45.78 -22.19
N ALA G 344 3.51 46.86 -22.87
CA ALA G 344 3.79 46.79 -24.29
C ALA G 344 5.25 46.47 -24.58
N ILE G 345 6.14 46.66 -23.61
CA ILE G 345 7.56 46.43 -23.86
C ILE G 345 7.84 44.95 -24.02
N GLN G 346 7.27 44.13 -23.13
CA GLN G 346 7.51 42.69 -23.21
C GLN G 346 6.86 42.11 -24.45
N SER G 347 5.69 42.62 -24.82
CA SER G 347 5.02 42.12 -26.01
C SER G 347 5.77 42.51 -27.28
N LEU G 348 6.31 43.73 -27.34
CA LEU G 348 7.07 44.13 -28.51
C LEU G 348 8.38 43.35 -28.63
N LYS G 349 9.04 43.09 -27.50
CA LYS G 349 10.29 42.33 -27.58
C LYS G 349 10.01 40.89 -28.01
N ARG G 350 8.91 40.32 -27.52
CA ARG G 350 8.51 38.98 -27.97
C ARG G 350 8.10 38.99 -29.43
N LEU G 351 7.56 40.11 -29.91
CA LEU G 351 7.22 40.22 -31.32
C LEU G 351 8.47 40.27 -32.19
N VAL G 352 9.52 40.95 -31.71
CA VAL G 352 10.76 41.03 -32.48
C VAL G 352 11.44 39.66 -32.52
N SER G 353 11.43 38.94 -31.40
CA SER G 353 12.27 37.74 -31.29
C SER G 353 11.81 36.62 -32.21
N TYR G 354 10.52 36.48 -32.46
CA TYR G 354 10.00 35.40 -33.31
C TYR G 354 9.51 35.96 -34.64
N SER G 355 10.21 36.95 -35.18
CA SER G 355 9.71 37.67 -36.34
C SER G 355 9.82 36.82 -37.59
N THR G 356 8.67 36.51 -38.19
CA THR G 356 8.62 35.80 -39.46
C THR G 356 8.11 36.69 -40.58
N ASN G 357 8.34 37.99 -40.46
CA ASN G 357 7.85 38.94 -41.44
C ASN G 357 8.73 40.19 -41.39
N GLY G 358 8.75 40.93 -42.48
CA GLY G 358 9.61 42.09 -42.59
C GLY G 358 8.97 43.36 -42.09
N THR G 359 7.64 43.47 -42.23
CA THR G 359 6.98 44.72 -41.92
C THR G 359 6.83 44.92 -40.42
N LYS G 360 6.24 43.94 -39.73
CA LYS G 360 6.02 44.11 -38.30
C LYS G 360 7.32 44.08 -37.52
N SER G 361 8.35 43.38 -38.03
CA SER G 361 9.65 43.43 -37.38
C SER G 361 10.26 44.82 -37.48
N ALA G 362 10.16 45.44 -38.66
CA ALA G 362 10.67 46.80 -38.84
C ALA G 362 9.95 47.78 -37.92
N LEU G 363 8.62 47.76 -37.93
CA LEU G 363 7.85 48.67 -37.10
C LEU G 363 8.14 48.45 -35.62
N ALA G 364 8.23 47.19 -35.19
CA ALA G 364 8.54 46.89 -33.80
C ALA G 364 9.90 47.42 -33.39
N LYS G 365 10.94 47.17 -34.20
CA LYS G 365 12.27 47.67 -33.88
C LYS G 365 12.28 49.20 -33.84
N ARG G 366 11.54 49.84 -34.74
CA ARG G 366 11.52 51.30 -34.76
C ARG G 366 10.83 51.83 -33.52
N ALA G 367 9.75 51.18 -33.09
CA ALA G 367 9.05 51.63 -31.89
C ALA G 367 9.85 51.38 -30.62
N LEU G 368 10.64 50.30 -30.58
CA LEU G 368 11.52 50.10 -29.43
C LEU G 368 12.70 51.07 -29.45
N ARG G 369 13.13 51.50 -30.64
CA ARG G 369 14.23 52.43 -30.72
C ARG G 369 13.83 53.81 -30.24
N LEU G 370 12.55 54.16 -30.38
CA LEU G 370 12.04 55.43 -29.89
C LEU G 370 12.01 55.50 -28.38
N LEU G 371 12.07 54.37 -27.70
CA LEU G 371 12.19 54.31 -26.25
C LEU G 371 13.61 53.90 -25.87
N GLY G 372 13.90 54.00 -24.58
CA GLY G 372 15.23 53.65 -24.10
C GLY G 372 15.53 52.18 -24.04
N GLU G 373 14.53 51.33 -24.25
CA GLU G 373 14.73 49.89 -24.22
C GLU G 373 15.60 49.46 -25.39
N GLU G 374 16.54 48.56 -25.14
CA GLU G 374 17.44 48.10 -26.18
C GLU G 374 16.76 47.09 -27.09
N VAL G 375 17.24 47.02 -28.32
CA VAL G 375 16.61 46.18 -29.34
C VAL G 375 17.14 44.75 -29.20
N PRO G 376 16.27 43.75 -29.17
CA PRO G 376 16.75 42.37 -29.14
C PRO G 376 17.13 41.89 -30.54
N ARG G 377 17.87 40.81 -30.57
CA ARG G 377 18.25 40.22 -31.85
C ARG G 377 17.40 38.99 -32.14
N PRO G 378 17.04 38.76 -33.40
CA PRO G 378 16.29 37.54 -33.73
C PRO G 378 17.16 36.31 -33.53
N ILE G 379 16.49 35.19 -33.24
CA ILE G 379 17.15 33.96 -32.83
C ILE G 379 16.97 32.91 -33.92
N LEU G 380 17.96 32.03 -34.03
CA LEU G 380 17.96 31.04 -35.08
C LEU G 380 16.90 29.99 -34.83
N PRO G 381 16.13 29.59 -35.85
CA PRO G 381 15.01 28.68 -35.63
C PRO G 381 15.41 27.22 -35.52
N SER G 382 16.69 26.89 -35.60
CA SER G 382 17.13 25.51 -35.47
C SER G 382 17.50 25.29 -34.02
N VAL G 383 16.51 24.94 -33.21
CA VAL G 383 16.67 24.88 -31.76
C VAL G 383 17.58 23.73 -31.33
N PRO G 384 17.48 22.50 -31.85
CA PRO G 384 18.54 21.54 -31.60
C PRO G 384 19.84 22.02 -32.23
N SER G 385 20.95 21.49 -31.72
CA SER G 385 22.29 21.98 -32.02
C SER G 385 22.43 23.45 -31.68
N TRP G 386 21.98 23.81 -30.48
CA TRP G 386 22.31 25.07 -29.86
C TRP G 386 23.49 24.85 -28.91
N LYS G 387 24.12 25.95 -28.53
CA LYS G 387 25.17 25.89 -27.53
C LYS G 387 24.78 26.78 -26.35
N GLU G 388 25.71 26.96 -25.42
CA GLU G 388 25.39 27.64 -24.18
C GLU G 388 25.14 29.12 -24.39
N ALA G 389 25.88 29.74 -25.32
CA ALA G 389 25.74 31.16 -25.60
C ALA G 389 24.33 31.49 -26.07
N GLU G 390 23.83 30.74 -27.04
CA GLU G 390 22.52 31.01 -27.61
C GLU G 390 21.42 30.82 -26.58
N VAL G 391 21.52 29.78 -25.76
CA VAL G 391 20.59 29.59 -24.64
C VAL G 391 20.59 30.80 -23.72
N GLN G 392 21.78 31.30 -23.38
CA GLN G 392 21.88 32.50 -22.56
C GLN G 392 21.16 33.69 -23.18
N THR G 393 21.43 33.97 -24.46
CA THR G 393 20.72 35.09 -25.11
C THR G 393 19.21 34.89 -25.10
N TRP G 394 18.74 33.65 -25.30
CA TRP G 394 17.31 33.36 -25.20
C TRP G 394 16.76 33.74 -23.83
N LEU G 395 17.36 33.21 -22.76
CA LEU G 395 17.00 33.60 -21.41
C LEU G 395 17.20 35.08 -21.13
N GLN G 396 17.98 35.78 -21.94
CA GLN G 396 18.08 37.23 -21.77
C GLN G 396 16.95 37.95 -22.44
N GLN G 397 16.34 37.35 -23.46
CA GLN G 397 15.27 38.05 -24.16
C GLN G 397 13.90 37.72 -23.61
N ILE G 398 13.70 36.54 -23.02
CA ILE G 398 12.34 36.24 -22.58
C ILE G 398 12.01 36.84 -21.22
N GLY G 399 13.02 37.16 -20.41
CA GLY G 399 12.80 37.75 -19.10
C GLY G 399 13.32 36.92 -17.95
N PHE G 400 13.78 35.70 -18.16
CA PHE G 400 14.30 34.87 -17.08
C PHE G 400 15.80 35.13 -16.91
N SER G 401 16.14 36.39 -16.67
CA SER G 401 17.53 36.79 -16.74
C SER G 401 18.31 36.49 -15.47
N LYS G 402 17.63 36.20 -14.38
CA LYS G 402 18.33 35.92 -13.13
C LYS G 402 18.70 34.45 -12.99
N TYR G 403 18.18 33.59 -13.84
CA TYR G 403 18.53 32.17 -13.80
C TYR G 403 19.60 31.80 -14.80
N CYS G 404 20.16 32.76 -15.53
CA CYS G 404 21.21 32.49 -16.52
C CYS G 404 22.42 31.84 -15.87
N GLU G 405 22.71 32.20 -14.62
CA GLU G 405 23.87 31.65 -13.92
C GLU G 405 23.77 30.14 -13.79
N SER G 406 22.62 29.64 -13.30
CA SER G 406 22.42 28.20 -13.13
C SER G 406 22.52 27.45 -14.44
N PHE G 407 21.99 28.00 -15.54
CA PHE G 407 22.14 27.36 -16.83
C PHE G 407 23.59 27.33 -17.30
N ARG G 408 24.32 28.44 -17.16
CA ARG G 408 25.72 28.43 -17.54
C ARG G 408 26.53 27.50 -16.64
N GLU G 409 26.07 27.26 -15.43
CA GLU G 409 26.75 26.33 -14.54
C GLU G 409 26.54 24.89 -14.97
N GLN G 410 25.28 24.50 -15.19
CA GLN G 410 25.00 23.11 -15.54
C GLN G 410 25.28 22.79 -17.00
N GLN G 411 25.65 23.79 -17.80
CA GLN G 411 25.97 23.62 -19.23
C GLN G 411 24.80 23.02 -19.99
N VAL G 412 23.67 23.69 -19.94
CA VAL G 412 22.51 23.28 -20.70
C VAL G 412 22.66 23.71 -22.14
N ASP G 413 22.25 22.86 -23.06
CA ASP G 413 22.29 23.15 -24.49
C ASP G 413 20.88 23.02 -25.06
N GLY G 414 20.78 23.04 -26.39
CA GLY G 414 19.48 22.93 -27.03
C GLY G 414 18.81 21.60 -26.76
N ASP G 415 19.55 20.51 -26.94
CA ASP G 415 19.00 19.18 -26.71
C ASP G 415 18.53 19.01 -25.29
N LEU G 416 19.39 19.32 -24.32
CA LEU G 416 19.03 19.23 -22.92
C LEU G 416 17.94 20.22 -22.53
N LEU G 417 17.74 21.29 -23.30
CA LEU G 417 16.62 22.19 -23.02
C LEU G 417 15.30 21.60 -23.48
N LEU G 418 15.29 21.04 -24.69
CA LEU G 418 14.04 20.51 -25.23
C LEU G 418 13.51 19.31 -24.46
N ARG G 419 14.29 18.71 -23.57
CA ARG G 419 13.86 17.54 -22.82
C ARG G 419 13.88 17.79 -21.32
N LEU G 420 13.68 19.04 -20.90
CA LEU G 420 13.63 19.33 -19.48
C LEU G 420 12.32 18.86 -18.88
N THR G 421 12.36 18.47 -17.62
CA THR G 421 11.17 18.11 -16.85
C THR G 421 11.09 18.99 -15.62
N GLU G 422 10.03 18.78 -14.83
CA GLU G 422 9.81 19.62 -13.66
C GLU G 422 10.80 19.34 -12.55
N GLU G 423 11.30 18.10 -12.47
CA GLU G 423 12.19 17.70 -11.38
C GLU G 423 13.49 18.48 -11.42
N GLU G 424 14.09 18.58 -12.61
CA GLU G 424 15.35 19.32 -12.75
C GLU G 424 15.15 20.81 -12.51
N LEU G 425 13.97 21.34 -12.79
CA LEU G 425 13.71 22.73 -12.43
C LEU G 425 13.65 22.88 -10.91
N GLN G 426 12.94 21.98 -10.24
CA GLN G 426 12.77 22.08 -8.80
C GLN G 426 14.06 21.86 -8.04
N THR G 427 14.93 20.97 -8.50
CA THR G 427 15.98 20.46 -7.62
C THR G 427 17.28 21.24 -7.75
N ASP G 428 17.88 21.24 -8.94
CA ASP G 428 19.21 21.82 -9.10
C ASP G 428 19.24 23.10 -9.92
N LEU G 429 18.26 23.35 -10.78
CA LEU G 429 18.25 24.62 -11.45
C LEU G 429 17.76 25.75 -10.56
N GLY G 430 16.95 25.44 -9.55
CA GLY G 430 16.63 26.42 -8.54
C GLY G 430 15.36 27.20 -8.76
N MET G 431 14.35 26.62 -9.40
CA MET G 431 13.04 27.26 -9.53
C MET G 431 12.12 26.61 -8.51
N LYS G 432 12.02 27.22 -7.33
CA LYS G 432 11.25 26.59 -6.25
C LYS G 432 9.75 26.79 -6.44
N SER G 433 9.33 28.01 -6.74
CA SER G 433 7.91 28.33 -6.80
C SER G 433 7.27 27.70 -8.02
N GLY G 434 6.04 27.21 -7.85
CA GLY G 434 5.33 26.61 -8.96
C GLY G 434 4.91 27.60 -10.03
N ILE G 435 4.81 28.87 -9.69
CA ILE G 435 4.33 29.84 -10.65
C ILE G 435 5.44 30.23 -11.61
N THR G 436 6.69 30.26 -11.14
CA THR G 436 7.81 30.48 -12.04
C THR G 436 7.98 29.31 -12.99
N ARG G 437 7.90 28.07 -12.47
CA ARG G 437 7.96 26.90 -13.34
C ARG G 437 6.86 26.92 -14.39
N LYS G 438 5.66 27.37 -14.01
CA LYS G 438 4.57 27.40 -14.99
C LYS G 438 4.79 28.49 -16.03
N ARG G 439 5.39 29.63 -15.64
CA ARG G 439 5.76 30.63 -16.62
C ARG G 439 6.82 30.10 -17.58
N PHE G 440 7.80 29.38 -17.04
CA PHE G 440 8.90 28.86 -17.86
C PHE G 440 8.38 27.87 -18.88
N PHE G 441 7.53 26.94 -18.44
CA PHE G 441 6.96 26.00 -19.39
C PHE G 441 6.09 26.68 -20.42
N ARG G 442 5.36 27.74 -20.04
CA ARG G 442 4.56 28.46 -21.01
C ARG G 442 5.42 29.09 -22.10
N GLU G 443 6.50 29.77 -21.70
CA GLU G 443 7.44 30.32 -22.68
C GLU G 443 8.08 29.24 -23.53
N LEU G 444 8.46 28.12 -22.91
CA LEU G 444 9.13 27.05 -23.64
C LEU G 444 8.22 26.45 -24.70
N THR G 445 6.99 26.07 -24.33
CA THR G 445 6.05 25.56 -25.33
C THR G 445 5.72 26.59 -26.39
N GLU G 446 5.75 27.88 -26.05
CA GLU G 446 5.67 28.89 -27.10
C GLU G 446 6.84 28.78 -28.07
N LEU G 447 8.02 28.48 -27.55
CA LEU G 447 9.19 28.39 -28.43
C LEU G 447 9.22 27.11 -29.25
N LYS G 448 8.69 26.01 -28.73
CA LYS G 448 8.85 24.74 -29.41
C LYS G 448 7.91 24.56 -30.58
N THR G 449 6.90 25.42 -30.73
CA THR G 449 6.09 25.37 -31.94
C THR G 449 6.72 26.17 -33.06
N PHE G 450 7.85 26.82 -32.81
CA PHE G 450 8.51 27.68 -33.76
C PHE G 450 9.75 27.05 -34.36
N ALA G 451 10.33 26.05 -33.70
CA ALA G 451 11.63 25.50 -34.05
C ALA G 451 11.61 24.78 -35.39
N ASN G 452 12.80 24.44 -35.85
CA ASN G 452 13.01 23.76 -37.13
C ASN G 452 13.63 22.40 -36.85
N TYR G 453 12.88 21.34 -37.14
CA TYR G 453 13.32 19.98 -36.85
C TYR G 453 13.80 19.27 -38.10
N SER G 454 14.49 20.00 -38.98
CA SER G 454 14.92 19.42 -40.24
C SER G 454 16.03 18.40 -40.07
N THR G 455 16.75 18.42 -38.97
CA THR G 455 17.90 17.55 -38.78
C THR G 455 17.61 16.39 -37.86
N CYS G 456 16.41 16.30 -37.29
CA CYS G 456 16.02 15.18 -36.44
C CYS G 456 14.89 14.37 -37.06
N ASP G 457 13.87 15.04 -37.57
CA ASP G 457 12.73 14.37 -38.17
C ASP G 457 13.15 13.67 -39.45
N ARG G 458 12.45 12.58 -39.77
CA ARG G 458 12.71 11.85 -40.98
C ARG G 458 11.51 11.82 -41.91
N SER G 459 10.33 11.50 -41.40
CA SER G 459 9.15 11.33 -42.21
C SER G 459 8.22 12.54 -42.13
N ASN G 460 8.76 13.71 -41.76
CA ASN G 460 8.01 14.95 -41.64
C ASN G 460 6.84 14.80 -40.68
N LEU G 461 7.17 14.36 -39.46
CA LEU G 461 6.14 14.08 -38.47
C LEU G 461 5.53 15.38 -37.93
N ALA G 462 6.32 16.46 -37.93
CA ALA G 462 5.83 17.78 -37.54
C ALA G 462 4.57 18.17 -38.28
N ASP G 463 4.58 18.06 -39.61
CA ASP G 463 3.44 18.42 -40.42
C ASP G 463 2.21 17.58 -40.07
N TRP G 464 2.38 16.26 -40.00
CA TRP G 464 1.26 15.39 -39.63
C TRP G 464 0.73 15.69 -38.24
N LEU G 465 1.55 16.23 -37.35
CA LEU G 465 1.01 16.62 -36.06
C LEU G 465 0.25 17.94 -36.17
N GLY G 466 0.91 18.96 -36.73
CA GLY G 466 0.29 20.27 -36.94
C GLY G 466 -0.98 20.26 -37.76
N SER G 467 -1.22 19.20 -38.51
CA SER G 467 -2.49 19.09 -39.23
C SER G 467 -3.66 18.90 -38.29
N LEU G 468 -3.44 18.18 -37.19
CA LEU G 468 -4.52 17.97 -36.21
C LEU G 468 -4.85 19.25 -35.49
N ASP G 469 -3.85 19.96 -35.01
CA ASP G 469 -4.05 21.11 -34.15
C ASP G 469 -2.73 21.88 -34.17
N PRO G 470 -2.75 23.20 -34.33
CA PRO G 470 -1.52 23.99 -34.23
C PRO G 470 -0.79 23.80 -32.91
N ARG G 471 -1.48 23.51 -31.82
CA ARG G 471 -0.82 23.32 -30.55
C ARG G 471 -0.13 21.97 -30.42
N PHE G 472 -0.33 21.07 -31.38
CA PHE G 472 0.22 19.73 -31.29
C PHE G 472 1.62 19.60 -31.86
N ARG G 473 2.26 20.69 -32.29
CA ARG G 473 3.60 20.52 -32.81
C ARG G 473 4.63 20.47 -31.70
N GLN G 474 4.27 20.97 -30.52
CA GLN G 474 5.21 21.06 -29.42
C GLN G 474 5.72 19.72 -28.94
N TYR G 475 5.10 18.61 -29.31
CA TYR G 475 5.55 17.33 -28.84
C TYR G 475 6.39 16.58 -29.86
N THR G 476 6.68 17.19 -31.02
CA THR G 476 7.26 16.39 -32.10
C THR G 476 8.65 15.89 -31.75
N TYR G 477 9.46 16.70 -31.07
CA TYR G 477 10.79 16.23 -30.72
C TYR G 477 10.70 15.11 -29.70
N GLY G 478 9.71 15.19 -28.81
CA GLY G 478 9.46 14.11 -27.87
C GLY G 478 9.19 12.80 -28.56
N LEU G 479 8.59 12.85 -29.74
CA LEU G 479 8.36 11.61 -30.47
C LEU G 479 9.61 11.19 -31.22
N VAL G 480 10.31 12.16 -31.83
CA VAL G 480 11.41 11.82 -32.73
C VAL G 480 12.59 11.24 -31.95
N SER G 481 12.96 11.88 -30.84
CA SER G 481 14.06 11.40 -30.03
C SER G 481 13.79 10.02 -29.43
N CYS G 482 12.54 9.60 -29.33
CA CYS G 482 12.25 8.25 -28.90
C CYS G 482 12.36 7.27 -30.06
N GLY G 483 12.14 7.72 -31.29
CA GLY G 483 12.36 6.89 -32.46
C GLY G 483 11.14 6.62 -33.31
N LEU G 484 9.96 7.16 -33.00
CA LEU G 484 8.78 6.89 -33.80
C LEU G 484 8.81 7.69 -35.10
N ASP G 485 7.96 7.26 -36.03
CA ASP G 485 7.75 7.97 -37.30
C ASP G 485 6.41 7.55 -37.86
N ARG G 486 6.12 8.04 -39.07
CA ARG G 486 4.79 7.84 -39.65
C ARG G 486 4.52 6.40 -40.07
N SER G 487 5.51 5.51 -40.00
CA SER G 487 5.26 4.10 -40.25
C SER G 487 5.10 3.29 -38.97
N LEU G 488 5.49 3.84 -37.83
CA LEU G 488 5.55 3.08 -36.59
C LEU G 488 4.57 3.58 -35.54
N LEU G 489 3.63 4.44 -35.91
CA LEU G 489 2.71 4.98 -34.92
C LEU G 489 1.46 4.15 -34.77
N HIS G 490 1.18 3.25 -35.69
CA HIS G 490 -0.09 2.54 -35.68
C HIS G 490 -0.14 1.44 -34.61
N ARG G 491 0.91 1.24 -33.84
CA ARG G 491 0.92 0.18 -32.83
C ARG G 491 1.57 0.67 -31.55
N VAL G 492 1.24 1.88 -31.12
CA VAL G 492 1.74 2.42 -29.86
C VAL G 492 0.59 2.48 -28.88
N SER G 493 0.90 2.46 -27.59
CA SER G 493 -0.11 2.42 -26.54
C SER G 493 -0.26 3.80 -25.91
N GLU G 494 -1.16 3.88 -24.93
CA GLU G 494 -1.37 5.13 -24.21
C GLU G 494 -0.36 5.29 -23.09
N GLN G 495 -0.02 4.19 -22.42
CA GLN G 495 1.02 4.23 -21.40
C GLN G 495 2.38 4.55 -22.00
N GLN G 496 2.66 3.99 -23.17
CA GLN G 496 3.91 4.23 -23.89
C GLN G 496 4.11 5.68 -24.30
N LEU G 497 3.10 6.53 -24.16
CA LEU G 497 3.22 7.97 -24.42
C LEU G 497 3.28 8.76 -23.13
N LEU G 498 3.13 8.12 -21.98
CA LEU G 498 3.03 8.85 -20.73
C LEU G 498 4.40 9.21 -20.18
N GLU G 499 5.39 8.34 -20.36
CA GLU G 499 6.72 8.61 -19.86
C GLU G 499 7.82 8.57 -20.91
N ASP G 500 7.60 7.90 -22.03
CA ASP G 500 8.64 7.86 -23.05
C ASP G 500 8.66 9.15 -23.86
N CYS G 501 7.49 9.58 -24.33
CA CYS G 501 7.40 10.74 -25.20
C CYS G 501 7.04 12.03 -24.47
N GLY G 502 6.45 11.95 -23.27
CA GLY G 502 6.27 13.12 -22.46
C GLY G 502 5.03 13.93 -22.75
N ILE G 503 3.94 13.28 -23.09
CA ILE G 503 2.66 13.94 -23.36
C ILE G 503 1.78 13.75 -22.13
N HIS G 504 1.48 14.83 -21.42
CA HIS G 504 0.84 14.71 -20.12
C HIS G 504 -0.68 14.77 -20.18
N LEU G 505 -1.23 15.68 -20.96
CA LEU G 505 -2.68 15.85 -21.02
C LEU G 505 -3.33 14.65 -21.65
N GLY G 506 -4.28 14.04 -20.94
CA GLY G 506 -4.89 12.81 -21.41
C GLY G 506 -5.69 12.99 -22.69
N VAL G 507 -6.34 14.14 -22.83
CA VAL G 507 -7.08 14.44 -24.05
C VAL G 507 -6.15 14.42 -25.27
N HIS G 508 -4.95 14.98 -25.13
CA HIS G 508 -4.02 15.03 -26.24
C HIS G 508 -3.55 13.63 -26.62
N ARG G 509 -3.20 12.81 -25.62
CA ARG G 509 -2.86 11.41 -25.88
C ARG G 509 -4.01 10.69 -26.59
N ALA G 510 -5.24 10.91 -26.11
CA ALA G 510 -6.38 10.22 -26.70
C ALA G 510 -6.58 10.62 -28.15
N ARG G 511 -6.43 11.91 -28.47
CA ARG G 511 -6.60 12.32 -29.86
C ARG G 511 -5.48 11.83 -30.74
N ILE G 512 -4.24 11.82 -30.23
CA ILE G 512 -3.13 11.32 -31.02
C ILE G 512 -3.33 9.83 -31.33
N LEU G 513 -3.75 9.06 -30.33
CA LEU G 513 -3.97 7.63 -30.55
C LEU G 513 -5.13 7.39 -31.51
N THR G 514 -6.24 8.10 -31.35
CA THR G 514 -7.37 7.83 -32.22
C THR G 514 -7.16 8.34 -33.63
N ALA G 515 -6.28 9.33 -33.83
CA ALA G 515 -5.99 9.79 -35.17
C ALA G 515 -4.89 8.98 -35.84
N ALA G 516 -4.02 8.34 -35.08
CA ALA G 516 -2.97 7.52 -35.66
C ALA G 516 -3.44 6.11 -35.94
N ARG G 517 -4.20 5.53 -35.03
CA ARG G 517 -4.69 4.16 -35.17
C ARG G 517 -5.59 4.01 -36.40
N GLU G 518 -6.29 5.08 -36.79
CA GLU G 518 -7.00 5.06 -38.05
C GLU G 518 -6.03 4.96 -39.21
N MET G 519 -5.00 5.81 -39.22
CA MET G 519 -4.05 5.86 -40.31
C MET G 519 -3.13 4.65 -40.29
N LEU G 520 -3.49 3.61 -41.03
CA LEU G 520 -2.52 2.58 -41.39
C LEU G 520 -1.95 2.90 -42.76
N HIS G 521 -2.81 2.96 -43.77
CA HIS G 521 -2.45 3.56 -45.05
C HIS G 521 -3.64 4.31 -45.64
N SER G 522 -4.60 4.73 -44.80
CA SER G 522 -5.84 5.29 -45.33
C SER G 522 -5.65 6.69 -45.92
N PRO G 523 -4.96 7.65 -45.26
CA PRO G 523 -4.75 8.88 -46.04
C PRO G 523 -3.50 8.81 -46.91
N THR G 535 23.61 -2.85 -62.14
CA THR G 535 24.13 -2.69 -63.49
C THR G 535 23.48 -1.49 -64.18
N PRO G 536 24.31 -0.60 -64.73
CA PRO G 536 23.78 0.56 -65.44
C PRO G 536 23.13 0.17 -66.75
N ASP G 537 22.48 1.16 -67.37
CA ASP G 537 21.78 0.95 -68.62
C ASP G 537 22.62 1.36 -69.83
N VAL G 538 23.16 2.58 -69.81
CA VAL G 538 24.00 3.07 -70.89
C VAL G 538 25.35 3.48 -70.30
N PHE G 539 26.32 3.67 -71.19
CA PHE G 539 27.67 4.04 -70.80
C PHE G 539 28.13 5.22 -71.65
N ILE G 540 29.06 5.99 -71.12
CA ILE G 540 29.55 7.20 -71.78
C ILE G 540 31.07 7.26 -71.71
N SER G 541 31.71 7.15 -72.87
CA SER G 541 33.17 7.23 -72.96
C SER G 541 33.57 8.61 -73.44
N TYR G 542 34.68 9.11 -72.92
CA TYR G 542 35.08 10.48 -73.17
C TYR G 542 36.56 10.65 -72.85
N ARG G 543 37.18 11.62 -73.51
CA ARG G 543 38.58 11.91 -73.27
C ARG G 543 38.75 12.57 -71.91
N ARG G 544 39.78 12.16 -71.18
CA ARG G 544 40.00 12.70 -69.83
C ARG G 544 40.47 14.14 -69.88
N ASN G 545 41.19 14.53 -70.93
CA ASN G 545 41.75 15.88 -70.99
C ASN G 545 40.66 16.90 -71.31
N SER G 546 40.08 16.79 -72.50
CA SER G 546 39.04 17.70 -72.96
C SER G 546 37.72 16.95 -73.09
N GLY G 547 36.63 17.71 -73.13
CA GLY G 547 35.33 17.11 -73.21
C GLY G 547 34.76 16.63 -71.89
N SER G 548 35.31 17.10 -70.77
CA SER G 548 34.72 16.79 -69.47
C SER G 548 33.35 17.43 -69.32
N GLN G 549 33.21 18.67 -69.77
CA GLN G 549 32.00 19.44 -69.53
C GLN G 549 30.81 18.83 -70.25
N LEU G 550 30.95 18.55 -71.55
CA LEU G 550 29.83 18.00 -72.29
C LEU G 550 29.55 16.56 -71.89
N ALA G 551 30.51 15.90 -71.25
CA ALA G 551 30.25 14.56 -70.75
C ALA G 551 29.37 14.61 -69.51
N SER G 552 29.76 15.45 -68.54
CA SER G 552 28.92 15.69 -67.37
C SER G 552 27.52 16.15 -67.76
N LEU G 553 27.44 17.08 -68.72
CA LEU G 553 26.16 17.67 -69.06
C LEU G 553 25.28 16.68 -69.81
N LEU G 554 25.88 15.83 -70.64
CA LEU G 554 25.09 14.77 -71.26
C LEU G 554 24.61 13.76 -70.23
N LYS G 555 25.43 13.48 -69.21
CA LYS G 555 25.01 12.60 -68.13
C LYS G 555 23.76 13.13 -67.43
N VAL G 556 23.78 14.41 -67.05
CA VAL G 556 22.62 14.90 -66.32
C VAL G 556 21.42 15.04 -67.25
N HIS G 557 21.63 15.36 -68.53
CA HIS G 557 20.51 15.47 -69.45
C HIS G 557 19.87 14.13 -69.76
N LEU G 558 20.66 13.05 -69.75
CA LEU G 558 20.08 11.73 -69.91
C LEU G 558 19.41 11.26 -68.63
N GLN G 559 20.03 11.53 -67.48
CA GLN G 559 19.51 11.03 -66.21
C GLN G 559 18.19 11.70 -65.84
N LEU G 560 17.99 12.95 -66.29
CA LEU G 560 16.73 13.61 -65.96
C LEU G 560 15.54 13.07 -66.73
N HIS G 561 15.74 12.24 -67.74
CA HIS G 561 14.64 11.68 -68.52
C HIS G 561 14.32 10.24 -68.15
N GLY G 562 15.02 9.67 -67.18
CA GLY G 562 14.69 8.35 -66.68
C GLY G 562 15.61 7.23 -67.12
N PHE G 563 16.79 7.53 -67.65
CA PHE G 563 17.76 6.52 -68.05
C PHE G 563 18.94 6.55 -67.09
N SER G 564 19.32 5.37 -66.58
CA SER G 564 20.49 5.30 -65.74
C SER G 564 21.74 5.31 -66.59
N VAL G 565 22.84 5.81 -66.00
CA VAL G 565 24.06 6.04 -66.75
C VAL G 565 25.25 6.07 -65.79
N PHE G 566 26.33 5.39 -66.17
CA PHE G 566 27.53 5.30 -65.34
C PHE G 566 28.66 5.95 -66.11
N ILE G 567 29.37 6.87 -65.47
CA ILE G 567 30.46 7.58 -66.10
C ILE G 567 31.74 7.30 -65.33
N ASP G 568 32.88 7.37 -66.02
CA ASP G 568 34.18 7.19 -65.39
C ASP G 568 34.43 8.32 -64.40
N VAL G 569 34.80 7.96 -63.17
CA VAL G 569 35.03 8.93 -62.10
C VAL G 569 36.42 8.64 -61.53
N GLU G 570 37.44 9.33 -62.06
CA GLU G 570 38.84 9.39 -61.60
C GLU G 570 39.45 8.04 -61.19
N LYS G 571 39.61 7.13 -62.16
CA LYS G 571 40.22 5.83 -61.91
C LYS G 571 41.74 5.84 -62.09
N LEU G 572 42.28 6.76 -62.89
CA LEU G 572 43.67 6.74 -63.29
C LEU G 572 44.62 6.94 -62.11
N GLU G 573 45.92 6.71 -62.37
CA GLU G 573 47.00 6.75 -61.37
C GLU G 573 46.77 5.78 -60.22
N ALA G 574 46.11 4.66 -60.51
CA ALA G 574 45.82 3.61 -59.53
C ALA G 574 45.97 2.28 -60.25
N GLY G 575 45.39 1.23 -59.69
CA GLY G 575 45.19 0.01 -60.45
C GLY G 575 44.28 0.29 -61.63
N LYS G 576 44.77 0.09 -62.85
CA LYS G 576 44.07 0.54 -64.05
C LYS G 576 43.56 -0.57 -64.94
N PHE G 577 44.11 -1.78 -64.82
CA PHE G 577 43.84 -2.86 -65.74
C PHE G 577 43.00 -3.92 -65.05
N GLU G 578 41.87 -4.29 -65.67
CA GLU G 578 40.88 -5.23 -65.12
C GLU G 578 40.33 -4.76 -63.77
N ASP G 579 40.29 -3.44 -63.56
CA ASP G 579 39.90 -2.88 -62.27
C ASP G 579 38.42 -2.50 -62.29
N LYS G 580 37.58 -3.53 -62.44
CA LYS G 580 36.13 -3.47 -62.31
C LYS G 580 35.48 -2.49 -63.28
N LEU G 581 36.14 -2.19 -64.40
CA LEU G 581 35.58 -1.30 -65.40
C LEU G 581 35.28 -1.99 -66.72
N ILE G 582 35.66 -3.25 -66.87
CA ILE G 582 35.51 -3.93 -68.15
C ILE G 582 34.19 -4.68 -68.24
N GLN G 583 33.61 -5.07 -67.11
CA GLN G 583 32.26 -5.65 -67.16
C GLN G 583 31.21 -4.56 -67.38
N SER G 584 31.42 -3.38 -66.77
CA SER G 584 30.56 -2.21 -66.99
C SER G 584 30.30 -1.92 -68.46
N VAL G 585 31.34 -2.05 -69.30
CA VAL G 585 31.24 -1.55 -70.67
C VAL G 585 30.62 -2.61 -71.56
N MET G 586 30.53 -3.85 -71.08
CA MET G 586 29.87 -4.92 -71.80
C MET G 586 28.46 -5.20 -71.29
N GLY G 587 28.18 -4.81 -70.05
CA GLY G 587 26.88 -4.92 -69.45
C GLY G 587 26.02 -3.69 -69.61
N ALA G 588 26.46 -2.69 -70.35
CA ALA G 588 25.69 -1.50 -70.64
C ALA G 588 25.06 -1.63 -72.02
N ARG G 589 23.78 -1.28 -72.14
CA ARG G 589 23.04 -1.54 -73.36
C ARG G 589 23.51 -0.68 -74.52
N ASN G 590 23.73 0.62 -74.28
CA ASN G 590 24.06 1.56 -75.33
C ASN G 590 25.35 2.30 -75.01
N PHE G 591 26.11 2.61 -76.04
CA PHE G 591 27.43 3.20 -75.91
C PHE G 591 27.47 4.57 -76.57
N VAL G 592 28.18 5.51 -75.94
CA VAL G 592 28.24 6.91 -76.36
C VAL G 592 29.70 7.34 -76.44
N LEU G 593 30.02 8.26 -77.37
CA LEU G 593 31.39 8.65 -77.66
C LEU G 593 31.45 10.16 -77.80
N VAL G 594 32.44 10.78 -77.17
CA VAL G 594 32.54 12.23 -77.10
C VAL G 594 33.72 12.67 -77.97
N LEU G 595 33.42 13.40 -79.04
CA LEU G 595 34.43 13.82 -80.00
C LEU G 595 34.76 15.28 -79.74
N SER G 596 35.68 15.49 -78.81
CA SER G 596 36.18 16.82 -78.54
C SER G 596 37.14 17.27 -79.65
N PRO G 597 37.35 18.57 -79.82
CA PRO G 597 38.41 19.04 -80.72
C PRO G 597 39.78 18.55 -80.23
N GLY G 598 40.43 17.76 -81.07
CA GLY G 598 41.72 17.19 -80.74
C GLY G 598 41.65 16.12 -79.68
N ALA G 599 40.70 15.21 -79.81
CA ALA G 599 40.51 14.14 -78.83
C ALA G 599 40.93 12.78 -79.34
N LEU G 600 41.18 12.62 -80.64
CA LEU G 600 41.58 11.35 -81.22
C LEU G 600 43.04 11.34 -81.67
N ASP G 601 43.83 12.31 -81.23
CA ASP G 601 45.22 12.38 -81.66
C ASP G 601 46.12 11.38 -80.93
N LYS G 602 45.81 11.09 -79.67
CA LYS G 602 46.70 10.25 -78.87
C LYS G 602 46.62 8.78 -79.26
N CYS G 603 45.49 8.33 -79.80
CA CYS G 603 45.35 6.95 -80.23
C CYS G 603 45.78 6.75 -81.68
N MET G 604 46.37 7.76 -82.31
CA MET G 604 46.82 7.66 -83.70
C MET G 604 48.04 6.77 -83.76
N GLN G 605 47.84 5.51 -84.14
CA GLN G 605 48.90 4.51 -84.35
C GLN G 605 49.71 4.27 -83.08
N ASP G 606 49.02 3.85 -82.04
CA ASP G 606 49.72 3.32 -80.87
C ASP G 606 49.19 1.94 -80.46
N HIS G 607 47.87 1.72 -80.57
CA HIS G 607 47.19 0.43 -80.35
C HIS G 607 47.63 -0.26 -79.06
N ASP G 608 47.80 0.52 -78.00
CA ASP G 608 48.20 0.02 -76.69
C ASP G 608 47.16 0.40 -75.66
N CYS G 609 47.43 0.08 -74.40
CA CYS G 609 46.52 0.40 -73.32
C CYS G 609 46.72 1.82 -72.78
N LYS G 610 47.78 2.52 -73.22
CA LYS G 610 48.00 3.89 -72.78
C LYS G 610 46.95 4.83 -73.35
N ASP G 611 46.44 4.52 -74.54
CA ASP G 611 45.25 5.19 -75.07
C ASP G 611 44.05 4.72 -74.28
N TRP G 612 43.60 5.53 -73.34
CA TRP G 612 42.56 5.12 -72.40
C TRP G 612 41.19 5.03 -73.05
N VAL G 613 41.03 5.56 -74.26
CA VAL G 613 39.75 5.55 -74.96
C VAL G 613 39.61 4.38 -75.93
N HIS G 614 40.63 3.53 -76.05
CA HIS G 614 40.68 2.53 -77.10
C HIS G 614 39.94 1.25 -76.70
N LYS G 615 40.22 0.77 -75.49
CA LYS G 615 39.69 -0.50 -74.97
C LYS G 615 38.16 -0.57 -75.05
N GLU G 616 37.49 0.46 -74.54
CA GLU G 616 36.03 0.55 -74.60
C GLU G 616 35.51 0.37 -76.03
N ILE G 617 36.13 1.03 -77.00
CA ILE G 617 35.78 0.81 -78.41
C ILE G 617 35.91 -0.66 -78.77
N VAL G 618 37.08 -1.24 -78.53
CA VAL G 618 37.34 -2.63 -78.93
C VAL G 618 36.42 -3.64 -78.24
N THR G 619 35.79 -3.24 -77.13
CA THR G 619 34.90 -4.17 -76.44
C THR G 619 33.42 -3.93 -76.76
N ALA G 620 32.96 -2.68 -76.70
CA ALA G 620 31.64 -2.33 -77.20
C ALA G 620 31.40 -2.74 -78.64
N LEU G 621 32.44 -2.73 -79.48
CA LEU G 621 32.25 -3.16 -80.86
C LEU G 621 32.22 -4.69 -80.96
N SER G 622 32.94 -5.38 -80.07
CA SER G 622 32.86 -6.83 -80.02
C SER G 622 31.46 -7.29 -79.62
N CYS G 623 30.90 -6.65 -78.59
CA CYS G 623 29.53 -6.97 -78.20
C CYS G 623 28.53 -6.64 -79.31
N GLY G 624 28.69 -5.49 -79.95
CA GLY G 624 27.85 -5.14 -81.08
C GLY G 624 26.63 -4.32 -80.72
N LYS G 625 26.83 -3.29 -79.90
CA LYS G 625 25.75 -2.45 -79.44
C LYS G 625 25.76 -1.11 -80.16
N ASN G 626 24.80 -0.25 -79.83
CA ASN G 626 24.65 1.03 -80.52
C ASN G 626 25.68 2.01 -80.02
N ILE G 627 26.53 2.48 -80.92
CA ILE G 627 27.57 3.47 -80.60
C ILE G 627 27.21 4.78 -81.31
N VAL G 628 26.69 5.73 -80.54
CA VAL G 628 26.32 7.04 -81.07
C VAL G 628 27.50 8.00 -80.86
N PRO G 629 28.12 8.49 -81.92
CA PRO G 629 29.11 9.56 -81.77
C PRO G 629 28.46 10.93 -81.67
N ILE G 630 29.10 11.81 -80.89
CA ILE G 630 28.64 13.19 -80.72
C ILE G 630 29.60 14.08 -81.49
N ILE G 631 29.10 14.74 -82.51
CA ILE G 631 29.93 15.58 -83.36
C ILE G 631 29.91 17.00 -82.81
N ASP G 632 31.06 17.49 -82.39
CA ASP G 632 31.16 18.86 -81.86
C ASP G 632 32.57 19.38 -82.10
N GLY G 633 32.68 20.46 -82.88
CA GLY G 633 33.93 21.14 -83.10
C GLY G 633 34.99 20.35 -83.85
N PHE G 634 34.65 19.20 -84.42
CA PHE G 634 35.64 18.38 -85.10
C PHE G 634 34.95 17.42 -86.05
N GLU G 635 35.59 17.18 -87.19
CA GLU G 635 35.13 16.23 -88.19
C GLU G 635 36.17 15.13 -88.37
N TRP G 636 35.79 14.11 -89.13
CA TRP G 636 36.56 12.88 -89.18
C TRP G 636 37.85 13.04 -89.99
N PRO G 637 38.91 12.31 -89.64
CA PRO G 637 40.16 12.38 -90.40
C PRO G 637 40.24 11.38 -91.54
N GLU G 638 41.39 11.32 -92.21
CA GLU G 638 41.64 10.29 -93.20
C GLU G 638 41.75 8.92 -92.52
N PRO G 639 41.42 7.82 -93.24
CA PRO G 639 41.31 6.52 -92.58
C PRO G 639 42.63 5.79 -92.38
N GLN G 640 43.76 6.49 -92.54
CA GLN G 640 45.07 5.90 -92.34
C GLN G 640 45.66 6.22 -90.97
N VAL G 641 44.98 7.05 -90.17
CA VAL G 641 45.52 7.47 -88.89
C VAL G 641 44.99 6.57 -87.78
N LEU G 642 44.39 5.44 -88.14
CA LEU G 642 43.83 4.54 -87.16
C LEU G 642 44.03 3.11 -87.62
N PRO G 643 44.20 2.15 -86.67
CA PRO G 643 44.54 0.78 -87.06
C PRO G 643 43.38 0.01 -87.70
N GLU G 644 43.62 -1.27 -88.00
CA GLU G 644 42.67 -2.08 -88.74
C GLU G 644 41.40 -2.35 -87.94
N ASP G 645 41.50 -2.39 -86.61
CA ASP G 645 40.32 -2.54 -85.79
C ASP G 645 39.57 -1.22 -85.61
N MET G 646 40.15 -0.11 -86.03
CA MET G 646 39.56 1.21 -85.83
C MET G 646 39.15 1.87 -87.14
N GLN G 647 38.95 1.09 -88.20
CA GLN G 647 38.44 1.62 -89.45
C GLN G 647 36.93 1.81 -89.42
N ALA G 648 36.22 1.17 -88.49
CA ALA G 648 34.77 1.24 -88.45
C ALA G 648 34.28 2.55 -87.88
N VAL G 649 34.96 3.06 -86.85
CA VAL G 649 34.50 4.26 -86.14
C VAL G 649 34.62 5.50 -87.02
N LEU G 650 35.60 5.52 -87.93
CA LEU G 650 35.76 6.60 -88.89
C LEU G 650 34.56 6.74 -89.83
N THR G 651 33.79 5.67 -90.02
CA THR G 651 32.70 5.66 -90.96
C THR G 651 31.35 5.98 -90.34
N PHE G 652 31.22 5.90 -89.01
CA PHE G 652 29.94 6.15 -88.37
C PHE G 652 29.59 7.64 -88.40
N ASN G 653 28.30 7.90 -88.24
CA ASN G 653 27.77 9.26 -88.19
C ASN G 653 26.92 9.41 -86.94
N GLY G 654 26.85 10.63 -86.42
CA GLY G 654 26.10 10.87 -85.20
C GLY G 654 25.46 12.23 -85.12
N ILE G 655 25.12 12.64 -83.90
CA ILE G 655 24.41 13.90 -83.69
C ILE G 655 25.40 15.04 -83.65
N LYS G 656 24.99 16.20 -84.18
CA LYS G 656 25.79 17.41 -84.15
C LYS G 656 25.31 18.29 -82.99
N TRP G 657 26.13 18.40 -81.96
CA TRP G 657 25.74 19.12 -80.76
C TRP G 657 25.79 20.62 -81.00
N SER G 658 24.86 21.34 -80.36
CA SER G 658 24.81 22.78 -80.42
C SER G 658 24.53 23.34 -79.03
N HIS G 659 25.10 24.51 -78.77
CA HIS G 659 24.97 25.16 -77.46
C HIS G 659 23.83 26.16 -77.42
N GLU G 660 22.85 26.04 -78.30
CA GLU G 660 21.71 26.95 -78.34
C GLU G 660 20.38 26.25 -78.15
N TYR G 661 20.20 25.09 -78.77
CA TYR G 661 18.95 24.34 -78.69
C TYR G 661 19.21 22.97 -78.08
N GLN G 662 19.92 22.97 -76.94
CA GLN G 662 20.33 21.74 -76.26
C GLN G 662 19.16 20.80 -76.01
N GLU G 663 17.99 21.35 -75.68
CA GLU G 663 16.83 20.52 -75.39
C GLU G 663 16.38 19.74 -76.62
N ALA G 664 16.40 20.39 -77.79
CA ALA G 664 16.08 19.69 -79.04
C ALA G 664 17.10 18.60 -79.34
N THR G 665 18.38 18.88 -79.08
CA THR G 665 19.42 17.89 -79.31
C THR G 665 19.22 16.67 -78.42
N ILE G 666 18.77 16.87 -77.19
CA ILE G 666 18.49 15.74 -76.31
C ILE G 666 17.24 14.98 -76.79
N GLU G 667 16.20 15.72 -77.17
CA GLU G 667 14.99 15.12 -77.74
C GLU G 667 15.29 14.28 -78.98
N LYS G 668 16.37 14.59 -79.68
CA LYS G 668 16.75 13.83 -80.85
C LYS G 668 17.71 12.69 -80.53
N ILE G 669 18.58 12.88 -79.54
CA ILE G 669 19.53 11.83 -79.18
C ILE G 669 18.85 10.70 -78.41
N ILE G 670 17.67 10.94 -77.83
CA ILE G 670 16.93 9.84 -77.19
C ILE G 670 16.60 8.74 -78.19
N ARG G 671 16.10 9.13 -79.36
CA ARG G 671 15.69 8.16 -80.38
C ARG G 671 16.86 7.37 -80.95
N PHE G 672 18.06 7.99 -81.03
CA PHE G 672 19.21 7.33 -81.63
C PHE G 672 19.77 6.20 -80.78
N LEU G 673 19.36 6.09 -79.53
CA LEU G 673 19.74 4.95 -78.70
C LEU G 673 18.86 3.76 -79.06
N GLN G 674 18.88 2.73 -78.22
CA GLN G 674 17.91 1.65 -78.29
C GLN G 674 16.64 1.99 -77.51
N GLY G 675 16.34 3.28 -77.32
CA GLY G 675 15.21 3.71 -76.51
C GLY G 675 13.88 3.11 -76.92
N ARG G 676 13.72 2.84 -78.21
CA ARG G 676 12.55 2.12 -78.69
C ARG G 676 12.42 0.75 -78.03
N SER G 677 13.53 0.04 -77.84
CA SER G 677 13.51 -1.29 -77.22
C SER G 677 14.51 -1.40 -76.06
N SER G 678 14.62 -0.37 -75.23
CA SER G 678 15.54 -0.47 -74.10
C SER G 678 14.93 -1.28 -72.95
N ARG G 679 15.80 -1.58 -71.98
CA ARG G 679 15.44 -2.14 -70.68
C ARG G 679 14.67 -3.46 -70.78
N GLY H 30 47.92 53.92 -40.64
CA GLY H 30 47.17 55.15 -40.83
C GLY H 30 45.70 54.91 -41.05
N ALA H 31 45.29 53.64 -40.90
CA ALA H 31 43.89 53.28 -41.09
C ALA H 31 43.01 53.92 -40.01
N GLY H 32 43.47 53.94 -38.76
CA GLY H 32 42.76 54.65 -37.71
C GLY H 32 42.79 56.16 -37.83
N THR H 33 43.58 56.69 -38.75
CA THR H 33 43.59 58.12 -39.07
C THR H 33 42.79 58.44 -40.31
N GLU H 34 42.80 57.56 -41.31
CA GLU H 34 42.26 57.87 -42.63
C GLU H 34 40.74 57.73 -42.68
N VAL H 35 40.10 57.33 -41.57
CA VAL H 35 38.64 57.20 -41.52
C VAL H 35 37.94 58.53 -41.77
N GLN H 36 38.64 59.65 -41.57
CA GLN H 36 38.18 60.94 -42.05
C GLN H 36 38.81 61.32 -43.37
N ASP H 37 40.02 60.82 -43.65
CA ASP H 37 40.81 61.33 -44.76
C ASP H 37 40.43 60.68 -46.09
N ALA H 38 40.14 59.38 -46.09
CA ALA H 38 39.75 58.71 -47.32
C ALA H 38 38.37 59.17 -47.78
N LEU H 39 37.46 59.40 -46.83
CA LEU H 39 36.14 59.91 -47.18
C LEU H 39 36.14 61.39 -47.52
N GLU H 40 37.19 62.13 -47.15
CA GLU H 40 37.30 63.53 -47.53
C GLU H 40 38.02 63.72 -48.86
N ARG H 41 38.22 62.64 -49.63
CA ARG H 41 38.79 62.77 -50.96
C ARG H 41 38.03 61.97 -52.02
N ALA H 42 36.98 61.25 -51.63
CA ALA H 42 36.18 60.46 -52.56
C ALA H 42 34.80 61.05 -52.77
N LEU H 43 34.05 61.27 -51.70
CA LEU H 43 32.82 62.07 -51.75
C LEU H 43 32.97 63.44 -52.43
N PRO H 44 34.10 64.22 -52.27
CA PRO H 44 34.26 65.47 -53.05
C PRO H 44 33.88 65.47 -54.52
N GLU H 45 34.13 64.39 -55.26
CA GLU H 45 33.91 64.40 -56.71
C GLU H 45 32.63 63.67 -57.11
N LEU H 46 32.46 62.46 -56.60
CA LEU H 46 31.25 61.70 -56.87
C LEU H 46 30.01 62.40 -56.34
N GLN H 47 30.12 63.10 -55.19
CA GLN H 47 29.00 63.83 -54.59
C GLN H 47 28.29 64.74 -55.59
N GLN H 48 28.99 65.26 -56.59
CA GLN H 48 28.35 65.95 -57.69
C GLN H 48 28.15 65.06 -58.90
N ALA H 49 29.09 64.16 -59.21
CA ALA H 49 29.01 63.41 -60.46
C ALA H 49 27.85 62.42 -60.50
N LEU H 50 27.49 61.82 -59.37
CA LEU H 50 26.33 60.93 -59.28
C LEU H 50 25.03 61.54 -59.78
N SER H 51 24.84 62.84 -59.63
CA SER H 51 23.67 63.52 -60.19
C SER H 51 24.00 64.49 -61.30
N ALA H 52 25.28 64.65 -61.64
CA ALA H 52 25.69 65.51 -62.76
C ALA H 52 24.93 65.17 -64.03
N LEU H 53 24.71 63.89 -64.27
CA LEU H 53 23.93 63.41 -65.42
C LEU H 53 22.88 62.48 -64.83
N LYS H 54 21.78 63.06 -64.38
CA LYS H 54 20.71 62.37 -63.68
C LYS H 54 19.37 62.53 -64.38
N GLN H 55 19.11 63.69 -64.97
CA GLN H 55 17.90 63.95 -65.72
C GLN H 55 18.10 63.77 -67.22
N ALA H 56 19.33 63.64 -67.68
CA ALA H 56 19.61 63.55 -69.11
C ALA H 56 19.12 62.22 -69.66
N GLY H 57 18.27 62.28 -70.67
CA GLY H 57 17.76 61.09 -71.32
C GLY H 57 18.60 60.65 -72.50
N GLY H 58 19.85 61.12 -72.53
CA GLY H 58 20.75 60.72 -73.60
C GLY H 58 21.04 59.23 -73.56
N ALA H 59 21.06 58.63 -74.74
CA ALA H 59 21.38 57.20 -74.86
C ALA H 59 22.83 56.95 -74.45
N ARG H 60 23.76 57.70 -75.03
CA ARG H 60 25.18 57.53 -74.76
C ARG H 60 25.66 58.40 -73.62
N ALA H 61 24.79 59.21 -73.04
CA ALA H 61 25.19 60.12 -71.97
C ALA H 61 25.25 59.42 -70.62
N VAL H 62 24.32 58.48 -70.39
CA VAL H 62 24.23 57.79 -69.10
C VAL H 62 25.49 56.96 -68.85
N GLY H 63 26.00 56.33 -69.92
CA GLY H 63 27.11 55.39 -69.81
C GLY H 63 28.37 56.00 -69.21
N ALA H 64 28.61 57.29 -69.48
CA ALA H 64 29.84 57.92 -69.01
C ALA H 64 29.84 58.06 -67.49
N GLY H 65 28.77 58.65 -66.94
CA GLY H 65 28.63 58.71 -65.49
C GLY H 65 28.61 57.34 -64.84
N LEU H 66 27.95 56.37 -65.49
CA LEU H 66 27.96 54.99 -64.98
C LEU H 66 29.37 54.44 -64.85
N ALA H 67 30.14 54.54 -65.93
CA ALA H 67 31.53 54.09 -65.94
C ALA H 67 32.36 54.82 -64.87
N GLU H 68 32.13 56.13 -64.73
CA GLU H 68 32.82 56.94 -63.72
C GLU H 68 32.60 56.36 -62.31
N VAL H 69 31.33 56.15 -61.94
CA VAL H 69 31.01 55.64 -60.61
C VAL H 69 31.55 54.23 -60.43
N PHE H 70 31.43 53.39 -61.48
CA PHE H 70 31.97 52.04 -61.44
C PHE H 70 33.48 52.04 -61.21
N GLN H 71 34.18 52.99 -61.83
CA GLN H 71 35.61 53.14 -61.59
C GLN H 71 35.88 53.48 -60.12
N LEU H 72 35.11 54.42 -59.56
CA LEU H 72 35.33 54.79 -58.16
C LEU H 72 35.09 53.62 -57.21
N VAL H 73 33.99 52.88 -57.39
CA VAL H 73 33.77 51.72 -56.51
C VAL H 73 34.77 50.62 -56.77
N GLU H 74 35.39 50.57 -57.96
CA GLU H 74 36.51 49.66 -58.14
C GLU H 74 37.83 50.23 -57.63
N GLU H 75 37.82 51.49 -57.22
CA GLU H 75 38.99 52.12 -56.62
C GLU H 75 38.99 51.92 -55.11
N ALA H 76 37.81 52.09 -54.49
CA ALA H 76 37.67 51.91 -53.05
C ALA H 76 38.14 50.52 -52.61
N TRP H 77 37.67 49.47 -53.30
CA TRP H 77 38.06 48.12 -52.95
C TRP H 77 39.52 47.81 -53.28
N LEU H 78 40.13 48.61 -54.17
CA LEU H 78 41.41 48.20 -54.76
C LEU H 78 42.56 48.28 -53.76
N LEU H 79 42.74 49.44 -53.14
CA LEU H 79 43.93 49.65 -52.31
C LEU H 79 43.78 48.84 -51.03
N PRO H 80 44.71 47.96 -50.71
CA PRO H 80 44.53 47.06 -49.57
C PRO H 80 44.69 47.77 -48.24
N ALA H 81 44.13 47.13 -47.20
CA ALA H 81 44.14 47.55 -45.79
C ALA H 81 43.41 48.87 -45.54
N VAL H 82 42.76 49.43 -46.56
CA VAL H 82 41.98 50.65 -46.39
C VAL H 82 40.60 50.46 -46.97
N GLY H 83 40.39 49.37 -47.72
CA GLY H 83 39.20 49.33 -48.56
C GLY H 83 37.90 49.00 -47.86
N ARG H 84 37.96 48.51 -46.62
CA ARG H 84 36.73 48.08 -45.94
C ARG H 84 35.89 49.28 -45.54
N GLU H 85 36.48 50.23 -44.81
CA GLU H 85 35.67 51.35 -44.34
C GLU H 85 35.39 52.33 -45.47
N VAL H 86 36.38 52.60 -46.32
CA VAL H 86 36.17 53.49 -47.47
C VAL H 86 35.11 52.89 -48.40
N ALA H 87 34.96 51.57 -48.44
CA ALA H 87 33.89 51.02 -49.26
C ALA H 87 32.54 51.12 -48.55
N GLN H 88 32.50 50.79 -47.25
CA GLN H 88 31.20 50.68 -46.58
C GLN H 88 30.58 52.06 -46.35
N GLY H 89 31.37 53.03 -45.93
CA GLY H 89 30.83 54.38 -45.74
C GLY H 89 30.44 55.02 -47.06
N LEU H 90 31.21 54.77 -48.11
CA LEU H 90 30.85 55.26 -49.44
C LEU H 90 29.52 54.68 -49.90
N CYS H 91 29.34 53.38 -49.72
CA CYS H 91 28.08 52.75 -50.12
C CYS H 91 26.92 53.30 -49.31
N ASP H 92 27.12 53.51 -48.01
CA ASP H 92 26.09 54.13 -47.19
C ASP H 92 25.76 55.54 -47.66
N ALA H 93 26.76 56.29 -48.13
CA ALA H 93 26.47 57.63 -48.65
C ALA H 93 25.70 57.59 -49.96
N ILE H 94 26.02 56.60 -50.81
CA ILE H 94 25.25 56.40 -52.04
C ILE H 94 23.82 56.00 -51.70
N ARG H 95 23.63 55.30 -50.59
CA ARG H 95 22.26 54.99 -50.17
C ARG H 95 21.55 56.25 -49.70
N LEU H 96 22.23 57.05 -48.87
CA LEU H 96 21.59 58.22 -48.25
C LEU H 96 21.35 59.37 -49.21
N ASP H 97 21.95 59.30 -50.41
CA ASP H 97 21.90 60.44 -51.37
C ASP H 97 20.67 60.35 -52.28
N GLY H 98 19.95 59.23 -52.23
CA GLY H 98 18.75 59.07 -53.02
C GLY H 98 19.07 58.63 -54.44
N GLY H 99 19.98 57.66 -54.59
CA GLY H 99 20.39 57.21 -55.91
C GLY H 99 19.98 55.80 -56.25
N LEU H 100 19.47 55.06 -55.26
CA LEU H 100 18.98 53.71 -55.53
C LEU H 100 17.78 53.73 -56.44
N ASP H 101 16.89 54.72 -56.27
CA ASP H 101 15.73 54.84 -57.14
C ASP H 101 16.16 55.13 -58.56
N LEU H 102 17.27 55.84 -58.75
CA LEU H 102 17.79 56.08 -60.10
C LEU H 102 18.19 54.78 -60.77
N LEU H 103 18.88 53.92 -60.03
CA LEU H 103 19.24 52.60 -60.56
C LEU H 103 18.00 51.78 -60.86
N LEU H 104 17.02 51.79 -59.95
CA LEU H 104 15.81 51.01 -60.17
C LEU H 104 15.00 51.53 -61.35
N ARG H 105 15.10 52.81 -61.66
CA ARG H 105 14.52 53.32 -62.90
C ARG H 105 15.30 52.80 -64.10
N LEU H 106 16.61 53.05 -64.13
CA LEU H 106 17.43 52.67 -65.28
C LEU H 106 17.47 51.16 -65.52
N LEU H 107 17.06 50.33 -64.56
CA LEU H 107 16.94 48.92 -64.85
C LEU H 107 15.77 48.60 -65.76
N GLN H 108 14.80 49.50 -65.90
CA GLN H 108 13.65 49.28 -66.76
C GLN H 108 13.73 50.04 -68.08
N ALA H 109 14.88 50.63 -68.39
CA ALA H 109 15.04 51.42 -69.61
C ALA H 109 14.92 50.53 -70.85
N PRO H 110 14.44 51.07 -71.97
CA PRO H 110 14.28 50.24 -73.17
C PRO H 110 15.60 49.85 -73.83
N GLU H 111 16.63 50.67 -73.70
CA GLU H 111 17.91 50.33 -74.30
C GLU H 111 18.60 49.25 -73.48
N LEU H 112 19.45 48.47 -74.14
CA LEU H 112 20.02 47.28 -73.50
C LEU H 112 21.39 47.54 -72.87
N GLU H 113 22.21 48.39 -73.47
CA GLU H 113 23.55 48.59 -72.93
C GLU H 113 23.53 49.45 -71.68
N THR H 114 22.55 50.34 -71.55
CA THR H 114 22.37 51.04 -70.30
C THR H 114 21.90 50.08 -69.21
N ARG H 115 21.09 49.09 -69.58
CA ARG H 115 20.67 48.09 -68.61
C ARG H 115 21.85 47.28 -68.10
N VAL H 116 22.72 46.84 -69.01
CA VAL H 116 23.82 45.99 -68.56
C VAL H 116 24.83 46.80 -67.75
N GLN H 117 25.03 48.08 -68.08
CA GLN H 117 25.95 48.88 -67.28
C GLN H 117 25.35 49.19 -65.91
N ALA H 118 24.04 49.42 -65.85
CA ALA H 118 23.39 49.67 -64.57
C ALA H 118 23.42 48.43 -63.69
N ALA H 119 23.27 47.25 -64.28
CA ALA H 119 23.33 46.02 -63.50
C ALA H 119 24.74 45.78 -62.98
N ARG H 120 25.75 45.99 -63.81
CA ARG H 120 27.12 45.75 -63.36
C ARG H 120 27.51 46.77 -62.30
N LEU H 121 26.92 47.96 -62.32
CA LEU H 121 27.15 48.89 -61.21
C LEU H 121 26.39 48.48 -59.96
N LEU H 122 25.18 47.94 -60.12
CA LEU H 122 24.39 47.55 -58.95
C LEU H 122 24.99 46.35 -58.23
N GLU H 123 25.79 45.55 -58.94
CA GLU H 123 26.43 44.39 -58.31
C GLU H 123 27.37 44.80 -57.18
N GLN H 124 28.05 45.94 -57.31
CA GLN H 124 29.13 46.30 -56.43
C GLN H 124 28.71 47.13 -55.23
N ILE H 125 27.40 47.30 -54.99
CA ILE H 125 26.94 48.18 -53.93
C ILE H 125 26.26 47.44 -52.79
N LEU H 126 25.79 46.22 -53.00
CA LEU H 126 24.96 45.52 -52.02
C LEU H 126 25.83 45.07 -50.86
N VAL H 127 25.84 45.86 -49.79
CA VAL H 127 26.50 45.50 -48.54
C VAL H 127 25.35 45.33 -47.54
N ALA H 128 25.65 44.98 -46.29
CA ALA H 128 24.65 44.52 -45.33
C ALA H 128 23.57 45.54 -45.01
N GLU H 129 23.77 46.82 -45.33
CA GLU H 129 22.77 47.84 -45.03
C GLU H 129 21.95 48.24 -46.25
N ASN H 130 22.58 48.37 -47.41
CA ASN H 130 21.88 48.73 -48.64
C ASN H 130 20.95 47.61 -49.08
N ARG H 131 21.29 46.37 -48.72
CA ARG H 131 20.52 45.21 -49.14
C ARG H 131 19.12 45.22 -48.53
N ASP H 132 18.97 45.81 -47.35
CA ASP H 132 17.65 45.94 -46.74
C ASP H 132 16.75 46.84 -47.58
N ARG H 133 17.30 47.96 -48.06
CA ARG H 133 16.49 48.88 -48.86
C ARG H 133 16.15 48.25 -50.21
N VAL H 134 17.09 47.51 -50.79
CA VAL H 134 16.80 46.87 -52.08
C VAL H 134 15.74 45.80 -51.90
N ALA H 135 15.80 45.06 -50.79
CA ALA H 135 14.77 44.06 -50.52
C ALA H 135 13.43 44.71 -50.18
N ARG H 136 13.45 45.95 -49.68
CA ARG H 136 12.21 46.65 -49.43
C ARG H 136 11.51 47.02 -50.73
N ILE H 137 12.20 47.70 -51.63
CA ILE H 137 11.56 48.34 -52.77
C ILE H 137 11.79 47.59 -54.09
N GLY H 138 13.03 47.22 -54.39
CA GLY H 138 13.40 46.89 -55.75
C GLY H 138 12.96 45.54 -56.25
N LEU H 139 12.60 44.61 -55.35
CA LEU H 139 12.63 43.17 -55.58
C LEU H 139 11.92 42.71 -56.86
N GLY H 140 10.96 43.49 -57.37
CA GLY H 140 10.23 43.05 -58.55
C GLY H 140 10.97 43.25 -59.86
N VAL H 141 11.77 44.31 -59.97
CA VAL H 141 12.44 44.58 -61.24
C VAL H 141 13.52 43.53 -61.51
N ILE H 142 14.19 43.04 -60.46
CA ILE H 142 15.19 41.98 -60.63
C ILE H 142 14.55 40.72 -61.18
N LEU H 143 13.36 40.37 -60.68
CA LEU H 143 12.64 39.23 -61.21
C LEU H 143 12.19 39.49 -62.65
N ASN H 144 11.84 40.74 -62.97
CA ASN H 144 11.54 41.08 -64.36
C ASN H 144 12.77 40.92 -65.25
N LEU H 145 13.96 41.19 -64.72
CA LEU H 145 15.19 40.98 -65.49
C LEU H 145 15.57 39.52 -65.60
N ALA H 146 15.06 38.67 -64.70
CA ALA H 146 15.39 37.25 -64.73
C ALA H 146 14.82 36.54 -65.95
N LYS H 147 13.90 37.17 -66.69
CA LYS H 147 13.41 36.54 -67.91
C LYS H 147 14.37 36.72 -69.08
N GLU H 148 15.14 37.80 -69.10
CA GLU H 148 16.10 38.05 -70.17
C GLU H 148 17.32 37.19 -69.95
N ARG H 149 17.50 36.16 -70.80
CA ARG H 149 18.58 35.21 -70.62
C ARG H 149 19.73 35.38 -71.59
N GLU H 150 19.53 36.02 -72.73
CA GLU H 150 20.50 35.95 -73.82
C GLU H 150 21.77 36.80 -73.64
N PRO H 151 21.72 38.10 -73.31
CA PRO H 151 22.98 38.85 -73.24
C PRO H 151 23.79 38.45 -72.02
N VAL H 152 25.07 38.13 -72.26
CA VAL H 152 25.88 37.47 -71.25
C VAL H 152 26.29 38.43 -70.14
N GLU H 153 26.69 39.65 -70.51
CA GLU H 153 27.00 40.67 -69.51
C GLU H 153 25.79 41.01 -68.62
N LEU H 154 24.56 40.81 -69.11
CA LEU H 154 23.41 40.92 -68.22
C LEU H 154 23.39 39.79 -67.20
N ALA H 155 23.55 38.55 -67.67
CA ALA H 155 23.41 37.40 -66.79
C ALA H 155 24.53 37.35 -65.77
N ARG H 156 25.72 37.75 -66.17
CA ARG H 156 26.88 37.72 -65.28
C ARG H 156 26.70 38.64 -64.09
N SER H 157 25.98 39.74 -64.26
CA SER H 157 25.77 40.62 -63.13
C SER H 157 24.51 40.29 -62.35
N VAL H 158 23.45 39.88 -63.04
CA VAL H 158 22.21 39.60 -62.31
C VAL H 158 22.35 38.30 -61.50
N ALA H 159 23.23 37.40 -61.92
CA ALA H 159 23.54 36.23 -61.10
C ALA H 159 24.19 36.64 -59.78
N GLY H 160 25.09 37.64 -59.83
CA GLY H 160 25.68 38.13 -58.60
C GLY H 160 24.69 38.91 -57.77
N ILE H 161 23.74 39.57 -58.42
CA ILE H 161 22.67 40.26 -57.68
C ILE H 161 21.84 39.27 -56.90
N LEU H 162 21.45 38.16 -57.54
CA LEU H 162 20.68 37.13 -56.84
C LEU H 162 21.51 36.45 -55.76
N GLU H 163 22.81 36.26 -56.02
CA GLU H 163 23.72 35.73 -55.01
C GLU H 163 23.72 36.59 -53.75
N HIS H 164 23.83 37.91 -53.91
CA HIS H 164 23.84 38.76 -52.73
C HIS H 164 22.46 38.89 -52.11
N MET H 165 21.39 38.74 -52.90
CA MET H 165 20.06 38.91 -52.36
C MET H 165 19.50 37.66 -51.69
N PHE H 166 20.10 36.49 -51.91
CA PHE H 166 19.66 35.32 -51.17
C PHE H 166 20.09 35.33 -49.71
N LYS H 167 20.96 36.23 -49.29
CA LYS H 167 21.48 36.20 -47.93
C LYS H 167 20.66 37.02 -46.95
N HIS H 168 19.55 37.62 -47.38
CA HIS H 168 18.92 38.62 -46.54
C HIS H 168 18.04 37.98 -45.47
N SER H 169 16.98 37.29 -45.87
CA SER H 169 15.99 36.80 -44.93
C SER H 169 15.36 35.54 -45.49
N GLU H 170 14.51 34.92 -44.67
CA GLU H 170 13.80 33.73 -45.10
C GLU H 170 12.63 34.05 -46.00
N GLU H 171 11.96 35.18 -45.76
CA GLU H 171 10.85 35.57 -46.62
C GLU H 171 11.36 35.93 -48.01
N THR H 172 12.52 36.57 -48.08
CA THR H 172 13.10 36.92 -49.38
C THR H 172 13.45 35.67 -50.17
N CYS H 173 13.96 34.64 -49.49
CA CYS H 173 14.24 33.37 -50.15
C CYS H 173 12.95 32.71 -50.60
N GLN H 174 11.91 32.82 -49.78
CA GLN H 174 10.62 32.23 -50.13
C GLN H 174 10.05 32.87 -51.38
N ARG H 175 10.16 34.20 -51.48
CA ARG H 175 9.69 34.90 -52.67
C ARG H 175 10.51 34.53 -53.89
N LEU H 176 11.85 34.51 -53.77
CA LEU H 176 12.68 34.23 -54.92
C LEU H 176 12.59 32.77 -55.37
N VAL H 177 12.12 31.87 -54.51
CA VAL H 177 11.85 30.52 -54.98
C VAL H 177 10.41 30.39 -55.49
N ALA H 178 9.52 31.28 -55.09
CA ALA H 178 8.12 31.15 -55.44
C ALA H 178 7.71 32.05 -56.59
N ALA H 179 8.59 32.94 -57.04
CA ALA H 179 8.30 33.80 -58.19
C ALA H 179 9.15 33.43 -59.41
N GLY H 180 9.78 32.26 -59.40
CA GLY H 180 10.55 31.83 -60.55
C GLY H 180 11.97 32.34 -60.60
N GLY H 181 12.51 32.87 -59.50
CA GLY H 181 13.87 33.33 -59.48
C GLY H 181 14.92 32.26 -59.33
N LEU H 182 14.51 31.03 -59.05
CA LEU H 182 15.44 29.90 -58.96
C LEU H 182 15.64 29.23 -60.30
N ASP H 183 14.59 29.22 -61.13
CA ASP H 183 14.68 28.66 -62.47
C ASP H 183 15.77 29.35 -63.29
N ALA H 184 15.91 30.67 -63.13
CA ALA H 184 16.99 31.40 -63.78
C ALA H 184 18.36 30.83 -63.44
N VAL H 185 18.61 30.62 -62.15
CA VAL H 185 19.88 30.05 -61.69
C VAL H 185 20.08 28.66 -62.28
N LEU H 186 19.05 27.82 -62.25
CA LEU H 186 19.20 26.46 -62.73
C LEU H 186 19.30 26.39 -64.25
N TYR H 187 18.85 27.42 -64.96
CA TYR H 187 19.09 27.44 -66.40
C TYR H 187 20.47 27.96 -66.71
N TRP H 188 20.96 28.92 -65.92
CA TRP H 188 22.29 29.47 -66.15
C TRP H 188 23.38 28.53 -65.72
N CYS H 189 23.04 27.46 -65.01
CA CYS H 189 24.03 26.43 -64.72
C CYS H 189 24.53 25.70 -65.98
N ARG H 190 23.84 25.82 -67.11
CA ARG H 190 24.26 25.11 -68.32
C ARG H 190 25.49 25.75 -68.96
N ARG H 191 25.59 27.07 -68.93
CA ARG H 191 26.57 27.77 -69.75
C ARG H 191 27.99 27.55 -69.22
N THR H 192 28.97 28.02 -69.98
CA THR H 192 30.38 27.69 -69.75
C THR H 192 31.21 28.92 -69.40
N ASP H 193 30.60 29.93 -68.82
CA ASP H 193 31.40 31.08 -68.42
C ASP H 193 32.14 30.81 -67.11
N PRO H 194 33.42 31.16 -67.03
CA PRO H 194 34.20 30.86 -65.82
C PRO H 194 33.97 31.83 -64.67
N ALA H 195 33.14 32.87 -64.86
CA ALA H 195 32.78 33.75 -63.77
C ALA H 195 31.29 33.73 -63.44
N LEU H 196 30.45 33.28 -64.37
CA LEU H 196 29.03 33.14 -64.08
C LEU H 196 28.79 31.96 -63.14
N LEU H 197 29.55 30.88 -63.31
CA LEU H 197 29.31 29.68 -62.55
C LEU H 197 29.69 29.83 -61.09
N ARG H 198 30.67 30.68 -60.78
CA ARG H 198 30.99 30.93 -59.38
C ARG H 198 29.84 31.61 -58.67
N HIS H 199 29.22 32.61 -59.32
CA HIS H 199 28.07 33.26 -58.74
C HIS H 199 26.89 32.30 -58.64
N CYS H 200 26.76 31.40 -59.61
CA CYS H 200 25.66 30.43 -59.58
C CYS H 200 25.82 29.45 -58.43
N ALA H 201 27.05 28.98 -58.20
CA ALA H 201 27.32 28.06 -57.11
C ALA H 201 27.12 28.72 -55.76
N LEU H 202 27.62 29.95 -55.59
CA LEU H 202 27.41 30.64 -54.33
C LEU H 202 25.95 30.97 -54.10
N ALA H 203 25.19 31.18 -55.17
CA ALA H 203 23.76 31.42 -55.03
C ALA H 203 23.06 30.19 -54.46
N LEU H 204 23.34 29.02 -55.05
CA LEU H 204 22.69 27.80 -54.55
C LEU H 204 23.14 27.47 -53.14
N GLY H 205 24.41 27.74 -52.82
CA GLY H 205 24.91 27.47 -51.48
C GLY H 205 24.27 28.36 -50.43
N ASN H 206 24.20 29.67 -50.69
CA ASN H 206 23.60 30.59 -49.74
C ASN H 206 22.10 30.33 -49.59
N CYS H 207 21.43 29.98 -50.69
CA CYS H 207 20.00 29.68 -50.62
C CYS H 207 19.74 28.47 -49.74
N ALA H 208 20.50 27.39 -49.94
CA ALA H 208 20.33 26.23 -49.06
C ALA H 208 20.80 26.51 -47.64
N LEU H 209 21.71 27.46 -47.44
CA LEU H 209 22.25 27.69 -46.10
C LEU H 209 21.31 28.52 -45.24
N HIS H 210 20.89 29.69 -45.70
CA HIS H 210 20.03 30.56 -44.90
C HIS H 210 18.56 30.44 -45.28
N GLY H 211 18.17 29.39 -45.99
CA GLY H 211 16.82 29.32 -46.48
C GLY H 211 15.80 28.89 -45.45
N GLY H 212 15.90 27.66 -44.96
CA GLY H 212 14.90 27.09 -44.11
C GLY H 212 14.53 25.71 -44.59
N GLN H 213 13.33 25.27 -44.21
CA GLN H 213 12.91 23.90 -44.51
C GLN H 213 12.14 23.80 -45.82
N ALA H 214 11.15 24.66 -46.01
CA ALA H 214 10.29 24.60 -47.20
C ALA H 214 11.09 24.78 -48.48
N VAL H 215 11.90 25.85 -48.51
CA VAL H 215 12.76 26.13 -49.65
C VAL H 215 13.68 24.97 -49.98
N GLN H 216 14.19 24.24 -48.97
CA GLN H 216 15.01 23.07 -49.25
C GLN H 216 14.20 21.99 -49.96
N ARG H 217 13.01 21.66 -49.44
CA ARG H 217 12.16 20.66 -50.08
C ARG H 217 11.82 21.05 -51.51
N ARG H 218 11.48 22.32 -51.74
CA ARG H 218 11.16 22.75 -53.10
C ARG H 218 12.40 22.87 -53.97
N MET H 219 13.58 22.96 -53.37
CA MET H 219 14.82 22.94 -54.13
C MET H 219 15.13 21.54 -54.62
N VAL H 220 15.02 20.54 -53.73
CA VAL H 220 15.33 19.17 -54.11
C VAL H 220 14.23 18.59 -54.99
N GLU H 221 13.02 19.15 -54.91
CA GLU H 221 11.97 18.70 -55.82
C GLU H 221 12.24 19.18 -57.24
N LYS H 222 12.92 20.31 -57.41
CA LYS H 222 13.21 20.84 -58.73
C LYS H 222 14.52 20.29 -59.31
N ARG H 223 14.99 19.15 -58.79
CA ARG H 223 16.17 18.45 -59.29
C ARG H 223 17.42 19.31 -59.23
N ALA H 224 17.55 20.11 -58.17
CA ALA H 224 18.74 20.93 -58.01
C ALA H 224 19.95 20.10 -57.65
N ALA H 225 19.76 18.93 -57.03
CA ALA H 225 20.88 18.07 -56.71
C ALA H 225 21.52 17.50 -57.97
N GLU H 226 20.71 17.30 -59.02
CA GLU H 226 21.25 16.77 -60.27
C GLU H 226 22.04 17.83 -61.02
N TRP H 227 21.59 19.08 -60.99
CA TRP H 227 22.25 20.11 -61.76
C TRP H 227 23.56 20.56 -61.13
N LEU H 228 23.81 20.21 -59.87
CA LEU H 228 25.09 20.55 -59.26
C LEU H 228 26.22 19.66 -59.75
N PHE H 229 25.90 18.54 -60.38
CA PHE H 229 26.95 17.60 -60.80
C PHE H 229 27.84 18.15 -61.92
N PRO H 230 27.32 18.74 -63.02
CA PRO H 230 28.25 19.34 -63.99
C PRO H 230 29.02 20.51 -63.44
N LEU H 231 28.58 21.09 -62.33
CA LEU H 231 29.29 22.19 -61.72
C LEU H 231 30.43 21.73 -60.84
N ALA H 232 30.37 20.50 -60.32
CA ALA H 232 31.40 19.98 -59.44
C ALA H 232 32.40 19.09 -60.16
N PHE H 233 32.11 18.68 -61.38
CA PHE H 233 32.97 17.77 -62.13
C PHE H 233 33.91 18.49 -63.08
N SER H 234 33.77 19.80 -63.23
CA SER H 234 34.64 20.55 -64.11
C SER H 234 36.04 20.62 -63.51
N LYS H 235 37.02 20.11 -64.25
CA LYS H 235 38.40 20.04 -63.79
C LYS H 235 39.22 21.25 -64.21
N GLU H 236 38.60 22.42 -64.31
CA GLU H 236 39.28 23.64 -64.72
C GLU H 236 39.71 24.49 -63.53
N ASP H 237 38.88 24.60 -62.50
CA ASP H 237 39.19 25.40 -61.33
C ASP H 237 38.67 24.70 -60.09
N GLU H 238 39.29 25.00 -58.95
CA GLU H 238 38.94 24.34 -57.71
C GLU H 238 37.97 25.13 -56.84
N LEU H 239 37.84 26.44 -57.04
CA LEU H 239 36.86 27.20 -56.26
C LEU H 239 35.45 26.79 -56.65
N LEU H 240 35.22 26.50 -57.93
CA LEU H 240 33.91 26.03 -58.36
C LEU H 240 33.57 24.70 -57.71
N ARG H 241 34.55 23.81 -57.64
CA ARG H 241 34.32 22.51 -57.02
C ARG H 241 34.08 22.65 -55.52
N LEU H 242 34.79 23.57 -54.88
CA LEU H 242 34.58 23.78 -53.45
C LEU H 242 33.19 24.33 -53.16
N HIS H 243 32.73 25.30 -53.95
CA HIS H 243 31.42 25.85 -53.64
C HIS H 243 30.30 24.87 -54.00
N ALA H 244 30.49 24.07 -55.05
CA ALA H 244 29.48 23.06 -55.37
C ALA H 244 29.41 21.98 -54.31
N CYS H 245 30.55 21.49 -53.83
CA CYS H 245 30.53 20.49 -52.78
C CYS H 245 29.93 21.04 -51.49
N LEU H 246 30.24 22.30 -51.15
CA LEU H 246 29.62 22.90 -49.97
C LEU H 246 28.11 22.95 -50.09
N ALA H 247 27.60 23.33 -51.27
CA ALA H 247 26.16 23.41 -51.44
C ALA H 247 25.51 22.03 -51.32
N VAL H 248 26.10 21.02 -51.95
CA VAL H 248 25.49 19.69 -51.87
C VAL H 248 25.59 19.12 -50.45
N ALA H 249 26.64 19.46 -49.70
CA ALA H 249 26.74 18.97 -48.33
C ALA H 249 25.70 19.61 -47.42
N VAL H 250 25.46 20.91 -47.59
CA VAL H 250 24.44 21.55 -46.77
C VAL H 250 23.06 21.02 -47.14
N LEU H 251 22.84 20.69 -48.41
CA LEU H 251 21.58 20.07 -48.78
C LEU H 251 21.46 18.65 -48.25
N ALA H 252 22.57 17.94 -48.13
CA ALA H 252 22.52 16.54 -47.67
C ALA H 252 22.58 16.41 -46.16
N THR H 253 22.74 17.50 -45.43
CA THR H 253 22.70 17.41 -43.98
C THR H 253 21.28 17.16 -43.49
N ASN H 254 20.29 17.76 -44.16
CA ASN H 254 18.88 17.55 -43.85
C ASN H 254 18.51 16.08 -44.00
N LYS H 255 17.70 15.59 -43.06
CA LYS H 255 17.38 14.17 -43.05
C LYS H 255 16.23 13.79 -43.96
N GLU H 256 15.39 14.75 -44.33
CA GLU H 256 14.17 14.38 -45.05
C GLU H 256 14.46 14.00 -46.50
N VAL H 257 15.41 14.68 -47.13
CA VAL H 257 15.61 14.49 -48.56
C VAL H 257 17.01 13.97 -48.86
N GLU H 258 17.64 13.29 -47.89
CA GLU H 258 18.94 12.73 -48.18
C GLU H 258 18.87 11.54 -49.12
N ARG H 259 17.71 10.89 -49.21
CA ARG H 259 17.55 9.76 -50.12
C ARG H 259 17.62 10.20 -51.56
N GLU H 260 16.92 11.29 -51.89
CA GLU H 260 16.99 11.89 -53.22
C GLU H 260 18.42 12.27 -53.57
N VAL H 261 19.11 12.93 -52.64
CA VAL H 261 20.46 13.42 -52.91
C VAL H 261 21.42 12.25 -53.12
N GLU H 262 21.30 11.18 -52.33
CA GLU H 262 22.14 10.02 -52.56
C GLU H 262 21.78 9.30 -53.84
N ARG H 263 20.51 9.34 -54.25
CA ARG H 263 20.12 8.76 -55.53
C ARG H 263 20.64 9.58 -56.69
N SER H 264 20.91 10.86 -56.47
CA SER H 264 21.46 11.70 -57.53
C SER H 264 22.90 11.31 -57.86
N GLY H 265 23.64 10.81 -56.88
CA GLY H 265 24.97 10.29 -57.14
C GLY H 265 26.08 11.30 -57.17
N THR H 266 25.85 12.52 -56.71
CA THR H 266 26.89 13.54 -56.71
C THR H 266 27.62 13.65 -55.39
N LEU H 267 27.23 12.86 -54.38
CA LEU H 267 27.96 12.89 -53.12
C LEU H 267 29.25 12.10 -53.18
N ALA H 268 29.40 11.19 -54.15
CA ALA H 268 30.61 10.39 -54.28
C ALA H 268 31.83 11.20 -54.70
N LEU H 269 31.66 12.45 -55.11
CA LEU H 269 32.75 13.27 -55.61
C LEU H 269 33.26 14.26 -54.57
N VAL H 270 33.01 14.01 -53.30
CA VAL H 270 33.49 14.92 -52.25
C VAL H 270 34.84 14.48 -51.71
N GLU H 271 34.97 13.20 -51.36
CA GLU H 271 36.20 12.63 -50.82
C GLU H 271 37.43 12.86 -51.68
N PRO H 272 37.49 12.42 -52.97
CA PRO H 272 38.71 12.67 -53.76
C PRO H 272 39.18 14.12 -53.76
N LEU H 273 38.23 15.03 -53.94
CA LEU H 273 38.55 16.46 -54.01
C LEU H 273 39.20 16.96 -52.73
N VAL H 274 38.56 16.74 -51.59
CA VAL H 274 39.13 17.15 -50.31
C VAL H 274 40.46 16.45 -50.06
N ALA H 275 40.57 15.19 -50.46
CA ALA H 275 41.81 14.45 -50.27
C ALA H 275 42.94 14.98 -51.13
N SER H 276 42.64 15.65 -52.24
CA SER H 276 43.65 16.10 -53.18
C SER H 276 43.83 17.62 -53.18
N LEU H 277 43.80 18.23 -52.00
CA LEU H 277 43.98 19.67 -51.88
C LEU H 277 44.86 19.97 -50.68
N ASP H 278 45.03 21.26 -50.41
CA ASP H 278 45.80 21.75 -49.29
C ASP H 278 45.10 22.96 -48.69
N PRO H 279 44.74 22.93 -47.41
CA PRO H 279 44.18 24.14 -46.79
C PRO H 279 45.16 25.29 -46.72
N GLY H 280 46.46 24.99 -46.72
CA GLY H 280 47.45 26.04 -46.56
C GLY H 280 47.55 26.95 -47.76
N ARG H 281 47.27 26.42 -48.96
CA ARG H 281 47.28 27.21 -50.17
C ARG H 281 45.97 27.94 -50.43
N PHE H 282 44.84 27.40 -49.97
CA PHE H 282 43.61 28.17 -50.01
C PHE H 282 43.50 29.14 -48.85
N ALA H 283 44.28 28.94 -47.79
CA ALA H 283 44.71 30.06 -46.98
C ALA H 283 45.66 30.90 -47.82
N ARG H 284 45.57 32.22 -47.68
CA ARG H 284 46.10 33.31 -48.53
C ARG H 284 45.26 33.42 -49.81
N LEU H 286 40.91 33.43 -50.60
CA LEU H 286 39.71 33.91 -49.90
C LEU H 286 40.00 35.14 -49.02
N VAL H 287 41.15 35.78 -49.23
CA VAL H 287 41.48 37.03 -48.56
C VAL H 287 41.54 38.20 -49.53
N ASP H 288 41.41 37.95 -50.83
CA ASP H 288 41.42 38.98 -51.85
C ASP H 288 40.21 38.97 -52.77
N ALA H 289 39.43 37.88 -52.80
CA ALA H 289 38.45 37.68 -53.86
C ALA H 289 37.19 38.48 -53.62
N SER H 290 36.50 38.22 -52.52
CA SER H 290 35.18 38.80 -52.30
C SER H 290 35.26 40.28 -51.97
N ASP H 291 35.86 40.62 -50.83
CA ASP H 291 35.88 42.00 -50.38
C ASP H 291 37.18 42.38 -49.67
N THR H 292 38.20 41.51 -49.68
CA THR H 292 39.46 41.68 -48.95
C THR H 292 39.19 41.92 -47.46
N SER H 293 38.58 40.91 -46.84
CA SER H 293 38.18 40.95 -45.45
C SER H 293 38.90 39.86 -44.67
N GLN H 294 38.81 39.96 -43.34
CA GLN H 294 39.45 38.97 -42.46
C GLN H 294 38.49 37.82 -42.15
N GLY H 295 38.01 37.19 -43.22
CA GLY H 295 37.20 36.00 -43.09
C GLY H 295 35.73 36.27 -42.94
N ARG H 296 35.00 35.21 -42.62
CA ARG H 296 33.57 35.25 -42.46
C ARG H 296 33.18 35.55 -41.02
N GLY H 297 31.99 36.09 -40.84
CA GLY H 297 31.56 36.57 -39.55
C GLY H 297 31.19 35.45 -38.60
N PRO H 298 30.95 35.83 -37.35
CA PRO H 298 30.49 34.83 -36.36
C PRO H 298 29.18 34.16 -36.74
N ASP H 299 28.19 34.96 -37.17
CA ASP H 299 26.90 34.39 -37.54
C ASP H 299 26.98 33.62 -38.84
N ASP H 300 28.01 33.88 -39.65
CA ASP H 300 28.30 33.01 -40.78
C ASP H 300 29.04 31.77 -40.33
N LEU H 301 29.84 31.88 -39.26
CA LEU H 301 30.61 30.73 -38.80
C LEU H 301 29.75 29.73 -38.05
N GLN H 302 28.61 30.14 -37.49
CA GLN H 302 27.74 29.17 -36.85
C GLN H 302 26.90 28.39 -37.85
N ARG H 303 27.10 28.59 -39.14
CA ARG H 303 26.40 27.83 -40.15
C ARG H 303 27.14 26.57 -40.54
N LEU H 304 28.39 26.43 -40.10
CA LEU H 304 29.22 25.27 -40.39
C LEU H 304 29.23 24.25 -39.27
N VAL H 305 29.12 24.69 -38.02
CA VAL H 305 29.20 23.78 -36.88
C VAL H 305 28.06 22.76 -36.86
N PRO H 306 26.80 23.10 -37.16
CA PRO H 306 25.77 22.06 -37.22
C PRO H 306 25.98 21.01 -38.31
N LEU H 307 26.75 21.29 -39.36
CA LEU H 307 27.07 20.23 -40.30
C LEU H 307 28.35 19.50 -39.92
N LEU H 308 29.04 19.94 -38.87
CA LEU H 308 30.21 19.23 -38.39
C LEU H 308 29.82 18.07 -37.48
N ASP H 309 28.63 18.08 -36.93
CA ASP H 309 28.13 17.01 -36.07
C ASP H 309 26.94 16.36 -36.77
N SER H 310 27.22 15.36 -37.59
CA SER H 310 26.17 14.67 -38.31
C SER H 310 26.69 13.30 -38.71
N ASN H 311 25.78 12.37 -38.94
CA ASN H 311 26.16 11.01 -39.31
C ASN H 311 26.34 10.86 -40.81
N ARG H 312 27.12 11.76 -41.40
CA ARG H 312 27.52 11.68 -42.79
C ARG H 312 29.01 11.97 -42.86
N LEU H 313 29.66 11.43 -43.88
CA LEU H 313 31.11 11.55 -43.90
C LEU H 313 31.56 12.74 -44.74
N GLU H 314 30.99 12.89 -45.94
CA GLU H 314 31.28 14.03 -46.83
C GLU H 314 31.06 15.36 -46.14
N ALA H 315 29.91 15.53 -45.48
CA ALA H 315 29.59 16.74 -44.73
C ALA H 315 30.68 17.07 -43.72
N GLN H 316 31.05 16.08 -42.91
CA GLN H 316 32.10 16.29 -41.91
C GLN H 316 33.41 16.70 -42.54
N CYS H 317 33.78 16.07 -43.66
CA CYS H 317 35.04 16.41 -44.32
C CYS H 317 35.05 17.85 -44.80
N ILE H 318 34.00 18.26 -45.52
CA ILE H 318 33.89 19.62 -46.01
C ILE H 318 33.91 20.64 -44.86
N GLY H 319 33.15 20.35 -43.79
CA GLY H 319 33.15 21.22 -42.62
C GLY H 319 34.53 21.38 -42.02
N ALA H 320 35.23 20.27 -41.81
CA ALA H 320 36.61 20.28 -41.35
C ALA H 320 37.49 21.16 -42.22
N PHE H 321 37.37 21.00 -43.55
CA PHE H 321 38.14 21.81 -44.49
C PHE H 321 37.92 23.30 -44.29
N TYR H 322 36.65 23.72 -44.29
CA TYR H 322 36.35 25.14 -44.15
C TYR H 322 36.81 25.69 -42.81
N LEU H 323 36.58 24.95 -41.73
CA LEU H 323 37.04 25.40 -40.41
C LEU H 323 38.55 25.51 -40.35
N CYS H 324 39.28 24.54 -40.90
CA CYS H 324 40.74 24.63 -40.96
C CYS H 324 41.19 25.90 -41.67
N ALA H 325 40.61 26.17 -42.83
CA ALA H 325 40.97 27.38 -43.59
C ALA H 325 40.68 28.64 -42.79
N GLU H 326 39.47 28.76 -42.25
CA GLU H 326 39.10 29.92 -41.45
C GLU H 326 39.99 30.08 -40.23
N ALA H 327 40.31 28.97 -39.55
CA ALA H 327 41.22 29.01 -38.41
C ALA H 327 42.58 29.56 -38.82
N ALA H 328 43.09 29.11 -39.97
CA ALA H 328 44.33 29.65 -40.51
C ALA H 328 44.25 31.15 -40.68
N ILE H 329 43.18 31.64 -41.31
CA ILE H 329 43.07 33.07 -41.58
C ILE H 329 42.90 33.87 -40.28
N LYS H 330 42.20 33.33 -39.29
CA LYS H 330 41.88 34.07 -38.07
C LYS H 330 42.85 33.82 -36.93
N SER H 331 43.87 32.98 -37.11
CA SER H 331 44.84 32.80 -36.06
C SER H 331 46.06 33.71 -36.21
N LEU H 332 46.22 34.34 -37.38
CA LEU H 332 47.24 35.36 -37.51
C LEU H 332 46.89 36.59 -36.69
N GLN H 333 45.60 36.86 -36.50
CA GLN H 333 45.14 37.99 -35.71
C GLN H 333 45.06 37.57 -34.25
N GLY H 334 44.45 38.41 -33.42
CA GLY H 334 44.26 38.09 -32.02
C GLY H 334 43.00 37.34 -31.70
N LYS H 335 42.07 37.26 -32.65
CA LYS H 335 40.77 36.62 -32.41
C LYS H 335 40.98 35.11 -32.39
N THR H 336 41.23 34.57 -31.20
CA THR H 336 41.28 33.13 -30.98
C THR H 336 40.21 32.70 -29.99
N LYS H 337 39.19 33.53 -29.77
CA LYS H 337 38.14 33.22 -28.81
C LYS H 337 36.81 32.90 -29.46
N VAL H 338 36.63 33.25 -30.73
CA VAL H 338 35.37 32.98 -31.40
C VAL H 338 35.16 31.48 -31.61
N PHE H 339 36.24 30.72 -31.86
CA PHE H 339 36.11 29.28 -31.98
C PHE H 339 35.86 28.59 -30.64
N SER H 340 36.03 29.29 -29.53
CA SER H 340 35.57 28.75 -28.26
C SER H 340 34.17 29.23 -27.92
N ASP H 341 33.80 30.43 -28.36
CA ASP H 341 32.44 30.91 -28.15
C ASP H 341 31.43 30.11 -28.94
N ILE H 342 31.77 29.73 -30.17
CA ILE H 342 30.83 28.95 -30.99
C ILE H 342 30.74 27.53 -30.48
N GLY H 343 31.87 26.93 -30.14
CA GLY H 343 31.86 25.56 -29.68
C GLY H 343 32.37 24.62 -30.73
N ALA H 344 33.42 25.03 -31.44
CA ALA H 344 34.05 24.16 -32.41
C ALA H 344 35.16 23.32 -31.80
N ILE H 345 35.67 23.70 -30.63
CA ILE H 345 36.78 22.96 -30.04
C ILE H 345 36.31 21.60 -29.55
N GLN H 346 35.17 21.56 -28.86
CA GLN H 346 34.67 20.30 -28.35
C GLN H 346 34.24 19.39 -29.49
N SER H 347 33.67 19.96 -30.55
CA SER H 347 33.25 19.15 -31.67
C SER H 347 34.44 18.60 -32.44
N LEU H 348 35.51 19.39 -32.60
CA LEU H 348 36.69 18.88 -33.28
C LEU H 348 37.39 17.80 -32.47
N LYS H 349 37.45 17.97 -31.14
CA LYS H 349 38.09 16.94 -30.32
C LYS H 349 37.29 15.64 -30.35
N ARG H 350 35.96 15.75 -30.33
CA ARG H 350 35.11 14.57 -30.48
C ARG H 350 35.25 13.96 -31.86
N LEU H 351 35.51 14.77 -32.88
CA LEU H 351 35.74 14.24 -34.21
C LEU H 351 37.05 13.47 -34.29
N VAL H 352 38.08 13.95 -33.59
CA VAL H 352 39.35 13.25 -33.59
C VAL H 352 39.25 11.92 -32.86
N SER H 353 38.52 11.91 -31.73
CA SER H 353 38.57 10.75 -30.84
C SER H 353 37.93 9.51 -31.45
N TYR H 354 36.89 9.66 -32.26
CA TYR H 354 36.21 8.52 -32.86
C TYR H 354 36.49 8.43 -34.35
N SER H 355 37.72 8.75 -34.74
CA SER H 355 38.05 8.88 -36.15
C SER H 355 38.10 7.53 -36.84
N THR H 356 37.21 7.31 -37.79
CA THR H 356 37.21 6.11 -38.62
C THR H 356 37.59 6.42 -40.05
N ASN H 357 38.39 7.46 -40.26
CA ASN H 357 38.78 7.87 -41.60
C ASN H 357 40.10 8.63 -41.50
N GLY H 358 40.83 8.66 -42.60
CA GLY H 358 42.13 9.29 -42.61
C GLY H 358 42.09 10.76 -42.95
N THR H 359 41.12 11.17 -43.77
CA THR H 359 41.11 12.54 -44.25
C THR H 359 40.62 13.51 -43.19
N LYS H 360 39.44 13.25 -42.63
CA LYS H 360 38.89 14.18 -41.65
C LYS H 360 39.69 14.17 -40.36
N SER H 361 40.32 13.04 -40.01
CA SER H 361 41.21 13.01 -38.85
C SER H 361 42.42 13.91 -39.06
N ALA H 362 43.01 13.83 -40.25
CA ALA H 362 44.16 14.68 -40.58
C ALA H 362 43.79 16.15 -40.51
N LEU H 363 42.71 16.52 -41.19
CA LEU H 363 42.28 17.92 -41.21
C LEU H 363 41.94 18.42 -39.81
N ALA H 364 41.25 17.59 -39.01
CA ALA H 364 40.91 17.96 -37.65
C ALA H 364 42.16 18.19 -36.80
N LYS H 365 43.11 17.26 -36.84
CA LYS H 365 44.34 17.43 -36.08
C LYS H 365 45.10 18.68 -36.51
N ARG H 366 45.11 18.95 -37.82
CA ARG H 366 45.82 20.13 -38.30
C ARG H 366 45.14 21.40 -37.83
N ALA H 367 43.81 21.42 -37.83
CA ALA H 367 43.10 22.60 -37.36
C ALA H 367 43.22 22.81 -35.87
N LEU H 368 43.30 21.72 -35.09
CA LEU H 368 43.56 21.88 -33.66
C LEU H 368 45.00 22.29 -33.38
N ARG H 369 45.93 21.91 -34.25
CA ARG H 369 47.32 22.28 -34.05
C ARG H 369 47.53 23.77 -34.32
N LEU H 370 46.72 24.36 -35.19
CA LEU H 370 46.79 25.78 -35.46
C LEU H 370 46.33 26.62 -34.28
N LEU H 371 45.59 26.04 -33.35
CA LEU H 371 45.21 26.70 -32.11
C LEU H 371 46.02 26.13 -30.95
N GLY H 372 45.91 26.78 -29.81
CA GLY H 372 46.66 26.34 -28.64
C GLY H 372 46.15 25.10 -27.96
N GLU H 373 44.98 24.61 -28.37
CA GLU H 373 44.41 23.41 -27.79
C GLU H 373 45.26 22.20 -28.15
N GLU H 374 45.50 21.32 -27.18
CA GLU H 374 46.33 20.15 -27.42
C GLU H 374 45.55 19.08 -28.17
N VAL H 375 46.28 18.24 -28.88
CA VAL H 375 45.67 17.24 -29.75
C VAL H 375 45.35 16.00 -28.92
N PRO H 376 44.13 15.47 -29.01
CA PRO H 376 43.82 14.23 -28.32
C PRO H 376 44.33 13.02 -29.09
N ARG H 377 44.39 11.90 -28.39
CA ARG H 377 44.81 10.66 -29.04
C ARG H 377 43.60 9.78 -29.31
N PRO H 378 43.58 9.06 -30.43
CA PRO H 378 42.48 8.13 -30.68
C PRO H 378 42.49 6.98 -29.70
N ILE H 379 41.32 6.43 -29.45
CA ILE H 379 41.11 5.45 -28.40
C ILE H 379 40.77 4.10 -29.02
N LEU H 380 41.16 3.04 -28.33
CA LEU H 380 41.00 1.70 -28.86
C LEU H 380 39.53 1.31 -28.86
N PRO H 381 39.04 0.69 -29.94
CA PRO H 381 37.61 0.41 -30.04
C PRO H 381 37.17 -0.83 -29.28
N SER H 382 38.06 -1.52 -28.60
CA SER H 382 37.69 -2.70 -27.83
C SER H 382 37.42 -2.25 -26.41
N VAL H 383 36.19 -1.82 -26.15
CA VAL H 383 35.84 -1.18 -24.89
C VAL H 383 35.86 -2.16 -23.72
N PRO H 384 35.33 -3.38 -23.80
CA PRO H 384 35.63 -4.35 -22.75
C PRO H 384 37.11 -4.68 -22.74
N SER H 385 37.58 -5.17 -21.61
CA SER H 385 39.01 -5.34 -21.32
C SER H 385 39.75 -4.02 -21.45
N TRP H 386 39.19 -2.99 -20.83
CA TRP H 386 39.90 -1.75 -20.56
C TRP H 386 40.44 -1.79 -19.14
N LYS H 387 41.38 -0.91 -18.86
CA LYS H 387 41.88 -0.75 -17.51
C LYS H 387 41.64 0.67 -17.05
N GLU H 388 42.19 1.02 -15.88
CA GLU H 388 41.88 2.30 -15.27
C GLU H 388 42.50 3.45 -16.05
N ALA H 389 43.69 3.25 -16.60
CA ALA H 389 44.37 4.30 -17.36
C ALA H 389 43.55 4.75 -18.55
N GLU H 390 43.07 3.79 -19.34
CA GLU H 390 42.33 4.12 -20.55
C GLU H 390 41.02 4.83 -20.22
N VAL H 391 40.34 4.38 -19.18
CA VAL H 391 39.14 5.07 -18.70
C VAL H 391 39.45 6.52 -18.34
N GLN H 392 40.55 6.73 -17.63
CA GLN H 392 40.97 8.09 -17.29
C GLN H 392 41.19 8.94 -18.54
N THR H 393 41.94 8.44 -19.52
CA THR H 393 42.13 9.22 -20.75
C THR H 393 40.80 9.52 -21.45
N TRP H 394 39.87 8.57 -21.45
CA TRP H 394 38.54 8.82 -22.01
C TRP H 394 37.85 9.99 -21.31
N LEU H 395 37.75 9.92 -19.98
CA LEU H 395 37.22 11.04 -19.21
C LEU H 395 38.05 12.31 -19.35
N GLN H 396 39.27 12.23 -19.83
CA GLN H 396 40.03 13.44 -20.09
C GLN H 396 39.68 14.03 -21.45
N GLN H 397 39.21 13.20 -22.37
CA GLN H 397 38.91 13.73 -23.69
C GLN H 397 37.46 14.17 -23.85
N ILE H 398 36.53 13.58 -23.11
CA ILE H 398 35.14 13.97 -23.35
C ILE H 398 34.76 15.25 -22.62
N GLY H 399 35.48 15.61 -21.56
CA GLY H 399 35.18 16.81 -20.81
C GLY H 399 34.82 16.59 -19.36
N PHE H 400 34.65 15.35 -18.90
CA PHE H 400 34.33 15.08 -17.51
C PHE H 400 35.61 14.92 -16.70
N SER H 401 36.43 15.96 -16.73
CA SER H 401 37.78 15.82 -16.21
C SER H 401 37.87 15.99 -14.71
N LYS H 402 36.83 16.53 -14.08
CA LYS H 402 36.86 16.72 -12.64
C LYS H 402 36.39 15.51 -11.87
N TYR H 403 35.80 14.52 -12.53
CA TYR H 403 35.37 13.31 -11.88
C TYR H 403 36.35 12.17 -12.02
N CYS H 404 37.52 12.41 -12.63
CA CYS H 404 38.53 11.37 -12.80
C CYS H 404 38.99 10.81 -11.46
N GLU H 405 39.01 11.65 -10.43
CA GLU H 405 39.45 11.22 -9.10
C GLU H 405 38.57 10.10 -8.57
N SER H 406 37.25 10.29 -8.60
CA SER H 406 36.30 9.28 -8.11
C SER H 406 36.43 7.97 -8.87
N PHE H 407 36.61 8.02 -10.19
CA PHE H 407 36.82 6.79 -10.94
C PHE H 407 38.12 6.10 -10.58
N ARG H 408 39.23 6.84 -10.45
CA ARG H 408 40.47 6.22 -10.04
C ARG H 408 40.38 5.68 -8.61
N GLU H 409 39.50 6.25 -7.80
CA GLU H 409 39.31 5.74 -6.44
C GLU H 409 38.55 4.44 -6.44
N GLN H 410 37.42 4.38 -7.13
CA GLN H 410 36.61 3.17 -7.11
C GLN H 410 37.13 2.08 -8.03
N GLN H 411 38.18 2.37 -8.81
CA GLN H 411 38.79 1.41 -9.74
C GLN H 411 37.79 0.88 -10.75
N VAL H 412 37.20 1.80 -11.50
CA VAL H 412 36.28 1.43 -12.56
C VAL H 412 37.09 0.99 -13.77
N ASP H 413 36.62 -0.04 -14.46
CA ASP H 413 37.23 -0.55 -15.67
C ASP H 413 36.21 -0.52 -16.80
N GLY H 414 36.56 -1.15 -17.92
CA GLY H 414 35.65 -1.18 -19.06
C GLY H 414 34.36 -1.91 -18.76
N ASP H 415 34.47 -3.10 -18.18
CA ASP H 415 33.29 -3.90 -17.86
C ASP H 415 32.38 -3.16 -16.89
N LEU H 416 32.93 -2.68 -15.79
CA LEU H 416 32.15 -1.92 -14.82
C LEU H 416 31.64 -0.61 -15.38
N LEU H 417 32.26 -0.08 -16.43
CA LEU H 417 31.72 1.13 -17.06
C LEU H 417 30.51 0.81 -17.92
N LEU H 418 30.59 -0.25 -18.71
CA LEU H 418 29.49 -0.58 -19.60
C LEU H 418 28.21 -0.98 -18.88
N ARG H 419 28.27 -1.26 -17.58
CA ARG H 419 27.11 -1.68 -16.82
C ARG H 419 26.77 -0.72 -15.69
N LEU H 420 27.11 0.55 -15.85
CA LEU H 420 26.76 1.53 -14.83
C LEU H 420 25.28 1.86 -14.87
N THR H 421 24.73 2.17 -13.72
CA THR H 421 23.35 2.62 -13.59
C THR H 421 23.34 3.99 -12.92
N GLU H 422 22.13 4.54 -12.76
CA GLU H 422 22.01 5.89 -12.21
C GLU H 422 22.32 5.92 -10.72
N GLU H 423 22.07 4.82 -10.01
CA GLU H 423 22.26 4.79 -8.56
C GLU H 423 23.72 5.00 -8.19
N GLU H 424 24.62 4.30 -8.86
CA GLU H 424 26.04 4.45 -8.57
C GLU H 424 26.55 5.82 -8.94
N LEU H 425 25.96 6.46 -9.95
CA LEU H 425 26.32 7.85 -10.23
C LEU H 425 25.87 8.75 -9.09
N GLN H 426 24.63 8.59 -8.62
CA GLN H 426 24.10 9.47 -7.59
C GLN H 426 24.79 9.28 -6.25
N THR H 427 25.20 8.06 -5.90
CA THR H 427 25.51 7.80 -4.50
C THR H 427 27.00 7.96 -4.19
N ASP H 428 27.86 7.17 -4.83
CA ASP H 428 29.26 7.16 -4.48
C ASP H 428 30.19 7.77 -5.53
N LEU H 429 29.79 7.82 -6.79
CA LEU H 429 30.63 8.50 -7.75
C LEU H 429 30.51 10.01 -7.63
N GLY H 430 29.39 10.52 -7.14
CA GLY H 430 29.30 11.93 -6.81
C GLY H 430 28.74 12.83 -7.87
N MET H 431 27.83 12.34 -8.71
CA MET H 431 27.13 13.18 -9.68
C MET H 431 25.74 13.46 -9.13
N LYS H 432 25.60 14.57 -8.42
CA LYS H 432 24.34 14.85 -7.76
C LYS H 432 23.29 15.36 -8.73
N SER H 433 23.65 16.32 -9.58
CA SER H 433 22.68 16.97 -10.44
C SER H 433 22.23 16.05 -11.55
N GLY H 434 20.93 16.11 -11.88
CA GLY H 434 20.41 15.27 -12.94
C GLY H 434 20.90 15.64 -14.31
N ILE H 435 21.34 16.87 -14.50
CA ILE H 435 21.75 17.31 -15.83
C ILE H 435 23.14 16.79 -16.15
N THR H 436 24.01 16.68 -15.15
CA THR H 436 25.30 16.06 -15.37
C THR H 436 25.15 14.58 -15.67
N ARG H 437 24.31 13.88 -14.91
CA ARG H 437 24.05 12.48 -15.20
C ARG H 437 23.49 12.29 -16.61
N LYS H 438 22.63 13.20 -17.06
CA LYS H 438 22.08 13.05 -18.40
C LYS H 438 23.13 13.33 -19.47
N ARG H 439 24.05 14.27 -19.21
CA ARG H 439 25.17 14.46 -20.13
C ARG H 439 26.06 13.23 -20.18
N PHE H 440 26.32 12.62 -19.03
CA PHE H 440 27.20 11.47 -18.96
C PHE H 440 26.60 10.30 -19.73
N PHE H 441 25.32 10.03 -19.52
CA PHE H 441 24.68 8.95 -20.26
C PHE H 441 24.65 9.25 -21.75
N ARG H 442 24.47 10.51 -22.15
CA ARG H 442 24.48 10.84 -23.56
C ARG H 442 25.83 10.52 -24.20
N GLU H 443 26.92 10.96 -23.54
CA GLU H 443 28.26 10.62 -24.04
C GLU H 443 28.51 9.12 -24.05
N LEU H 444 28.06 8.43 -23.00
CA LEU H 444 28.29 6.99 -22.91
C LEU H 444 27.60 6.23 -24.03
N THR H 445 26.30 6.48 -24.23
CA THR H 445 25.59 5.85 -25.34
C THR H 445 26.17 6.23 -26.69
N GLU H 446 26.74 7.44 -26.81
CA GLU H 446 27.50 7.74 -28.01
C GLU H 446 28.69 6.81 -28.16
N LEU H 447 29.34 6.47 -27.05
CA LEU H 447 30.51 5.60 -27.13
C LEU H 447 30.15 4.15 -27.37
N LYS H 448 29.01 3.69 -26.87
CA LYS H 448 28.73 2.26 -26.93
C LYS H 448 28.23 1.81 -28.29
N THR H 449 27.89 2.72 -29.19
CA THR H 449 27.59 2.31 -30.55
C THR H 449 28.86 2.19 -31.40
N PHE H 450 30.00 2.51 -30.83
CA PHE H 450 31.28 2.52 -31.53
C PHE H 450 32.15 1.32 -31.18
N ALA H 451 31.90 0.68 -30.03
CA ALA H 451 32.79 -0.32 -29.48
C ALA H 451 32.84 -1.59 -30.34
N ASN H 452 33.78 -2.46 -29.99
CA ASN H 452 34.01 -3.72 -30.70
C ASN H 452 33.74 -4.86 -29.72
N TYR H 453 32.70 -5.64 -30.00
CA TYR H 453 32.28 -6.72 -29.12
C TYR H 453 32.71 -8.08 -29.64
N SER H 454 33.90 -8.14 -30.23
CA SER H 454 34.36 -9.38 -30.84
C SER H 454 34.69 -10.45 -29.81
N THR H 455 34.94 -10.08 -28.57
CA THR H 455 35.37 -11.04 -27.56
C THR H 455 34.26 -11.42 -26.59
N CYS H 456 33.07 -10.83 -26.72
CA CYS H 456 31.94 -11.18 -25.89
C CYS H 456 30.81 -11.81 -26.70
N ASP H 457 30.47 -11.22 -27.84
CA ASP H 457 29.42 -11.73 -28.69
C ASP H 457 29.80 -13.07 -29.28
N ARG H 458 28.79 -13.90 -29.54
CA ARG H 458 29.02 -15.19 -30.15
C ARG H 458 28.33 -15.32 -31.49
N SER H 459 27.05 -14.97 -31.57
CA SER H 459 26.26 -15.16 -32.77
C SER H 459 26.10 -13.87 -33.57
N ASN H 460 26.99 -12.90 -33.36
CA ASN H 460 26.98 -11.61 -34.05
C ASN H 460 25.65 -10.90 -33.82
N LEU H 461 25.32 -10.72 -32.54
CA LEU H 461 24.04 -10.13 -32.18
C LEU H 461 24.03 -8.63 -32.46
N ALA H 462 25.20 -7.99 -32.40
CA ALA H 462 25.35 -6.59 -32.76
C ALA H 462 24.75 -6.26 -34.13
N ASP H 463 25.13 -7.04 -35.14
CA ASP H 463 24.63 -6.81 -36.49
C ASP H 463 23.12 -6.94 -36.57
N TRP H 464 22.57 -8.02 -36.00
CA TRP H 464 21.12 -8.21 -36.00
C TRP H 464 20.40 -7.10 -35.25
N LEU H 465 21.05 -6.46 -34.28
CA LEU H 465 20.41 -5.31 -33.66
C LEU H 465 20.50 -4.09 -34.54
N GLY H 466 21.70 -3.74 -34.98
CA GLY H 466 21.93 -2.61 -35.88
C GLY H 466 21.16 -2.65 -37.18
N SER H 467 20.66 -3.82 -37.57
CA SER H 467 19.82 -3.89 -38.76
C SER H 467 18.48 -3.21 -38.53
N LEU H 468 17.95 -3.29 -37.31
CA LEU H 468 16.67 -2.65 -37.01
C LEU H 468 16.81 -1.13 -37.01
N ASP H 469 17.83 -0.63 -36.34
CA ASP H 469 17.97 0.80 -36.11
C ASP H 469 19.43 1.01 -35.71
N PRO H 470 20.12 2.00 -36.28
CA PRO H 470 21.47 2.32 -35.81
C PRO H 470 21.56 2.62 -34.32
N ARG H 471 20.51 3.15 -33.71
CA ARG H 471 20.56 3.45 -32.30
C ARG H 471 20.40 2.22 -31.42
N PHE H 472 20.09 1.06 -32.00
CA PHE H 472 19.83 -0.14 -31.23
C PHE H 472 21.08 -0.95 -30.92
N ARG H 473 22.27 -0.49 -31.29
CA ARG H 473 23.44 -1.29 -30.98
C ARG H 473 23.89 -1.08 -29.56
N GLN H 474 23.49 0.03 -28.94
CA GLN H 474 23.95 0.38 -27.61
C GLN H 474 23.53 -0.60 -26.54
N TYR H 475 22.59 -1.49 -26.82
CA TYR H 475 22.18 -2.43 -25.79
C TYR H 475 22.80 -3.80 -25.95
N THR H 476 23.69 -3.99 -26.92
CA THR H 476 24.11 -5.36 -27.24
C THR H 476 24.86 -6.00 -26.10
N TYR H 477 25.71 -5.25 -25.39
CA TYR H 477 26.45 -5.85 -24.29
C TYR H 477 25.49 -6.20 -23.16
N GLY H 478 24.45 -5.38 -22.98
CA GLY H 478 23.42 -5.70 -22.01
C GLY H 478 22.76 -7.02 -22.29
N LEU H 479 22.68 -7.41 -23.56
CA LEU H 479 22.10 -8.71 -23.85
C LEU H 479 23.13 -9.80 -23.69
N VAL H 480 24.37 -9.55 -24.13
CA VAL H 480 25.36 -10.61 -24.18
C VAL H 480 25.79 -11.03 -22.79
N SER H 481 26.05 -10.06 -21.91
CA SER H 481 26.44 -10.37 -20.54
C SER H 481 25.36 -11.09 -19.76
N CYS H 482 24.11 -11.00 -20.19
CA CYS H 482 23.06 -11.79 -19.56
C CYS H 482 23.02 -13.20 -20.12
N GLY H 483 23.46 -13.40 -21.36
CA GLY H 483 23.59 -14.73 -21.92
C GLY H 483 22.73 -15.01 -23.13
N LEU H 484 21.95 -14.07 -23.65
CA LEU H 484 21.12 -14.34 -24.80
C LEU H 484 21.94 -14.37 -26.08
N ASP H 485 21.34 -14.93 -27.13
CA ASP H 485 21.92 -14.94 -28.46
C ASP H 485 20.80 -15.17 -29.47
N ARG H 486 21.18 -15.30 -30.74
CA ARG H 486 20.20 -15.36 -31.81
C ARG H 486 19.39 -16.66 -31.83
N SER H 487 19.72 -17.63 -30.99
CA SER H 487 18.90 -18.82 -30.87
C SER H 487 17.97 -18.77 -29.68
N LEU H 488 18.19 -17.86 -28.74
CA LEU H 488 17.48 -17.86 -27.47
C LEU H 488 16.61 -16.63 -27.28
N LEU H 489 16.39 -15.84 -28.33
CA LEU H 489 15.61 -14.63 -28.17
C LEU H 489 14.13 -14.84 -28.42
N HIS H 490 13.75 -15.95 -29.03
CA HIS H 490 12.37 -16.14 -29.42
C HIS H 490 11.44 -16.45 -28.26
N ARG H 491 11.95 -16.54 -27.04
CA ARG H 491 11.11 -16.88 -25.89
C ARG H 491 11.48 -16.03 -24.69
N VAL H 492 11.68 -14.73 -24.90
CA VAL H 492 11.96 -13.82 -23.80
C VAL H 492 10.75 -12.91 -23.62
N SER H 493 10.59 -12.37 -22.41
CA SER H 493 9.44 -11.56 -22.09
C SER H 493 9.80 -10.08 -22.09
N GLU H 494 8.81 -9.25 -21.79
CA GLU H 494 9.04 -7.81 -21.72
C GLU H 494 9.58 -7.41 -20.36
N GLN H 495 9.10 -8.06 -19.30
CA GLN H 495 9.63 -7.81 -17.97
C GLN H 495 11.08 -8.27 -17.86
N GLN H 496 11.40 -9.41 -18.48
CA GLN H 496 12.75 -9.95 -18.49
C GLN H 496 13.76 -9.06 -19.19
N LEU H 497 13.33 -7.99 -19.86
CA LEU H 497 14.22 -7.00 -20.45
C LEU H 497 14.26 -5.73 -19.65
N LEU H 498 13.46 -5.62 -18.59
CA LEU H 498 13.36 -4.36 -17.88
C LEU H 498 14.48 -4.20 -16.86
N GLU H 499 14.89 -5.30 -16.22
CA GLU H 499 15.94 -5.22 -15.23
C GLU H 499 17.14 -6.11 -15.50
N ASP H 500 16.98 -7.17 -16.30
CA ASP H 500 18.11 -8.03 -16.57
C ASP H 500 19.03 -7.41 -17.62
N CYS H 501 18.45 -6.94 -18.73
CA CYS H 501 19.22 -6.42 -19.84
C CYS H 501 19.35 -4.91 -19.85
N GLY H 502 18.47 -4.19 -19.16
CA GLY H 502 18.64 -2.77 -18.97
C GLY H 502 18.15 -1.90 -20.10
N ILE H 503 17.04 -2.26 -20.72
CA ILE H 503 16.43 -1.49 -21.79
C ILE H 503 15.24 -0.75 -21.20
N HIS H 504 15.32 0.58 -21.12
CA HIS H 504 14.33 1.33 -20.36
C HIS H 504 13.15 1.80 -21.20
N LEU H 505 13.40 2.31 -22.40
CA LEU H 505 12.33 2.86 -23.23
C LEU H 505 11.41 1.75 -23.69
N GLY H 506 10.12 1.92 -23.41
CA GLY H 506 9.15 0.87 -23.70
C GLY H 506 9.00 0.60 -25.19
N VAL H 507 9.09 1.65 -26.00
CA VAL H 507 9.03 1.49 -27.45
C VAL H 507 10.14 0.58 -27.94
N HIS H 508 11.35 0.75 -27.40
CA HIS H 508 12.48 -0.08 -27.84
C HIS H 508 12.28 -1.54 -27.46
N ARG H 509 11.83 -1.79 -26.22
CA ARG H 509 11.49 -3.15 -25.82
C ARG H 509 10.42 -3.75 -26.73
N ALA H 510 9.40 -2.96 -27.05
CA ALA H 510 8.31 -3.46 -27.88
C ALA H 510 8.80 -3.83 -29.26
N ARG H 511 9.68 -3.00 -29.85
CA ARG H 511 10.17 -3.32 -31.19
C ARG H 511 11.11 -4.51 -31.16
N ILE H 512 11.94 -4.62 -30.13
CA ILE H 512 12.84 -5.78 -30.03
C ILE H 512 12.03 -7.07 -29.91
N LEU H 513 10.99 -7.05 -29.08
CA LEU H 513 10.17 -8.24 -28.91
C LEU H 513 9.42 -8.58 -30.19
N THR H 514 8.82 -7.59 -30.85
CA THR H 514 8.05 -7.91 -32.04
C THR H 514 8.92 -8.30 -33.22
N ALA H 515 10.18 -7.86 -33.24
CA ALA H 515 11.07 -8.26 -34.32
C ALA H 515 11.77 -9.58 -34.05
N ALA H 516 11.89 -9.97 -32.78
CA ALA H 516 12.52 -11.24 -32.46
C ALA H 516 11.53 -12.38 -32.47
N ARG H 517 10.33 -12.15 -31.95
CA ARG H 517 9.31 -13.18 -31.88
C ARG H 517 8.88 -13.66 -33.26
N GLU H 518 8.97 -12.79 -34.26
CA GLU H 518 8.79 -13.23 -35.64
C GLU H 518 9.88 -14.20 -36.04
N MET H 519 11.14 -13.83 -35.80
CA MET H 519 12.28 -14.63 -36.20
C MET H 519 12.41 -15.87 -35.34
N LEU H 520 11.83 -16.98 -35.78
CA LEU H 520 12.20 -18.28 -35.25
C LEU H 520 13.26 -18.90 -36.15
N HIS H 521 12.92 -19.11 -37.42
CA HIS H 521 13.90 -19.38 -38.46
C HIS H 521 13.50 -18.71 -39.77
N SER H 522 12.68 -17.67 -39.72
CA SER H 522 12.12 -17.11 -40.96
C SER H 522 13.16 -16.34 -41.78
N PRO H 523 13.99 -15.44 -41.21
CA PRO H 523 15.02 -14.91 -42.11
C PRO H 523 16.26 -15.78 -42.15
N THR H 535 37.10 -41.16 -36.87
CA THR H 535 38.03 -41.87 -37.74
C THR H 535 38.32 -41.06 -39.00
N PRO H 536 39.60 -40.87 -39.31
CA PRO H 536 39.96 -40.13 -40.52
C PRO H 536 39.66 -40.93 -41.77
N ASP H 537 39.81 -40.25 -42.92
CA ASP H 537 39.54 -40.86 -44.21
C ASP H 537 40.81 -41.39 -44.87
N VAL H 538 41.84 -40.56 -44.98
CA VAL H 538 43.11 -40.95 -45.58
C VAL H 538 44.21 -40.73 -44.55
N PHE H 539 45.37 -41.32 -44.83
CA PHE H 539 46.53 -41.23 -43.94
C PHE H 539 47.74 -40.83 -44.77
N ILE H 540 48.73 -40.23 -44.12
CA ILE H 540 49.92 -39.73 -44.80
C ILE H 540 51.16 -40.10 -43.99
N SER H 541 51.99 -40.97 -44.55
CA SER H 541 53.23 -41.37 -43.91
C SER H 541 54.40 -40.63 -44.53
N TYR H 542 55.39 -40.28 -43.71
CA TYR H 542 56.46 -39.42 -44.15
C TYR H 542 57.65 -39.56 -43.19
N ARG H 543 58.85 -39.31 -43.73
CA ARG H 543 60.04 -39.37 -42.91
C ARG H 543 60.08 -38.19 -41.95
N ARG H 544 60.47 -38.45 -40.71
CA ARG H 544 60.50 -37.39 -39.70
C ARG H 544 61.61 -36.38 -39.95
N ASN H 545 62.72 -36.82 -40.56
CA ASN H 545 63.86 -35.93 -40.76
C ASN H 545 63.59 -34.96 -41.89
N SER H 546 63.44 -35.48 -43.11
CA SER H 546 63.18 -34.67 -44.29
C SER H 546 61.79 -34.95 -44.82
N GLY H 547 61.30 -34.03 -45.64
CA GLY H 547 59.96 -34.17 -46.18
C GLY H 547 58.86 -33.72 -45.27
N SER H 548 59.18 -32.93 -44.24
CA SER H 548 58.15 -32.35 -43.39
C SER H 548 57.30 -31.35 -44.17
N GLN H 549 57.95 -30.52 -45.00
CA GLN H 549 57.27 -29.42 -45.67
C GLN H 549 56.23 -29.93 -46.65
N LEU H 550 56.62 -30.87 -47.53
CA LEU H 550 55.67 -31.35 -48.51
C LEU H 550 54.61 -32.22 -47.88
N ALA H 551 54.85 -32.72 -46.66
CA ALA H 551 53.81 -33.47 -45.96
C ALA H 551 52.74 -32.53 -45.44
N SER H 552 53.16 -31.47 -44.74
CA SER H 552 52.24 -30.44 -44.30
C SER H 552 51.45 -29.85 -45.47
N LEU H 553 52.15 -29.56 -46.57
CA LEU H 553 51.52 -28.88 -47.68
C LEU H 553 50.55 -29.80 -48.42
N LEU H 554 50.87 -31.09 -48.51
CA LEU H 554 49.91 -32.03 -49.06
C LEU H 554 48.70 -32.17 -48.16
N LYS H 555 48.91 -32.12 -46.83
CA LYS H 555 47.79 -32.16 -45.90
C LYS H 555 46.82 -31.00 -46.14
N VAL H 556 47.35 -29.79 -46.24
CA VAL H 556 46.43 -28.66 -46.40
C VAL H 556 45.80 -28.67 -47.80
N HIS H 557 46.53 -29.14 -48.82
CA HIS H 557 45.97 -29.18 -50.16
C HIS H 557 44.89 -30.24 -50.30
N LEU H 558 44.99 -31.33 -49.55
CA LEU H 558 43.91 -32.31 -49.55
C LEU H 558 42.74 -31.84 -48.71
N GLN H 559 43.02 -31.21 -47.56
CA GLN H 559 41.95 -30.82 -46.65
C GLN H 559 41.10 -29.69 -47.25
N LEU H 560 41.69 -28.85 -48.10
CA LEU H 560 40.91 -27.78 -48.68
C LEU H 560 39.91 -28.25 -49.74
N HIS H 561 39.98 -29.50 -50.17
CA HIS H 561 39.05 -30.03 -51.17
C HIS H 561 37.97 -30.91 -50.57
N GLY H 562 37.95 -31.08 -49.26
CA GLY H 562 36.87 -31.80 -48.61
C GLY H 562 37.19 -33.19 -48.14
N PHE H 563 38.46 -33.57 -48.06
CA PHE H 563 38.87 -34.87 -47.57
C PHE H 563 39.54 -34.72 -46.22
N SER H 564 39.11 -35.51 -45.24
CA SER H 564 39.75 -35.49 -43.94
C SER H 564 41.05 -36.29 -43.99
N VAL H 565 41.98 -35.91 -43.13
CA VAL H 565 43.32 -36.47 -43.18
C VAL H 565 44.01 -36.31 -41.82
N PHE H 566 44.66 -37.37 -41.36
CA PHE H 566 45.31 -37.37 -40.05
C PHE H 566 46.80 -37.58 -40.30
N ILE H 567 47.63 -36.71 -39.73
CA ILE H 567 49.07 -36.78 -39.91
C ILE H 567 49.72 -37.01 -38.55
N ASP H 568 50.89 -37.63 -38.56
CA ASP H 568 51.65 -37.84 -37.33
C ASP H 568 52.11 -36.50 -36.77
N VAL H 569 51.84 -36.27 -35.49
CA VAL H 569 52.18 -35.01 -34.82
C VAL H 569 52.98 -35.37 -33.57
N GLU H 570 54.31 -35.38 -33.70
CA GLU H 570 55.32 -35.52 -32.64
C GLU H 570 55.03 -36.58 -31.57
N LYS H 571 55.01 -37.85 -31.96
CA LYS H 571 54.77 -38.96 -31.04
C LYS H 571 56.07 -39.50 -30.43
N LEU H 572 57.21 -39.31 -31.08
CA LEU H 572 58.46 -39.96 -30.69
C LEU H 572 58.96 -39.46 -29.33
N GLU H 573 59.96 -40.17 -28.81
CA GLU H 573 60.56 -39.95 -27.48
C GLU H 573 59.52 -40.08 -26.36
N ALA H 574 58.53 -40.92 -26.57
CA ALA H 574 57.47 -41.19 -25.59
C ALA H 574 57.15 -42.68 -25.66
N GLY H 575 55.98 -43.06 -25.17
CA GLY H 575 55.46 -44.38 -25.50
C GLY H 575 55.23 -44.49 -26.99
N LYS H 576 55.91 -45.43 -27.66
CA LYS H 576 55.95 -45.46 -29.11
C LYS H 576 55.26 -46.66 -29.73
N PHE H 577 55.07 -47.74 -28.96
CA PHE H 577 54.60 -49.01 -29.50
C PHE H 577 53.18 -49.25 -29.02
N GLU H 578 52.28 -49.54 -29.98
CA GLU H 578 50.84 -49.72 -29.74
C GLU H 578 50.21 -48.49 -29.10
N ASP H 579 50.75 -47.30 -29.37
CA ASP H 579 50.31 -46.08 -28.70
C ASP H 579 49.31 -45.35 -29.60
N LYS H 580 48.17 -46.01 -29.81
CA LYS H 580 46.98 -45.45 -30.47
C LYS H 580 47.24 -44.97 -31.90
N LEU H 581 48.28 -45.48 -32.54
CA LEU H 581 48.59 -45.11 -33.91
C LEU H 581 48.42 -46.26 -34.90
N ILE H 582 48.15 -47.47 -34.42
CA ILE H 582 48.08 -48.63 -35.30
C ILE H 582 46.67 -48.88 -35.81
N GLN H 583 45.65 -48.45 -35.07
CA GLN H 583 44.30 -48.54 -35.61
C GLN H 583 44.05 -47.47 -36.67
N SER H 584 44.62 -46.27 -36.46
CA SER H 584 44.57 -45.18 -37.43
C SER H 584 44.97 -45.62 -38.84
N VAL H 585 46.01 -46.45 -38.94
CA VAL H 585 46.61 -46.73 -40.25
C VAL H 585 45.85 -47.86 -40.94
N MET H 586 45.02 -48.59 -40.19
CA MET H 586 44.18 -49.62 -40.77
C MET H 586 42.74 -49.16 -40.98
N GLY H 587 42.32 -48.13 -40.25
CA GLY H 587 41.02 -47.54 -40.42
C GLY H 587 40.98 -46.36 -41.36
N ALA H 588 42.08 -46.06 -42.05
CA ALA H 588 42.12 -45.02 -43.06
C ALA H 588 41.99 -45.65 -44.44
N ARG H 589 41.16 -45.03 -45.29
CA ARG H 589 40.81 -45.66 -46.56
C ARG H 589 41.99 -45.69 -47.52
N ASN H 590 42.74 -44.58 -47.64
CA ASN H 590 43.80 -44.47 -48.62
C ASN H 590 45.10 -44.08 -47.94
N PHE H 591 46.20 -44.59 -48.48
CA PHE H 591 47.53 -44.44 -47.89
C PHE H 591 48.45 -43.69 -48.85
N VAL H 592 49.28 -42.80 -48.29
CA VAL H 592 50.16 -41.91 -49.04
C VAL H 592 51.58 -42.03 -48.49
N LEU H 593 52.58 -41.87 -49.37
CA LEU H 593 53.98 -42.10 -49.03
C LEU H 593 54.83 -40.97 -49.59
N VAL H 594 55.74 -40.44 -48.78
CA VAL H 594 56.51 -39.26 -49.13
C VAL H 594 57.95 -39.71 -49.39
N LEU H 595 58.41 -39.57 -50.62
CA LEU H 595 59.75 -40.03 -51.02
C LEU H 595 60.66 -38.81 -51.11
N SER H 596 61.21 -38.44 -49.96
CA SER H 596 62.19 -37.37 -49.92
C SER H 596 63.53 -37.87 -50.47
N PRO H 597 64.40 -36.96 -50.92
CA PRO H 597 65.78 -37.36 -51.23
C PRO H 597 66.49 -37.90 -50.01
N GLY H 598 66.89 -39.17 -50.09
CA GLY H 598 67.56 -39.85 -48.99
C GLY H 598 66.63 -40.15 -47.83
N ALA H 599 65.44 -40.66 -48.13
CA ALA H 599 64.45 -40.97 -47.12
C ALA H 599 64.27 -42.45 -46.86
N LEU H 600 64.82 -43.31 -47.73
CA LEU H 600 64.69 -44.76 -47.58
C LEU H 600 66.00 -45.43 -47.20
N ASP H 601 67.00 -44.66 -46.74
CA ASP H 601 68.29 -45.24 -46.41
C ASP H 601 68.29 -45.93 -45.06
N LYS H 602 67.49 -45.44 -44.11
CA LYS H 602 67.55 -45.97 -42.75
C LYS H 602 66.88 -47.33 -42.63
N CYS H 603 65.91 -47.64 -43.49
CA CYS H 603 65.24 -48.93 -43.47
C CYS H 603 65.95 -49.96 -44.35
N MET H 604 67.12 -49.63 -44.87
CA MET H 604 67.86 -50.56 -45.73
C MET H 604 68.44 -51.68 -44.87
N GLN H 605 67.77 -52.83 -44.88
CA GLN H 605 68.20 -54.06 -44.19
C GLN H 605 68.34 -53.84 -42.69
N ASP H 606 67.25 -53.44 -42.06
CA ASP H 606 67.18 -53.49 -40.61
C ASP H 606 65.95 -54.22 -40.11
N HIS H 607 64.81 -54.07 -40.79
CA HIS H 607 63.53 -54.78 -40.54
C HIS H 607 63.14 -54.83 -39.06
N ASP H 608 63.35 -53.71 -38.38
CA ASP H 608 63.00 -53.56 -36.97
C ASP H 608 62.02 -52.41 -36.81
N CYS H 609 61.70 -52.11 -35.55
CA CYS H 609 60.78 -51.03 -35.25
C CYS H 609 61.47 -49.67 -35.16
N LYS H 610 62.81 -49.65 -35.20
CA LYS H 610 63.52 -48.37 -35.18
C LYS H 610 63.32 -47.60 -36.48
N ASP H 611 63.14 -48.30 -37.59
CA ASP H 611 62.68 -47.68 -38.83
C ASP H 611 61.22 -47.31 -38.65
N TRP H 612 60.95 -46.04 -38.38
CA TRP H 612 59.61 -45.58 -38.03
C TRP H 612 58.67 -45.58 -39.22
N VAL H 613 59.18 -45.71 -40.44
CA VAL H 613 58.36 -45.70 -41.64
C VAL H 613 57.97 -47.10 -42.11
N HIS H 614 58.42 -48.15 -41.42
CA HIS H 614 58.29 -49.51 -41.91
C HIS H 614 56.93 -50.12 -41.55
N LYS H 615 56.53 -49.98 -40.29
CA LYS H 615 55.31 -50.58 -39.75
C LYS H 615 54.07 -50.22 -40.56
N GLU H 616 53.88 -48.92 -40.82
CA GLU H 616 52.76 -48.46 -41.64
C GLU H 616 52.70 -49.17 -42.99
N ILE H 617 53.84 -49.32 -43.66
CA ILE H 617 53.89 -50.11 -44.90
C ILE H 617 53.37 -51.51 -44.65
N VAL H 618 53.96 -52.22 -43.67
CA VAL H 618 53.60 -53.63 -43.43
C VAL H 618 52.14 -53.80 -43.01
N THR H 619 51.48 -52.74 -42.57
CA THR H 619 50.08 -52.87 -42.18
C THR H 619 49.10 -52.41 -43.26
N ALA H 620 49.33 -51.23 -43.84
CA ALA H 620 48.58 -50.80 -45.03
C ALA H 620 48.65 -51.80 -46.17
N LEU H 621 49.75 -52.53 -46.31
CA LEU H 621 49.83 -53.53 -47.36
C LEU H 621 49.08 -54.80 -46.98
N SER H 622 49.04 -55.12 -45.69
CA SER H 622 48.24 -56.24 -45.22
C SER H 622 46.75 -55.99 -45.46
N CYS H 623 46.29 -54.79 -45.13
CA CYS H 623 44.90 -54.43 -45.40
C CYS H 623 44.60 -54.44 -46.91
N GLY H 624 45.51 -53.88 -47.70
CA GLY H 624 45.35 -53.93 -49.16
C GLY H 624 44.66 -52.71 -49.74
N LYS H 625 45.07 -51.53 -49.32
CA LYS H 625 44.46 -50.29 -49.76
C LYS H 625 45.38 -49.59 -50.76
N ASN H 626 44.92 -48.45 -51.26
CA ASN H 626 45.63 -47.72 -52.30
C ASN H 626 46.81 -46.97 -51.69
N ILE H 627 48.02 -47.31 -52.13
CA ILE H 627 49.24 -46.66 -51.66
C ILE H 627 49.83 -45.85 -52.83
N VAL H 628 49.63 -44.54 -52.79
CA VAL H 628 50.15 -43.63 -53.81
C VAL H 628 51.51 -43.10 -53.36
N PRO H 629 52.59 -43.44 -54.05
CA PRO H 629 53.88 -42.79 -53.76
C PRO H 629 54.00 -41.43 -54.45
N ILE H 630 54.71 -40.52 -53.78
CA ILE H 630 54.97 -39.19 -54.32
C ILE H 630 56.43 -39.14 -54.73
N ILE H 631 56.68 -38.98 -56.03
CA ILE H 631 58.03 -38.98 -56.55
C ILE H 631 58.54 -37.54 -56.58
N ASP H 632 59.59 -37.28 -55.81
CA ASP H 632 60.18 -35.95 -55.78
C ASP H 632 61.66 -36.06 -55.42
N GLY H 633 62.52 -35.61 -56.33
CA GLY H 633 63.95 -35.56 -56.09
C GLY H 633 64.64 -36.88 -55.90
N PHE H 634 63.98 -38.00 -56.17
CA PHE H 634 64.59 -39.31 -55.94
C PHE H 634 63.85 -40.37 -56.76
N GLU H 635 64.61 -41.33 -57.26
CA GLU H 635 64.08 -42.47 -57.99
C GLU H 635 64.43 -43.76 -57.26
N TRP H 636 63.86 -44.86 -57.72
CA TRP H 636 63.88 -46.10 -56.98
C TRP H 636 65.26 -46.76 -57.03
N PRO H 637 65.65 -47.50 -55.97
CA PRO H 637 66.94 -48.19 -55.98
C PRO H 637 66.86 -49.61 -56.53
N GLU H 638 67.98 -50.34 -56.46
CA GLU H 638 67.98 -51.74 -56.79
C GLU H 638 67.17 -52.54 -55.77
N PRO H 639 66.59 -53.70 -56.15
CA PRO H 639 65.64 -54.38 -55.26
C PRO H 639 66.29 -55.26 -54.20
N GLN H 640 67.60 -55.10 -53.98
CA GLN H 640 68.30 -55.87 -52.97
C GLN H 640 68.51 -55.08 -51.67
N VAL H 641 68.12 -53.81 -51.64
CA VAL H 641 68.36 -52.97 -50.48
C VAL H 641 67.14 -52.97 -49.57
N LEU H 642 66.21 -53.89 -49.81
CA LEU H 642 64.99 -53.95 -49.02
C LEU H 642 64.60 -55.41 -48.81
N PRO H 643 63.96 -55.74 -47.67
CA PRO H 643 63.67 -57.16 -47.37
C PRO H 643 62.56 -57.75 -48.22
N GLU H 644 62.21 -59.01 -47.93
CA GLU H 644 61.27 -59.76 -48.75
C GLU H 644 59.86 -59.19 -48.67
N ASP H 645 59.51 -58.58 -47.54
CA ASP H 645 58.21 -57.93 -47.43
C ASP H 645 58.21 -56.56 -48.09
N MET H 646 59.36 -56.05 -48.50
CA MET H 646 59.47 -54.70 -49.05
C MET H 646 59.88 -54.71 -50.51
N GLN H 647 59.67 -55.83 -51.21
CA GLN H 647 59.91 -55.88 -52.65
C GLN H 647 58.77 -55.27 -53.46
N ALA H 648 57.58 -55.11 -52.85
CA ALA H 648 56.43 -54.60 -53.59
C ALA H 648 56.52 -53.09 -53.80
N VAL H 649 56.99 -52.36 -52.79
CA VAL H 649 56.98 -50.90 -52.83
C VAL H 649 57.97 -50.39 -53.88
N LEU H 650 59.06 -51.13 -54.11
CA LEU H 650 60.03 -50.78 -55.15
C LEU H 650 59.43 -50.79 -56.54
N THR H 651 58.33 -51.52 -56.75
CA THR H 651 57.73 -51.69 -58.06
C THR H 651 56.62 -50.71 -58.35
N PHE H 652 56.05 -50.07 -57.33
CA PHE H 652 54.94 -49.16 -57.54
C PHE H 652 55.39 -47.87 -58.21
N ASN H 653 54.44 -47.19 -58.82
CA ASN H 653 54.67 -45.91 -59.49
C ASN H 653 53.66 -44.90 -58.96
N GLY H 654 54.04 -43.63 -58.99
CA GLY H 654 53.18 -42.60 -58.46
C GLY H 654 53.30 -41.27 -59.16
N ILE H 655 52.85 -40.21 -58.49
CA ILE H 655 52.83 -38.87 -59.07
C ILE H 655 54.20 -38.23 -58.91
N LYS H 656 54.60 -37.44 -59.90
CA LYS H 656 55.84 -36.68 -59.87
C LYS H 656 55.52 -35.25 -59.47
N TRP H 657 55.91 -34.87 -58.26
CA TRP H 657 55.58 -33.56 -57.72
C TRP H 657 56.44 -32.49 -58.37
N SER H 658 55.84 -31.31 -58.56
CA SER H 658 56.54 -30.16 -59.10
C SER H 658 56.15 -28.91 -58.30
N HIS H 659 57.10 -28.00 -58.18
CA HIS H 659 56.92 -26.77 -57.41
C HIS H 659 56.47 -25.60 -58.27
N GLU H 660 55.90 -25.86 -59.44
CA GLU H 660 55.44 -24.82 -60.34
C GLU H 660 53.96 -24.89 -60.63
N TYR H 661 53.42 -26.08 -60.85
CA TYR H 661 52.02 -26.27 -61.18
C TYR H 661 51.36 -27.14 -60.13
N GLN H 662 51.57 -26.77 -58.85
CA GLN H 662 51.08 -27.53 -57.70
C GLN H 662 49.59 -27.83 -57.80
N GLU H 663 48.82 -26.87 -58.30
CA GLU H 663 47.37 -27.05 -58.39
C GLU H 663 47.01 -28.17 -59.36
N ALA H 664 47.71 -28.25 -60.50
CA ALA H 664 47.50 -29.35 -61.43
C ALA H 664 47.87 -30.69 -60.80
N THR H 665 48.97 -30.71 -60.04
CA THR H 665 49.40 -31.94 -59.37
C THR H 665 48.35 -32.41 -58.38
N ILE H 666 47.70 -31.48 -57.69
CA ILE H 666 46.63 -31.87 -56.76
C ILE H 666 45.41 -32.35 -57.53
N GLU H 667 45.04 -31.64 -58.60
CA GLU H 667 43.94 -32.07 -59.48
C GLU H 667 44.16 -33.46 -60.05
N LYS H 668 45.41 -33.88 -60.16
CA LYS H 668 45.71 -35.22 -60.66
C LYS H 668 45.81 -36.24 -59.56
N ILE H 669 46.31 -35.85 -58.38
CA ILE H 669 46.43 -36.79 -57.28
C ILE H 669 45.08 -37.11 -56.64
N ILE H 670 44.06 -36.28 -56.86
CA ILE H 670 42.72 -36.61 -56.36
C ILE H 670 42.22 -37.91 -56.98
N ARG H 671 42.39 -38.05 -58.30
CA ARG H 671 41.89 -39.23 -59.01
C ARG H 671 42.62 -40.50 -58.62
N PHE H 672 43.93 -40.40 -58.28
CA PHE H 672 44.71 -41.59 -57.96
C PHE H 672 44.34 -42.23 -56.63
N LEU H 673 43.56 -41.56 -55.81
CA LEU H 673 43.05 -42.16 -54.59
C LEU H 673 41.85 -43.05 -54.94
N GLN H 674 41.10 -43.47 -53.92
CA GLN H 674 39.80 -44.07 -54.13
C GLN H 674 38.69 -43.03 -54.25
N GLY H 675 39.04 -41.80 -54.67
CA GLY H 675 38.08 -40.71 -54.73
C GLY H 675 36.84 -41.00 -55.54
N ARG H 676 36.97 -41.83 -56.57
CA ARG H 676 35.82 -42.32 -57.32
C ARG H 676 34.82 -43.05 -56.43
N SER H 677 35.31 -43.85 -55.47
CA SER H 677 34.45 -44.60 -54.56
C SER H 677 34.83 -44.39 -53.10
N SER H 678 35.17 -43.16 -52.69
CA SER H 678 35.50 -42.95 -51.30
C SER H 678 34.26 -42.83 -50.43
N ARG H 679 34.51 -42.83 -49.11
CA ARG H 679 33.52 -42.52 -48.08
C ARG H 679 32.28 -43.41 -48.13
#